data_1GGW
#
_entry.id   1GGW
#
_cell.length_a   1.000
_cell.length_b   1.000
_cell.length_c   1.000
_cell.angle_alpha   90.00
_cell.angle_beta   90.00
_cell.angle_gamma   90.00
#
_symmetry.space_group_name_H-M   'P 1'
#
_entity_poly.entity_id   1
_entity_poly.type   'polypeptide(L)'
_entity_poly.pdbx_seq_one_letter_code
;STDDSPYKQAFSLFDRHGTGRIPKTSIGDLLRACGQNPTLAEITEIESTLPAEVDMEQFLQVLNRPNGFDMPGDPEEFVK
GFQVFDKDATGMIGVGELRYVLTSLGEKLSNEEMDELLKGVPVKDGMVNYHDFVQMILAN
;
_entity_poly.pdbx_strand_id   A
#
# COMPACT_ATOMS: atom_id res chain seq x y z
N SER A 1 -0.03 18.39 10.70
CA SER A 1 -1.01 17.33 10.29
C SER A 1 -2.01 17.84 9.26
N THR A 2 -2.52 19.06 9.46
CA THR A 2 -3.49 19.66 8.54
C THR A 2 -2.79 20.53 7.48
N ASP A 3 -1.50 20.24 7.21
CA ASP A 3 -0.73 21.00 6.23
C ASP A 3 0.42 20.13 5.68
N ASP A 4 0.08 18.94 5.21
CA ASP A 4 1.07 18.01 4.65
C ASP A 4 1.57 18.51 3.30
N SER A 5 2.85 18.86 3.24
CA SER A 5 3.47 19.34 2.01
C SER A 5 3.52 18.24 0.94
N PRO A 6 3.94 17.01 1.31
CA PRO A 6 4.03 15.89 0.37
C PRO A 6 2.68 15.23 0.07
N TYR A 7 1.67 15.48 0.91
CA TYR A 7 0.35 14.85 0.71
C TYR A 7 -0.71 15.88 0.31
N LYS A 8 -0.94 16.88 1.16
CA LYS A 8 -1.94 17.92 0.91
C LYS A 8 -1.49 18.88 -0.18
N GLN A 9 -0.35 19.56 0.05
CA GLN A 9 0.18 20.51 -0.91
C GLN A 9 0.46 19.82 -2.25
N ALA A 10 1.15 18.66 -2.19
CA ALA A 10 1.46 17.89 -3.39
C ALA A 10 0.20 17.50 -4.15
N PHE A 11 -0.86 17.17 -3.41
CA PHE A 11 -2.14 16.79 -4.02
C PHE A 11 -2.65 17.93 -4.92
N SER A 12 -2.59 19.16 -4.40
CA SER A 12 -3.03 20.34 -5.14
C SER A 12 -2.20 20.55 -6.40
N LEU A 13 -0.90 20.19 -6.34
CA LEU A 13 0.00 20.34 -7.48
C LEU A 13 -0.48 19.51 -8.68
N PHE A 14 -1.02 18.32 -8.39
CA PHE A 14 -1.51 17.42 -9.44
C PHE A 14 -3.00 17.63 -9.74
N ASP A 15 -3.51 18.82 -9.44
CA ASP A 15 -4.92 19.13 -9.70
C ASP A 15 -5.08 19.84 -11.05
N ARG A 16 -5.38 19.04 -12.08
CA ARG A 16 -5.55 19.58 -13.44
C ARG A 16 -6.78 20.48 -13.54
N HIS A 17 -7.82 20.16 -12.76
CA HIS A 17 -9.06 20.96 -12.79
C HIS A 17 -8.98 22.13 -11.82
N GLY A 18 -8.22 21.97 -10.72
CA GLY A 18 -8.09 23.02 -9.74
C GLY A 18 -9.30 23.13 -8.81
N THR A 19 -10.00 22.01 -8.63
CA THR A 19 -11.19 21.97 -7.77
C THR A 19 -10.96 21.05 -6.57
N GLY A 20 -9.70 20.80 -6.22
CA GLY A 20 -9.38 19.93 -5.11
C GLY A 20 -9.68 18.46 -5.37
N ARG A 21 -9.78 18.08 -6.66
CA ARG A 21 -10.06 16.70 -7.03
C ARG A 21 -9.07 16.21 -8.10
N ILE A 22 -8.81 14.91 -8.12
CA ILE A 22 -7.87 14.34 -9.08
C ILE A 22 -8.35 12.98 -9.61
N PRO A 23 -8.11 12.71 -10.92
CA PRO A 23 -8.50 11.45 -11.56
C PRO A 23 -7.44 10.37 -11.41
N LYS A 24 -7.79 9.12 -11.80
CA LYS A 24 -6.88 7.97 -11.72
C LYS A 24 -5.46 8.31 -12.22
N THR A 25 -5.37 9.11 -13.29
CA THR A 25 -4.06 9.49 -13.84
C THR A 25 -3.22 10.26 -12.82
N SER A 26 -3.85 11.19 -12.10
CA SER A 26 -3.17 12.00 -11.09
C SER A 26 -2.79 11.17 -9.86
N ILE A 27 -3.74 10.35 -9.37
CA ILE A 27 -3.47 9.50 -8.19
C ILE A 27 -2.26 8.59 -8.43
N GLY A 28 -2.07 8.16 -9.68
CA GLY A 28 -0.94 7.30 -10.01
C GLY A 28 0.38 7.91 -9.60
N ASP A 29 0.77 9.00 -10.27
CA ASP A 29 2.03 9.69 -9.96
C ASP A 29 2.01 10.29 -8.56
N LEU A 30 0.81 10.64 -8.05
CA LEU A 30 0.68 11.20 -6.71
C LEU A 30 1.19 10.20 -5.67
N LEU A 31 0.73 8.96 -5.80
CA LEU A 31 1.15 7.88 -4.89
C LEU A 31 2.66 7.65 -4.97
N ARG A 32 3.24 7.85 -6.17
CA ARG A 32 4.67 7.68 -6.39
C ARG A 32 5.48 8.55 -5.42
N ALA A 33 5.01 9.77 -5.18
CA ALA A 33 5.70 10.69 -4.27
C ALA A 33 5.68 10.18 -2.83
N CYS A 34 4.64 9.43 -2.46
CA CYS A 34 4.51 8.88 -1.12
C CYS A 34 4.53 7.35 -1.15
N GLY A 35 5.47 6.79 -1.90
CA GLY A 35 5.59 5.34 -2.00
C GLY A 35 6.01 4.88 -3.38
N GLN A 36 5.08 4.31 -4.13
CA GLN A 36 5.36 3.81 -5.47
C GLN A 36 4.32 4.27 -6.49
N ASN A 37 4.50 3.85 -7.74
CA ASN A 37 3.59 4.20 -8.82
C ASN A 37 2.93 2.95 -9.40
N PRO A 38 1.61 2.80 -9.21
CA PRO A 38 0.86 1.64 -9.72
C PRO A 38 0.41 1.81 -11.17
N THR A 39 -0.55 0.99 -11.58
CA THR A 39 -1.09 1.05 -12.95
C THR A 39 -2.47 1.70 -12.98
N LEU A 40 -2.91 2.11 -14.17
CA LEU A 40 -4.23 2.73 -14.33
C LEU A 40 -5.33 1.84 -13.76
N ALA A 41 -5.17 0.52 -13.91
CA ALA A 41 -6.16 -0.44 -13.39
C ALA A 41 -6.31 -0.27 -11.88
N GLU A 42 -5.20 -0.04 -11.17
CA GLU A 42 -5.22 0.14 -9.73
C GLU A 42 -6.00 1.41 -9.35
N ILE A 43 -5.58 2.55 -9.90
CA ILE A 43 -6.25 3.83 -9.61
C ILE A 43 -7.73 3.75 -9.96
N THR A 44 -8.06 3.21 -11.14
CA THR A 44 -9.45 3.05 -11.57
C THR A 44 -10.22 2.21 -10.55
N GLU A 45 -9.57 1.14 -10.06
CA GLU A 45 -10.18 0.25 -9.07
C GLU A 45 -10.56 1.03 -7.80
N ILE A 46 -9.70 1.98 -7.43
CA ILE A 46 -9.95 2.82 -6.26
C ILE A 46 -11.22 3.64 -6.48
N GLU A 47 -11.32 4.26 -7.67
CA GLU A 47 -12.49 5.05 -8.05
C GLU A 47 -13.78 4.22 -7.96
N SER A 48 -13.65 2.90 -8.16
CA SER A 48 -14.79 1.98 -8.12
C SER A 48 -15.44 1.93 -6.72
N THR A 49 -14.74 2.46 -5.70
CA THR A 49 -15.26 2.47 -4.34
C THR A 49 -15.45 3.90 -3.83
N LEU A 50 -14.43 4.75 -4.04
CA LEU A 50 -14.52 6.15 -3.63
C LEU A 50 -15.09 7.00 -4.77
N PRO A 51 -15.85 8.05 -4.42
CA PRO A 51 -16.47 8.95 -5.41
C PRO A 51 -15.59 9.20 -6.64
N ALA A 52 -16.22 9.21 -7.82
CA ALA A 52 -15.53 9.42 -9.10
C ALA A 52 -14.26 10.25 -8.95
N GLU A 53 -14.41 11.51 -8.52
CA GLU A 53 -13.26 12.39 -8.32
C GLU A 53 -12.62 12.14 -6.96
N VAL A 54 -11.34 11.76 -6.97
CA VAL A 54 -10.62 11.48 -5.73
C VAL A 54 -10.03 12.78 -5.16
N ASP A 55 -10.84 13.47 -4.36
CA ASP A 55 -10.41 14.72 -3.74
C ASP A 55 -9.65 14.44 -2.45
N MET A 56 -9.17 15.51 -1.80
CA MET A 56 -8.43 15.41 -0.54
C MET A 56 -9.04 14.36 0.39
N GLU A 57 -10.37 14.39 0.53
CA GLU A 57 -11.09 13.44 1.39
C GLU A 57 -11.01 12.01 0.88
N GLN A 58 -11.38 11.80 -0.39
CA GLN A 58 -11.36 10.46 -1.00
C GLN A 58 -9.97 9.83 -0.92
N PHE A 59 -8.95 10.56 -1.40
CA PHE A 59 -7.57 10.08 -1.39
C PHE A 59 -7.10 9.80 0.04
N LEU A 60 -7.31 10.75 0.95
CA LEU A 60 -6.91 10.59 2.35
C LEU A 60 -7.63 9.40 3.00
N GLN A 61 -8.87 9.14 2.59
CA GLN A 61 -9.66 8.04 3.13
C GLN A 61 -8.96 6.70 2.89
N VAL A 62 -8.60 6.45 1.62
CA VAL A 62 -7.91 5.21 1.26
C VAL A 62 -6.51 5.15 1.88
N LEU A 63 -5.82 6.29 1.88
CA LEU A 63 -4.47 6.39 2.44
C LEU A 63 -4.47 6.08 3.94
N ASN A 64 -5.34 6.79 4.68
CA ASN A 64 -5.44 6.60 6.13
C ASN A 64 -6.38 5.43 6.44
N ARG A 65 -5.99 4.24 5.97
CA ARG A 65 -6.77 3.02 6.18
C ARG A 65 -7.01 2.75 7.67
N PRO A 66 -5.95 2.79 8.51
CA PRO A 66 -6.07 2.55 9.96
C PRO A 66 -6.49 3.79 10.76
N ASN A 67 -7.07 4.78 10.08
CA ASN A 67 -7.54 6.02 10.72
C ASN A 67 -6.39 6.79 11.39
N GLY A 68 -5.89 7.82 10.69
CA GLY A 68 -4.81 8.62 11.22
C GLY A 68 -3.46 8.34 10.58
N PHE A 69 -2.43 9.03 11.04
CA PHE A 69 -1.07 8.86 10.51
C PHE A 69 -0.23 7.98 11.44
N ASP A 70 1.00 7.68 11.01
CA ASP A 70 1.91 6.84 11.79
C ASP A 70 1.27 5.49 12.10
N MET A 71 0.97 4.73 11.04
CA MET A 71 0.34 3.41 11.16
C MET A 71 0.11 2.78 9.79
N PRO A 72 -0.52 3.50 8.82
CA PRO A 72 -0.79 2.98 7.48
C PRO A 72 0.41 2.27 6.85
N GLY A 73 1.60 2.83 7.06
CA GLY A 73 2.81 2.23 6.51
C GLY A 73 3.51 3.14 5.50
N ASP A 74 3.79 4.37 5.92
CA ASP A 74 4.46 5.35 5.06
C ASP A 74 5.96 5.11 5.02
N PRO A 75 6.61 5.35 3.86
CA PRO A 75 8.06 5.16 3.71
C PRO A 75 8.86 6.03 4.68
N GLU A 76 8.41 7.26 4.89
CA GLU A 76 9.09 8.19 5.79
C GLU A 76 8.87 7.80 7.26
N GLU A 77 7.76 7.11 7.55
CA GLU A 77 7.44 6.68 8.90
C GLU A 77 8.44 5.64 9.39
N PHE A 78 8.68 4.61 8.56
CA PHE A 78 9.61 3.54 8.90
C PHE A 78 11.06 4.05 8.93
N VAL A 79 11.40 4.96 8.00
CA VAL A 79 12.75 5.53 7.94
C VAL A 79 13.07 6.34 9.19
N LYS A 80 12.12 7.15 9.65
CA LYS A 80 12.31 7.99 10.84
C LYS A 80 12.48 7.15 12.10
N GLY A 81 11.69 6.06 12.21
CA GLY A 81 11.77 5.19 13.37
C GLY A 81 13.12 4.51 13.50
N PHE A 82 13.61 3.95 12.39
CA PHE A 82 14.91 3.26 12.37
C PHE A 82 16.06 4.26 12.51
N GLN A 83 15.87 5.48 12.01
CA GLN A 83 16.90 6.52 12.07
C GLN A 83 17.11 7.07 13.49
N VAL A 84 16.16 6.80 14.39
CA VAL A 84 16.25 7.27 15.78
C VAL A 84 17.63 7.00 16.37
N PHE A 85 18.04 5.73 16.35
CA PHE A 85 19.35 5.33 16.89
C PHE A 85 20.27 4.84 15.76
N ASP A 86 20.21 5.51 14.62
CA ASP A 86 21.03 5.14 13.46
C ASP A 86 21.53 6.38 12.73
N LYS A 87 22.32 7.20 13.43
CA LYS A 87 22.87 8.43 12.84
C LYS A 87 23.82 8.10 11.69
N ASP A 88 24.75 7.19 11.93
CA ASP A 88 25.72 6.77 10.92
C ASP A 88 25.61 5.28 10.65
N ALA A 89 25.74 4.48 11.71
CA ALA A 89 25.66 3.02 11.62
C ALA A 89 26.71 2.46 10.66
N THR A 90 27.95 2.31 11.16
CA THR A 90 29.05 1.80 10.35
C THR A 90 29.33 0.33 10.72
N GLY A 91 28.35 -0.54 10.46
CA GLY A 91 28.51 -1.95 10.76
C GLY A 91 27.71 -2.39 11.98
N MET A 92 26.50 -1.84 12.13
CA MET A 92 25.64 -2.18 13.27
C MET A 92 24.27 -1.50 13.14
N ILE A 93 23.22 -2.26 13.44
CA ILE A 93 21.86 -1.74 13.36
C ILE A 93 21.27 -1.50 14.76
N GLY A 94 21.54 -2.43 15.69
CA GLY A 94 21.03 -2.31 17.04
C GLY A 94 19.55 -2.64 17.14
N VAL A 95 19.24 -3.95 17.16
CA VAL A 95 17.86 -4.42 17.25
C VAL A 95 17.05 -3.67 18.31
N GLY A 96 17.69 -3.31 19.43
CA GLY A 96 17.01 -2.58 20.50
C GLY A 96 16.19 -1.42 20.00
N GLU A 97 16.74 -0.65 19.06
CA GLU A 97 16.03 0.51 18.50
C GLU A 97 14.97 0.07 17.49
N LEU A 98 15.33 -0.90 16.63
CA LEU A 98 14.39 -1.41 15.62
C LEU A 98 13.13 -1.99 16.26
N ARG A 99 13.30 -2.68 17.40
CA ARG A 99 12.18 -3.26 18.12
C ARG A 99 11.38 -2.19 18.86
N TYR A 100 12.08 -1.19 19.40
CA TYR A 100 11.44 -0.09 20.12
C TYR A 100 10.41 0.63 19.24
N VAL A 101 10.72 0.76 17.94
CA VAL A 101 9.84 1.44 16.99
C VAL A 101 8.75 0.50 16.48
N LEU A 102 9.16 -0.67 15.97
CA LEU A 102 8.23 -1.65 15.41
C LEU A 102 7.24 -2.18 16.46
N THR A 103 7.75 -2.61 17.61
CA THR A 103 6.90 -3.14 18.69
C THR A 103 5.90 -2.07 19.16
N SER A 104 6.36 -0.82 19.23
CA SER A 104 5.51 0.29 19.67
C SER A 104 4.48 0.67 18.60
N LEU A 105 4.74 0.27 17.35
CA LEU A 105 3.83 0.58 16.24
C LEU A 105 2.51 -0.20 16.38
N GLY A 106 2.62 -1.52 16.49
CA GLY A 106 1.44 -2.36 16.63
C GLY A 106 1.78 -3.77 17.09
N GLU A 107 2.65 -3.86 18.10
CA GLU A 107 3.07 -5.15 18.65
C GLU A 107 3.71 -6.03 17.57
N LYS A 108 4.63 -5.44 16.81
CA LYS A 108 5.34 -6.15 15.74
C LYS A 108 6.28 -7.21 16.37
N LEU A 109 7.51 -7.34 15.84
CA LEU A 109 8.46 -8.31 16.37
C LEU A 109 8.93 -7.90 17.78
N SER A 110 8.09 -8.18 18.77
CA SER A 110 8.37 -7.85 20.16
C SER A 110 9.60 -8.59 20.70
N ASN A 111 9.87 -8.40 22.00
CA ASN A 111 11.01 -9.02 22.66
C ASN A 111 11.12 -10.52 22.37
N GLU A 112 9.97 -11.20 22.22
CA GLU A 112 9.96 -12.64 21.93
C GLU A 112 10.69 -12.97 20.63
N GLU A 113 10.22 -12.40 19.52
CA GLU A 113 10.83 -12.64 18.21
C GLU A 113 12.28 -12.17 18.18
N MET A 114 12.54 -11.01 18.79
CA MET A 114 13.89 -10.46 18.86
C MET A 114 14.79 -11.35 19.72
N ASP A 115 14.21 -11.94 20.77
CA ASP A 115 14.96 -12.83 21.67
C ASP A 115 15.56 -13.99 20.89
N GLU A 116 14.74 -14.60 20.03
CA GLU A 116 15.19 -15.72 19.20
C GLU A 116 16.27 -15.26 18.22
N LEU A 117 16.11 -14.05 17.68
CA LEU A 117 17.07 -13.48 16.74
C LEU A 117 18.42 -13.25 17.41
N LEU A 118 18.39 -12.71 18.64
CA LEU A 118 19.60 -12.45 19.40
C LEU A 118 20.32 -13.75 19.77
N LYS A 119 19.54 -14.81 20.02
CA LYS A 119 20.10 -16.11 20.37
C LYS A 119 20.91 -16.68 19.21
N GLY A 120 20.40 -16.51 17.98
CA GLY A 120 21.08 -17.01 16.80
C GLY A 120 22.35 -16.23 16.48
N VAL A 121 22.25 -14.90 16.45
CA VAL A 121 23.39 -14.04 16.15
C VAL A 121 24.28 -13.87 17.39
N PRO A 122 25.60 -14.13 17.26
CA PRO A 122 26.55 -14.00 18.37
C PRO A 122 26.87 -12.53 18.69
N VAL A 123 25.84 -11.80 19.12
CA VAL A 123 25.98 -10.38 19.47
C VAL A 123 25.34 -10.08 20.83
N LYS A 124 25.48 -8.84 21.29
CA LYS A 124 24.91 -8.43 22.57
C LYS A 124 23.93 -7.26 22.40
N ASP A 125 23.44 -7.04 21.18
CA ASP A 125 22.49 -5.96 20.91
C ASP A 125 21.91 -6.05 19.48
N GLY A 126 21.86 -7.26 18.91
CA GLY A 126 21.33 -7.43 17.57
C GLY A 126 22.03 -6.55 16.55
N MET A 127 23.36 -6.59 16.53
CA MET A 127 24.14 -5.77 15.59
C MET A 127 24.66 -6.62 14.44
N VAL A 128 24.13 -6.36 13.25
CA VAL A 128 24.54 -7.10 12.04
C VAL A 128 24.60 -6.16 10.83
N ASN A 129 24.72 -4.85 11.08
CA ASN A 129 24.80 -3.84 10.01
C ASN A 129 23.55 -3.85 9.12
N TYR A 130 22.43 -4.40 9.64
CA TYR A 130 21.17 -4.46 8.89
C TYR A 130 21.40 -5.03 7.48
N HIS A 131 22.24 -6.07 7.39
CA HIS A 131 22.55 -6.70 6.11
C HIS A 131 22.03 -8.13 6.05
N ASP A 132 22.42 -8.95 7.04
CA ASP A 132 22.00 -10.35 7.09
C ASP A 132 20.47 -10.49 7.10
N PHE A 133 19.79 -9.56 7.77
CA PHE A 133 18.32 -9.60 7.85
C PHE A 133 17.70 -9.33 6.48
N VAL A 134 18.01 -8.15 5.93
CA VAL A 134 17.50 -7.75 4.61
C VAL A 134 17.97 -8.70 3.51
N GLN A 135 19.19 -9.24 3.66
CA GLN A 135 19.77 -10.16 2.68
C GLN A 135 18.92 -11.42 2.55
N MET A 136 18.71 -12.12 3.67
CA MET A 136 17.92 -13.34 3.70
C MET A 136 16.44 -13.07 3.39
N ILE A 137 15.96 -11.88 3.77
CA ILE A 137 14.58 -11.48 3.53
C ILE A 137 14.29 -11.32 2.04
N LEU A 138 15.23 -10.71 1.32
CA LEU A 138 15.06 -10.48 -0.12
C LEU A 138 15.59 -11.66 -0.96
N ALA A 139 16.18 -12.67 -0.30
CA ALA A 139 16.71 -13.84 -0.99
C ALA A 139 15.88 -15.08 -0.67
N ASN A 140 14.86 -15.34 -1.48
CA ASN A 140 13.98 -16.49 -1.29
C ASN A 140 13.76 -17.24 -2.60
N SER A 1 0.91 18.32 10.50
CA SER A 1 -0.39 17.87 11.05
C SER A 1 -1.52 18.08 10.04
N THR A 2 -1.84 19.35 9.77
CA THR A 2 -2.90 19.70 8.82
C THR A 2 -2.33 20.46 7.61
N ASP A 3 -1.08 20.16 7.26
CA ASP A 3 -0.40 20.82 6.15
C ASP A 3 0.70 19.93 5.59
N ASP A 4 0.36 18.67 5.30
CA ASP A 4 1.31 17.70 4.77
C ASP A 4 1.81 18.12 3.39
N SER A 5 3.11 18.46 3.32
CA SER A 5 3.72 18.88 2.07
C SER A 5 3.67 17.77 1.01
N PRO A 6 4.01 16.51 1.38
CA PRO A 6 3.99 15.38 0.44
C PRO A 6 2.60 14.79 0.21
N TYR A 7 1.63 15.09 1.08
CA TYR A 7 0.28 14.55 0.93
C TYR A 7 -0.74 15.63 0.54
N LYS A 8 -0.90 16.64 1.41
CA LYS A 8 -1.84 17.74 1.16
C LYS A 8 -1.34 18.67 0.05
N GLN A 9 -0.19 19.29 0.27
CA GLN A 9 0.41 20.20 -0.71
C GLN A 9 0.64 19.48 -2.04
N ALA A 10 1.24 18.28 -1.98
CA ALA A 10 1.50 17.50 -3.18
C ALA A 10 0.21 17.17 -3.92
N PHE A 11 -0.86 16.89 -3.16
CA PHE A 11 -2.16 16.57 -3.75
C PHE A 11 -2.63 17.69 -4.68
N SER A 12 -2.59 18.94 -4.19
CA SER A 12 -2.99 20.09 -4.98
C SER A 12 -2.13 20.25 -6.23
N LEU A 13 -0.84 19.90 -6.13
CA LEU A 13 0.09 19.99 -7.26
C LEU A 13 -0.40 19.13 -8.44
N PHE A 14 -1.02 17.99 -8.13
CA PHE A 14 -1.51 17.08 -9.17
C PHE A 14 -2.98 17.34 -9.52
N ASP A 15 -3.40 18.60 -9.45
CA ASP A 15 -4.77 18.97 -9.78
C ASP A 15 -4.92 19.26 -11.27
N ARG A 16 -5.81 18.51 -11.93
CA ARG A 16 -6.05 18.67 -13.36
C ARG A 16 -6.56 20.08 -13.69
N HIS A 17 -7.61 20.49 -12.99
CA HIS A 17 -8.19 21.82 -13.20
C HIS A 17 -7.87 22.78 -12.05
N GLY A 18 -7.67 22.23 -10.83
CA GLY A 18 -7.37 23.05 -9.69
C GLY A 18 -8.60 23.37 -8.85
N THR A 19 -9.50 22.40 -8.74
CA THR A 19 -10.74 22.57 -7.97
C THR A 19 -10.67 21.85 -6.61
N GLY A 20 -9.77 20.86 -6.50
CA GLY A 20 -9.63 20.11 -5.26
C GLY A 20 -9.79 18.61 -5.44
N ARG A 21 -9.96 18.16 -6.69
CA ARG A 21 -10.13 16.74 -6.98
C ARG A 21 -9.06 16.24 -7.96
N ILE A 22 -8.89 14.92 -8.02
CA ILE A 22 -7.90 14.31 -8.92
C ILE A 22 -8.37 12.95 -9.43
N PRO A 23 -8.24 12.71 -10.75
CA PRO A 23 -8.64 11.44 -11.37
C PRO A 23 -7.53 10.39 -11.30
N LYS A 24 -7.88 9.14 -11.65
CA LYS A 24 -6.92 8.01 -11.63
C LYS A 24 -5.56 8.39 -12.24
N THR A 25 -5.58 9.23 -13.27
CA THR A 25 -4.34 9.67 -13.94
C THR A 25 -3.43 10.44 -12.96
N SER A 26 -4.02 11.36 -12.19
CA SER A 26 -3.26 12.17 -11.23
C SER A 26 -2.80 11.34 -10.05
N ILE A 27 -3.68 10.49 -9.50
CA ILE A 27 -3.33 9.65 -8.34
C ILE A 27 -2.12 8.77 -8.65
N GLY A 28 -2.01 8.30 -9.90
CA GLY A 28 -0.88 7.45 -10.28
C GLY A 28 0.47 8.09 -9.96
N ASP A 29 0.79 9.18 -10.66
CA ASP A 29 2.05 9.90 -10.44
C ASP A 29 2.12 10.46 -9.02
N LEU A 30 0.96 10.81 -8.45
CA LEU A 30 0.89 11.35 -7.10
C LEU A 30 1.43 10.31 -6.11
N LEU A 31 0.98 9.07 -6.25
CA LEU A 31 1.41 7.96 -5.41
C LEU A 31 2.92 7.72 -5.54
N ARG A 32 3.45 7.97 -6.75
CA ARG A 32 4.87 7.80 -7.02
C ARG A 32 5.73 8.63 -6.05
N ALA A 33 5.28 9.85 -5.78
CA ALA A 33 5.99 10.76 -4.87
C ALA A 33 6.04 10.21 -3.44
N CYS A 34 5.00 9.45 -3.06
CA CYS A 34 4.93 8.85 -1.72
C CYS A 34 5.72 7.55 -1.66
N GLY A 35 5.56 6.71 -2.69
CA GLY A 35 6.26 5.44 -2.73
C GLY A 35 6.59 5.00 -4.14
N GLN A 36 5.61 4.40 -4.82
CA GLN A 36 5.79 3.93 -6.19
C GLN A 36 4.65 4.36 -7.10
N ASN A 37 4.74 3.97 -8.38
CA ASN A 37 3.72 4.31 -9.37
C ASN A 37 3.07 3.04 -9.93
N PRO A 38 1.78 2.81 -9.59
CA PRO A 38 1.05 1.63 -10.06
C PRO A 38 0.50 1.82 -11.48
N THR A 39 -0.46 0.98 -11.86
CA THR A 39 -1.08 1.05 -13.18
C THR A 39 -2.48 1.67 -13.11
N LEU A 40 -3.01 2.04 -14.27
CA LEU A 40 -4.35 2.64 -14.35
C LEU A 40 -5.39 1.75 -13.68
N ALA A 41 -5.21 0.43 -13.81
CA ALA A 41 -6.13 -0.52 -13.19
C ALA A 41 -6.17 -0.34 -11.68
N GLU A 42 -5.02 -0.01 -11.08
CA GLU A 42 -4.92 0.21 -9.64
C GLU A 42 -5.70 1.47 -9.22
N ILE A 43 -5.36 2.60 -9.84
CA ILE A 43 -6.03 3.88 -9.53
C ILE A 43 -7.53 3.77 -9.78
N THR A 44 -7.91 3.24 -10.95
CA THR A 44 -9.32 3.07 -11.30
C THR A 44 -10.00 2.18 -10.25
N GLU A 45 -9.31 1.12 -9.83
CA GLU A 45 -9.84 0.19 -8.82
C GLU A 45 -10.18 0.94 -7.54
N ILE A 46 -9.29 1.84 -7.13
CA ILE A 46 -9.50 2.66 -5.92
C ILE A 46 -10.74 3.54 -6.10
N GLU A 47 -10.82 4.23 -7.25
CA GLU A 47 -11.95 5.09 -7.57
C GLU A 47 -13.28 4.32 -7.54
N SER A 48 -13.23 3.00 -7.76
CA SER A 48 -14.43 2.16 -7.77
C SER A 48 -15.12 2.13 -6.39
N THR A 49 -14.44 2.61 -5.34
CA THR A 49 -15.01 2.61 -3.99
C THR A 49 -15.14 4.04 -3.43
N LEU A 50 -14.87 5.06 -4.26
CA LEU A 50 -14.97 6.46 -3.84
C LEU A 50 -15.55 7.31 -4.96
N PRO A 51 -16.25 8.41 -4.60
CA PRO A 51 -16.85 9.34 -5.56
C PRO A 51 -15.99 9.55 -6.81
N ALA A 52 -16.66 9.69 -7.96
CA ALA A 52 -16.00 9.89 -9.26
C ALA A 52 -14.65 10.61 -9.13
N GLU A 53 -14.66 11.83 -8.56
CA GLU A 53 -13.43 12.60 -8.37
C GLU A 53 -12.84 12.32 -6.99
N VAL A 54 -11.57 11.92 -6.98
CA VAL A 54 -10.88 11.63 -5.72
C VAL A 54 -10.26 12.89 -5.13
N ASP A 55 -11.08 13.65 -4.41
CA ASP A 55 -10.62 14.89 -3.78
C ASP A 55 -9.91 14.59 -2.47
N MET A 56 -9.39 15.65 -1.83
CA MET A 56 -8.67 15.50 -0.55
C MET A 56 -9.36 14.50 0.38
N GLU A 57 -10.69 14.59 0.48
CA GLU A 57 -11.46 13.69 1.34
C GLU A 57 -11.45 12.25 0.81
N GLN A 58 -11.78 12.08 -0.47
CA GLN A 58 -11.82 10.75 -1.09
C GLN A 58 -10.48 10.04 -0.98
N PHE A 59 -9.41 10.72 -1.43
CA PHE A 59 -8.07 10.15 -1.39
C PHE A 59 -7.66 9.82 0.05
N LEU A 60 -7.85 10.78 0.97
CA LEU A 60 -7.52 10.58 2.37
C LEU A 60 -8.34 9.43 2.98
N GLN A 61 -9.61 9.32 2.58
CA GLN A 61 -10.49 8.28 3.09
C GLN A 61 -9.88 6.89 2.87
N VAL A 62 -9.51 6.60 1.61
CA VAL A 62 -8.90 5.30 1.28
C VAL A 62 -7.56 5.13 1.98
N LEU A 63 -6.82 6.24 2.13
CA LEU A 63 -5.51 6.22 2.79
C LEU A 63 -5.65 5.99 4.31
N ASN A 64 -6.73 6.51 4.89
CA ASN A 64 -6.97 6.38 6.33
C ASN A 64 -7.92 5.20 6.61
N ARG A 65 -7.70 4.08 5.92
CA ARG A 65 -8.54 2.90 6.09
C ARG A 65 -8.48 2.34 7.53
N PRO A 66 -7.29 1.89 8.01
CA PRO A 66 -7.16 1.33 9.35
C PRO A 66 -6.83 2.34 10.45
N ASN A 67 -7.05 3.64 10.17
CA ASN A 67 -6.78 4.73 11.15
C ASN A 67 -6.59 6.07 10.43
N GLY A 68 -5.40 6.30 9.88
CA GLY A 68 -5.12 7.54 9.20
C GLY A 68 -3.67 7.68 8.75
N PHE A 69 -2.77 7.86 9.72
CA PHE A 69 -1.35 8.02 9.41
C PHE A 69 -0.53 6.82 9.86
N ASP A 70 -0.56 6.53 11.16
CA ASP A 70 0.18 5.39 11.70
C ASP A 70 -0.69 4.15 11.81
N MET A 71 -0.83 3.45 10.69
CA MET A 71 -1.63 2.22 10.62
C MET A 71 -1.73 1.73 9.17
N PRO A 72 -2.17 2.61 8.23
CA PRO A 72 -2.31 2.24 6.81
C PRO A 72 -0.98 1.84 6.18
N GLY A 73 -0.67 0.53 6.22
CA GLY A 73 0.58 0.03 5.67
C GLY A 73 1.80 0.48 6.45
N ASP A 74 1.63 0.80 7.74
CA ASP A 74 2.73 1.24 8.58
C ASP A 74 3.58 0.07 9.06
N PRO A 75 4.73 0.34 9.72
CA PRO A 75 5.62 -0.70 10.23
C PRO A 75 4.90 -1.71 11.13
N GLU A 76 4.02 -1.20 11.99
CA GLU A 76 3.25 -2.05 12.91
C GLU A 76 2.24 -2.92 12.14
N GLU A 77 1.80 -2.45 10.97
CA GLU A 77 0.83 -3.18 10.15
C GLU A 77 1.47 -4.45 9.58
N PHE A 78 2.63 -4.30 8.95
CA PHE A 78 3.34 -5.44 8.37
C PHE A 78 3.82 -6.41 9.44
N VAL A 79 4.25 -5.87 10.59
CA VAL A 79 4.72 -6.70 11.70
C VAL A 79 3.58 -7.56 12.27
N LYS A 80 2.39 -6.98 12.36
CA LYS A 80 1.21 -7.69 12.88
C LYS A 80 0.86 -8.89 12.00
N GLY A 81 0.80 -8.67 10.68
CA GLY A 81 0.47 -9.74 9.75
C GLY A 81 1.55 -10.82 9.72
N PHE A 82 2.82 -10.40 9.74
CA PHE A 82 3.94 -11.34 9.71
C PHE A 82 4.05 -12.13 11.03
N GLN A 83 3.52 -11.55 12.12
CA GLN A 83 3.55 -12.20 13.44
C GLN A 83 2.55 -13.35 13.53
N VAL A 84 1.59 -13.43 12.59
CA VAL A 84 0.57 -14.48 12.58
C VAL A 84 1.21 -15.87 12.80
N PHE A 85 2.12 -16.25 11.89
CA PHE A 85 2.80 -17.54 12.00
C PHE A 85 4.27 -17.33 12.35
N ASP A 86 4.54 -16.44 13.29
CA ASP A 86 5.90 -16.14 13.73
C ASP A 86 5.96 -15.92 15.24
N LYS A 87 5.41 -16.88 15.99
CA LYS A 87 5.40 -16.82 17.46
C LYS A 87 6.82 -16.79 18.01
N ASP A 88 7.63 -17.76 17.57
CA ASP A 88 9.03 -17.85 18.02
C ASP A 88 9.99 -17.64 16.85
N ALA A 89 9.88 -18.49 15.82
CA ALA A 89 10.73 -18.40 14.63
C ALA A 89 12.21 -18.60 14.98
N THR A 90 12.65 -19.86 14.92
CA THR A 90 14.05 -20.19 15.23
C THR A 90 14.82 -20.52 13.94
N GLY A 91 14.83 -19.56 13.01
CA GLY A 91 15.54 -19.74 11.76
C GLY A 91 14.64 -20.19 10.62
N MET A 92 13.51 -19.49 10.45
CA MET A 92 12.55 -19.82 9.39
C MET A 92 11.43 -18.79 9.32
N ILE A 93 11.09 -18.37 8.10
CA ILE A 93 10.02 -17.39 7.88
C ILE A 93 8.78 -18.04 7.27
N GLY A 94 8.97 -18.91 6.27
CA GLY A 94 7.86 -19.57 5.62
C GLY A 94 7.08 -18.61 4.73
N VAL A 95 7.59 -18.40 3.50
CA VAL A 95 6.96 -17.48 2.54
C VAL A 95 5.44 -17.67 2.50
N GLY A 96 4.97 -18.91 2.62
CA GLY A 96 3.53 -19.18 2.61
C GLY A 96 2.75 -18.24 3.52
N GLU A 97 3.33 -17.93 4.68
CA GLU A 97 2.72 -17.03 5.64
C GLU A 97 2.78 -15.58 5.16
N LEU A 98 3.98 -15.13 4.77
CA LEU A 98 4.18 -13.77 4.29
C LEU A 98 3.31 -13.49 3.06
N ARG A 99 3.14 -14.50 2.20
CA ARG A 99 2.33 -14.37 0.99
C ARG A 99 0.86 -14.17 1.36
N TYR A 100 0.36 -15.01 2.28
CA TYR A 100 -1.03 -14.93 2.74
C TYR A 100 -1.38 -13.51 3.23
N VAL A 101 -0.43 -12.88 3.91
CA VAL A 101 -0.61 -11.52 4.44
C VAL A 101 -0.66 -10.49 3.31
N LEU A 102 0.33 -10.56 2.42
CA LEU A 102 0.43 -9.63 1.29
C LEU A 102 -0.74 -9.78 0.31
N THR A 103 -1.17 -11.02 0.08
CA THR A 103 -2.30 -11.28 -0.83
C THR A 103 -3.59 -10.68 -0.28
N SER A 104 -3.74 -10.70 1.05
CA SER A 104 -4.92 -10.15 1.71
C SER A 104 -5.01 -8.63 1.55
N LEU A 105 -3.88 -7.98 1.24
CA LEU A 105 -3.83 -6.53 1.06
C LEU A 105 -4.58 -6.13 -0.21
N GLY A 106 -4.10 -6.62 -1.36
CA GLY A 106 -4.73 -6.31 -2.63
C GLY A 106 -4.14 -7.13 -3.77
N GLU A 107 -4.09 -8.45 -3.58
CA GLU A 107 -3.55 -9.36 -4.60
C GLU A 107 -2.09 -9.03 -4.91
N LYS A 108 -1.30 -8.84 -3.84
CA LYS A 108 0.13 -8.54 -3.98
C LYS A 108 0.88 -9.76 -4.53
N LEU A 109 2.06 -10.05 -3.98
CA LEU A 109 2.85 -11.20 -4.44
C LEU A 109 2.18 -12.52 -4.04
N SER A 110 1.15 -12.91 -4.82
CA SER A 110 0.39 -14.13 -4.58
C SER A 110 1.26 -15.39 -4.74
N ASN A 111 0.60 -16.56 -4.68
CA ASN A 111 1.28 -17.85 -4.80
C ASN A 111 2.18 -17.91 -6.04
N GLU A 112 1.81 -17.21 -7.11
CA GLU A 112 2.59 -17.21 -8.35
C GLU A 112 3.99 -16.64 -8.13
N GLU A 113 4.07 -15.46 -7.51
CA GLU A 113 5.35 -14.81 -7.24
C GLU A 113 6.24 -15.71 -6.38
N MET A 114 5.70 -16.15 -5.24
CA MET A 114 6.43 -17.04 -4.33
C MET A 114 6.71 -18.40 -4.98
N ASP A 115 5.86 -18.80 -5.94
CA ASP A 115 6.05 -20.08 -6.64
C ASP A 115 7.40 -20.10 -7.33
N GLU A 116 7.71 -19.02 -8.06
CA GLU A 116 8.99 -18.90 -8.76
C GLU A 116 10.15 -18.85 -7.76
N LEU A 117 9.97 -18.04 -6.70
CA LEU A 117 10.99 -17.92 -5.65
C LEU A 117 11.28 -19.28 -5.01
N LEU A 118 10.22 -20.05 -4.78
CA LEU A 118 10.34 -21.38 -4.18
C LEU A 118 11.12 -22.32 -5.09
N LYS A 119 10.91 -22.20 -6.40
CA LYS A 119 11.61 -23.05 -7.37
C LYS A 119 13.11 -22.81 -7.33
N GLY A 120 13.50 -21.55 -7.11
CA GLY A 120 14.92 -21.21 -7.03
C GLY A 120 15.59 -21.71 -5.77
N VAL A 121 14.93 -21.53 -4.62
CA VAL A 121 15.47 -21.98 -3.34
C VAL A 121 15.11 -23.44 -3.05
N PRO A 122 16.10 -24.28 -2.72
CA PRO A 122 15.87 -25.70 -2.42
C PRO A 122 15.32 -25.92 -1.01
N VAL A 123 14.17 -25.30 -0.71
CA VAL A 123 13.54 -25.41 0.60
C VAL A 123 12.05 -25.74 0.47
N LYS A 124 11.35 -25.82 1.60
CA LYS A 124 9.92 -26.13 1.63
C LYS A 124 9.14 -24.98 2.25
N ASP A 125 8.07 -24.56 1.57
CA ASP A 125 7.22 -23.45 2.04
C ASP A 125 7.93 -22.10 1.97
N GLY A 126 9.10 -22.05 1.33
CA GLY A 126 9.85 -20.81 1.20
C GLY A 126 10.46 -20.37 2.51
N MET A 127 11.16 -21.27 3.20
CA MET A 127 11.78 -20.95 4.47
C MET A 127 13.29 -20.76 4.29
N VAL A 128 13.73 -19.53 4.55
CA VAL A 128 15.14 -19.19 4.42
C VAL A 128 15.56 -18.19 5.53
N ASN A 129 14.84 -18.22 6.64
CA ASN A 129 15.12 -17.34 7.78
C ASN A 129 15.05 -15.86 7.39
N TYR A 130 14.33 -15.55 6.30
CA TYR A 130 14.22 -14.17 5.83
C TYR A 130 15.61 -13.57 5.62
N HIS A 131 15.72 -12.23 5.62
CA HIS A 131 17.01 -11.55 5.44
C HIS A 131 17.54 -11.73 4.01
N ASP A 132 17.78 -12.98 3.61
CA ASP A 132 18.29 -13.29 2.27
C ASP A 132 17.43 -12.65 1.17
N PHE A 133 16.11 -12.65 1.37
CA PHE A 133 15.18 -12.07 0.39
C PHE A 133 15.34 -10.56 0.33
N VAL A 134 15.22 -9.92 1.49
CA VAL A 134 15.35 -8.46 1.59
C VAL A 134 16.73 -7.98 1.17
N GLN A 135 17.75 -8.82 1.44
CA GLN A 135 19.14 -8.47 1.08
C GLN A 135 19.30 -8.40 -0.43
N MET A 136 18.87 -9.46 -1.13
CA MET A 136 18.97 -9.52 -2.59
C MET A 136 18.03 -8.50 -3.24
N ILE A 137 16.87 -8.25 -2.62
CA ILE A 137 15.90 -7.31 -3.12
C ILE A 137 16.47 -5.89 -3.16
N LEU A 138 17.14 -5.48 -2.07
CA LEU A 138 17.74 -4.16 -1.98
C LEU A 138 19.19 -4.19 -2.46
N ALA A 139 19.40 -4.69 -3.68
CA ALA A 139 20.74 -4.78 -4.27
C ALA A 139 20.65 -5.16 -5.74
N ASN A 140 21.00 -4.21 -6.61
CA ASN A 140 20.97 -4.44 -8.06
C ASN A 140 22.25 -3.96 -8.73
N SER A 1 -1.32 27.54 6.78
CA SER A 1 -0.44 27.04 5.69
C SER A 1 0.62 26.08 6.22
N THR A 2 1.46 25.55 5.31
CA THR A 2 2.53 24.62 5.66
C THR A 2 2.03 23.50 6.60
N ASP A 3 0.85 22.94 6.26
CA ASP A 3 0.25 21.87 7.05
C ASP A 3 0.77 20.51 6.59
N ASP A 4 0.55 20.21 5.31
CA ASP A 4 0.99 18.94 4.73
C ASP A 4 1.53 19.15 3.32
N SER A 5 2.85 19.28 3.21
CA SER A 5 3.51 19.49 1.91
C SER A 5 3.37 18.27 1.00
N PRO A 6 3.62 17.03 1.52
CA PRO A 6 3.54 15.81 0.71
C PRO A 6 2.11 15.29 0.51
N TYR A 7 1.15 15.81 1.29
CA TYR A 7 -0.24 15.36 1.18
C TYR A 7 -1.15 16.46 0.63
N LYS A 8 -1.25 17.58 1.35
CA LYS A 8 -2.09 18.70 0.95
C LYS A 8 -1.50 19.45 -0.24
N GLN A 9 -0.31 20.03 -0.05
CA GLN A 9 0.37 20.78 -1.12
C GLN A 9 0.61 19.89 -2.33
N ALA A 10 1.15 18.68 -2.10
CA ALA A 10 1.42 17.74 -3.18
C ALA A 10 0.15 17.42 -3.95
N PHE A 11 -0.95 17.16 -3.23
CA PHE A 11 -2.23 16.85 -3.85
C PHE A 11 -2.63 17.94 -4.84
N SER A 12 -2.50 19.20 -4.40
CA SER A 12 -2.84 20.35 -5.24
C SER A 12 -2.02 20.36 -6.53
N LEU A 13 -0.76 19.92 -6.45
CA LEU A 13 0.14 19.88 -7.62
C LEU A 13 -0.44 18.97 -8.71
N PHE A 14 -1.20 17.94 -8.30
CA PHE A 14 -1.79 17.00 -9.25
C PHE A 14 -3.23 17.37 -9.62
N ASP A 15 -3.55 18.67 -9.57
CA ASP A 15 -4.88 19.16 -9.91
C ASP A 15 -4.92 19.64 -11.36
N ARG A 16 -5.81 19.06 -12.16
CA ARG A 16 -5.95 19.42 -13.57
C ARG A 16 -6.26 20.91 -13.74
N HIS A 17 -7.29 21.39 -13.04
CA HIS A 17 -7.67 22.79 -13.11
C HIS A 17 -7.86 23.40 -11.71
N GLY A 18 -7.13 22.85 -10.72
CA GLY A 18 -7.22 23.36 -9.36
C GLY A 18 -8.64 23.38 -8.83
N THR A 19 -9.35 22.26 -8.99
CA THR A 19 -10.73 22.14 -8.53
C THR A 19 -10.82 21.55 -7.12
N GLY A 20 -9.84 20.72 -6.76
CA GLY A 20 -9.83 20.10 -5.44
C GLY A 20 -9.91 18.58 -5.50
N ARG A 21 -10.00 18.02 -6.71
CA ARG A 21 -10.09 16.57 -6.89
C ARG A 21 -9.04 16.10 -7.89
N ILE A 22 -8.84 14.78 -7.96
CA ILE A 22 -7.87 14.19 -8.88
C ILE A 22 -8.35 12.85 -9.44
N PRO A 23 -8.22 12.65 -10.77
CA PRO A 23 -8.61 11.41 -11.43
C PRO A 23 -7.52 10.36 -11.40
N LYS A 24 -7.85 9.13 -11.84
CA LYS A 24 -6.88 8.02 -11.86
C LYS A 24 -5.51 8.44 -12.41
N THR A 25 -5.51 9.33 -13.40
CA THR A 25 -4.26 9.81 -14.02
C THR A 25 -3.37 10.51 -12.99
N SER A 26 -3.97 11.39 -12.19
CA SER A 26 -3.25 12.16 -11.17
C SER A 26 -2.81 11.25 -10.00
N ILE A 27 -3.72 10.42 -9.49
CA ILE A 27 -3.39 9.52 -8.37
C ILE A 27 -2.17 8.65 -8.70
N GLY A 28 -2.01 8.27 -9.98
CA GLY A 28 -0.88 7.46 -10.38
C GLY A 28 0.45 8.05 -9.96
N ASP A 29 0.81 9.17 -10.58
CA ASP A 29 2.08 9.86 -10.26
C ASP A 29 2.09 10.36 -8.81
N LEU A 30 0.89 10.63 -8.27
CA LEU A 30 0.76 11.10 -6.88
C LEU A 30 1.26 10.02 -5.92
N LEU A 31 0.78 8.79 -6.12
CA LEU A 31 1.19 7.65 -5.29
C LEU A 31 2.69 7.39 -5.40
N ARG A 32 3.26 7.70 -6.57
CA ARG A 32 4.69 7.53 -6.82
C ARG A 32 5.53 8.26 -5.76
N ALA A 33 5.08 9.45 -5.38
CA ALA A 33 5.77 10.26 -4.37
C ALA A 33 5.79 9.57 -3.01
N CYS A 34 4.73 8.79 -2.71
CA CYS A 34 4.64 8.08 -1.44
C CYS A 34 5.48 6.80 -1.48
N GLY A 35 5.42 6.09 -2.61
CA GLY A 35 6.19 4.86 -2.75
C GLY A 35 6.47 4.52 -4.20
N GLN A 36 5.48 3.96 -4.89
CA GLN A 36 5.62 3.57 -6.29
C GLN A 36 4.44 4.05 -7.12
N ASN A 37 4.52 3.82 -8.44
CA ASN A 37 3.46 4.20 -9.36
C ASN A 37 2.88 2.98 -10.07
N PRO A 38 1.61 2.63 -9.79
CA PRO A 38 0.95 1.47 -10.41
C PRO A 38 0.43 1.77 -11.81
N THR A 39 -0.48 0.93 -12.30
CA THR A 39 -1.07 1.10 -13.63
C THR A 39 -2.44 1.76 -13.54
N LEU A 40 -2.95 2.22 -14.68
CA LEU A 40 -4.27 2.87 -14.75
C LEU A 40 -5.34 1.96 -14.17
N ALA A 41 -5.17 0.64 -14.36
CA ALA A 41 -6.12 -0.34 -13.84
C ALA A 41 -6.22 -0.25 -12.31
N GLU A 42 -5.08 0.01 -11.66
CA GLU A 42 -5.04 0.13 -10.20
C GLU A 42 -5.78 1.39 -9.73
N ILE A 43 -5.41 2.56 -10.27
CA ILE A 43 -6.05 3.81 -9.89
C ILE A 43 -7.56 3.75 -10.15
N THR A 44 -7.95 3.26 -11.33
CA THR A 44 -9.37 3.12 -11.68
C THR A 44 -10.06 2.17 -10.69
N GLU A 45 -9.36 1.10 -10.32
CA GLU A 45 -9.87 0.12 -9.36
C GLU A 45 -10.22 0.80 -8.03
N ILE A 46 -9.38 1.77 -7.63
CA ILE A 46 -9.60 2.53 -6.40
C ILE A 46 -10.87 3.38 -6.53
N GLU A 47 -11.00 4.06 -7.68
CA GLU A 47 -12.16 4.90 -7.95
C GLU A 47 -13.47 4.10 -7.86
N SER A 48 -13.38 2.78 -8.12
CA SER A 48 -14.55 1.90 -8.05
C SER A 48 -15.15 1.79 -6.65
N THR A 49 -14.49 2.35 -5.63
CA THR A 49 -14.98 2.30 -4.26
C THR A 49 -15.27 3.70 -3.72
N LEU A 50 -14.29 4.61 -3.80
CA LEU A 50 -14.49 5.98 -3.34
C LEU A 50 -15.08 6.82 -4.47
N PRO A 51 -15.80 7.90 -4.15
CA PRO A 51 -16.43 8.78 -5.15
C PRO A 51 -15.56 8.99 -6.39
N ALA A 52 -16.22 9.05 -7.56
CA ALA A 52 -15.57 9.23 -8.86
C ALA A 52 -14.24 9.99 -8.74
N GLU A 53 -14.32 11.27 -8.33
CA GLU A 53 -13.13 12.09 -8.18
C GLU A 53 -12.52 11.90 -6.79
N VAL A 54 -11.25 11.50 -6.74
CA VAL A 54 -10.56 11.27 -5.48
C VAL A 54 -9.97 12.57 -4.95
N ASP A 55 -10.78 13.33 -4.22
CA ASP A 55 -10.34 14.59 -3.64
C ASP A 55 -9.65 14.35 -2.30
N MET A 56 -9.19 15.42 -1.66
CA MET A 56 -8.51 15.34 -0.36
C MET A 56 -9.20 14.35 0.56
N GLU A 57 -10.53 14.45 0.67
CA GLU A 57 -11.33 13.57 1.52
C GLU A 57 -11.25 12.11 1.08
N GLN A 58 -11.54 11.87 -0.21
CA GLN A 58 -11.52 10.51 -0.77
C GLN A 58 -10.16 9.82 -0.56
N PHE A 59 -9.10 10.49 -1.01
CA PHE A 59 -7.75 9.96 -0.88
C PHE A 59 -7.35 9.77 0.60
N LEU A 60 -7.55 10.82 1.41
CA LEU A 60 -7.24 10.75 2.84
C LEU A 60 -8.07 9.67 3.55
N GLN A 61 -9.27 9.40 3.04
CA GLN A 61 -10.16 8.40 3.64
C GLN A 61 -9.52 7.01 3.55
N VAL A 62 -9.06 6.64 2.35
CA VAL A 62 -8.43 5.33 2.13
C VAL A 62 -7.05 5.27 2.79
N LEU A 63 -6.32 6.39 2.78
CA LEU A 63 -4.99 6.46 3.37
C LEU A 63 -5.07 6.47 4.90
N ASN A 64 -5.71 7.51 5.45
CA ASN A 64 -5.86 7.64 6.90
C ASN A 64 -7.04 6.82 7.41
N ARG A 65 -6.98 5.51 7.17
CA ARG A 65 -8.04 4.59 7.60
C ARG A 65 -8.25 4.66 9.12
N PRO A 66 -7.16 4.57 9.93
CA PRO A 66 -7.26 4.61 11.39
C PRO A 66 -7.31 6.04 11.97
N ASN A 67 -7.67 7.02 11.14
CA ASN A 67 -7.76 8.43 11.57
C ASN A 67 -6.45 8.91 12.21
N GLY A 68 -5.54 9.41 11.37
CA GLY A 68 -4.26 9.90 11.86
C GLY A 68 -3.20 9.97 10.77
N PHE A 69 -1.95 10.14 11.19
CA PHE A 69 -0.84 10.23 10.23
C PHE A 69 0.13 9.06 10.41
N ASP A 70 0.57 8.83 11.64
CA ASP A 70 1.51 7.75 11.94
C ASP A 70 0.78 6.50 12.48
N MET A 71 -0.53 6.42 12.23
CA MET A 71 -1.33 5.28 12.68
C MET A 71 -1.43 4.19 11.59
N PRO A 72 -1.76 4.57 10.33
CA PRO A 72 -1.88 3.61 9.22
C PRO A 72 -0.70 2.63 9.15
N GLY A 73 0.51 3.12 9.45
CA GLY A 73 1.69 2.28 9.43
C GLY A 73 2.57 2.55 8.23
N ASP A 74 3.48 3.51 8.36
CA ASP A 74 4.40 3.86 7.28
C ASP A 74 5.58 2.88 7.23
N PRO A 75 6.10 2.58 6.01
CA PRO A 75 7.23 1.65 5.83
C PRO A 75 8.47 2.10 6.59
N GLU A 76 8.85 3.38 6.43
CA GLU A 76 10.02 3.93 7.12
C GLU A 76 9.80 3.99 8.64
N GLU A 77 8.53 3.98 9.06
CA GLU A 77 8.20 4.04 10.48
C GLU A 77 8.60 2.75 11.20
N PHE A 78 8.20 1.62 10.62
CA PHE A 78 8.51 0.31 11.19
C PHE A 78 10.02 0.01 11.12
N VAL A 79 10.66 0.44 10.02
CA VAL A 79 12.10 0.22 9.84
C VAL A 79 12.90 0.97 10.90
N LYS A 80 12.66 2.28 11.00
CA LYS A 80 13.37 3.13 11.98
C LYS A 80 13.03 2.72 13.42
N GLY A 81 11.83 2.18 13.64
CA GLY A 81 11.42 1.76 14.96
C GLY A 81 12.25 0.60 15.49
N PHE A 82 12.41 -0.44 14.67
CA PHE A 82 13.20 -1.60 15.05
C PHE A 82 14.69 -1.28 15.08
N GLN A 83 15.14 -0.46 14.12
CA GLN A 83 16.54 -0.06 14.05
C GLN A 83 16.86 1.05 15.06
N VAL A 84 16.92 0.68 16.35
CA VAL A 84 17.20 1.63 17.41
C VAL A 84 18.23 1.05 18.39
N PHE A 85 17.86 -0.01 19.10
CA PHE A 85 18.74 -0.65 20.07
C PHE A 85 18.88 -2.15 19.81
N ASP A 86 18.87 -2.54 18.53
CA ASP A 86 19.01 -3.94 18.13
C ASP A 86 20.10 -4.09 17.06
N LYS A 87 21.28 -3.54 17.35
CA LYS A 87 22.42 -3.60 16.44
C LYS A 87 23.02 -5.01 16.39
N ASP A 88 22.23 -5.96 15.88
CA ASP A 88 22.67 -7.36 15.77
C ASP A 88 22.27 -7.94 14.42
N ALA A 89 20.97 -8.23 14.25
CA ALA A 89 20.45 -8.80 13.01
C ALA A 89 21.20 -10.08 12.61
N THR A 90 21.41 -10.96 13.59
CA THR A 90 22.12 -12.22 13.35
C THR A 90 21.54 -13.35 14.21
N GLY A 91 20.20 -13.42 14.28
CA GLY A 91 19.55 -14.46 15.06
C GLY A 91 18.97 -13.96 16.37
N MET A 92 18.49 -12.71 16.39
CA MET A 92 17.91 -12.12 17.60
C MET A 92 17.25 -10.77 17.31
N ILE A 93 16.05 -10.58 17.85
CA ILE A 93 15.31 -9.32 17.67
C ILE A 93 15.14 -8.59 19.00
N GLY A 94 14.82 -9.34 20.07
CA GLY A 94 14.62 -8.73 21.37
C GLY A 94 13.40 -7.84 21.42
N VAL A 95 12.22 -8.46 21.58
CA VAL A 95 10.95 -7.73 21.64
C VAL A 95 11.05 -6.49 22.53
N GLY A 96 11.84 -6.56 23.61
CA GLY A 96 12.00 -5.43 24.51
C GLY A 96 12.24 -4.12 23.77
N GLU A 97 13.05 -4.17 22.70
CA GLU A 97 13.36 -3.00 21.90
C GLU A 97 12.19 -2.63 20.98
N LEU A 98 11.69 -3.63 20.24
CA LEU A 98 10.56 -3.42 19.33
C LEU A 98 9.31 -2.92 20.08
N ARG A 99 9.15 -3.39 21.32
CA ARG A 99 8.02 -3.01 22.16
C ARG A 99 8.10 -1.54 22.56
N TYR A 100 9.23 -1.15 23.18
CA TYR A 100 9.44 0.22 23.62
C TYR A 100 9.22 1.23 22.48
N VAL A 101 9.63 0.87 21.27
CA VAL A 101 9.48 1.75 20.11
C VAL A 101 8.03 1.85 19.65
N LEU A 102 7.43 0.70 19.32
CA LEU A 102 6.05 0.64 18.85
C LEU A 102 5.05 1.17 19.89
N THR A 103 5.32 0.91 21.17
CA THR A 103 4.44 1.38 22.24
C THR A 103 4.36 2.91 22.27
N SER A 104 5.49 3.57 21.99
CA SER A 104 5.57 5.03 21.97
C SER A 104 4.70 5.63 20.86
N LEU A 105 4.40 4.84 19.83
CA LEU A 105 3.58 5.32 18.71
C LEU A 105 2.15 5.63 19.17
N GLY A 106 1.37 4.58 19.45
CA GLY A 106 0.00 4.77 19.89
C GLY A 106 -0.51 3.59 20.71
N GLU A 107 0.28 3.21 21.72
CA GLU A 107 -0.07 2.09 22.60
C GLU A 107 -0.12 0.77 21.82
N LYS A 108 0.93 0.53 21.02
CA LYS A 108 1.04 -0.69 20.23
C LYS A 108 1.27 -1.91 21.14
N LEU A 109 2.17 -2.82 20.76
CA LEU A 109 2.45 -4.00 21.56
C LEU A 109 3.17 -3.61 22.85
N SER A 110 2.41 -3.09 23.82
CA SER A 110 2.97 -2.66 25.10
C SER A 110 3.42 -3.85 25.95
N ASN A 111 3.85 -3.56 27.18
CA ASN A 111 4.32 -4.59 28.11
C ASN A 111 3.31 -5.74 28.24
N GLU A 112 2.02 -5.40 28.26
CA GLU A 112 0.96 -6.41 28.38
C GLU A 112 0.88 -7.29 27.12
N GLU A 113 0.85 -6.63 25.95
CA GLU A 113 0.78 -7.34 24.67
C GLU A 113 1.97 -8.29 24.50
N MET A 114 3.17 -7.75 24.69
CA MET A 114 4.39 -8.54 24.58
C MET A 114 4.46 -9.59 25.70
N ASP A 115 3.82 -9.31 26.84
CA ASP A 115 3.81 -10.25 27.96
C ASP A 115 3.20 -11.58 27.53
N GLU A 116 2.08 -11.50 26.82
CA GLU A 116 1.39 -12.69 26.32
C GLU A 116 2.25 -13.39 25.25
N LEU A 117 2.83 -12.61 24.34
CA LEU A 117 3.69 -13.14 23.30
C LEU A 117 4.90 -13.88 23.92
N LEU A 118 5.48 -13.26 24.94
CA LEU A 118 6.64 -13.84 25.63
C LEU A 118 6.23 -15.08 26.42
N LYS A 119 5.01 -15.08 26.96
CA LYS A 119 4.51 -16.22 27.74
C LYS A 119 4.46 -17.49 26.89
N GLY A 120 4.08 -17.33 25.62
CA GLY A 120 4.00 -18.47 24.72
C GLY A 120 5.37 -19.02 24.33
N VAL A 121 6.29 -18.13 23.96
CA VAL A 121 7.64 -18.53 23.57
C VAL A 121 8.56 -18.66 24.78
N PRO A 122 9.24 -19.82 24.94
CA PRO A 122 10.14 -20.06 26.07
C PRO A 122 11.49 -19.35 25.91
N VAL A 123 11.45 -18.02 25.80
CA VAL A 123 12.65 -17.20 25.64
C VAL A 123 12.65 -16.02 26.62
N LYS A 124 13.74 -15.25 26.61
CA LYS A 124 13.87 -14.09 27.49
C LYS A 124 14.02 -12.80 26.67
N ASP A 125 13.24 -11.78 27.02
CA ASP A 125 13.25 -10.49 26.32
C ASP A 125 12.51 -10.55 24.98
N GLY A 126 12.00 -11.74 24.63
CA GLY A 126 11.27 -11.90 23.37
C GLY A 126 12.20 -12.00 22.17
N MET A 127 13.18 -12.90 22.26
CA MET A 127 14.13 -13.09 21.18
C MET A 127 13.82 -14.37 20.41
N VAL A 128 13.41 -14.19 19.16
CA VAL A 128 13.06 -15.31 18.29
C VAL A 128 13.52 -15.05 16.84
N ASN A 129 14.46 -14.12 16.67
CA ASN A 129 14.98 -13.77 15.35
C ASN A 129 13.87 -13.25 14.42
N TYR A 130 12.77 -12.77 15.00
CA TYR A 130 11.64 -12.29 14.18
C TYR A 130 11.22 -13.39 13.20
N HIS A 131 10.53 -13.01 12.11
CA HIS A 131 10.08 -13.99 11.11
C HIS A 131 8.95 -14.86 11.66
N ASP A 132 9.23 -15.61 12.73
CA ASP A 132 8.24 -16.49 13.36
C ASP A 132 6.94 -15.75 13.69
N PHE A 133 7.07 -14.52 14.20
CA PHE A 133 5.89 -13.72 14.55
C PHE A 133 5.10 -13.36 13.30
N VAL A 134 5.77 -12.70 12.35
CA VAL A 134 5.15 -12.30 11.09
C VAL A 134 4.65 -13.51 10.29
N GLN A 135 5.33 -14.66 10.46
CA GLN A 135 4.96 -15.88 9.75
C GLN A 135 3.56 -16.33 10.14
N MET A 136 3.29 -16.40 11.45
CA MET A 136 1.99 -16.81 11.95
C MET A 136 0.92 -15.79 11.57
N ILE A 137 1.31 -14.51 11.52
CA ILE A 137 0.41 -13.43 11.17
C ILE A 137 -0.01 -13.52 9.70
N LEU A 138 0.94 -13.90 8.84
CA LEU A 138 0.68 -14.05 7.41
C LEU A 138 0.24 -15.48 7.08
N ALA A 139 -0.92 -15.86 7.62
CA ALA A 139 -1.46 -17.21 7.38
C ALA A 139 -2.92 -17.13 6.88
N ASN A 140 -3.16 -16.22 5.93
CA ASN A 140 -4.50 -16.04 5.37
C ASN A 140 -4.43 -15.51 3.94
N SER A 1 -5.12 19.64 8.86
CA SER A 1 -3.79 20.32 8.84
C SER A 1 -3.41 20.78 7.43
N THR A 2 -2.95 22.02 7.33
CA THR A 2 -2.55 22.59 6.04
C THR A 2 -1.02 22.75 5.95
N ASP A 3 -0.29 21.89 6.66
CA ASP A 3 1.17 21.94 6.66
C ASP A 3 1.79 20.71 5.98
N ASP A 4 0.94 19.80 5.46
CA ASP A 4 1.43 18.59 4.79
C ASP A 4 1.88 18.92 3.37
N SER A 5 3.18 19.11 3.20
CA SER A 5 3.75 19.44 1.89
C SER A 5 3.64 18.27 0.90
N PRO A 6 4.00 17.03 1.31
CA PRO A 6 3.94 15.85 0.44
C PRO A 6 2.54 15.25 0.28
N TYR A 7 1.58 15.66 1.13
CA TYR A 7 0.23 15.12 1.07
C TYR A 7 -0.79 16.18 0.62
N LYS A 8 -0.94 17.23 1.42
CA LYS A 8 -1.90 18.31 1.11
C LYS A 8 -1.39 19.18 -0.04
N GLN A 9 -0.25 19.82 0.16
CA GLN A 9 0.35 20.69 -0.87
C GLN A 9 0.59 19.91 -2.16
N ALA A 10 1.21 18.73 -2.03
CA ALA A 10 1.50 17.87 -3.17
C ALA A 10 0.23 17.51 -3.92
N PHE A 11 -0.83 17.15 -3.18
CA PHE A 11 -2.12 16.79 -3.78
C PHE A 11 -2.57 17.89 -4.74
N SER A 12 -2.49 19.14 -4.29
CA SER A 12 -2.89 20.29 -5.11
C SER A 12 -2.05 20.38 -6.39
N LEU A 13 -0.76 20.02 -6.30
CA LEU A 13 0.14 20.04 -7.45
C LEU A 13 -0.35 19.11 -8.57
N PHE A 14 -1.09 18.05 -8.19
CA PHE A 14 -1.61 17.09 -9.17
C PHE A 14 -3.00 17.50 -9.69
N ASP A 15 -3.35 18.79 -9.55
CA ASP A 15 -4.64 19.30 -10.01
C ASP A 15 -4.46 20.08 -11.31
N ARG A 16 -4.61 19.37 -12.44
CA ARG A 16 -4.45 20.00 -13.76
C ARG A 16 -5.49 21.11 -13.98
N HIS A 17 -6.71 20.90 -13.46
CA HIS A 17 -7.78 21.87 -13.59
C HIS A 17 -7.73 22.90 -12.46
N GLY A 18 -7.37 22.45 -11.25
CA GLY A 18 -7.29 23.34 -10.11
C GLY A 18 -8.63 23.52 -9.42
N THR A 19 -9.34 22.40 -9.21
CA THR A 19 -10.65 22.43 -8.55
C THR A 19 -10.60 21.83 -7.14
N GLY A 20 -9.69 20.87 -6.93
CA GLY A 20 -9.56 20.23 -5.63
C GLY A 20 -9.72 18.71 -5.69
N ARG A 21 -9.85 18.15 -6.90
CA ARG A 21 -10.02 16.71 -7.08
C ARG A 21 -8.98 16.17 -8.07
N ILE A 22 -8.80 14.85 -8.08
CA ILE A 22 -7.82 14.22 -8.98
C ILE A 22 -8.32 12.86 -9.49
N PRO A 23 -8.15 12.60 -10.80
CA PRO A 23 -8.56 11.35 -11.43
C PRO A 23 -7.46 10.27 -11.35
N LYS A 24 -7.81 9.04 -11.75
CA LYS A 24 -6.88 7.91 -11.74
C LYS A 24 -5.48 8.29 -12.28
N THR A 25 -5.45 9.13 -13.32
CA THR A 25 -4.19 9.56 -13.92
C THR A 25 -3.32 10.30 -12.90
N SER A 26 -3.94 11.21 -12.15
CA SER A 26 -3.22 11.99 -11.14
C SER A 26 -2.81 11.14 -9.94
N ILE A 27 -3.74 10.33 -9.41
CA ILE A 27 -3.44 9.47 -8.24
C ILE A 27 -2.23 8.57 -8.51
N GLY A 28 -2.09 8.11 -9.75
CA GLY A 28 -0.97 7.24 -10.10
C GLY A 28 0.38 7.84 -9.72
N ASP A 29 0.76 8.93 -10.40
CA ASP A 29 2.02 9.60 -10.11
C ASP A 29 2.03 10.23 -8.70
N LEU A 30 0.84 10.58 -8.19
CA LEU A 30 0.72 11.15 -6.85
C LEU A 30 1.20 10.15 -5.80
N LEU A 31 0.75 8.90 -5.94
CA LEU A 31 1.15 7.83 -5.02
C LEU A 31 2.66 7.60 -5.10
N ARG A 32 3.24 7.83 -6.28
CA ARG A 32 4.69 7.64 -6.48
C ARG A 32 5.49 8.53 -5.52
N ALA A 33 5.03 9.78 -5.35
CA ALA A 33 5.69 10.73 -4.46
C ALA A 33 5.58 10.30 -2.99
N CYS A 34 4.50 9.58 -2.66
CA CYS A 34 4.28 9.10 -1.30
C CYS A 34 4.24 7.57 -1.27
N GLY A 35 5.16 6.93 -2.00
CA GLY A 35 5.21 5.49 -2.05
C GLY A 35 5.70 4.95 -3.39
N GLN A 36 4.79 4.38 -4.16
CA GLN A 36 5.13 3.81 -5.47
C GLN A 36 4.16 4.27 -6.57
N ASN A 37 4.40 3.81 -7.79
CA ASN A 37 3.56 4.15 -8.93
C ASN A 37 2.92 2.90 -9.53
N PRO A 38 1.61 2.70 -9.29
CA PRO A 38 0.87 1.55 -9.80
C PRO A 38 0.40 1.74 -11.25
N THR A 39 -0.54 0.91 -11.69
CA THR A 39 -1.07 0.99 -13.05
C THR A 39 -2.47 1.61 -13.06
N LEU A 40 -2.92 2.03 -14.24
CA LEU A 40 -4.24 2.65 -14.39
C LEU A 40 -5.34 1.75 -13.80
N ALA A 41 -5.18 0.44 -13.96
CA ALA A 41 -6.16 -0.52 -13.42
C ALA A 41 -6.27 -0.37 -11.90
N GLU A 42 -5.12 -0.11 -11.25
CA GLU A 42 -5.08 0.06 -9.80
C GLU A 42 -5.83 1.32 -9.37
N ILE A 43 -5.46 2.48 -9.95
CA ILE A 43 -6.12 3.75 -9.62
C ILE A 43 -7.61 3.68 -9.88
N THR A 44 -8.00 3.16 -11.05
CA THR A 44 -9.41 3.02 -11.41
C THR A 44 -10.16 2.22 -10.34
N GLU A 45 -9.54 1.13 -9.88
CA GLU A 45 -10.13 0.26 -8.84
C GLU A 45 -10.40 1.07 -7.56
N ILE A 46 -9.48 2.00 -7.24
CA ILE A 46 -9.63 2.85 -6.05
C ILE A 46 -10.90 3.69 -6.18
N GLU A 47 -11.05 4.38 -7.31
CA GLU A 47 -12.23 5.21 -7.57
C GLU A 47 -13.52 4.39 -7.49
N SER A 48 -13.44 3.09 -7.76
CA SER A 48 -14.60 2.20 -7.71
C SER A 48 -15.19 2.09 -6.30
N THR A 49 -14.45 2.54 -5.28
CA THR A 49 -14.93 2.48 -3.89
C THR A 49 -15.04 3.87 -3.25
N LEU A 50 -14.83 4.94 -4.04
CA LEU A 50 -14.93 6.31 -3.54
C LEU A 50 -15.61 7.22 -4.57
N PRO A 51 -16.18 8.36 -4.13
CA PRO A 51 -16.87 9.32 -5.02
C PRO A 51 -16.11 9.56 -6.33
N ALA A 52 -16.89 9.79 -7.40
CA ALA A 52 -16.35 10.03 -8.75
C ALA A 52 -14.95 10.64 -8.74
N GLU A 53 -14.82 11.85 -8.19
CA GLU A 53 -13.54 12.54 -8.12
C GLU A 53 -12.86 12.28 -6.77
N VAL A 54 -11.59 11.90 -6.80
CA VAL A 54 -10.84 11.61 -5.57
C VAL A 54 -10.19 12.88 -5.03
N ASP A 55 -10.94 13.63 -4.22
CA ASP A 55 -10.43 14.86 -3.62
C ASP A 55 -9.68 14.56 -2.33
N MET A 56 -9.21 15.61 -1.65
CA MET A 56 -8.47 15.47 -0.39
C MET A 56 -9.09 14.41 0.53
N GLU A 57 -10.42 14.46 0.69
CA GLU A 57 -11.14 13.51 1.54
C GLU A 57 -11.11 12.09 0.97
N GLN A 58 -11.52 11.95 -0.30
CA GLN A 58 -11.56 10.63 -0.95
C GLN A 58 -10.19 9.96 -0.97
N PHE A 59 -9.16 10.71 -1.40
CA PHE A 59 -7.80 10.18 -1.45
C PHE A 59 -7.30 9.79 -0.06
N LEU A 60 -7.47 10.71 0.91
CA LEU A 60 -7.05 10.45 2.29
C LEU A 60 -7.80 9.26 2.89
N GLN A 61 -9.03 9.03 2.43
CA GLN A 61 -9.85 7.92 2.93
C GLN A 61 -9.23 6.57 2.55
N VAL A 62 -8.85 6.42 1.28
CA VAL A 62 -8.23 5.17 0.81
C VAL A 62 -6.82 5.02 1.34
N LEU A 63 -6.05 6.12 1.31
CA LEU A 63 -4.67 6.12 1.79
C LEU A 63 -4.60 5.83 3.29
N ASN A 64 -5.48 6.48 4.06
CA ASN A 64 -5.52 6.30 5.50
C ASN A 64 -6.80 5.56 5.92
N ARG A 65 -7.12 4.48 5.19
CA ARG A 65 -8.31 3.68 5.47
C ARG A 65 -8.28 3.08 6.90
N PRO A 66 -7.17 2.40 7.27
CA PRO A 66 -7.04 1.79 8.60
C PRO A 66 -6.56 2.77 9.69
N ASN A 67 -6.73 4.08 9.43
CA ASN A 67 -6.33 5.12 10.38
C ASN A 67 -4.83 5.06 10.68
N GLY A 68 -4.02 5.56 9.73
CA GLY A 68 -2.58 5.55 9.90
C GLY A 68 -1.83 5.68 8.58
N PHE A 69 -0.51 5.84 8.67
CA PHE A 69 0.33 5.98 7.48
C PHE A 69 1.10 4.68 7.19
N ASP A 70 1.75 4.13 8.21
CA ASP A 70 2.51 2.89 8.07
C ASP A 70 1.65 1.68 8.40
N MET A 71 0.79 1.29 7.45
CA MET A 71 -0.11 0.15 7.63
C MET A 71 -0.99 -0.06 6.38
N PRO A 72 -1.71 1.00 5.94
CA PRO A 72 -2.59 0.93 4.76
C PRO A 72 -2.01 0.13 3.60
N GLY A 73 -0.74 0.39 3.28
CA GLY A 73 -0.09 -0.32 2.18
C GLY A 73 1.39 -0.56 2.43
N ASP A 74 1.74 -0.95 3.66
CA ASP A 74 3.13 -1.21 4.03
C ASP A 74 3.57 -2.60 3.56
N PRO A 75 4.90 -2.84 3.51
CA PRO A 75 5.47 -4.13 3.08
C PRO A 75 4.91 -5.31 3.88
N GLU A 76 4.66 -5.10 5.16
CA GLU A 76 4.12 -6.15 6.03
C GLU A 76 2.73 -6.59 5.58
N GLU A 77 1.94 -5.65 5.08
CA GLU A 77 0.57 -5.93 4.60
C GLU A 77 0.61 -6.79 3.34
N PHE A 78 1.44 -6.41 2.38
CA PHE A 78 1.56 -7.15 1.11
C PHE A 78 2.00 -8.60 1.36
N VAL A 79 2.96 -8.79 2.26
CA VAL A 79 3.46 -10.14 2.58
C VAL A 79 2.37 -10.97 3.26
N LYS A 80 1.75 -10.41 4.30
CA LYS A 80 0.70 -11.10 5.04
C LYS A 80 -0.49 -11.46 4.15
N GLY A 81 -0.71 -10.67 3.10
CA GLY A 81 -1.82 -10.91 2.20
C GLY A 81 -1.63 -12.13 1.32
N PHE A 82 -0.52 -12.15 0.56
CA PHE A 82 -0.22 -13.28 -0.32
C PHE A 82 0.33 -14.48 0.43
N GLN A 83 1.19 -14.23 1.42
CA GLN A 83 1.78 -15.31 2.21
C GLN A 83 0.79 -15.85 3.25
N VAL A 84 -0.20 -16.60 2.77
CA VAL A 84 -1.22 -17.18 3.63
C VAL A 84 -1.19 -18.71 3.55
N PHE A 85 -1.05 -19.23 2.33
CA PHE A 85 -1.03 -20.66 2.09
C PHE A 85 -0.26 -20.97 0.78
N ASP A 86 0.65 -20.07 0.39
CA ASP A 86 1.44 -20.24 -0.82
C ASP A 86 2.90 -20.53 -0.48
N LYS A 87 3.12 -21.52 0.39
CA LYS A 87 4.46 -21.91 0.81
C LYS A 87 5.22 -22.62 -0.32
N ASP A 88 4.47 -23.29 -1.21
CA ASP A 88 5.07 -24.00 -2.33
C ASP A 88 5.37 -23.05 -3.50
N ALA A 89 4.34 -22.37 -3.99
CA ALA A 89 4.50 -21.42 -5.10
C ALA A 89 5.03 -22.11 -6.35
N THR A 90 5.32 -21.32 -7.40
CA THR A 90 5.84 -21.84 -8.67
C THR A 90 5.06 -23.08 -9.11
N GLY A 91 3.76 -22.91 -9.32
CA GLY A 91 2.92 -24.02 -9.75
C GLY A 91 1.44 -23.75 -9.56
N MET A 92 1.08 -23.00 -8.51
CA MET A 92 -0.31 -22.67 -8.21
C MET A 92 -0.41 -21.49 -7.25
N ILE A 93 -1.42 -20.65 -7.44
CA ILE A 93 -1.63 -19.49 -6.58
C ILE A 93 -2.93 -19.61 -5.78
N GLY A 94 -3.99 -20.09 -6.43
CA GLY A 94 -5.27 -20.25 -5.77
C GLY A 94 -5.89 -18.93 -5.35
N VAL A 95 -6.47 -18.21 -6.32
CA VAL A 95 -7.11 -16.92 -6.06
C VAL A 95 -7.98 -16.96 -4.80
N GLY A 96 -8.75 -18.04 -4.64
CA GLY A 96 -9.62 -18.18 -3.47
C GLY A 96 -8.91 -17.84 -2.16
N GLU A 97 -7.64 -18.20 -2.06
CA GLU A 97 -6.84 -17.92 -0.86
C GLU A 97 -6.34 -16.47 -0.89
N LEU A 98 -5.78 -16.05 -2.03
CA LEU A 98 -5.27 -14.69 -2.20
C LEU A 98 -6.37 -13.66 -1.92
N ARG A 99 -7.58 -13.93 -2.44
CA ARG A 99 -8.72 -13.04 -2.24
C ARG A 99 -9.24 -13.13 -0.80
N TYR A 100 -9.18 -14.33 -0.22
CA TYR A 100 -9.65 -14.54 1.17
C TYR A 100 -8.93 -13.58 2.13
N VAL A 101 -7.64 -13.36 1.88
CA VAL A 101 -6.84 -12.46 2.73
C VAL A 101 -7.11 -10.99 2.39
N LEU A 102 -7.09 -10.67 1.09
CA LEU A 102 -7.31 -9.31 0.61
C LEU A 102 -8.73 -8.81 0.90
N THR A 103 -9.74 -9.64 0.61
CA THR A 103 -11.13 -9.26 0.84
C THR A 103 -11.38 -8.87 2.30
N SER A 104 -10.68 -9.53 3.23
CA SER A 104 -10.81 -9.24 4.65
C SER A 104 -10.16 -7.91 5.03
N LEU A 105 -9.27 -7.40 4.17
CA LEU A 105 -8.58 -6.13 4.43
C LEU A 105 -9.56 -4.95 4.35
N GLY A 106 -10.06 -4.67 3.14
CA GLY A 106 -10.99 -3.56 2.97
C GLY A 106 -11.83 -3.71 1.71
N GLU A 107 -12.54 -4.84 1.61
CA GLU A 107 -13.40 -5.13 0.46
C GLU A 107 -12.60 -5.13 -0.84
N LYS A 108 -11.44 -5.78 -0.82
CA LYS A 108 -10.56 -5.89 -1.99
C LYS A 108 -11.22 -6.78 -3.07
N LEU A 109 -10.45 -7.67 -3.71
CA LEU A 109 -10.99 -8.55 -4.74
C LEU A 109 -11.92 -9.60 -4.10
N SER A 110 -13.14 -9.18 -3.79
CA SER A 110 -14.14 -10.06 -3.17
C SER A 110 -14.55 -11.21 -4.11
N ASN A 111 -15.51 -12.02 -3.65
CA ASN A 111 -16.00 -13.16 -4.43
C ASN A 111 -16.43 -12.75 -5.83
N GLU A 112 -16.94 -11.52 -5.98
CA GLU A 112 -17.39 -11.01 -7.28
C GLU A 112 -16.25 -10.97 -8.30
N GLU A 113 -15.15 -10.29 -7.93
CA GLU A 113 -13.99 -10.17 -8.82
C GLU A 113 -13.46 -11.55 -9.22
N MET A 114 -13.21 -12.40 -8.22
CA MET A 114 -12.71 -13.75 -8.48
C MET A 114 -13.76 -14.60 -9.20
N ASP A 115 -15.05 -14.29 -9.00
CA ASP A 115 -16.13 -15.04 -9.65
C ASP A 115 -15.98 -14.99 -11.16
N GLU A 116 -15.78 -13.78 -11.70
CA GLU A 116 -15.61 -13.57 -13.14
C GLU A 116 -14.31 -14.22 -13.61
N LEU A 117 -13.24 -14.04 -12.84
CA LEU A 117 -11.93 -14.61 -13.17
C LEU A 117 -11.99 -16.13 -13.23
N LEU A 118 -12.66 -16.74 -12.25
CA LEU A 118 -12.80 -18.19 -12.19
C LEU A 118 -13.74 -18.71 -13.28
N LYS A 119 -14.74 -17.90 -13.65
CA LYS A 119 -15.69 -18.27 -14.70
C LYS A 119 -14.98 -18.48 -16.03
N GLY A 120 -14.01 -17.59 -16.33
CA GLY A 120 -13.26 -17.69 -17.57
C GLY A 120 -12.24 -18.83 -17.56
N VAL A 121 -11.47 -18.93 -16.46
CA VAL A 121 -10.46 -19.97 -16.34
C VAL A 121 -11.06 -21.27 -15.80
N PRO A 122 -10.98 -22.36 -16.58
CA PRO A 122 -11.52 -23.67 -16.17
C PRO A 122 -10.63 -24.37 -15.14
N VAL A 123 -10.49 -23.75 -13.96
CA VAL A 123 -9.68 -24.30 -12.87
C VAL A 123 -10.45 -24.32 -11.55
N LYS A 124 -9.77 -24.73 -10.48
CA LYS A 124 -10.39 -24.78 -9.15
C LYS A 124 -9.66 -23.85 -8.18
N ASP A 125 -10.43 -22.98 -7.52
CA ASP A 125 -9.88 -22.00 -6.57
C ASP A 125 -9.12 -20.88 -7.28
N GLY A 126 -9.18 -20.85 -8.62
CA GLY A 126 -8.49 -19.81 -9.37
C GLY A 126 -6.98 -19.99 -9.38
N MET A 127 -6.52 -21.18 -9.79
CA MET A 127 -5.09 -21.46 -9.85
C MET A 127 -4.59 -21.42 -11.29
N VAL A 128 -3.68 -20.48 -11.55
CA VAL A 128 -3.11 -20.31 -12.88
C VAL A 128 -1.61 -19.94 -12.79
N ASN A 129 -0.95 -20.42 -11.72
CA ASN A 129 0.47 -20.14 -11.51
C ASN A 129 0.75 -18.64 -11.35
N TYR A 130 -0.29 -17.85 -11.04
CA TYR A 130 -0.13 -16.40 -10.89
C TYR A 130 0.46 -15.79 -12.16
N HIS A 131 0.72 -14.48 -12.14
CA HIS A 131 1.30 -13.78 -13.30
C HIS A 131 0.26 -13.56 -14.40
N ASP A 132 -0.43 -14.63 -14.82
CA ASP A 132 -1.45 -14.56 -15.87
C ASP A 132 -2.49 -13.48 -15.55
N PHE A 133 -2.98 -13.46 -14.30
CA PHE A 133 -3.97 -12.48 -13.87
C PHE A 133 -3.36 -11.09 -13.81
N VAL A 134 -2.19 -10.99 -13.16
CA VAL A 134 -1.48 -9.72 -13.02
C VAL A 134 -1.06 -9.16 -14.38
N GLN A 135 -0.78 -10.06 -15.34
CA GLN A 135 -0.36 -9.67 -16.68
C GLN A 135 -1.49 -8.95 -17.42
N MET A 136 -2.68 -9.57 -17.42
CA MET A 136 -3.84 -9.00 -18.09
C MET A 136 -4.24 -7.67 -17.44
N ILE A 137 -4.06 -7.58 -16.11
CA ILE A 137 -4.38 -6.36 -15.37
C ILE A 137 -3.46 -5.21 -15.78
N LEU A 138 -2.19 -5.53 -16.08
CA LEU A 138 -1.22 -4.52 -16.49
C LEU A 138 -1.22 -4.30 -18.01
N ALA A 139 -2.28 -4.75 -18.69
CA ALA A 139 -2.40 -4.59 -20.14
C ALA A 139 -3.86 -4.63 -20.58
N ASN A 140 -4.47 -3.46 -20.72
CA ASN A 140 -5.86 -3.35 -21.13
C ASN A 140 -6.01 -2.52 -22.41
N SER A 1 -4.98 16.09 10.00
CA SER A 1 -3.90 16.61 9.13
C SER A 1 -3.29 17.89 9.69
N THR A 2 -2.06 18.20 9.28
CA THR A 2 -1.35 19.40 9.74
C THR A 2 -0.70 20.13 8.55
N ASP A 3 -1.48 20.34 7.49
CA ASP A 3 -0.98 21.01 6.29
C ASP A 3 0.16 20.20 5.67
N ASP A 4 -0.11 18.91 5.45
CA ASP A 4 0.88 18.01 4.87
C ASP A 4 1.40 18.51 3.53
N SER A 5 2.69 18.86 3.49
CA SER A 5 3.31 19.35 2.26
C SER A 5 3.34 18.27 1.17
N PRO A 6 3.74 17.02 1.50
CA PRO A 6 3.81 15.93 0.54
C PRO A 6 2.45 15.28 0.25
N TYR A 7 1.45 15.52 1.09
CA TYR A 7 0.12 14.92 0.90
C TYR A 7 -0.93 15.97 0.49
N LYS A 8 -1.13 16.96 1.35
CA LYS A 8 -2.11 18.03 1.10
C LYS A 8 -1.62 18.99 0.00
N GLN A 9 -0.49 19.64 0.26
CA GLN A 9 0.09 20.59 -0.70
C GLN A 9 0.39 19.90 -2.03
N ALA A 10 1.04 18.73 -1.95
CA ALA A 10 1.37 17.95 -3.14
C ALA A 10 0.11 17.59 -3.93
N PHE A 11 -0.96 17.24 -3.22
CA PHE A 11 -2.23 16.89 -3.85
C PHE A 11 -2.70 18.02 -4.77
N SER A 12 -2.60 19.25 -4.26
CA SER A 12 -3.00 20.44 -5.02
C SER A 12 -2.14 20.60 -6.27
N LEU A 13 -0.85 20.26 -6.18
CA LEU A 13 0.07 20.36 -7.30
C LEU A 13 -0.37 19.50 -8.48
N PHE A 14 -0.99 18.34 -8.18
CA PHE A 14 -1.46 17.43 -9.22
C PHE A 14 -2.91 17.72 -9.62
N ASP A 15 -3.39 18.93 -9.33
CA ASP A 15 -4.75 19.33 -9.68
C ASP A 15 -4.75 20.27 -10.88
N ARG A 16 -4.82 19.68 -12.08
CA ARG A 16 -4.81 20.46 -13.33
C ARG A 16 -6.05 21.33 -13.47
N HIS A 17 -7.17 20.89 -12.89
CA HIS A 17 -8.43 21.64 -12.96
C HIS A 17 -8.51 22.69 -11.86
N GLY A 18 -7.86 22.44 -10.73
CA GLY A 18 -7.89 23.38 -9.61
C GLY A 18 -9.24 23.40 -8.91
N THR A 19 -9.92 22.25 -8.91
CA THR A 19 -11.23 22.12 -8.28
C THR A 19 -11.13 21.46 -6.91
N GLY A 20 -10.13 20.59 -6.74
CA GLY A 20 -9.94 19.89 -5.47
C GLY A 20 -9.99 18.37 -5.62
N ARG A 21 -10.26 17.88 -6.84
CA ARG A 21 -10.32 16.44 -7.10
C ARG A 21 -9.28 16.03 -8.14
N ILE A 22 -8.92 14.75 -8.13
CA ILE A 22 -7.93 14.22 -9.07
C ILE A 22 -8.34 12.86 -9.64
N PRO A 23 -8.11 12.65 -10.95
CA PRO A 23 -8.44 11.38 -11.62
C PRO A 23 -7.33 10.33 -11.50
N LYS A 24 -7.65 9.09 -11.91
CA LYS A 24 -6.69 7.98 -11.86
C LYS A 24 -5.30 8.38 -12.38
N THR A 25 -5.26 9.18 -13.44
CA THR A 25 -3.99 9.63 -14.02
C THR A 25 -3.15 10.41 -13.00
N SER A 26 -3.81 11.29 -12.24
CA SER A 26 -3.14 12.09 -11.23
C SER A 26 -2.68 11.23 -10.06
N ILE A 27 -3.60 10.43 -9.50
CA ILE A 27 -3.27 9.55 -8.36
C ILE A 27 -2.08 8.64 -8.69
N GLY A 28 -1.99 8.17 -9.94
CA GLY A 28 -0.90 7.30 -10.34
C GLY A 28 0.47 7.87 -9.99
N ASP A 29 0.88 8.91 -10.71
CA ASP A 29 2.18 9.56 -10.47
C ASP A 29 2.23 10.21 -9.08
N LEU A 30 1.06 10.62 -8.56
CA LEU A 30 0.98 11.23 -7.23
C LEU A 30 1.43 10.24 -6.15
N LEU A 31 0.87 9.03 -6.19
CA LEU A 31 1.21 7.98 -5.23
C LEU A 31 2.69 7.60 -5.33
N ARG A 32 3.27 7.74 -6.54
CA ARG A 32 4.67 7.42 -6.78
C ARG A 32 5.58 8.20 -5.81
N ALA A 33 5.22 9.46 -5.54
CA ALA A 33 6.00 10.31 -4.64
C ALA A 33 6.00 9.76 -3.21
N CYS A 34 4.94 9.04 -2.84
CA CYS A 34 4.82 8.45 -1.51
C CYS A 34 4.84 6.92 -1.58
N GLY A 35 5.69 6.39 -2.45
CA GLY A 35 5.78 4.95 -2.62
C GLY A 35 6.14 4.54 -4.03
N GLN A 36 5.16 3.99 -4.75
CA GLN A 36 5.37 3.53 -6.13
C GLN A 36 4.27 4.02 -7.06
N ASN A 37 4.44 3.75 -8.36
CA ASN A 37 3.47 4.14 -9.37
C ASN A 37 2.92 2.90 -10.09
N PRO A 38 1.66 2.53 -9.80
CA PRO A 38 1.02 1.35 -10.40
C PRO A 38 0.41 1.65 -11.78
N THR A 39 -0.47 0.76 -12.24
CA THR A 39 -1.14 0.92 -13.53
C THR A 39 -2.49 1.64 -13.38
N LEU A 40 -3.04 2.08 -14.52
CA LEU A 40 -4.33 2.77 -14.52
C LEU A 40 -5.41 1.91 -13.88
N ALA A 41 -5.32 0.58 -14.06
CA ALA A 41 -6.28 -0.35 -13.48
C ALA A 41 -6.29 -0.22 -11.95
N GLU A 42 -5.09 -0.02 -11.37
CA GLU A 42 -4.95 0.13 -9.92
C GLU A 42 -5.70 1.38 -9.43
N ILE A 43 -5.36 2.54 -10.00
CA ILE A 43 -6.01 3.81 -9.61
C ILE A 43 -7.52 3.73 -9.84
N THR A 44 -7.92 3.24 -11.01
CA THR A 44 -9.35 3.09 -11.33
C THR A 44 -10.04 2.19 -10.32
N GLU A 45 -9.34 1.11 -9.91
CA GLU A 45 -9.88 0.17 -8.92
C GLU A 45 -10.20 0.89 -7.61
N ILE A 46 -9.31 1.82 -7.22
CA ILE A 46 -9.51 2.61 -6.00
C ILE A 46 -10.78 3.45 -6.14
N GLU A 47 -10.89 4.16 -7.26
CA GLU A 47 -12.06 4.99 -7.55
C GLU A 47 -13.36 4.16 -7.52
N SER A 48 -13.24 2.85 -7.75
CA SER A 48 -14.40 1.94 -7.76
C SER A 48 -15.09 1.85 -6.37
N THR A 49 -14.47 2.44 -5.34
CA THR A 49 -15.04 2.41 -3.99
C THR A 49 -15.37 3.81 -3.49
N LEU A 50 -14.44 4.76 -3.68
CA LEU A 50 -14.67 6.15 -3.26
C LEU A 50 -15.33 6.94 -4.41
N PRO A 51 -15.99 8.07 -4.09
CA PRO A 51 -16.66 8.92 -5.09
C PRO A 51 -15.85 9.06 -6.38
N ALA A 52 -16.57 9.17 -7.51
CA ALA A 52 -15.96 9.30 -8.85
C ALA A 52 -14.62 10.04 -8.81
N GLU A 53 -14.65 11.29 -8.35
CA GLU A 53 -13.44 12.10 -8.26
C GLU A 53 -12.79 11.94 -6.88
N VAL A 54 -11.49 11.61 -6.89
CA VAL A 54 -10.75 11.42 -5.64
C VAL A 54 -10.19 12.74 -5.13
N ASP A 55 -11.00 13.47 -4.36
CA ASP A 55 -10.57 14.75 -3.79
C ASP A 55 -9.81 14.52 -2.48
N MET A 56 -9.35 15.62 -1.88
CA MET A 56 -8.60 15.55 -0.61
C MET A 56 -9.22 14.54 0.36
N GLU A 57 -10.54 14.61 0.54
CA GLU A 57 -11.25 13.71 1.43
C GLU A 57 -11.24 12.26 0.93
N GLN A 58 -11.60 12.07 -0.34
CA GLN A 58 -11.63 10.74 -0.94
C GLN A 58 -10.27 10.04 -0.84
N PHE A 59 -9.23 10.73 -1.27
CA PHE A 59 -7.87 10.17 -1.23
C PHE A 59 -7.44 9.88 0.21
N LEU A 60 -7.64 10.85 1.10
CA LEU A 60 -7.28 10.68 2.51
C LEU A 60 -8.07 9.54 3.16
N GLN A 61 -9.32 9.35 2.72
CA GLN A 61 -10.17 8.28 3.26
C GLN A 61 -9.56 6.90 3.01
N VAL A 62 -9.22 6.62 1.76
CA VAL A 62 -8.62 5.32 1.40
C VAL A 62 -7.26 5.15 2.08
N LEU A 63 -6.45 6.22 2.07
CA LEU A 63 -5.13 6.19 2.68
C LEU A 63 -5.22 5.91 4.19
N ASN A 64 -6.13 6.62 4.86
CA ASN A 64 -6.32 6.45 6.30
C ASN A 64 -7.51 5.52 6.58
N ARG A 65 -7.53 4.37 5.90
CA ARG A 65 -8.60 3.38 6.07
C ARG A 65 -8.68 2.90 7.52
N PRO A 66 -7.55 2.43 8.09
CA PRO A 66 -7.51 1.92 9.47
C PRO A 66 -7.29 3.04 10.51
N ASN A 67 -7.56 4.29 10.12
CA ASN A 67 -7.40 5.45 11.01
C ASN A 67 -5.94 5.59 11.47
N GLY A 68 -5.10 6.14 10.59
CA GLY A 68 -3.70 6.33 10.92
C GLY A 68 -2.79 6.27 9.70
N PHE A 69 -1.51 6.59 9.90
CA PHE A 69 -0.53 6.57 8.81
C PHE A 69 0.34 5.31 8.89
N ASP A 70 0.78 4.95 10.10
CA ASP A 70 1.61 3.76 10.31
C ASP A 70 0.72 2.54 10.59
N MET A 71 0.05 2.07 9.54
CA MET A 71 -0.86 0.92 9.63
C MET A 71 -1.43 0.54 8.27
N PRO A 72 -2.06 1.50 7.53
CA PRO A 72 -2.64 1.24 6.21
C PRO A 72 -1.74 0.39 5.31
N GLY A 73 -0.48 0.81 5.17
CA GLY A 73 0.46 0.07 4.34
C GLY A 73 1.70 0.87 3.99
N ASP A 74 2.43 1.31 5.02
CA ASP A 74 3.64 2.09 4.83
C ASP A 74 4.83 1.18 4.50
N PRO A 75 5.70 1.61 3.56
CA PRO A 75 6.89 0.84 3.16
C PRO A 75 7.82 0.53 4.34
N GLU A 76 8.07 1.55 5.17
CA GLU A 76 8.94 1.39 6.34
C GLU A 76 8.22 0.63 7.46
N GLU A 77 6.88 0.68 7.46
CA GLU A 77 6.08 -0.01 8.47
C GLU A 77 6.19 -1.53 8.32
N PHE A 78 6.05 -2.02 7.08
CA PHE A 78 6.14 -3.45 6.80
C PHE A 78 7.58 -3.94 6.86
N VAL A 79 8.53 -3.10 6.43
CA VAL A 79 9.95 -3.47 6.43
C VAL A 79 10.48 -3.62 7.86
N LYS A 80 10.34 -2.56 8.66
CA LYS A 80 10.80 -2.57 10.05
C LYS A 80 10.04 -3.59 10.90
N GLY A 81 8.74 -3.76 10.60
CA GLY A 81 7.92 -4.72 11.34
C GLY A 81 8.37 -6.16 11.14
N PHE A 82 8.60 -6.54 9.89
CA PHE A 82 9.04 -7.90 9.57
C PHE A 82 10.53 -8.08 9.89
N GLN A 83 11.34 -7.05 9.64
CA GLN A 83 12.78 -7.12 9.88
C GLN A 83 13.09 -7.03 11.38
N VAL A 84 12.86 -8.13 12.09
CA VAL A 84 13.12 -8.18 13.53
C VAL A 84 14.00 -9.38 13.89
N PHE A 85 13.46 -10.60 13.72
CA PHE A 85 14.20 -11.82 14.03
C PHE A 85 14.60 -12.59 12.76
N ASP A 86 14.99 -11.84 11.72
CA ASP A 86 15.40 -12.46 10.46
C ASP A 86 16.75 -11.87 9.99
N LYS A 87 17.81 -12.25 10.69
CA LYS A 87 19.16 -11.78 10.36
C LYS A 87 19.56 -12.14 8.92
N ASP A 88 19.05 -13.27 8.43
CA ASP A 88 19.34 -13.71 7.07
C ASP A 88 18.09 -13.67 6.19
N ALA A 89 17.02 -14.33 6.64
CA ALA A 89 15.75 -14.37 5.91
C ALA A 89 15.92 -15.02 4.54
N THR A 90 16.19 -16.33 4.55
CA THR A 90 16.38 -17.09 3.30
C THR A 90 15.14 -17.91 2.95
N GLY A 91 14.51 -18.52 3.96
CA GLY A 91 13.32 -19.32 3.73
C GLY A 91 12.59 -19.65 5.02
N MET A 92 12.11 -18.61 5.71
CA MET A 92 11.39 -18.76 6.97
C MET A 92 10.88 -17.43 7.47
N ILE A 93 9.65 -17.41 8.01
CA ILE A 93 9.06 -16.18 8.52
C ILE A 93 9.05 -16.16 10.05
N GLY A 94 8.68 -17.29 10.67
CA GLY A 94 8.64 -17.36 12.13
C GLY A 94 7.63 -16.40 12.72
N VAL A 95 6.35 -16.81 12.71
CA VAL A 95 5.26 -15.98 13.24
C VAL A 95 5.63 -15.29 14.56
N GLY A 96 6.46 -15.95 15.38
CA GLY A 96 6.87 -15.36 16.65
C GLY A 96 7.35 -13.93 16.51
N GLU A 97 8.08 -13.64 15.42
CA GLU A 97 8.59 -12.29 15.17
C GLU A 97 7.47 -11.36 14.65
N LEU A 98 6.67 -11.87 13.70
CA LEU A 98 5.58 -11.08 13.12
C LEU A 98 4.51 -10.75 14.18
N ARG A 99 4.26 -11.71 15.08
CA ARG A 99 3.27 -11.52 16.15
C ARG A 99 3.74 -10.48 17.16
N TYR A 100 4.99 -10.61 17.62
CA TYR A 100 5.57 -9.68 18.58
C TYR A 100 5.47 -8.23 18.08
N VAL A 101 5.75 -8.04 16.79
CA VAL A 101 5.71 -6.71 16.17
C VAL A 101 4.28 -6.16 16.11
N LEU A 102 3.36 -6.98 15.59
CA LEU A 102 1.95 -6.58 15.46
C LEU A 102 1.30 -6.37 16.82
N THR A 103 1.44 -7.35 17.72
CA THR A 103 0.84 -7.26 19.05
C THR A 103 1.31 -6.01 19.81
N SER A 104 2.55 -5.58 19.53
CA SER A 104 3.13 -4.40 20.18
C SER A 104 2.40 -3.11 19.76
N LEU A 105 1.77 -3.12 18.58
CA LEU A 105 1.04 -1.96 18.07
C LEU A 105 -0.17 -1.65 18.96
N GLY A 106 -1.16 -2.53 18.94
CA GLY A 106 -2.36 -2.32 19.75
C GLY A 106 -3.16 -3.59 19.92
N GLU A 107 -2.51 -4.64 20.45
CA GLU A 107 -3.16 -5.94 20.68
C GLU A 107 -3.63 -6.55 19.36
N LYS A 108 -2.77 -6.51 18.35
CA LYS A 108 -3.06 -7.07 17.03
C LYS A 108 -3.12 -8.61 17.12
N LEU A 109 -2.55 -9.32 16.14
CA LEU A 109 -2.57 -10.78 16.13
C LEU A 109 -1.67 -11.32 17.25
N SER A 110 -2.19 -11.31 18.49
CA SER A 110 -1.45 -11.79 19.66
C SER A 110 -1.23 -13.30 19.63
N ASN A 111 -0.73 -13.84 20.75
CA ASN A 111 -0.46 -15.27 20.88
C ASN A 111 -1.68 -16.13 20.52
N GLU A 112 -2.88 -15.64 20.80
CA GLU A 112 -4.12 -16.37 20.51
C GLU A 112 -4.29 -16.59 19.00
N GLU A 113 -4.20 -15.51 18.23
CA GLU A 113 -4.35 -15.59 16.78
C GLU A 113 -3.32 -16.56 16.18
N MET A 114 -2.05 -16.37 16.53
CA MET A 114 -0.98 -17.23 16.04
C MET A 114 -1.12 -18.65 16.59
N ASP A 115 -1.75 -18.79 17.78
CA ASP A 115 -1.95 -20.10 18.40
C ASP A 115 -2.75 -21.01 17.46
N GLU A 116 -3.84 -20.45 16.90
CA GLU A 116 -4.70 -21.19 15.98
C GLU A 116 -3.94 -21.49 14.69
N LEU A 117 -3.22 -20.48 14.17
CA LEU A 117 -2.45 -20.63 12.94
C LEU A 117 -1.38 -21.72 13.11
N LEU A 118 -0.73 -21.73 14.28
CA LEU A 118 0.30 -22.72 14.59
C LEU A 118 -0.30 -24.11 14.76
N LYS A 119 -1.55 -24.16 15.24
CA LYS A 119 -2.25 -25.43 15.44
C LYS A 119 -2.44 -26.15 14.10
N GLY A 120 -2.77 -25.38 13.06
CA GLY A 120 -2.97 -25.94 11.74
C GLY A 120 -1.67 -26.38 11.08
N VAL A 121 -0.64 -25.53 11.15
CA VAL A 121 0.66 -25.83 10.56
C VAL A 121 1.57 -26.53 11.57
N PRO A 122 1.96 -27.79 11.30
CA PRO A 122 2.84 -28.56 12.19
C PRO A 122 4.29 -28.08 12.15
N VAL A 123 4.51 -26.84 12.59
CA VAL A 123 5.84 -26.25 12.61
C VAL A 123 6.15 -25.63 13.99
N LYS A 124 7.31 -24.97 14.10
CA LYS A 124 7.72 -24.35 15.35
C LYS A 124 7.88 -22.84 15.16
N ASP A 125 7.17 -22.08 15.99
CA ASP A 125 7.20 -20.61 15.94
C ASP A 125 6.36 -20.06 14.77
N GLY A 126 5.78 -20.96 13.95
CA GLY A 126 4.95 -20.53 12.83
C GLY A 126 5.78 -20.15 11.61
N MET A 127 6.70 -21.03 11.21
CA MET A 127 7.55 -20.77 10.06
C MET A 127 7.09 -21.58 8.85
N VAL A 128 6.73 -20.87 7.79
CA VAL A 128 6.26 -21.49 6.55
C VAL A 128 6.79 -20.74 5.31
N ASN A 129 7.96 -20.10 5.47
CA ASN A 129 8.59 -19.35 4.39
C ASN A 129 7.69 -18.21 3.87
N TYR A 130 6.77 -17.74 4.72
CA TYR A 130 5.85 -16.66 4.34
C TYR A 130 5.24 -16.90 2.96
N HIS A 131 4.73 -18.11 2.73
CA HIS A 131 4.13 -18.47 1.46
C HIS A 131 2.69 -18.95 1.62
N ASP A 132 2.50 -19.94 2.50
CA ASP A 132 1.16 -20.50 2.76
C ASP A 132 0.19 -19.44 3.26
N PHE A 133 0.69 -18.48 4.06
CA PHE A 133 -0.14 -17.41 4.60
C PHE A 133 -0.60 -16.47 3.50
N VAL A 134 0.35 -15.93 2.75
CA VAL A 134 0.07 -15.02 1.63
C VAL A 134 -0.75 -15.72 0.55
N GLN A 135 -0.49 -17.03 0.36
CA GLN A 135 -1.20 -17.83 -0.65
C GLN A 135 -2.70 -17.87 -0.35
N MET A 136 -3.06 -18.23 0.88
CA MET A 136 -4.46 -18.29 1.29
C MET A 136 -5.11 -16.91 1.27
N ILE A 137 -4.33 -15.88 1.59
CA ILE A 137 -4.81 -14.50 1.61
C ILE A 137 -5.24 -14.06 0.20
N LEU A 138 -4.40 -14.35 -0.79
CA LEU A 138 -4.69 -13.99 -2.18
C LEU A 138 -5.31 -15.18 -2.93
N ALA A 139 -6.46 -15.63 -2.43
CA ALA A 139 -7.18 -16.76 -3.04
C ALA A 139 -8.67 -16.70 -2.72
N ASN A 140 -9.30 -15.56 -3.04
CA ASN A 140 -10.72 -15.37 -2.78
C ASN A 140 -11.42 -14.79 -4.02
N SER A 1 -5.14 24.84 7.94
CA SER A 1 -5.06 24.39 6.51
C SER A 1 -3.66 24.63 5.93
N THR A 2 -3.35 23.91 4.85
CA THR A 2 -2.05 24.03 4.18
C THR A 2 -0.91 23.68 5.14
N ASP A 3 -0.88 22.42 5.59
CA ASP A 3 0.14 21.95 6.51
C ASP A 3 0.96 20.81 5.90
N ASP A 4 0.26 19.81 5.37
CA ASP A 4 0.92 18.65 4.76
C ASP A 4 1.46 19.00 3.37
N SER A 5 2.77 19.22 3.29
CA SER A 5 3.42 19.56 2.04
C SER A 5 3.40 18.38 1.05
N PRO A 6 3.77 17.16 1.49
CA PRO A 6 3.79 15.98 0.63
C PRO A 6 2.41 15.35 0.37
N TYR A 7 1.38 15.81 1.09
CA TYR A 7 0.02 15.27 0.92
C TYR A 7 -0.96 16.33 0.46
N LYS A 8 -1.13 17.39 1.27
CA LYS A 8 -2.06 18.46 0.94
C LYS A 8 -1.53 19.33 -0.20
N GLN A 9 -0.33 19.88 -0.03
CA GLN A 9 0.29 20.72 -1.06
C GLN A 9 0.54 19.91 -2.32
N ALA A 10 1.13 18.72 -2.16
CA ALA A 10 1.43 17.83 -3.29
C ALA A 10 0.14 17.47 -4.05
N PHE A 11 -0.94 17.27 -3.30
CA PHE A 11 -2.24 16.93 -3.90
C PHE A 11 -2.69 18.03 -4.88
N SER A 12 -2.58 19.29 -4.42
CA SER A 12 -2.96 20.45 -5.23
C SER A 12 -2.08 20.56 -6.49
N LEU A 13 -0.83 20.11 -6.39
CA LEU A 13 0.10 20.17 -7.53
C LEU A 13 -0.46 19.44 -8.76
N PHE A 14 -1.12 18.31 -8.53
CA PHE A 14 -1.70 17.52 -9.62
C PHE A 14 -3.19 17.82 -9.84
N ASP A 15 -3.59 19.07 -9.56
CA ASP A 15 -4.98 19.48 -9.74
C ASP A 15 -5.15 20.28 -11.03
N ARG A 16 -5.46 19.58 -12.12
CA ARG A 16 -5.65 20.22 -13.43
C ARG A 16 -6.92 21.06 -13.46
N HIS A 17 -7.90 20.71 -12.62
CA HIS A 17 -9.16 21.45 -12.56
C HIS A 17 -9.06 22.65 -11.61
N GLY A 18 -8.30 22.48 -10.52
CA GLY A 18 -8.15 23.55 -9.55
C GLY A 18 -9.34 23.68 -8.62
N THR A 19 -10.06 22.56 -8.43
CA THR A 19 -11.24 22.53 -7.55
C THR A 19 -10.97 21.74 -6.27
N GLY A 20 -9.94 20.88 -6.29
CA GLY A 20 -9.60 20.08 -5.13
C GLY A 20 -9.86 18.59 -5.33
N ARG A 21 -9.95 18.16 -6.60
CA ARG A 21 -10.19 16.76 -6.93
C ARG A 21 -9.17 16.27 -7.96
N ILE A 22 -8.86 14.97 -7.92
CA ILE A 22 -7.89 14.38 -8.85
C ILE A 22 -8.38 13.03 -9.38
N PRO A 23 -8.20 12.77 -10.69
CA PRO A 23 -8.60 11.51 -11.33
C PRO A 23 -7.51 10.44 -11.24
N LYS A 24 -7.86 9.20 -11.64
CA LYS A 24 -6.93 8.07 -11.62
C LYS A 24 -5.54 8.43 -12.17
N THR A 25 -5.51 9.28 -13.19
CA THR A 25 -4.25 9.70 -13.80
C THR A 25 -3.36 10.42 -12.78
N SER A 26 -3.96 11.34 -12.02
CA SER A 26 -3.23 12.11 -11.01
C SER A 26 -2.82 11.24 -9.81
N ILE A 27 -3.75 10.42 -9.30
CA ILE A 27 -3.44 9.55 -8.15
C ILE A 27 -2.27 8.62 -8.44
N GLY A 28 -2.13 8.19 -9.70
CA GLY A 28 -1.03 7.31 -10.07
C GLY A 28 0.33 7.87 -9.72
N ASP A 29 0.72 8.94 -10.41
CA ASP A 29 2.00 9.62 -10.16
C ASP A 29 2.04 10.21 -8.75
N LEU A 30 0.88 10.61 -8.23
CA LEU A 30 0.80 11.18 -6.88
C LEU A 30 1.25 10.16 -5.85
N LEU A 31 0.69 8.95 -5.92
CA LEU A 31 1.04 7.88 -5.00
C LEU A 31 2.53 7.52 -5.10
N ARG A 32 3.11 7.73 -6.29
CA ARG A 32 4.52 7.44 -6.52
C ARG A 32 5.42 8.18 -5.52
N ALA A 33 5.07 9.44 -5.24
CA ALA A 33 5.82 10.27 -4.29
C ALA A 33 5.77 9.70 -2.86
N CYS A 34 4.70 8.95 -2.55
CA CYS A 34 4.54 8.35 -1.22
C CYS A 34 4.40 6.84 -1.33
N GLY A 35 5.19 6.24 -2.24
CA GLY A 35 5.15 4.81 -2.43
C GLY A 35 5.66 4.38 -3.78
N GLN A 36 4.75 3.90 -4.64
CA GLN A 36 5.11 3.44 -5.98
C GLN A 36 4.16 4.01 -7.05
N ASN A 37 4.44 3.66 -8.31
CA ASN A 37 3.63 4.11 -9.44
C ASN A 37 3.04 2.92 -10.18
N PRO A 38 1.78 2.55 -9.88
CA PRO A 38 1.10 1.42 -10.52
C PRO A 38 0.51 1.78 -11.88
N THR A 39 -0.40 0.94 -12.36
CA THR A 39 -1.06 1.16 -13.66
C THR A 39 -2.43 1.81 -13.47
N LEU A 40 -3.03 2.26 -14.58
CA LEU A 40 -4.34 2.89 -14.55
C LEU A 40 -5.37 1.97 -13.90
N ALA A 41 -5.22 0.66 -14.11
CA ALA A 41 -6.12 -0.33 -13.53
C ALA A 41 -6.16 -0.19 -12.01
N GLU A 42 -4.99 0.04 -11.40
CA GLU A 42 -4.88 0.21 -9.95
C GLU A 42 -5.67 1.43 -9.47
N ILE A 43 -5.38 2.60 -10.05
CA ILE A 43 -6.07 3.85 -9.68
C ILE A 43 -7.58 3.71 -9.92
N THR A 44 -7.95 3.23 -11.11
CA THR A 44 -9.37 3.03 -11.45
C THR A 44 -10.04 2.16 -10.38
N GLU A 45 -9.36 1.09 -9.96
CA GLU A 45 -9.87 0.19 -8.93
C GLU A 45 -10.19 0.96 -7.65
N ILE A 46 -9.34 1.94 -7.32
CA ILE A 46 -9.56 2.78 -6.13
C ILE A 46 -10.86 3.57 -6.28
N GLU A 47 -11.01 4.23 -7.44
CA GLU A 47 -12.20 5.02 -7.73
C GLU A 47 -13.49 4.17 -7.64
N SER A 48 -13.36 2.86 -7.82
CA SER A 48 -14.50 1.95 -7.75
C SER A 48 -15.14 1.91 -6.37
N THR A 49 -14.51 2.55 -5.37
CA THR A 49 -15.05 2.57 -4.00
C THR A 49 -15.36 4.00 -3.56
N LEU A 50 -14.44 4.93 -3.81
CA LEU A 50 -14.65 6.34 -3.45
C LEU A 50 -15.25 7.10 -4.62
N PRO A 51 -15.95 8.22 -4.36
CA PRO A 51 -16.58 9.05 -5.40
C PRO A 51 -15.68 9.24 -6.63
N ALA A 52 -16.33 9.40 -7.80
CA ALA A 52 -15.62 9.60 -9.07
C ALA A 52 -14.33 10.41 -8.91
N GLU A 53 -14.46 11.66 -8.48
CA GLU A 53 -13.31 12.52 -8.28
C GLU A 53 -12.71 12.30 -6.89
N VAL A 54 -11.42 11.92 -6.86
CA VAL A 54 -10.74 11.66 -5.60
C VAL A 54 -10.16 12.95 -5.02
N ASP A 55 -10.96 13.64 -4.22
CA ASP A 55 -10.53 14.89 -3.60
C ASP A 55 -9.74 14.60 -2.32
N MET A 56 -9.25 15.65 -1.67
CA MET A 56 -8.48 15.53 -0.43
C MET A 56 -9.08 14.48 0.51
N GLU A 57 -10.40 14.54 0.69
CA GLU A 57 -11.10 13.59 1.57
C GLU A 57 -11.05 12.16 1.02
N GLN A 58 -11.45 12.00 -0.24
CA GLN A 58 -11.47 10.68 -0.88
C GLN A 58 -10.10 10.01 -0.86
N PHE A 59 -9.07 10.73 -1.30
CA PHE A 59 -7.70 10.21 -1.32
C PHE A 59 -7.22 9.85 0.08
N LEU A 60 -7.40 10.77 1.04
CA LEU A 60 -7.00 10.55 2.43
C LEU A 60 -7.74 9.35 3.04
N GLN A 61 -9.02 9.18 2.65
CA GLN A 61 -9.84 8.08 3.16
C GLN A 61 -9.22 6.71 2.83
N VAL A 62 -8.96 6.48 1.54
CA VAL A 62 -8.34 5.21 1.10
C VAL A 62 -6.94 5.05 1.68
N LEU A 63 -6.20 6.16 1.78
CA LEU A 63 -4.85 6.14 2.33
C LEU A 63 -4.85 5.65 3.78
N ASN A 64 -5.79 6.16 4.58
CA ASN A 64 -5.91 5.77 5.98
C ASN A 64 -6.87 4.59 6.14
N ARG A 65 -6.64 3.53 5.35
CA ARG A 65 -7.49 2.34 5.40
C ARG A 65 -7.46 1.68 6.79
N PRO A 66 -6.25 1.42 7.33
CA PRO A 66 -6.09 0.79 8.65
C PRO A 66 -6.07 1.82 9.80
N ASN A 67 -6.89 2.87 9.68
CA ASN A 67 -6.99 3.94 10.68
C ASN A 67 -5.61 4.31 11.24
N GLY A 68 -4.65 4.54 10.34
CA GLY A 68 -3.30 4.90 10.76
C GLY A 68 -2.51 5.60 9.67
N PHE A 69 -1.31 6.06 10.01
CA PHE A 69 -0.44 6.76 9.06
C PHE A 69 0.63 5.84 8.50
N ASP A 70 1.36 5.14 9.38
CA ASP A 70 2.42 4.23 8.95
C ASP A 70 1.97 2.78 8.95
N MET A 71 0.65 2.55 8.94
CA MET A 71 0.08 1.20 8.93
C MET A 71 -0.23 0.71 7.51
N PRO A 72 -0.85 1.56 6.64
CA PRO A 72 -1.19 1.19 5.26
C PRO A 72 -0.04 0.51 4.52
N GLY A 73 1.13 1.17 4.50
CA GLY A 73 2.28 0.60 3.83
C GLY A 73 3.50 1.51 3.90
N ASP A 74 3.97 1.77 5.11
CA ASP A 74 5.15 2.61 5.33
C ASP A 74 6.44 1.83 5.11
N PRO A 75 7.58 2.53 4.91
CA PRO A 75 8.88 1.90 4.69
C PRO A 75 9.26 0.95 5.83
N GLU A 76 8.94 1.35 7.07
CA GLU A 76 9.23 0.54 8.25
C GLU A 76 8.47 -0.78 8.22
N GLU A 77 7.27 -0.76 7.63
CA GLU A 77 6.43 -1.95 7.52
C GLU A 77 7.07 -2.99 6.60
N PHE A 78 7.56 -2.53 5.45
CA PHE A 78 8.21 -3.42 4.48
C PHE A 78 9.51 -4.01 5.06
N VAL A 79 10.27 -3.17 5.78
CA VAL A 79 11.52 -3.61 6.40
C VAL A 79 11.25 -4.69 7.46
N LYS A 80 10.19 -4.48 8.25
CA LYS A 80 9.82 -5.43 9.30
C LYS A 80 9.47 -6.80 8.73
N GLY A 81 8.76 -6.81 7.58
CA GLY A 81 8.39 -8.06 6.94
C GLY A 81 9.59 -8.86 6.49
N PHE A 82 10.52 -8.20 5.81
CA PHE A 82 11.74 -8.86 5.33
C PHE A 82 12.62 -9.30 6.51
N GLN A 83 12.59 -8.53 7.60
CA GLN A 83 13.38 -8.86 8.80
C GLN A 83 12.93 -10.19 9.40
N VAL A 84 11.64 -10.54 9.21
CA VAL A 84 11.11 -11.80 9.72
C VAL A 84 11.89 -12.98 9.17
N PHE A 85 12.16 -13.95 10.04
CA PHE A 85 12.91 -15.15 9.67
C PHE A 85 14.28 -14.80 9.04
N ASP A 86 14.77 -13.59 9.34
CA ASP A 86 16.06 -13.13 8.80
C ASP A 86 16.90 -12.44 9.88
N LYS A 87 17.23 -13.20 10.93
CA LYS A 87 18.03 -12.66 12.04
C LYS A 87 19.49 -12.42 11.60
N ASP A 88 20.13 -13.46 11.08
CA ASP A 88 21.53 -13.35 10.63
C ASP A 88 21.60 -13.17 9.12
N ALA A 89 21.07 -14.15 8.38
CA ALA A 89 21.06 -14.13 6.91
C ALA A 89 22.47 -14.25 6.33
N THR A 90 23.25 -13.16 6.39
CA THR A 90 24.62 -13.13 5.88
C THR A 90 24.65 -13.22 4.34
N GLY A 91 24.45 -14.44 3.82
CA GLY A 91 24.45 -14.63 2.38
C GLY A 91 23.30 -15.49 1.90
N MET A 92 22.08 -15.11 2.29
CA MET A 92 20.88 -15.86 1.91
C MET A 92 19.62 -15.11 2.36
N ILE A 93 18.62 -15.05 1.46
CA ILE A 93 17.37 -14.37 1.76
C ILE A 93 16.26 -15.37 2.07
N GLY A 94 16.17 -16.44 1.27
CA GLY A 94 15.16 -17.46 1.49
C GLY A 94 13.75 -16.93 1.23
N VAL A 95 13.35 -16.90 -0.05
CA VAL A 95 12.02 -16.41 -0.44
C VAL A 95 10.91 -16.92 0.48
N GLY A 96 11.07 -18.14 1.02
CA GLY A 96 10.08 -18.71 1.93
C GLY A 96 9.70 -17.76 3.06
N GLU A 97 10.67 -16.99 3.56
CA GLU A 97 10.41 -16.04 4.65
C GLU A 97 9.77 -14.76 4.13
N LEU A 98 10.25 -14.28 2.97
CA LEU A 98 9.72 -13.06 2.37
C LEU A 98 8.26 -13.24 1.94
N ARG A 99 7.93 -14.43 1.44
CA ARG A 99 6.57 -14.74 1.00
C ARG A 99 5.65 -15.01 2.19
N TYR A 100 6.19 -15.67 3.22
CA TYR A 100 5.40 -15.98 4.42
C TYR A 100 4.89 -14.70 5.08
N VAL A 101 5.72 -13.66 5.05
CA VAL A 101 5.36 -12.37 5.66
C VAL A 101 4.50 -11.52 4.71
N LEU A 102 4.91 -11.42 3.45
CA LEU A 102 4.20 -10.63 2.45
C LEU A 102 2.86 -11.25 2.05
N THR A 103 2.86 -12.54 1.72
CA THR A 103 1.62 -13.23 1.32
C THR A 103 0.59 -13.21 2.45
N SER A 104 1.06 -13.28 3.70
CA SER A 104 0.18 -13.26 4.86
C SER A 104 -0.43 -11.87 5.08
N LEU A 105 0.20 -10.84 4.52
CA LEU A 105 -0.28 -9.46 4.66
C LEU A 105 -1.63 -9.29 3.98
N GLY A 106 -1.67 -9.47 2.66
CA GLY A 106 -2.91 -9.33 1.91
C GLY A 106 -2.82 -9.93 0.52
N GLU A 107 -2.39 -11.19 0.45
CA GLU A 107 -2.24 -11.90 -0.83
C GLU A 107 -1.23 -11.20 -1.73
N LYS A 108 -0.09 -10.81 -1.13
CA LYS A 108 0.99 -10.16 -1.86
C LYS A 108 1.63 -11.13 -2.86
N LEU A 109 2.97 -11.13 -2.96
CA LEU A 109 3.67 -12.03 -3.88
C LEU A 109 3.53 -13.49 -3.44
N SER A 110 2.37 -14.07 -3.73
CA SER A 110 2.06 -15.46 -3.37
C SER A 110 2.99 -16.46 -4.08
N ASN A 111 2.64 -17.75 -3.99
CA ASN A 111 3.42 -18.82 -4.61
C ASN A 111 3.68 -18.58 -6.11
N GLU A 112 2.75 -17.90 -6.78
CA GLU A 112 2.90 -17.60 -8.21
C GLU A 112 4.16 -16.79 -8.49
N GLU A 113 4.32 -15.68 -7.74
CA GLU A 113 5.50 -14.81 -7.91
C GLU A 113 6.79 -15.60 -7.72
N MET A 114 6.89 -16.30 -6.60
CA MET A 114 8.08 -17.11 -6.30
C MET A 114 8.21 -18.29 -7.27
N ASP A 115 7.08 -18.73 -7.84
CA ASP A 115 7.09 -19.85 -8.80
C ASP A 115 7.99 -19.52 -9.98
N GLU A 116 7.81 -18.31 -10.54
CA GLU A 116 8.61 -17.86 -11.67
C GLU A 116 10.04 -17.54 -11.24
N LEU A 117 10.18 -16.91 -10.07
CA LEU A 117 11.50 -16.55 -9.55
C LEU A 117 12.34 -17.80 -9.24
N LEU A 118 11.71 -18.79 -8.61
CA LEU A 118 12.39 -20.04 -8.25
C LEU A 118 12.65 -20.90 -9.49
N LYS A 119 11.82 -20.75 -10.52
CA LYS A 119 11.99 -21.50 -11.76
C LYS A 119 13.29 -21.09 -12.47
N GLY A 120 13.54 -19.79 -12.53
CA GLY A 120 14.75 -19.28 -13.19
C GLY A 120 16.00 -19.48 -12.35
N VAL A 121 15.89 -19.27 -11.03
CA VAL A 121 17.02 -19.43 -10.13
C VAL A 121 17.20 -20.90 -9.71
N PRO A 122 18.43 -21.44 -9.82
CA PRO A 122 18.72 -22.83 -9.44
C PRO A 122 18.80 -23.01 -7.92
N VAL A 123 17.69 -22.74 -7.23
CA VAL A 123 17.63 -22.87 -5.78
C VAL A 123 16.38 -23.66 -5.37
N LYS A 124 16.32 -24.06 -4.09
CA LYS A 124 15.18 -24.84 -3.59
C LYS A 124 14.58 -24.20 -2.33
N ASP A 125 14.31 -22.90 -2.42
CA ASP A 125 13.73 -22.13 -1.31
C ASP A 125 13.64 -20.65 -1.68
N GLY A 126 14.65 -20.16 -2.40
CA GLY A 126 14.68 -18.77 -2.83
C GLY A 126 15.83 -18.00 -2.20
N MET A 127 16.98 -18.65 -2.03
CA MET A 127 18.15 -18.00 -1.45
C MET A 127 19.17 -17.65 -2.52
N VAL A 128 19.42 -16.35 -2.66
CA VAL A 128 20.37 -15.84 -3.66
C VAL A 128 21.17 -14.65 -3.11
N ASN A 129 21.22 -14.52 -1.78
CA ASN A 129 21.94 -13.44 -1.12
C ASN A 129 21.37 -12.06 -1.48
N TYR A 130 20.09 -12.02 -1.90
CA TYR A 130 19.45 -10.77 -2.29
C TYR A 130 20.26 -10.10 -3.41
N HIS A 131 19.96 -8.82 -3.69
CA HIS A 131 20.66 -8.08 -4.74
C HIS A 131 20.27 -8.56 -6.13
N ASP A 132 20.49 -9.86 -6.41
CA ASP A 132 20.15 -10.45 -7.70
C ASP A 132 18.69 -10.18 -8.06
N PHE A 133 17.80 -10.29 -7.07
CA PHE A 133 16.37 -10.04 -7.28
C PHE A 133 16.13 -8.56 -7.57
N VAL A 134 16.68 -7.71 -6.72
CA VAL A 134 16.55 -6.25 -6.87
C VAL A 134 17.17 -5.77 -8.19
N GLN A 135 18.17 -6.50 -8.68
CA GLN A 135 18.84 -6.15 -9.93
C GLN A 135 17.94 -6.42 -11.13
N MET A 136 17.25 -7.56 -11.11
CA MET A 136 16.33 -7.93 -12.18
C MET A 136 15.05 -7.09 -12.13
N ILE A 137 14.71 -6.59 -10.94
CA ILE A 137 13.51 -5.78 -10.73
C ILE A 137 13.77 -4.32 -11.08
N LEU A 138 14.77 -3.72 -10.44
CA LEU A 138 15.11 -2.30 -10.68
C LEU A 138 16.04 -2.16 -11.88
N ALA A 139 17.16 -2.89 -11.87
CA ALA A 139 18.15 -2.85 -12.94
C ALA A 139 18.96 -1.56 -12.89
N ASN A 140 20.13 -1.64 -12.27
CA ASN A 140 21.02 -0.48 -12.13
C ASN A 140 22.49 -0.89 -12.26
N SER A 1 1.11 17.95 9.08
CA SER A 1 0.13 19.09 9.10
C SER A 1 0.77 20.38 8.58
N THR A 2 0.07 21.51 8.79
CA THR A 2 0.55 22.82 8.36
C THR A 2 0.73 22.89 6.84
N ASP A 3 -0.28 22.40 6.10
CA ASP A 3 -0.24 22.40 4.64
C ASP A 3 0.83 21.44 4.12
N ASP A 4 0.65 20.15 4.44
CA ASP A 4 1.59 19.10 4.04
C ASP A 4 2.06 19.28 2.59
N SER A 5 3.31 19.71 2.44
CA SER A 5 3.90 19.95 1.11
C SER A 5 3.82 18.69 0.23
N PRO A 6 4.17 17.50 0.77
CA PRO A 6 4.14 16.25 0.01
C PRO A 6 2.77 15.57 -0.06
N TYR A 7 1.79 16.06 0.71
CA TYR A 7 0.45 15.45 0.70
C TYR A 7 -0.64 16.43 0.27
N LYS A 8 -0.84 17.48 1.07
CA LYS A 8 -1.86 18.49 0.78
C LYS A 8 -1.46 19.36 -0.41
N GLN A 9 -0.32 20.05 -0.29
CA GLN A 9 0.19 20.91 -1.35
C GLN A 9 0.43 20.11 -2.62
N ALA A 10 1.09 18.95 -2.48
CA ALA A 10 1.39 18.08 -3.61
C ALA A 10 0.11 17.65 -4.32
N PHE A 11 -0.93 17.33 -3.54
CA PHE A 11 -2.21 16.91 -4.10
C PHE A 11 -2.77 18.00 -5.02
N SER A 12 -2.73 19.25 -4.56
CA SER A 12 -3.22 20.40 -5.33
C SER A 12 -2.41 20.59 -6.62
N LEU A 13 -1.13 20.21 -6.61
CA LEU A 13 -0.26 20.35 -7.78
C LEU A 13 -0.81 19.58 -8.99
N PHE A 14 -1.50 18.47 -8.74
CA PHE A 14 -2.06 17.64 -9.82
C PHE A 14 -3.51 18.05 -10.16
N ASP A 15 -3.89 19.28 -9.83
CA ASP A 15 -5.23 19.78 -10.12
C ASP A 15 -5.21 20.68 -11.35
N ARG A 16 -5.52 20.09 -12.51
CA ARG A 16 -5.53 20.83 -13.77
C ARG A 16 -6.48 22.03 -13.73
N HIS A 17 -7.70 21.81 -13.24
CA HIS A 17 -8.70 22.88 -13.16
C HIS A 17 -8.57 23.67 -11.84
N GLY A 18 -8.12 22.99 -10.77
CA GLY A 18 -7.98 23.66 -9.49
C GLY A 18 -9.27 23.67 -8.70
N THR A 19 -10.01 22.56 -8.75
CA THR A 19 -11.28 22.44 -8.04
C THR A 19 -11.09 21.75 -6.68
N GLY A 20 -10.09 20.88 -6.58
CA GLY A 20 -9.82 20.17 -5.34
C GLY A 20 -9.94 18.66 -5.47
N ARG A 21 -10.01 18.15 -6.71
CA ARG A 21 -10.13 16.71 -6.97
C ARG A 21 -9.10 16.26 -7.99
N ILE A 22 -8.85 14.94 -8.05
CA ILE A 22 -7.89 14.38 -8.99
C ILE A 22 -8.35 13.02 -9.51
N PRO A 23 -8.13 12.75 -10.82
CA PRO A 23 -8.52 11.48 -11.46
C PRO A 23 -7.44 10.41 -11.30
N LYS A 24 -7.76 9.18 -11.70
CA LYS A 24 -6.85 8.04 -11.60
C LYS A 24 -5.41 8.39 -12.04
N THR A 25 -5.28 9.19 -13.10
CA THR A 25 -3.96 9.58 -13.60
C THR A 25 -3.17 10.34 -12.53
N SER A 26 -3.83 11.30 -11.87
CA SER A 26 -3.19 12.11 -10.83
C SER A 26 -2.85 11.27 -9.59
N ILE A 27 -3.79 10.42 -9.14
CA ILE A 27 -3.55 9.56 -7.97
C ILE A 27 -2.33 8.65 -8.18
N GLY A 28 -2.14 8.18 -9.42
CA GLY A 28 -1.02 7.31 -9.74
C GLY A 28 0.32 7.90 -9.32
N ASP A 29 0.72 9.00 -9.98
CA ASP A 29 1.98 9.68 -9.65
C ASP A 29 1.98 10.20 -8.21
N LEU A 30 0.78 10.52 -7.70
CA LEU A 30 0.63 11.01 -6.33
C LEU A 30 1.18 9.98 -5.34
N LEU A 31 0.77 8.72 -5.52
CA LEU A 31 1.21 7.61 -4.68
C LEU A 31 2.73 7.43 -4.79
N ARG A 32 3.26 7.65 -5.99
CA ARG A 32 4.70 7.53 -6.25
C ARG A 32 5.50 8.39 -5.28
N ALA A 33 5.02 9.61 -5.01
CA ALA A 33 5.69 10.52 -4.09
C ALA A 33 5.79 9.93 -2.68
N CYS A 34 4.77 9.15 -2.29
CA CYS A 34 4.74 8.53 -0.96
C CYS A 34 5.22 7.07 -1.03
N GLY A 35 6.30 6.83 -1.79
CA GLY A 35 6.84 5.49 -1.92
C GLY A 35 6.80 4.98 -3.35
N GLN A 36 5.73 4.25 -3.68
CA GLN A 36 5.58 3.67 -5.02
C GLN A 36 4.21 3.97 -5.61
N ASN A 37 4.06 3.73 -6.91
CA ASN A 37 2.80 3.96 -7.60
C ASN A 37 2.34 2.73 -8.38
N PRO A 38 1.02 2.46 -8.40
CA PRO A 38 0.45 1.31 -9.11
C PRO A 38 0.13 1.64 -10.58
N THR A 39 -0.71 0.81 -11.19
CA THR A 39 -1.10 1.01 -12.59
C THR A 39 -2.45 1.73 -12.69
N LEU A 40 -2.78 2.20 -13.90
CA LEU A 40 -4.05 2.90 -14.13
C LEU A 40 -5.24 2.06 -13.67
N ALA A 41 -5.15 0.74 -13.87
CA ALA A 41 -6.20 -0.17 -13.45
C ALA A 41 -6.42 -0.09 -11.93
N GLU A 42 -5.30 0.03 -11.20
CA GLU A 42 -5.35 0.12 -9.74
C GLU A 42 -6.06 1.40 -9.29
N ILE A 43 -5.63 2.56 -9.81
CA ILE A 43 -6.26 3.84 -9.45
C ILE A 43 -7.75 3.82 -9.76
N THR A 44 -8.11 3.31 -10.95
CA THR A 44 -9.51 3.20 -11.36
C THR A 44 -10.28 2.32 -10.38
N GLU A 45 -9.66 1.20 -9.98
CA GLU A 45 -10.27 0.27 -9.02
C GLU A 45 -10.62 0.99 -7.72
N ILE A 46 -9.71 1.86 -7.27
CA ILE A 46 -9.92 2.64 -6.05
C ILE A 46 -11.13 3.56 -6.23
N GLU A 47 -11.16 4.27 -7.36
CA GLU A 47 -12.27 5.17 -7.70
C GLU A 47 -13.63 4.43 -7.71
N SER A 48 -13.59 3.11 -7.94
CA SER A 48 -14.80 2.28 -7.98
C SER A 48 -15.54 2.24 -6.63
N THR A 49 -14.90 2.76 -5.57
CA THR A 49 -15.52 2.76 -4.23
C THR A 49 -15.73 4.19 -3.71
N LEU A 50 -14.81 5.09 -4.08
CA LEU A 50 -14.90 6.50 -3.66
C LEU A 50 -15.54 7.34 -4.76
N PRO A 51 -16.14 8.50 -4.41
CA PRO A 51 -16.79 9.40 -5.38
C PRO A 51 -15.98 9.56 -6.66
N ALA A 52 -16.69 9.76 -7.79
CA ALA A 52 -16.06 9.93 -9.10
C ALA A 52 -14.71 10.64 -9.02
N GLU A 53 -14.68 11.79 -8.37
CA GLU A 53 -13.43 12.56 -8.22
C GLU A 53 -12.79 12.28 -6.86
N VAL A 54 -11.51 11.90 -6.87
CA VAL A 54 -10.78 11.61 -5.64
C VAL A 54 -10.15 12.88 -5.07
N ASP A 55 -10.90 13.56 -4.22
CA ASP A 55 -10.40 14.79 -3.59
C ASP A 55 -9.59 14.46 -2.35
N MET A 56 -9.05 15.49 -1.70
CA MET A 56 -8.25 15.32 -0.48
C MET A 56 -8.82 14.26 0.46
N GLU A 57 -10.15 14.33 0.68
CA GLU A 57 -10.83 13.38 1.56
C GLU A 57 -10.83 11.95 0.99
N GLN A 58 -11.27 11.81 -0.26
CA GLN A 58 -11.33 10.50 -0.92
C GLN A 58 -9.96 9.82 -0.96
N PHE A 59 -8.95 10.54 -1.43
CA PHE A 59 -7.59 9.99 -1.52
C PHE A 59 -7.07 9.58 -0.14
N LEU A 60 -7.19 10.48 0.84
CA LEU A 60 -6.75 10.20 2.21
C LEU A 60 -7.52 9.01 2.81
N GLN A 61 -8.79 8.87 2.41
CA GLN A 61 -9.64 7.79 2.90
C GLN A 61 -9.08 6.42 2.50
N VAL A 62 -8.78 6.26 1.22
CA VAL A 62 -8.23 4.99 0.71
C VAL A 62 -6.79 4.80 1.15
N LEU A 63 -5.98 5.86 1.03
CA LEU A 63 -4.57 5.82 1.40
C LEU A 63 -4.41 5.45 2.88
N ASN A 64 -5.18 6.11 3.75
CA ASN A 64 -5.12 5.83 5.18
C ASN A 64 -6.30 4.96 5.60
N ARG A 65 -6.46 3.83 4.90
CA ARG A 65 -7.54 2.88 5.19
C ARG A 65 -7.45 2.37 6.63
N PRO A 66 -6.28 1.86 7.06
CA PRO A 66 -6.08 1.35 8.42
C PRO A 66 -5.74 2.46 9.43
N ASN A 67 -6.05 3.72 9.09
CA ASN A 67 -5.79 4.87 9.96
C ASN A 67 -4.31 4.96 10.33
N GLY A 68 -3.50 5.48 9.40
CA GLY A 68 -2.08 5.63 9.65
C GLY A 68 -1.22 5.30 8.43
N PHE A 69 0.08 5.54 8.55
CA PHE A 69 1.03 5.28 7.46
C PHE A 69 1.83 4.01 7.73
N ASP A 70 2.53 3.51 6.69
CA ASP A 70 3.34 2.30 6.80
C ASP A 70 2.47 1.12 7.27
N MET A 71 1.55 0.72 6.40
CA MET A 71 0.63 -0.38 6.69
C MET A 71 -0.41 -0.53 5.57
N PRO A 72 -1.11 0.57 5.19
CA PRO A 72 -2.13 0.54 4.13
C PRO A 72 -1.69 -0.24 2.89
N GLY A 73 -0.47 0.03 2.42
CA GLY A 73 0.05 -0.66 1.25
C GLY A 73 1.55 -0.86 1.29
N ASP A 74 2.05 -1.50 2.35
CA ASP A 74 3.48 -1.75 2.50
C ASP A 74 3.94 -2.88 1.59
N PRO A 75 4.90 -2.61 0.67
CA PRO A 75 5.42 -3.61 -0.26
C PRO A 75 6.03 -4.81 0.46
N GLU A 76 6.83 -4.54 1.50
CA GLU A 76 7.48 -5.60 2.27
C GLU A 76 6.45 -6.42 3.06
N GLU A 77 5.36 -5.77 3.50
CA GLU A 77 4.31 -6.45 4.26
C GLU A 77 3.60 -7.49 3.38
N PHE A 78 3.29 -7.10 2.14
CA PHE A 78 2.61 -8.00 1.22
C PHE A 78 3.54 -9.12 0.73
N VAL A 79 4.77 -8.74 0.33
CA VAL A 79 5.75 -9.71 -0.14
C VAL A 79 6.15 -10.69 0.97
N LYS A 80 6.81 -10.15 2.01
CA LYS A 80 7.26 -10.96 3.15
C LYS A 80 6.08 -11.65 3.86
N GLY A 81 4.87 -11.10 3.71
CA GLY A 81 3.69 -11.68 4.33
C GLY A 81 3.32 -13.03 3.73
N PHE A 82 3.20 -13.08 2.41
CA PHE A 82 2.85 -14.32 1.72
C PHE A 82 4.05 -15.26 1.67
N GLN A 83 5.23 -14.72 1.38
CA GLN A 83 6.46 -15.53 1.31
C GLN A 83 7.04 -15.84 2.70
N VAL A 84 6.33 -15.43 3.76
CA VAL A 84 6.78 -15.66 5.14
C VAL A 84 7.21 -17.12 5.36
N PHE A 85 6.39 -18.07 4.88
CA PHE A 85 6.70 -19.48 5.02
C PHE A 85 6.14 -20.28 3.85
N ASP A 86 6.37 -19.78 2.63
CA ASP A 86 5.90 -20.43 1.41
C ASP A 86 7.05 -20.58 0.40
N LYS A 87 8.03 -21.41 0.76
CA LYS A 87 9.19 -21.66 -0.11
C LYS A 87 8.77 -22.32 -1.42
N ASP A 88 7.78 -23.21 -1.36
CA ASP A 88 7.30 -23.90 -2.55
C ASP A 88 6.31 -23.02 -3.33
N ALA A 89 5.17 -22.72 -2.70
CA ALA A 89 4.14 -21.88 -3.32
C ALA A 89 3.61 -22.50 -4.63
N THR A 90 2.74 -21.75 -5.33
CA THR A 90 2.17 -22.20 -6.60
C THR A 90 1.43 -23.54 -6.45
N GLY A 91 0.89 -23.79 -5.24
CA GLY A 91 0.17 -25.01 -4.98
C GLY A 91 -0.06 -25.29 -3.49
N MET A 92 -0.31 -24.22 -2.74
CA MET A 92 -0.55 -24.30 -1.29
C MET A 92 -0.50 -22.92 -0.65
N ILE A 93 -1.49 -22.61 0.18
CA ILE A 93 -1.56 -21.31 0.85
C ILE A 93 -1.12 -21.42 2.32
N GLY A 94 -1.63 -22.44 3.02
CA GLY A 94 -1.28 -22.63 4.42
C GLY A 94 -1.74 -21.49 5.31
N VAL A 95 -3.03 -21.47 5.63
CA VAL A 95 -3.63 -20.42 6.48
C VAL A 95 -2.77 -20.15 7.73
N GLY A 96 -2.10 -21.17 8.25
CA GLY A 96 -1.26 -20.99 9.44
C GLY A 96 -0.31 -19.81 9.31
N GLU A 97 0.48 -19.79 8.23
CA GLU A 97 1.43 -18.70 8.00
C GLU A 97 0.70 -17.42 7.55
N LEU A 98 -0.33 -17.58 6.72
CA LEU A 98 -1.11 -16.43 6.24
C LEU A 98 -1.77 -15.70 7.40
N ARG A 99 -2.26 -16.47 8.39
CA ARG A 99 -2.92 -15.92 9.56
C ARG A 99 -1.93 -15.13 10.42
N TYR A 100 -0.75 -15.72 10.67
CA TYR A 100 0.28 -15.08 11.47
C TYR A 100 0.64 -13.69 10.92
N VAL A 101 0.63 -13.56 9.59
CA VAL A 101 0.93 -12.30 8.93
C VAL A 101 -0.23 -11.31 9.06
N LEU A 102 -1.44 -11.79 8.77
CA LEU A 102 -2.65 -10.96 8.83
C LEU A 102 -2.98 -10.52 10.26
N THR A 103 -2.71 -11.37 11.26
CA THR A 103 -2.98 -11.03 12.66
C THR A 103 -2.17 -9.80 13.11
N SER A 104 -0.97 -9.65 12.55
CA SER A 104 -0.10 -8.52 12.89
C SER A 104 -0.58 -7.22 12.24
N LEU A 105 -1.44 -7.33 11.22
CA LEU A 105 -1.97 -6.16 10.52
C LEU A 105 -2.90 -5.35 11.43
N GLY A 106 -3.93 -6.00 11.94
CA GLY A 106 -4.89 -5.34 12.82
C GLY A 106 -6.01 -6.26 13.24
N GLU A 107 -5.65 -7.40 13.84
CA GLU A 107 -6.62 -8.39 14.29
C GLU A 107 -7.47 -8.91 13.13
N LYS A 108 -6.81 -9.19 12.00
CA LYS A 108 -7.48 -9.69 10.80
C LYS A 108 -7.99 -11.14 11.04
N LEU A 109 -7.83 -12.02 10.05
CA LEU A 109 -8.27 -13.42 10.18
C LEU A 109 -7.40 -14.15 11.21
N SER A 110 -7.68 -13.91 12.49
CA SER A 110 -6.92 -14.53 13.59
C SER A 110 -7.28 -16.01 13.75
N ASN A 111 -6.70 -16.63 14.78
CA ASN A 111 -6.92 -18.06 15.08
C ASN A 111 -8.41 -18.43 15.08
N GLU A 112 -9.26 -17.53 15.59
CA GLU A 112 -10.70 -17.78 15.65
C GLU A 112 -11.33 -17.82 14.25
N GLU A 113 -11.07 -16.78 13.46
CA GLU A 113 -11.59 -16.69 12.10
C GLU A 113 -11.14 -17.89 11.27
N MET A 114 -9.83 -18.15 11.27
CA MET A 114 -9.27 -19.28 10.53
C MET A 114 -9.74 -20.62 11.11
N ASP A 115 -10.05 -20.66 12.41
CA ASP A 115 -10.53 -21.89 13.05
C ASP A 115 -11.80 -22.38 12.36
N GLU A 116 -12.74 -21.46 12.14
CA GLU A 116 -14.00 -21.77 11.47
C GLU A 116 -13.76 -22.18 10.02
N LEU A 117 -12.86 -21.45 9.34
CA LEU A 117 -12.53 -21.74 7.95
C LEU A 117 -11.95 -23.16 7.81
N LEU A 118 -11.07 -23.53 8.75
CA LEU A 118 -10.46 -24.86 8.74
C LEU A 118 -11.48 -25.94 9.07
N LYS A 119 -12.45 -25.61 9.94
CA LYS A 119 -13.48 -26.56 10.33
C LYS A 119 -14.30 -27.00 9.10
N GLY A 120 -14.60 -26.04 8.21
CA GLY A 120 -15.37 -26.35 7.02
C GLY A 120 -14.58 -27.14 5.99
N VAL A 121 -13.35 -26.70 5.71
CA VAL A 121 -12.50 -27.38 4.73
C VAL A 121 -11.72 -28.53 5.38
N PRO A 122 -11.90 -29.77 4.87
CA PRO A 122 -11.21 -30.95 5.41
C PRO A 122 -9.74 -31.02 4.97
N VAL A 123 -8.95 -30.04 5.40
CA VAL A 123 -7.53 -29.96 5.06
C VAL A 123 -6.68 -29.73 6.32
N LYS A 124 -5.35 -29.65 6.13
CA LYS A 124 -4.43 -29.42 7.23
C LYS A 124 -3.65 -28.12 7.02
N ASP A 125 -3.54 -27.32 8.10
CA ASP A 125 -2.85 -26.04 8.06
C ASP A 125 -3.59 -25.01 7.19
N GLY A 126 -4.84 -25.31 6.82
CA GLY A 126 -5.63 -24.40 6.01
C GLY A 126 -5.09 -24.24 4.59
N MET A 127 -4.80 -25.36 3.93
CA MET A 127 -4.28 -25.33 2.57
C MET A 127 -5.37 -25.75 1.57
N VAL A 128 -5.70 -24.83 0.67
CA VAL A 128 -6.71 -25.08 -0.35
C VAL A 128 -6.31 -24.47 -1.70
N ASN A 129 -4.99 -24.39 -1.95
CA ASN A 129 -4.47 -23.84 -3.20
C ASN A 129 -4.98 -22.40 -3.46
N TYR A 130 -5.41 -21.71 -2.41
CA TYR A 130 -5.92 -20.34 -2.52
C TYR A 130 -6.94 -20.19 -3.66
N HIS A 131 -7.80 -21.20 -3.84
CA HIS A 131 -8.81 -21.15 -4.89
C HIS A 131 -10.23 -21.14 -4.33
N ASP A 132 -10.47 -21.93 -3.27
CA ASP A 132 -11.80 -22.00 -2.65
C ASP A 132 -12.15 -20.71 -1.92
N PHE A 133 -11.15 -20.06 -1.32
CA PHE A 133 -11.36 -18.81 -0.59
C PHE A 133 -11.74 -17.70 -1.55
N VAL A 134 -10.89 -17.49 -2.56
CA VAL A 134 -11.13 -16.46 -3.58
C VAL A 134 -12.40 -16.75 -4.38
N GLN A 135 -12.69 -18.04 -4.62
CA GLN A 135 -13.88 -18.44 -5.38
C GLN A 135 -15.16 -18.00 -4.65
N MET A 136 -15.27 -18.37 -3.37
CA MET A 136 -16.42 -18.02 -2.55
C MET A 136 -16.54 -16.49 -2.40
N ILE A 137 -15.39 -15.82 -2.30
CA ILE A 137 -15.35 -14.38 -2.16
C ILE A 137 -15.83 -13.68 -3.44
N LEU A 138 -15.59 -14.30 -4.59
CA LEU A 138 -16.01 -13.74 -5.88
C LEU A 138 -17.40 -14.26 -6.31
N ALA A 139 -17.97 -15.18 -5.54
CA ALA A 139 -19.28 -15.75 -5.85
C ALA A 139 -20.38 -15.03 -5.08
N ASN A 140 -21.01 -14.04 -5.74
CA ASN A 140 -22.07 -13.26 -5.10
C ASN A 140 -23.16 -12.89 -6.11
N SER A 1 1.27 22.42 2.96
CA SER A 1 0.65 23.74 3.28
C SER A 1 0.16 23.78 4.73
N THR A 2 -0.80 22.91 5.06
CA THR A 2 -1.34 22.85 6.42
C THR A 2 -0.78 21.64 7.15
N ASP A 3 0.54 21.67 7.39
CA ASP A 3 1.24 20.58 8.09
C ASP A 3 1.14 19.26 7.30
N ASP A 4 1.13 19.34 5.97
CA ASP A 4 1.04 18.15 5.13
C ASP A 4 1.57 18.42 3.73
N SER A 5 2.88 18.38 3.60
CA SER A 5 3.55 18.62 2.31
C SER A 5 3.29 17.50 1.30
N PRO A 6 3.40 16.20 1.70
CA PRO A 6 3.21 15.07 0.78
C PRO A 6 1.75 14.71 0.49
N TYR A 7 0.82 15.11 1.36
CA TYR A 7 -0.60 14.79 1.16
C TYR A 7 -1.40 16.01 0.68
N LYS A 8 -1.40 17.06 1.49
CA LYS A 8 -2.14 18.29 1.17
C LYS A 8 -1.46 19.07 0.05
N GLN A 9 -0.24 19.55 0.32
CA GLN A 9 0.51 20.32 -0.67
C GLN A 9 0.71 19.54 -1.97
N ALA A 10 1.17 18.28 -1.83
CA ALA A 10 1.40 17.42 -2.99
C ALA A 10 0.11 17.20 -3.80
N PHE A 11 -1.02 17.06 -3.10
CA PHE A 11 -2.32 16.87 -3.76
C PHE A 11 -2.61 18.03 -4.71
N SER A 12 -2.36 19.26 -4.23
CA SER A 12 -2.59 20.46 -5.04
C SER A 12 -1.70 20.46 -6.29
N LEU A 13 -0.48 19.93 -6.16
CA LEU A 13 0.45 19.85 -7.29
C LEU A 13 -0.11 18.99 -8.42
N PHE A 14 -0.77 17.89 -8.06
CA PHE A 14 -1.35 16.98 -9.04
C PHE A 14 -2.85 17.25 -9.28
N ASP A 15 -3.30 18.47 -8.99
CA ASP A 15 -4.70 18.84 -9.19
C ASP A 15 -5.01 19.00 -10.67
N ARG A 16 -6.10 18.36 -11.12
CA ARG A 16 -6.51 18.43 -12.52
C ARG A 16 -6.62 19.87 -13.00
N HIS A 17 -7.46 20.66 -12.33
CA HIS A 17 -7.66 22.06 -12.69
C HIS A 17 -7.62 22.97 -11.44
N GLY A 18 -6.95 22.50 -10.37
CA GLY A 18 -6.86 23.28 -9.15
C GLY A 18 -8.21 23.47 -8.46
N THR A 19 -9.10 22.49 -8.62
CA THR A 19 -10.44 22.55 -8.02
C THR A 19 -10.47 21.83 -6.67
N GLY A 20 -9.60 20.82 -6.51
CA GLY A 20 -9.55 20.05 -5.27
C GLY A 20 -9.81 18.57 -5.48
N ARG A 21 -9.82 18.11 -6.74
CA ARG A 21 -10.05 16.70 -7.06
C ARG A 21 -9.00 16.17 -8.02
N ILE A 22 -8.85 14.85 -8.08
CA ILE A 22 -7.86 14.22 -8.96
C ILE A 22 -8.35 12.86 -9.48
N PRO A 23 -8.16 12.59 -10.79
CA PRO A 23 -8.57 11.33 -11.42
C PRO A 23 -7.46 10.27 -11.37
N LYS A 24 -7.80 9.03 -11.75
CA LYS A 24 -6.86 7.91 -11.76
C LYS A 24 -5.47 8.30 -12.32
N THR A 25 -5.47 9.11 -13.39
CA THR A 25 -4.23 9.56 -14.01
C THR A 25 -3.35 10.33 -13.03
N SER A 26 -3.97 11.21 -12.23
CA SER A 26 -3.25 12.00 -11.23
C SER A 26 -2.78 11.12 -10.06
N ILE A 27 -3.71 10.37 -9.46
CA ILE A 27 -3.37 9.50 -8.31
C ILE A 27 -2.16 8.61 -8.62
N GLY A 28 -2.06 8.12 -9.86
CA GLY A 28 -0.94 7.27 -10.25
C GLY A 28 0.40 7.91 -9.95
N ASP A 29 0.73 8.96 -10.71
CA ASP A 29 2.00 9.68 -10.52
C ASP A 29 2.06 10.36 -9.15
N LEU A 30 0.89 10.73 -8.61
CA LEU A 30 0.82 11.38 -7.29
C LEU A 30 1.33 10.44 -6.20
N LEU A 31 0.79 9.21 -6.20
CA LEU A 31 1.19 8.20 -5.22
C LEU A 31 2.68 7.86 -5.36
N ARG A 32 3.20 7.97 -6.58
CA ARG A 32 4.62 7.70 -6.86
C ARG A 32 5.52 8.58 -5.97
N ALA A 33 5.09 9.80 -5.70
CA ALA A 33 5.84 10.74 -4.86
C ALA A 33 6.02 10.20 -3.44
N CYS A 34 5.04 9.41 -2.97
CA CYS A 34 5.09 8.84 -1.63
C CYS A 34 5.80 7.49 -1.66
N GLY A 35 5.44 6.65 -2.64
CA GLY A 35 6.05 5.33 -2.77
C GLY A 35 6.33 4.97 -4.21
N GLN A 36 5.33 4.36 -4.87
CA GLN A 36 5.47 3.95 -6.25
C GLN A 36 4.25 4.36 -7.09
N ASN A 37 4.32 4.10 -8.40
CA ASN A 37 3.24 4.42 -9.32
C ASN A 37 2.73 3.13 -9.99
N PRO A 38 1.48 2.72 -9.68
CA PRO A 38 0.90 1.49 -10.24
C PRO A 38 0.32 1.70 -11.65
N THR A 39 -0.53 0.76 -12.06
CA THR A 39 -1.17 0.82 -13.38
C THR A 39 -2.55 1.46 -13.30
N LEU A 40 -3.10 1.85 -14.46
CA LEU A 40 -4.43 2.46 -14.54
C LEU A 40 -5.47 1.58 -13.84
N ALA A 41 -5.33 0.26 -13.99
CA ALA A 41 -6.25 -0.68 -13.36
C ALA A 41 -6.28 -0.48 -11.84
N GLU A 42 -5.12 -0.17 -11.26
CA GLU A 42 -5.01 0.05 -9.82
C GLU A 42 -5.72 1.34 -9.40
N ILE A 43 -5.36 2.46 -10.04
CA ILE A 43 -5.99 3.75 -9.72
C ILE A 43 -7.50 3.71 -9.94
N THR A 44 -7.91 3.19 -11.11
CA THR A 44 -9.33 3.07 -11.43
C THR A 44 -10.03 2.19 -10.39
N GLU A 45 -9.34 1.13 -9.95
CA GLU A 45 -9.88 0.22 -8.94
C GLU A 45 -10.20 0.98 -7.64
N ILE A 46 -9.29 1.89 -7.26
CA ILE A 46 -9.48 2.71 -6.06
C ILE A 46 -10.71 3.60 -6.22
N GLU A 47 -10.79 4.29 -7.36
CA GLU A 47 -11.92 5.17 -7.67
C GLU A 47 -13.26 4.41 -7.64
N SER A 48 -13.20 3.09 -7.89
CA SER A 48 -14.41 2.25 -7.90
C SER A 48 -15.09 2.16 -6.52
N THR A 49 -14.40 2.61 -5.46
CA THR A 49 -14.96 2.56 -4.11
C THR A 49 -15.11 3.96 -3.49
N LEU A 50 -14.78 5.01 -4.25
CA LEU A 50 -14.90 6.39 -3.76
C LEU A 50 -15.51 7.27 -4.84
N PRO A 51 -16.16 8.39 -4.44
CA PRO A 51 -16.79 9.34 -5.36
C PRO A 51 -15.97 9.57 -6.63
N ALA A 52 -16.67 9.68 -7.78
CA ALA A 52 -16.05 9.89 -9.10
C ALA A 52 -14.67 10.57 -9.00
N GLU A 53 -14.66 11.79 -8.46
CA GLU A 53 -13.41 12.53 -8.29
C GLU A 53 -12.79 12.26 -6.93
N VAL A 54 -11.52 11.83 -6.92
CA VAL A 54 -10.83 11.54 -5.68
C VAL A 54 -10.20 12.80 -5.11
N ASP A 55 -11.00 13.53 -4.33
CA ASP A 55 -10.53 14.77 -3.70
C ASP A 55 -9.78 14.47 -2.41
N MET A 56 -9.26 15.52 -1.78
CA MET A 56 -8.53 15.39 -0.51
C MET A 56 -9.20 14.39 0.44
N GLU A 57 -10.52 14.51 0.57
CA GLU A 57 -11.30 13.63 1.45
C GLU A 57 -11.32 12.19 0.94
N GLN A 58 -11.66 12.02 -0.34
CA GLN A 58 -11.74 10.69 -0.96
C GLN A 58 -10.41 9.94 -0.84
N PHE A 59 -9.33 10.58 -1.28
CA PHE A 59 -8.00 9.98 -1.23
C PHE A 59 -7.57 9.71 0.22
N LEU A 60 -7.70 10.72 1.09
CA LEU A 60 -7.34 10.57 2.49
C LEU A 60 -8.16 9.48 3.18
N GLN A 61 -9.42 9.32 2.76
CA GLN A 61 -10.31 8.31 3.35
C GLN A 61 -9.76 6.91 3.14
N VAL A 62 -9.39 6.58 1.90
CA VAL A 62 -8.85 5.26 1.57
C VAL A 62 -7.44 5.07 2.14
N LEU A 63 -6.63 6.14 2.12
CA LEU A 63 -5.26 6.08 2.62
C LEU A 63 -5.21 6.04 4.16
N ASN A 64 -6.15 6.72 4.82
CA ASN A 64 -6.19 6.75 6.27
C ASN A 64 -7.42 6.00 6.81
N ARG A 65 -7.75 4.88 6.16
CA ARG A 65 -8.89 4.07 6.57
C ARG A 65 -8.73 3.56 8.01
N PRO A 66 -7.61 2.88 8.33
CA PRO A 66 -7.35 2.36 9.68
C PRO A 66 -6.65 3.38 10.60
N ASN A 67 -6.74 4.66 10.25
CA ASN A 67 -6.12 5.74 11.03
C ASN A 67 -4.60 5.56 11.11
N GLY A 68 -3.91 5.94 10.04
CA GLY A 68 -2.46 5.81 9.99
C GLY A 68 -1.92 5.81 8.56
N PHE A 69 -0.60 5.63 8.45
CA PHE A 69 0.06 5.60 7.14
C PHE A 69 0.45 4.17 6.76
N ASP A 70 1.17 3.49 7.65
CA ASP A 70 1.61 2.12 7.42
C ASP A 70 0.62 1.13 8.06
N MET A 71 -0.34 0.67 7.26
CA MET A 71 -1.37 -0.27 7.71
C MET A 71 -2.46 -0.45 6.64
N PRO A 72 -3.00 0.66 6.10
CA PRO A 72 -4.06 0.63 5.07
C PRO A 72 -3.80 -0.43 3.99
N GLY A 73 -2.59 -0.43 3.43
CA GLY A 73 -2.24 -1.39 2.40
C GLY A 73 -1.89 -0.73 1.08
N ASP A 74 -0.87 0.14 1.10
CA ASP A 74 -0.42 0.85 -0.10
C ASP A 74 0.48 -0.04 -0.96
N PRO A 75 0.82 0.41 -2.19
CA PRO A 75 1.68 -0.35 -3.12
C PRO A 75 2.97 -0.82 -2.47
N GLU A 76 3.65 0.08 -1.76
CA GLU A 76 4.91 -0.26 -1.08
C GLU A 76 4.66 -1.12 0.15
N GLU A 77 3.46 -0.99 0.74
CA GLU A 77 3.10 -1.77 1.94
C GLU A 77 2.98 -3.25 1.59
N PHE A 78 2.26 -3.55 0.51
CA PHE A 78 2.07 -4.94 0.07
C PHE A 78 3.38 -5.53 -0.43
N VAL A 79 4.20 -4.71 -1.11
CA VAL A 79 5.50 -5.17 -1.63
C VAL A 79 6.42 -5.59 -0.49
N LYS A 80 6.48 -4.76 0.56
CA LYS A 80 7.32 -5.05 1.72
C LYS A 80 6.81 -6.27 2.50
N GLY A 81 5.48 -6.44 2.51
CA GLY A 81 4.88 -7.58 3.20
C GLY A 81 5.35 -8.90 2.63
N PHE A 82 5.37 -9.00 1.30
CA PHE A 82 5.83 -10.22 0.64
C PHE A 82 7.34 -10.40 0.81
N GLN A 83 8.07 -9.29 0.85
CA GLN A 83 9.52 -9.32 1.02
C GLN A 83 9.90 -9.55 2.49
N VAL A 84 9.69 -10.77 2.97
CA VAL A 84 10.00 -11.12 4.36
C VAL A 84 10.88 -12.37 4.42
N PHE A 85 10.34 -13.51 3.98
CA PHE A 85 11.09 -14.77 3.97
C PHE A 85 11.58 -15.13 2.56
N ASP A 86 11.81 -14.09 1.74
CA ASP A 86 12.28 -14.29 0.36
C ASP A 86 13.32 -13.22 0.02
N LYS A 87 14.50 -13.34 0.64
CA LYS A 87 15.58 -12.39 0.43
C LYS A 87 16.05 -12.37 -1.04
N ASP A 88 16.21 -13.56 -1.63
CA ASP A 88 16.64 -13.67 -3.01
C ASP A 88 15.48 -13.48 -3.98
N ALA A 89 14.37 -14.20 -3.73
CA ALA A 89 13.17 -14.12 -4.56
C ALA A 89 13.50 -14.39 -6.03
N THR A 90 14.12 -15.55 -6.29
CA THR A 90 14.49 -15.95 -7.65
C THR A 90 13.30 -16.57 -8.38
N GLY A 91 12.74 -17.63 -7.79
CA GLY A 91 11.60 -18.31 -8.40
C GLY A 91 10.93 -19.28 -7.46
N MET A 92 10.47 -18.79 -6.30
CA MET A 92 9.81 -19.63 -5.31
C MET A 92 9.13 -18.77 -4.24
N ILE A 93 7.81 -18.91 -4.12
CA ILE A 93 7.05 -18.16 -3.13
C ILE A 93 6.67 -19.03 -1.94
N GLY A 94 6.76 -18.47 -0.74
CA GLY A 94 6.42 -19.21 0.46
C GLY A 94 5.08 -18.77 1.03
N VAL A 95 3.99 -19.32 0.48
CA VAL A 95 2.63 -18.98 0.93
C VAL A 95 2.54 -18.87 2.46
N GLY A 96 3.29 -19.71 3.18
CA GLY A 96 3.28 -19.66 4.63
C GLY A 96 3.60 -18.26 5.16
N GLU A 97 4.68 -17.67 4.65
CA GLU A 97 5.08 -16.32 5.04
C GLU A 97 4.18 -15.26 4.39
N LEU A 98 3.75 -15.53 3.14
CA LEU A 98 2.88 -14.62 2.41
C LEU A 98 1.54 -14.45 3.13
N ARG A 99 1.00 -15.57 3.62
CA ARG A 99 -0.27 -15.57 4.35
C ARG A 99 -0.15 -14.83 5.68
N TYR A 100 0.91 -15.14 6.44
CA TYR A 100 1.14 -14.50 7.75
C TYR A 100 1.09 -12.98 7.63
N VAL A 101 1.78 -12.43 6.63
CA VAL A 101 1.82 -10.99 6.41
C VAL A 101 0.42 -10.43 6.12
N LEU A 102 -0.29 -11.07 5.20
CA LEU A 102 -1.63 -10.64 4.81
C LEU A 102 -2.66 -10.83 5.94
N THR A 103 -2.43 -11.81 6.82
CA THR A 103 -3.34 -12.08 7.93
C THR A 103 -3.37 -10.91 8.91
N SER A 104 -2.20 -10.34 9.19
CA SER A 104 -2.08 -9.21 10.12
C SER A 104 -2.58 -7.90 9.50
N LEU A 105 -2.88 -7.91 8.20
CA LEU A 105 -3.37 -6.72 7.51
C LEU A 105 -4.81 -6.40 7.91
N GLY A 106 -5.68 -7.41 7.82
CA GLY A 106 -7.08 -7.24 8.17
C GLY A 106 -7.94 -8.42 7.75
N GLU A 107 -7.54 -9.62 8.17
CA GLU A 107 -8.27 -10.84 7.82
C GLU A 107 -8.33 -11.05 6.31
N LYS A 108 -7.19 -10.78 5.65
CA LYS A 108 -7.08 -10.94 4.20
C LYS A 108 -7.14 -12.44 3.82
N LEU A 109 -6.31 -12.89 2.88
CA LEU A 109 -6.29 -14.28 2.45
C LEU A 109 -5.76 -15.18 3.56
N SER A 110 -6.61 -15.48 4.54
CA SER A 110 -6.25 -16.32 5.69
C SER A 110 -5.92 -17.76 5.27
N ASN A 111 -5.69 -18.63 6.26
CA ASN A 111 -5.35 -20.04 6.03
C ASN A 111 -6.32 -20.71 5.05
N GLU A 112 -7.60 -20.34 5.10
CA GLU A 112 -8.61 -20.93 4.22
C GLU A 112 -8.27 -20.76 2.73
N GLU A 113 -7.95 -19.52 2.33
CA GLU A 113 -7.60 -19.24 0.94
C GLU A 113 -6.42 -20.10 0.49
N MET A 114 -5.33 -20.07 1.27
CA MET A 114 -4.14 -20.86 0.96
C MET A 114 -4.42 -22.36 1.09
N ASP A 115 -5.40 -22.72 1.93
CA ASP A 115 -5.77 -24.12 2.13
C ASP A 115 -6.16 -24.76 0.80
N GLU A 116 -7.05 -24.07 0.06
CA GLU A 116 -7.51 -24.56 -1.24
C GLU A 116 -6.37 -24.52 -2.26
N LEU A 117 -5.59 -23.43 -2.25
CA LEU A 117 -4.47 -23.28 -3.17
C LEU A 117 -3.41 -24.37 -2.96
N LEU A 118 -3.14 -24.68 -1.70
CA LEU A 118 -2.15 -25.70 -1.35
C LEU A 118 -2.66 -27.11 -1.68
N LYS A 119 -3.97 -27.31 -1.55
CA LYS A 119 -4.58 -28.62 -1.85
C LYS A 119 -4.42 -28.98 -3.32
N GLY A 120 -4.59 -27.99 -4.20
CA GLY A 120 -4.44 -28.22 -5.63
C GLY A 120 -3.00 -28.38 -6.06
N VAL A 121 -2.10 -27.55 -5.51
CA VAL A 121 -0.69 -27.60 -5.86
C VAL A 121 0.03 -28.70 -5.08
N PRO A 122 0.85 -29.52 -5.77
CA PRO A 122 1.60 -30.62 -5.13
C PRO A 122 2.85 -30.13 -4.40
N VAL A 123 2.66 -29.22 -3.43
CA VAL A 123 3.76 -28.67 -2.66
C VAL A 123 3.47 -28.72 -1.15
N LYS A 124 4.46 -28.34 -0.34
CA LYS A 124 4.29 -28.34 1.12
C LYS A 124 4.61 -26.96 1.73
N ASP A 125 4.59 -25.92 0.90
CA ASP A 125 4.86 -24.55 1.35
C ASP A 125 4.32 -23.50 0.37
N GLY A 126 3.34 -23.89 -0.44
CA GLY A 126 2.75 -22.97 -1.41
C GLY A 126 3.79 -22.35 -2.33
N MET A 127 4.77 -23.15 -2.77
CA MET A 127 5.83 -22.65 -3.64
C MET A 127 5.61 -23.09 -5.08
N VAL A 128 5.34 -22.12 -5.95
CA VAL A 128 5.10 -22.36 -7.36
C VAL A 128 5.70 -21.24 -8.23
N ASN A 129 6.72 -20.55 -7.70
CA ASN A 129 7.37 -19.46 -8.43
C ASN A 129 6.39 -18.32 -8.74
N TYR A 130 5.34 -18.18 -7.89
CA TYR A 130 4.32 -17.14 -8.08
C TYR A 130 3.87 -17.05 -9.54
N HIS A 131 3.69 -18.21 -10.18
CA HIS A 131 3.27 -18.25 -11.58
C HIS A 131 1.88 -18.87 -11.73
N ASP A 132 1.70 -20.07 -11.18
CA ASP A 132 0.42 -20.78 -11.26
C ASP A 132 -0.69 -19.98 -10.57
N PHE A 133 -0.36 -19.27 -9.50
CA PHE A 133 -1.34 -18.45 -8.77
C PHE A 133 -1.80 -17.28 -9.64
N VAL A 134 -0.84 -16.46 -10.07
CA VAL A 134 -1.12 -15.31 -10.91
C VAL A 134 -1.73 -15.73 -12.25
N GLN A 135 -1.32 -16.90 -12.75
CA GLN A 135 -1.83 -17.44 -14.02
C GLN A 135 -3.32 -17.70 -13.94
N MET A 136 -3.75 -18.38 -12.86
CA MET A 136 -5.17 -18.69 -12.66
C MET A 136 -5.97 -17.41 -12.47
N ILE A 137 -5.36 -16.41 -11.84
CA ILE A 137 -5.99 -15.13 -11.60
C ILE A 137 -6.19 -14.36 -12.91
N LEU A 138 -5.18 -14.38 -13.77
CA LEU A 138 -5.25 -13.69 -15.07
C LEU A 138 -5.70 -14.65 -16.16
N ALA A 139 -6.95 -15.14 -16.03
CA ALA A 139 -7.52 -16.07 -17.00
C ALA A 139 -8.71 -15.42 -17.71
N ASN A 140 -8.44 -14.33 -18.43
CA ASN A 140 -9.49 -13.60 -19.15
C ASN A 140 -9.06 -13.32 -20.59
N SER A 1 7.12 23.50 3.62
CA SER A 1 6.18 22.55 4.27
C SER A 1 5.34 23.24 5.35
N THR A 2 4.03 23.00 5.32
CA THR A 2 3.11 23.60 6.28
C THR A 2 2.48 22.53 7.17
N ASP A 3 1.94 21.48 6.55
CA ASP A 3 1.31 20.38 7.28
C ASP A 3 1.65 19.04 6.63
N ASP A 4 1.28 18.90 5.34
CA ASP A 4 1.56 17.67 4.59
C ASP A 4 2.00 18.00 3.17
N SER A 5 3.30 18.21 3.01
CA SER A 5 3.88 18.55 1.71
C SER A 5 3.67 17.43 0.67
N PRO A 6 3.95 16.16 1.03
CA PRO A 6 3.80 15.02 0.11
C PRO A 6 2.37 14.46 0.03
N TYR A 7 1.42 15.06 0.76
CA TYR A 7 0.04 14.57 0.74
C TYR A 7 -0.94 15.71 0.41
N LYS A 8 -1.01 16.71 1.29
CA LYS A 8 -1.91 17.84 1.10
C LYS A 8 -1.41 18.76 -0.01
N GLN A 9 -0.18 19.27 0.14
CA GLN A 9 0.42 20.14 -0.86
C GLN A 9 0.57 19.42 -2.19
N ALA A 10 1.12 18.21 -2.14
CA ALA A 10 1.33 17.39 -3.34
C ALA A 10 0.01 17.12 -4.06
N PHE A 11 -1.06 16.89 -3.29
CA PHE A 11 -2.38 16.65 -3.85
C PHE A 11 -2.83 17.82 -4.71
N SER A 12 -2.65 19.04 -4.18
CA SER A 12 -3.02 20.27 -4.89
C SER A 12 -2.22 20.43 -6.18
N LEU A 13 -0.96 19.95 -6.19
CA LEU A 13 -0.10 20.06 -7.38
C LEU A 13 -0.70 19.31 -8.57
N PHE A 14 -1.40 18.20 -8.30
CA PHE A 14 -2.01 17.38 -9.35
C PHE A 14 -3.48 17.77 -9.61
N ASP A 15 -3.80 19.06 -9.43
CA ASP A 15 -5.17 19.54 -9.65
C ASP A 15 -5.52 19.53 -11.15
N ARG A 16 -6.64 18.90 -11.48
CA ARG A 16 -7.09 18.84 -12.87
C ARG A 16 -7.58 20.20 -13.36
N HIS A 17 -8.55 20.76 -12.64
CA HIS A 17 -9.12 22.07 -12.98
C HIS A 17 -8.77 23.13 -11.93
N GLY A 18 -8.44 22.69 -10.70
CA GLY A 18 -8.10 23.62 -9.64
C GLY A 18 -9.22 23.79 -8.63
N THR A 19 -10.00 22.73 -8.42
CA THR A 19 -11.12 22.75 -7.47
C THR A 19 -10.78 21.96 -6.20
N GLY A 20 -9.93 20.94 -6.34
CA GLY A 20 -9.55 20.12 -5.21
C GLY A 20 -9.84 18.64 -5.40
N ARG A 21 -9.83 18.18 -6.65
CA ARG A 21 -10.11 16.77 -6.97
C ARG A 21 -9.04 16.24 -7.92
N ILE A 22 -8.84 14.91 -7.92
CA ILE A 22 -7.83 14.30 -8.78
C ILE A 22 -8.31 12.94 -9.32
N PRO A 23 -8.13 12.70 -10.64
CA PRO A 23 -8.52 11.45 -11.29
C PRO A 23 -7.45 10.37 -11.15
N LYS A 24 -7.79 9.13 -11.53
CA LYS A 24 -6.87 7.99 -11.47
C LYS A 24 -5.48 8.34 -12.00
N THR A 25 -5.41 9.14 -13.07
CA THR A 25 -4.13 9.55 -13.65
C THR A 25 -3.29 10.34 -12.64
N SER A 26 -3.94 11.27 -11.93
CA SER A 26 -3.25 12.08 -10.92
C SER A 26 -2.82 11.25 -9.72
N ILE A 27 -3.70 10.40 -9.20
CA ILE A 27 -3.38 9.55 -8.05
C ILE A 27 -2.18 8.65 -8.34
N GLY A 28 -2.06 8.18 -9.59
CA GLY A 28 -0.95 7.32 -9.96
C GLY A 28 0.41 7.95 -9.68
N ASP A 29 0.74 9.00 -10.43
CA ASP A 29 2.02 9.70 -10.24
C ASP A 29 2.12 10.33 -8.84
N LEU A 30 0.95 10.63 -8.25
CA LEU A 30 0.91 11.22 -6.90
C LEU A 30 1.53 10.24 -5.89
N LEU A 31 1.08 8.98 -5.95
CA LEU A 31 1.60 7.94 -5.06
C LEU A 31 3.10 7.72 -5.28
N ARG A 32 3.56 7.92 -6.52
CA ARG A 32 4.97 7.75 -6.87
C ARG A 32 5.87 8.61 -5.98
N ALA A 33 5.41 9.84 -5.70
CA ALA A 33 6.16 10.78 -4.85
C ALA A 33 6.36 10.23 -3.43
N CYS A 34 5.40 9.42 -2.96
CA CYS A 34 5.48 8.85 -1.62
C CYS A 34 6.32 7.57 -1.63
N GLY A 35 6.08 6.70 -2.62
CA GLY A 35 6.84 5.47 -2.72
C GLY A 35 7.04 5.01 -4.15
N GLN A 36 6.01 4.38 -4.72
CA GLN A 36 6.07 3.87 -6.10
C GLN A 36 4.84 4.28 -6.91
N ASN A 37 4.82 3.90 -8.18
CA ASN A 37 3.70 4.20 -9.07
C ASN A 37 3.05 2.91 -9.58
N PRO A 38 1.75 2.70 -9.26
CA PRO A 38 1.01 1.50 -9.69
C PRO A 38 0.50 1.62 -11.12
N THR A 39 -0.47 0.76 -11.47
CA THR A 39 -1.05 0.75 -12.81
C THR A 39 -2.42 1.44 -12.82
N LEU A 40 -2.87 1.80 -14.03
CA LEU A 40 -4.17 2.46 -14.21
C LEU A 40 -5.29 1.61 -13.59
N ALA A 41 -5.14 0.29 -13.66
CA ALA A 41 -6.13 -0.62 -13.10
C ALA A 41 -6.29 -0.40 -11.60
N GLU A 42 -5.18 -0.12 -10.91
CA GLU A 42 -5.19 0.13 -9.46
C GLU A 42 -5.92 1.43 -9.13
N ILE A 43 -5.48 2.54 -9.73
CA ILE A 43 -6.10 3.85 -9.49
C ILE A 43 -7.59 3.82 -9.83
N THR A 44 -7.93 3.28 -11.01
CA THR A 44 -9.32 3.17 -11.44
C THR A 44 -10.12 2.32 -10.45
N GLU A 45 -9.52 1.19 -10.02
CA GLU A 45 -10.15 0.28 -9.07
C GLU A 45 -10.51 1.01 -7.77
N ILE A 46 -9.61 1.89 -7.33
CA ILE A 46 -9.84 2.66 -6.10
C ILE A 46 -11.06 3.55 -6.27
N GLU A 47 -11.09 4.34 -7.35
CA GLU A 47 -12.22 5.21 -7.65
C GLU A 47 -13.55 4.44 -7.74
N SER A 48 -13.45 3.13 -8.02
CA SER A 48 -14.64 2.27 -8.13
C SER A 48 -15.40 2.15 -6.80
N THR A 49 -14.83 2.68 -5.71
CA THR A 49 -15.48 2.63 -4.39
C THR A 49 -15.77 4.04 -3.87
N LEU A 50 -14.77 4.93 -3.95
CA LEU A 50 -14.96 6.31 -3.49
C LEU A 50 -15.56 7.16 -4.60
N PRO A 51 -16.23 8.28 -4.26
CA PRO A 51 -16.86 9.19 -5.23
C PRO A 51 -16.02 9.40 -6.48
N ALA A 52 -16.70 9.57 -7.63
CA ALA A 52 -16.06 9.76 -8.94
C ALA A 52 -14.70 10.46 -8.83
N GLU A 53 -14.71 11.71 -8.37
CA GLU A 53 -13.48 12.48 -8.22
C GLU A 53 -12.87 12.25 -6.84
N VAL A 54 -11.59 11.87 -6.82
CA VAL A 54 -10.89 11.62 -5.57
C VAL A 54 -10.32 12.91 -4.99
N ASP A 55 -11.17 13.64 -4.26
CA ASP A 55 -10.74 14.90 -3.65
C ASP A 55 -10.00 14.64 -2.34
N MET A 56 -9.55 15.73 -1.69
CA MET A 56 -8.82 15.63 -0.41
C MET A 56 -9.43 14.57 0.51
N GLU A 57 -10.76 14.59 0.64
CA GLU A 57 -11.49 13.65 1.49
C GLU A 57 -11.42 12.23 0.94
N GLN A 58 -11.78 12.05 -0.33
CA GLN A 58 -11.78 10.74 -0.98
C GLN A 58 -10.40 10.07 -0.90
N PHE A 59 -9.38 10.80 -1.33
CA PHE A 59 -8.01 10.28 -1.32
C PHE A 59 -7.58 9.93 0.12
N LEU A 60 -7.80 10.85 1.06
CA LEU A 60 -7.46 10.61 2.46
C LEU A 60 -8.23 9.43 3.03
N GLN A 61 -9.46 9.21 2.55
CA GLN A 61 -10.30 8.11 3.02
C GLN A 61 -9.64 6.76 2.75
N VAL A 62 -9.20 6.56 1.49
CA VAL A 62 -8.54 5.31 1.10
C VAL A 62 -7.12 5.23 1.67
N LEU A 63 -6.40 6.36 1.64
CA LEU A 63 -5.04 6.42 2.16
C LEU A 63 -5.02 6.14 3.66
N ASN A 64 -5.74 6.95 4.43
CA ASN A 64 -5.81 6.79 5.88
C ASN A 64 -6.85 5.73 6.25
N ARG A 65 -6.60 4.50 5.83
CA ARG A 65 -7.51 3.38 6.11
C ARG A 65 -7.79 3.25 7.62
N PRO A 66 -6.74 3.25 8.47
CA PRO A 66 -6.91 3.15 9.92
C PRO A 66 -7.16 4.50 10.61
N ASN A 67 -7.58 5.51 9.83
CA ASN A 67 -7.88 6.84 10.36
C ASN A 67 -6.65 7.49 11.02
N GLY A 68 -6.01 8.41 10.30
CA GLY A 68 -4.84 9.09 10.82
C GLY A 68 -3.56 8.73 10.11
N PHE A 69 -2.45 9.33 10.57
CA PHE A 69 -1.13 9.08 9.97
C PHE A 69 -0.32 8.11 10.83
N ASP A 70 0.78 7.60 10.27
CA ASP A 70 1.64 6.64 10.98
C ASP A 70 0.83 5.44 11.45
N MET A 71 0.35 4.66 10.48
CA MET A 71 -0.46 3.47 10.77
C MET A 71 -0.84 2.72 9.48
N PRO A 72 -1.42 3.42 8.47
CA PRO A 72 -1.83 2.78 7.20
C PRO A 72 -0.75 1.86 6.63
N GLY A 73 0.50 2.35 6.61
CA GLY A 73 1.60 1.55 6.09
C GLY A 73 2.92 2.31 6.11
N ASP A 74 3.25 2.88 7.27
CA ASP A 74 4.48 3.64 7.43
C ASP A 74 5.69 2.73 7.66
N PRO A 75 6.91 3.22 7.38
CA PRO A 75 8.15 2.44 7.57
C PRO A 75 8.32 1.98 9.01
N GLU A 76 8.01 2.88 9.96
CA GLU A 76 8.13 2.56 11.38
C GLU A 76 7.16 1.44 11.77
N GLU A 77 5.98 1.42 11.14
CA GLU A 77 4.97 0.40 11.40
C GLU A 77 5.48 -0.98 11.03
N PHE A 78 6.20 -1.07 9.91
CA PHE A 78 6.76 -2.35 9.45
C PHE A 78 7.80 -2.87 10.45
N VAL A 79 8.69 -1.98 10.91
CA VAL A 79 9.72 -2.35 11.87
C VAL A 79 9.10 -2.87 13.17
N LYS A 80 8.06 -2.18 13.64
CA LYS A 80 7.35 -2.56 14.86
C LYS A 80 6.60 -3.89 14.67
N GLY A 81 6.16 -4.16 13.44
CA GLY A 81 5.44 -5.39 13.15
C GLY A 81 6.31 -6.62 13.38
N PHE A 82 7.51 -6.62 12.81
CA PHE A 82 8.44 -7.73 12.97
C PHE A 82 8.99 -7.75 14.40
N GLN A 83 9.29 -6.55 14.93
CA GLN A 83 9.80 -6.42 16.29
C GLN A 83 8.67 -6.50 17.32
N VAL A 84 8.11 -7.70 17.49
CA VAL A 84 7.02 -7.92 18.44
C VAL A 84 7.37 -9.03 19.42
N PHE A 85 7.52 -10.25 18.89
CA PHE A 85 7.87 -11.42 19.70
C PHE A 85 9.36 -11.72 19.58
N ASP A 86 10.18 -10.68 19.64
CA ASP A 86 11.64 -10.82 19.54
C ASP A 86 12.33 -9.91 20.56
N LYS A 87 12.22 -10.26 21.83
CA LYS A 87 12.84 -9.48 22.91
C LYS A 87 14.36 -9.43 22.76
N ASP A 88 14.97 -10.60 22.61
CA ASP A 88 16.42 -10.70 22.44
C ASP A 88 16.81 -10.61 20.97
N ALA A 89 16.21 -11.48 20.15
CA ALA A 89 16.48 -11.51 18.71
C ALA A 89 17.98 -11.57 18.41
N THR A 90 18.65 -12.58 18.95
CA THR A 90 20.09 -12.74 18.75
C THR A 90 20.37 -13.96 17.88
N GLY A 91 20.01 -13.86 16.59
CA GLY A 91 20.23 -14.94 15.65
C GLY A 91 18.99 -15.79 15.42
N MET A 92 17.86 -15.13 15.13
CA MET A 92 16.59 -15.82 14.89
C MET A 92 15.49 -14.85 14.49
N ILE A 93 14.60 -15.30 13.59
CA ILE A 93 13.49 -14.47 13.12
C ILE A 93 12.14 -15.07 13.56
N GLY A 94 11.98 -16.39 13.39
CA GLY A 94 10.75 -17.05 13.77
C GLY A 94 9.59 -16.66 12.86
N VAL A 95 9.52 -17.30 11.68
CA VAL A 95 8.45 -17.01 10.70
C VAL A 95 7.08 -16.91 11.37
N GLY A 96 6.83 -17.74 12.40
CA GLY A 96 5.55 -17.72 13.10
C GLY A 96 5.12 -16.30 13.48
N GLU A 97 6.08 -15.50 13.95
CA GLU A 97 5.81 -14.11 14.33
C GLU A 97 5.58 -13.25 13.10
N LEU A 98 6.50 -13.33 12.13
CA LEU A 98 6.40 -12.57 10.88
C LEU A 98 5.10 -12.87 10.14
N ARG A 99 4.65 -14.13 10.22
CA ARG A 99 3.42 -14.58 9.57
C ARG A 99 2.20 -13.90 10.21
N TYR A 100 2.13 -13.93 11.54
CA TYR A 100 1.04 -13.31 12.29
C TYR A 100 0.92 -11.81 11.94
N VAL A 101 2.06 -11.17 11.73
CA VAL A 101 2.10 -9.74 11.40
C VAL A 101 1.61 -9.47 9.97
N LEU A 102 2.10 -10.26 9.01
CA LEU A 102 1.72 -10.10 7.60
C LEU A 102 0.31 -10.62 7.32
N THR A 103 0.01 -11.83 7.76
CA THR A 103 -1.31 -12.43 7.54
C THR A 103 -2.43 -11.56 8.11
N SER A 104 -2.16 -10.91 9.25
CA SER A 104 -3.14 -10.04 9.89
C SER A 104 -3.40 -8.76 9.08
N LEU A 105 -2.44 -8.39 8.22
CA LEU A 105 -2.57 -7.19 7.38
C LEU A 105 -3.72 -7.34 6.38
N GLY A 106 -3.59 -8.31 5.48
CA GLY A 106 -4.62 -8.54 4.48
C GLY A 106 -4.46 -9.88 3.79
N GLU A 107 -4.36 -10.95 4.58
CA GLU A 107 -4.19 -12.30 4.05
C GLU A 107 -2.91 -12.41 3.21
N LYS A 108 -1.82 -11.86 3.75
CA LYS A 108 -0.52 -11.91 3.09
C LYS A 108 0.02 -13.35 3.08
N LEU A 109 1.32 -13.54 3.34
CA LEU A 109 1.91 -14.88 3.37
C LEU A 109 1.37 -15.68 4.55
N SER A 110 0.16 -16.21 4.39
CA SER A 110 -0.50 -16.99 5.43
C SER A 110 0.29 -18.26 5.77
N ASN A 111 -0.22 -19.03 6.72
CA ASN A 111 0.43 -20.28 7.16
C ASN A 111 0.77 -21.19 5.98
N GLU A 112 -0.04 -21.14 4.91
CA GLU A 112 0.19 -21.96 3.72
C GLU A 112 1.55 -21.65 3.06
N GLU A 113 1.76 -20.36 2.74
CA GLU A 113 3.02 -19.93 2.12
C GLU A 113 4.21 -20.30 2.99
N MET A 114 4.10 -19.99 4.29
CA MET A 114 5.17 -20.30 5.24
C MET A 114 5.33 -21.81 5.42
N ASP A 115 4.23 -22.55 5.29
CA ASP A 115 4.25 -24.01 5.43
C ASP A 115 5.25 -24.62 4.44
N GLU A 116 5.16 -24.20 3.17
CA GLU A 116 6.06 -24.70 2.14
C GLU A 116 7.50 -24.25 2.42
N LEU A 117 7.65 -22.99 2.84
CA LEU A 117 8.97 -22.45 3.16
C LEU A 117 9.62 -23.25 4.30
N LEU A 118 8.82 -23.58 5.32
CA LEU A 118 9.30 -24.35 6.46
C LEU A 118 9.63 -25.79 6.07
N LYS A 119 8.89 -26.33 5.10
CA LYS A 119 9.13 -27.69 4.63
C LYS A 119 10.52 -27.82 4.02
N GLY A 120 10.95 -26.79 3.29
CA GLY A 120 12.27 -26.79 2.66
C GLY A 120 13.40 -26.66 3.67
N VAL A 121 13.29 -25.68 4.58
CA VAL A 121 14.31 -25.44 5.60
C VAL A 121 14.08 -26.35 6.81
N PRO A 122 15.09 -27.18 7.16
CA PRO A 122 14.99 -28.10 8.30
C PRO A 122 15.13 -27.38 9.65
N VAL A 123 14.19 -26.48 9.94
CA VAL A 123 14.18 -25.72 11.19
C VAL A 123 12.81 -25.75 11.85
N LYS A 124 12.70 -25.12 13.03
CA LYS A 124 11.44 -25.06 13.76
C LYS A 124 10.98 -23.62 13.94
N ASP A 125 9.70 -23.38 13.68
CA ASP A 125 9.10 -22.03 13.79
C ASP A 125 9.57 -21.11 12.65
N GLY A 126 10.32 -21.65 11.68
CA GLY A 126 10.80 -20.86 10.57
C GLY A 126 11.90 -19.88 10.96
N MET A 127 12.93 -20.39 11.63
CA MET A 127 14.04 -19.55 12.06
C MET A 127 15.28 -19.82 11.20
N VAL A 128 15.69 -18.77 10.47
CA VAL A 128 16.85 -18.86 9.58
C VAL A 128 17.63 -17.54 9.61
N ASN A 129 17.60 -16.85 10.76
CA ASN A 129 18.30 -15.57 10.92
C ASN A 129 17.86 -14.53 9.88
N TYR A 130 16.63 -14.68 9.36
CA TYR A 130 16.10 -13.75 8.36
C TYR A 130 17.10 -13.48 7.24
N HIS A 131 17.73 -14.55 6.73
CA HIS A 131 18.72 -14.42 5.67
C HIS A 131 18.30 -15.22 4.42
N ASP A 132 18.02 -16.51 4.61
CA ASP A 132 17.62 -17.38 3.51
C ASP A 132 16.35 -16.87 2.81
N PHE A 133 15.41 -16.33 3.59
CA PHE A 133 14.16 -15.80 3.04
C PHE A 133 14.44 -14.57 2.19
N VAL A 134 15.08 -13.57 2.79
CA VAL A 134 15.41 -12.32 2.10
C VAL A 134 16.36 -12.57 0.92
N GLN A 135 17.22 -13.59 1.06
CA GLN A 135 18.18 -13.95 0.02
C GLN A 135 17.45 -14.28 -1.29
N MET A 136 16.52 -15.23 -1.23
CA MET A 136 15.73 -15.63 -2.40
C MET A 136 14.71 -14.55 -2.77
N ILE A 137 14.25 -13.80 -1.76
CA ILE A 137 13.28 -12.72 -1.96
C ILE A 137 13.83 -11.62 -2.86
N LEU A 138 15.10 -11.25 -2.65
CA LEU A 138 15.74 -10.20 -3.44
C LEU A 138 15.94 -10.66 -4.89
N ALA A 139 17.09 -11.28 -5.18
CA ALA A 139 17.41 -11.78 -6.53
C ALA A 139 17.43 -10.64 -7.55
N ASN A 140 18.63 -10.07 -7.74
CA ASN A 140 18.80 -8.95 -8.67
C ASN A 140 20.12 -9.07 -9.42
N SER A 1 -4.46 15.51 10.47
CA SER A 1 -4.35 16.43 9.29
C SER A 1 -4.00 17.85 9.73
N THR A 2 -2.91 18.39 9.18
CA THR A 2 -2.47 19.75 9.52
C THR A 2 -1.93 20.48 8.29
N ASP A 3 -0.84 19.95 7.72
CA ASP A 3 -0.21 20.55 6.54
C ASP A 3 0.80 19.59 5.92
N ASP A 4 0.31 18.41 5.52
CA ASP A 4 1.16 17.38 4.92
C ASP A 4 1.70 17.84 3.57
N SER A 5 3.00 18.11 3.52
CA SER A 5 3.66 18.55 2.29
C SER A 5 3.56 17.50 1.18
N PRO A 6 3.86 16.21 1.48
CA PRO A 6 3.81 15.14 0.49
C PRO A 6 2.40 14.56 0.25
N TYR A 7 1.45 14.89 1.12
CA TYR A 7 0.08 14.38 0.98
C TYR A 7 -0.91 15.49 0.61
N LYS A 8 -1.04 16.48 1.48
CA LYS A 8 -1.96 17.60 1.26
C LYS A 8 -1.44 18.54 0.18
N GLN A 9 -0.28 19.15 0.42
CA GLN A 9 0.33 20.07 -0.55
C GLN A 9 0.57 19.37 -1.88
N ALA A 10 1.19 18.18 -1.83
CA ALA A 10 1.47 17.41 -3.03
C ALA A 10 0.19 17.11 -3.81
N PHE A 11 -0.88 16.75 -3.09
CA PHE A 11 -2.17 16.46 -3.71
C PHE A 11 -2.61 17.64 -4.60
N SER A 12 -2.47 18.86 -4.07
CA SER A 12 -2.83 20.08 -4.79
C SER A 12 -1.98 20.24 -6.07
N LEU A 13 -0.71 19.84 -5.99
CA LEU A 13 0.20 19.93 -7.13
C LEU A 13 -0.29 19.11 -8.32
N PHE A 14 -0.90 17.95 -8.03
CA PHE A 14 -1.41 17.06 -9.08
C PHE A 14 -2.87 17.37 -9.42
N ASP A 15 -3.26 18.66 -9.34
CA ASP A 15 -4.62 19.07 -9.65
C ASP A 15 -4.93 18.89 -11.14
N ARG A 16 -6.09 18.30 -11.42
CA ARG A 16 -6.52 18.07 -12.81
C ARG A 16 -6.86 19.39 -13.49
N HIS A 17 -7.77 20.16 -12.87
CA HIS A 17 -8.17 21.45 -13.42
C HIS A 17 -8.28 22.52 -12.30
N GLY A 18 -7.53 22.32 -11.21
CA GLY A 18 -7.56 23.27 -10.10
C GLY A 18 -8.93 23.39 -9.47
N THR A 19 -9.62 22.25 -9.32
CA THR A 19 -10.95 22.23 -8.72
C THR A 19 -10.93 21.66 -7.29
N GLY A 20 -10.00 20.73 -7.02
CA GLY A 20 -9.91 20.14 -5.70
C GLY A 20 -9.91 18.61 -5.73
N ARG A 21 -10.18 18.02 -6.89
CA ARG A 21 -10.21 16.57 -7.04
C ARG A 21 -9.16 16.09 -8.05
N ILE A 22 -8.84 14.80 -8.00
CA ILE A 22 -7.85 14.21 -8.90
C ILE A 22 -8.31 12.84 -9.42
N PRO A 23 -8.21 12.62 -10.74
CA PRO A 23 -8.60 11.35 -11.37
C PRO A 23 -7.50 10.29 -11.27
N LYS A 24 -7.86 9.04 -11.61
CA LYS A 24 -6.91 7.91 -11.58
C LYS A 24 -5.56 8.26 -12.21
N THR A 25 -5.57 9.08 -13.26
CA THR A 25 -4.33 9.50 -13.93
C THR A 25 -3.42 10.28 -12.98
N SER A 26 -4.01 11.22 -12.22
CA SER A 26 -3.25 12.04 -11.28
C SER A 26 -2.74 11.21 -10.10
N ILE A 27 -3.62 10.38 -9.52
CA ILE A 27 -3.23 9.54 -8.37
C ILE A 27 -2.03 8.64 -8.70
N GLY A 28 -1.94 8.17 -9.94
CA GLY A 28 -0.83 7.31 -10.35
C GLY A 28 0.52 7.94 -10.07
N ASP A 29 0.85 9.02 -10.79
CA ASP A 29 2.12 9.72 -10.60
C ASP A 29 2.21 10.35 -9.20
N LEU A 30 1.05 10.74 -8.65
CA LEU A 30 1.00 11.33 -7.31
C LEU A 30 1.56 10.35 -6.28
N LEU A 31 1.07 9.11 -6.32
CA LEU A 31 1.52 8.06 -5.42
C LEU A 31 3.03 7.82 -5.56
N ARG A 32 3.54 8.01 -6.78
CA ARG A 32 4.97 7.83 -7.07
C ARG A 32 5.82 8.71 -6.14
N ALA A 33 5.38 9.95 -5.91
CA ALA A 33 6.09 10.88 -5.04
C ALA A 33 6.01 10.46 -3.57
N CYS A 34 4.93 9.77 -3.20
CA CYS A 34 4.76 9.31 -1.82
C CYS A 34 4.80 7.78 -1.73
N GLY A 35 5.65 7.16 -2.56
CA GLY A 35 5.77 5.72 -2.56
C GLY A 35 6.10 5.16 -3.94
N GLN A 36 5.09 4.58 -4.59
CA GLN A 36 5.27 3.99 -5.91
C GLN A 36 4.15 4.42 -6.87
N ASN A 37 4.26 4.01 -8.13
CA ASN A 37 3.27 4.33 -9.15
C ASN A 37 2.81 3.07 -9.88
N PRO A 38 1.59 2.59 -9.57
CA PRO A 38 1.03 1.38 -10.18
C PRO A 38 0.44 1.65 -11.57
N THR A 39 -0.40 0.72 -12.04
CA THR A 39 -1.03 0.85 -13.36
C THR A 39 -2.41 1.51 -13.23
N LEU A 40 -2.97 1.91 -14.37
CA LEU A 40 -4.28 2.55 -14.41
C LEU A 40 -5.34 1.66 -13.74
N ALA A 41 -5.16 0.33 -13.86
CA ALA A 41 -6.09 -0.62 -13.24
C ALA A 41 -6.15 -0.43 -11.73
N GLU A 42 -5.00 -0.10 -11.12
CA GLU A 42 -4.93 0.13 -9.68
C GLU A 42 -5.70 1.39 -9.28
N ILE A 43 -5.33 2.53 -9.88
CA ILE A 43 -6.00 3.81 -9.59
C ILE A 43 -7.50 3.73 -9.90
N THR A 44 -7.85 3.16 -11.05
CA THR A 44 -9.26 3.01 -11.44
C THR A 44 -10.00 2.16 -10.39
N GLU A 45 -9.34 1.08 -9.94
CA GLU A 45 -9.91 0.19 -8.93
C GLU A 45 -10.26 0.97 -7.65
N ILE A 46 -9.39 1.93 -7.29
CA ILE A 46 -9.62 2.75 -6.12
C ILE A 46 -10.90 3.58 -6.30
N GLU A 47 -10.99 4.26 -7.44
CA GLU A 47 -12.16 5.07 -7.77
C GLU A 47 -13.45 4.23 -7.75
N SER A 48 -13.32 2.91 -7.96
CA SER A 48 -14.46 1.99 -7.96
C SER A 48 -15.16 1.91 -6.59
N THR A 49 -14.57 2.52 -5.54
CA THR A 49 -15.16 2.50 -4.20
C THR A 49 -15.50 3.91 -3.73
N LEU A 50 -14.57 4.86 -3.90
CA LEU A 50 -14.81 6.25 -3.49
C LEU A 50 -15.39 7.04 -4.67
N PRO A 51 -16.07 8.16 -4.40
CA PRO A 51 -16.69 9.00 -5.44
C PRO A 51 -15.80 9.18 -6.69
N ALA A 52 -16.45 9.31 -7.85
CA ALA A 52 -15.77 9.47 -9.14
C ALA A 52 -14.43 10.21 -9.01
N GLU A 53 -14.49 11.49 -8.65
CA GLU A 53 -13.28 12.30 -8.49
C GLU A 53 -12.73 12.13 -7.07
N VAL A 54 -11.46 11.74 -6.97
CA VAL A 54 -10.82 11.53 -5.67
C VAL A 54 -10.23 12.84 -5.14
N ASP A 55 -11.03 13.58 -4.37
CA ASP A 55 -10.58 14.85 -3.79
C ASP A 55 -9.90 14.60 -2.44
N MET A 56 -9.45 15.68 -1.80
CA MET A 56 -8.79 15.61 -0.50
C MET A 56 -9.46 14.58 0.42
N GLU A 57 -10.79 14.69 0.55
CA GLU A 57 -11.56 13.78 1.40
C GLU A 57 -11.48 12.33 0.92
N GLN A 58 -11.80 12.11 -0.36
CA GLN A 58 -11.79 10.76 -0.95
C GLN A 58 -10.43 10.10 -0.80
N PHE A 59 -9.37 10.78 -1.24
CA PHE A 59 -8.02 10.25 -1.17
C PHE A 59 -7.61 10.00 0.29
N LEU A 60 -7.82 11.00 1.15
CA LEU A 60 -7.48 10.87 2.57
C LEU A 60 -8.28 9.76 3.25
N GLN A 61 -9.51 9.49 2.75
CA GLN A 61 -10.36 8.44 3.33
C GLN A 61 -9.74 7.06 3.13
N VAL A 62 -9.31 6.77 1.90
CA VAL A 62 -8.69 5.48 1.59
C VAL A 62 -7.29 5.36 2.19
N LEU A 63 -6.52 6.45 2.11
CA LEU A 63 -5.16 6.47 2.66
C LEU A 63 -5.18 6.41 4.19
N ASN A 64 -5.86 7.37 4.81
CA ASN A 64 -5.96 7.42 6.27
C ASN A 64 -7.17 6.62 6.76
N ARG A 65 -7.19 5.33 6.43
CA ARG A 65 -8.27 4.43 6.83
C ARG A 65 -8.38 4.34 8.35
N PRO A 66 -7.27 4.06 9.07
CA PRO A 66 -7.28 3.95 10.53
C PRO A 66 -7.12 5.30 11.26
N ASN A 67 -7.40 6.41 10.54
CA ASN A 67 -7.29 7.75 11.11
C ASN A 67 -5.87 8.08 11.57
N GLY A 68 -5.18 8.93 10.80
CA GLY A 68 -3.83 9.32 11.14
C GLY A 68 -2.77 8.67 10.27
N PHE A 69 -1.52 9.08 10.47
CA PHE A 69 -0.39 8.54 9.70
C PHE A 69 0.37 7.50 10.53
N ASP A 70 1.32 6.81 9.90
CA ASP A 70 2.11 5.78 10.58
C ASP A 70 1.21 4.70 11.17
N MET A 71 0.44 4.04 10.30
CA MET A 71 -0.49 2.99 10.71
C MET A 71 -1.20 2.36 9.50
N PRO A 72 -1.83 3.19 8.62
CA PRO A 72 -2.55 2.69 7.43
C PRO A 72 -1.75 1.63 6.67
N GLY A 73 -0.45 1.88 6.47
CA GLY A 73 0.40 0.93 5.76
C GLY A 73 1.24 1.61 4.69
N ASP A 74 2.01 2.62 5.09
CA ASP A 74 2.87 3.35 4.16
C ASP A 74 4.17 2.60 3.89
N PRO A 75 4.88 2.93 2.78
CA PRO A 75 6.15 2.28 2.42
C PRO A 75 7.20 2.37 3.53
N GLU A 76 7.26 3.53 4.20
CA GLU A 76 8.21 3.74 5.29
C GLU A 76 7.88 2.84 6.49
N GLU A 77 6.60 2.52 6.68
CA GLU A 77 6.18 1.67 7.80
C GLU A 77 6.74 0.25 7.64
N PHE A 78 6.65 -0.30 6.43
CA PHE A 78 7.16 -1.64 6.16
C PHE A 78 8.69 -1.67 6.21
N VAL A 79 9.32 -0.60 5.72
CA VAL A 79 10.79 -0.50 5.74
C VAL A 79 11.32 -0.46 7.17
N LYS A 80 10.67 0.33 8.03
CA LYS A 80 11.09 0.45 9.43
C LYS A 80 10.92 -0.86 10.19
N GLY A 81 9.87 -1.62 9.85
CA GLY A 81 9.61 -2.89 10.51
C GLY A 81 10.63 -3.95 10.13
N PHE A 82 10.95 -4.04 8.84
CA PHE A 82 11.91 -5.03 8.35
C PHE A 82 13.35 -4.60 8.67
N GLN A 83 13.63 -3.30 8.54
CA GLN A 83 14.97 -2.77 8.82
C GLN A 83 15.20 -2.63 10.32
N VAL A 84 15.39 -3.78 10.99
CA VAL A 84 15.61 -3.80 12.43
C VAL A 84 16.81 -4.68 12.80
N PHE A 85 16.90 -5.87 12.19
CA PHE A 85 18.00 -6.80 12.46
C PHE A 85 18.56 -7.38 11.16
N ASP A 86 18.67 -6.54 10.13
CA ASP A 86 19.20 -6.98 8.84
C ASP A 86 20.58 -6.37 8.58
N LYS A 87 21.53 -6.68 9.47
CA LYS A 87 22.89 -6.18 9.35
C LYS A 87 23.60 -6.81 8.15
N ASP A 88 23.36 -8.11 7.93
CA ASP A 88 23.97 -8.83 6.82
C ASP A 88 22.89 -9.50 5.95
N ALA A 89 22.18 -10.48 6.55
CA ALA A 89 21.11 -11.21 5.85
C ALA A 89 21.66 -11.96 4.61
N THR A 90 21.72 -11.25 3.47
CA THR A 90 22.22 -11.82 2.21
C THR A 90 21.71 -13.24 1.97
N GLY A 91 20.41 -13.45 2.18
CA GLY A 91 19.81 -14.76 1.97
C GLY A 91 19.06 -15.29 3.18
N MET A 92 18.32 -14.39 3.86
CA MET A 92 17.54 -14.77 5.04
C MET A 92 16.74 -13.58 5.57
N ILE A 93 15.47 -13.83 5.91
CA ILE A 93 14.60 -12.80 6.43
C ILE A 93 14.43 -12.93 7.95
N GLY A 94 14.23 -14.17 8.43
CA GLY A 94 14.06 -14.40 9.85
C GLY A 94 12.79 -13.77 10.38
N VAL A 95 11.65 -14.45 10.17
CA VAL A 95 10.35 -13.95 10.62
C VAL A 95 10.41 -13.40 12.05
N GLY A 96 11.22 -14.04 12.91
CA GLY A 96 11.36 -13.59 14.29
C GLY A 96 11.60 -12.08 14.39
N GLU A 97 12.40 -11.55 13.47
CA GLU A 97 12.71 -10.12 13.44
C GLU A 97 11.51 -9.32 12.93
N LEU A 98 10.97 -9.72 11.77
CA LEU A 98 9.81 -9.04 11.17
C LEU A 98 8.62 -9.04 12.13
N ARG A 99 8.45 -10.15 12.86
CA ARG A 99 7.37 -10.30 13.82
C ARG A 99 7.63 -9.46 15.08
N TYR A 100 8.89 -9.46 15.53
CA TYR A 100 9.29 -8.69 16.73
C TYR A 100 8.88 -7.22 16.61
N VAL A 101 9.07 -6.63 15.43
CA VAL A 101 8.72 -5.23 15.20
C VAL A 101 7.21 -5.03 15.09
N LEU A 102 6.58 -5.85 14.24
CA LEU A 102 5.13 -5.77 14.01
C LEU A 102 4.34 -5.98 15.31
N THR A 103 4.73 -7.00 16.09
CA THR A 103 4.05 -7.30 17.35
C THR A 103 4.26 -6.16 18.37
N SER A 104 5.46 -5.57 18.35
CA SER A 104 5.79 -4.46 19.24
C SER A 104 4.91 -3.23 18.98
N LEU A 105 4.36 -3.13 17.75
CA LEU A 105 3.52 -2.00 17.39
C LEU A 105 2.21 -2.01 18.19
N GLY A 106 1.33 -2.97 17.89
CA GLY A 106 0.06 -3.07 18.60
C GLY A 106 -0.48 -4.49 18.57
N GLU A 107 0.36 -5.47 18.91
CA GLU A 107 -0.02 -6.88 18.92
C GLU A 107 -0.45 -7.34 17.52
N LYS A 108 0.34 -6.97 16.52
CA LYS A 108 0.08 -7.34 15.12
C LYS A 108 0.27 -8.87 14.95
N LEU A 109 0.90 -9.31 13.85
CA LEU A 109 1.12 -10.73 13.61
C LEU A 109 2.10 -11.30 14.64
N SER A 110 1.60 -11.59 15.84
CA SER A 110 2.40 -12.13 16.94
C SER A 110 2.97 -13.51 16.60
N ASN A 111 3.55 -14.17 17.62
CA ASN A 111 4.14 -15.50 17.44
C ASN A 111 3.17 -16.49 16.81
N GLU A 112 1.87 -16.34 17.11
CA GLU A 112 0.84 -17.23 16.57
C GLU A 112 0.86 -17.24 15.04
N GLU A 113 0.84 -16.05 14.42
CA GLU A 113 0.84 -15.94 12.97
C GLU A 113 2.05 -16.68 12.38
N MET A 114 3.25 -16.32 12.86
CA MET A 114 4.48 -16.96 12.39
C MET A 114 4.54 -18.43 12.80
N ASP A 115 3.83 -18.80 13.88
CA ASP A 115 3.81 -20.19 14.35
C ASP A 115 3.27 -21.10 13.25
N GLU A 116 2.17 -20.69 12.64
CA GLU A 116 1.56 -21.45 11.54
C GLU A 116 2.46 -21.44 10.30
N LEU A 117 2.98 -20.25 9.96
CA LEU A 117 3.88 -20.10 8.82
C LEU A 117 5.13 -20.96 9.01
N LEU A 118 5.65 -20.98 10.24
CA LEU A 118 6.84 -21.77 10.56
C LEU A 118 6.53 -23.27 10.51
N LYS A 119 5.28 -23.64 10.86
CA LYS A 119 4.87 -25.04 10.83
C LYS A 119 4.98 -25.60 9.41
N GLY A 120 4.59 -24.79 8.42
CA GLY A 120 4.65 -25.21 7.03
C GLY A 120 6.07 -25.32 6.51
N VAL A 121 6.89 -24.29 6.78
CA VAL A 121 8.28 -24.28 6.34
C VAL A 121 9.21 -24.89 7.39
N PRO A 122 9.88 -26.01 7.06
CA PRO A 122 10.80 -26.69 7.99
C PRO A 122 12.11 -25.91 8.19
N VAL A 123 12.01 -24.72 8.77
CA VAL A 123 13.17 -23.87 9.03
C VAL A 123 13.17 -23.35 10.47
N LYS A 124 14.18 -22.55 10.82
CA LYS A 124 14.29 -21.99 12.16
C LYS A 124 14.24 -20.46 12.12
N ASP A 125 13.42 -19.88 12.99
CA ASP A 125 13.24 -18.42 13.06
C ASP A 125 12.46 -17.88 11.85
N GLY A 126 11.95 -18.78 11.00
CA GLY A 126 11.20 -18.37 9.83
C GLY A 126 12.06 -17.71 8.77
N MET A 127 13.12 -18.41 8.35
CA MET A 127 14.02 -17.89 7.33
C MET A 127 13.83 -18.62 6.01
N VAL A 128 13.47 -17.86 4.98
CA VAL A 128 13.23 -18.41 3.64
C VAL A 128 13.73 -17.45 2.55
N ASN A 129 14.63 -16.52 2.93
CA ASN A 129 15.18 -15.55 1.98
C ASN A 129 14.09 -14.67 1.35
N TYR A 130 12.94 -14.57 2.01
CA TYR A 130 11.83 -13.78 1.48
C TYR A 130 11.46 -14.28 0.07
N HIS A 131 10.69 -13.48 -0.68
CA HIS A 131 10.27 -13.86 -2.04
C HIS A 131 9.24 -14.98 -2.01
N ASP A 132 9.61 -16.13 -1.42
CA ASP A 132 8.70 -17.27 -1.34
C ASP A 132 7.35 -16.88 -0.72
N PHE A 133 7.40 -16.01 0.31
CA PHE A 133 6.19 -15.55 0.98
C PHE A 133 5.36 -14.67 0.05
N VAL A 134 6.01 -13.65 -0.53
CA VAL A 134 5.36 -12.72 -1.45
C VAL A 134 4.84 -13.46 -2.69
N GLN A 135 5.54 -14.53 -3.09
CA GLN A 135 5.17 -15.32 -4.25
C GLN A 135 3.80 -15.96 -4.05
N MET A 136 3.64 -16.68 -2.95
CA MET A 136 2.37 -17.35 -2.63
C MET A 136 1.28 -16.32 -2.33
N ILE A 137 1.67 -15.20 -1.70
CA ILE A 137 0.73 -14.13 -1.36
C ILE A 137 0.15 -13.49 -2.62
N LEU A 138 1.01 -13.27 -3.62
CA LEU A 138 0.59 -12.66 -4.89
C LEU A 138 0.34 -13.73 -5.95
N ALA A 139 -0.38 -14.79 -5.58
CA ALA A 139 -0.70 -15.87 -6.49
C ALA A 139 -2.21 -15.97 -6.71
N ASN A 140 -2.83 -14.84 -7.03
CA ASN A 140 -4.27 -14.78 -7.25
C ASN A 140 -4.60 -14.18 -8.62
N SER A 1 5.92 25.18 1.20
CA SER A 1 5.41 24.35 2.32
C SER A 1 4.56 25.17 3.29
N THR A 2 3.49 24.57 3.81
CA THR A 2 2.58 25.23 4.74
C THR A 2 2.15 24.29 5.86
N ASP A 3 1.69 23.09 5.49
CA ASP A 3 1.23 22.09 6.46
C ASP A 3 1.73 20.70 6.07
N ASP A 4 1.28 20.22 4.92
CA ASP A 4 1.68 18.91 4.42
C ASP A 4 2.14 19.02 2.97
N SER A 5 3.43 19.28 2.79
CA SER A 5 4.01 19.42 1.45
C SER A 5 3.82 18.16 0.59
N PRO A 6 4.07 16.95 1.14
CA PRO A 6 3.94 15.70 0.38
C PRO A 6 2.51 15.12 0.35
N TYR A 7 1.57 15.75 1.05
CA TYR A 7 0.18 15.25 1.07
C TYR A 7 -0.81 16.32 0.63
N LYS A 8 -0.88 17.42 1.39
CA LYS A 8 -1.80 18.52 1.08
C LYS A 8 -1.32 19.31 -0.13
N GLN A 9 -0.12 19.89 -0.02
CA GLN A 9 0.47 20.66 -1.12
C GLN A 9 0.65 19.80 -2.35
N ALA A 10 1.19 18.58 -2.15
CA ALA A 10 1.43 17.64 -3.24
C ALA A 10 0.12 17.33 -3.97
N PHE A 11 -0.95 17.07 -3.21
CA PHE A 11 -2.25 16.77 -3.80
C PHE A 11 -2.71 17.89 -4.74
N SER A 12 -2.51 19.14 -4.30
CA SER A 12 -2.90 20.31 -5.09
C SER A 12 -2.11 20.38 -6.41
N LEU A 13 -0.85 19.94 -6.39
CA LEU A 13 -0.01 19.95 -7.59
C LEU A 13 -0.62 19.13 -8.73
N PHE A 14 -1.31 18.03 -8.38
CA PHE A 14 -1.92 17.15 -9.38
C PHE A 14 -3.39 17.51 -9.64
N ASP A 15 -3.73 18.80 -9.55
CA ASP A 15 -5.10 19.26 -9.79
C ASP A 15 -5.49 19.08 -11.26
N ARG A 16 -6.64 18.45 -11.50
CA ARG A 16 -7.12 18.23 -12.86
C ARG A 16 -7.49 19.55 -13.53
N HIS A 17 -8.47 20.24 -12.94
CA HIS A 17 -8.93 21.54 -13.47
C HIS A 17 -9.02 22.58 -12.34
N GLY A 18 -8.22 22.40 -11.28
CA GLY A 18 -8.22 23.33 -10.17
C GLY A 18 -9.55 23.33 -9.42
N THR A 19 -10.13 22.15 -9.25
CA THR A 19 -11.41 22.02 -8.55
C THR A 19 -11.23 21.44 -7.14
N GLY A 20 -10.14 20.71 -6.92
CA GLY A 20 -9.86 20.11 -5.63
C GLY A 20 -9.96 18.59 -5.64
N ARG A 21 -10.04 18.00 -6.84
CA ARG A 21 -10.13 16.55 -6.99
C ARG A 21 -9.07 16.05 -7.98
N ILE A 22 -8.81 14.74 -7.95
CA ILE A 22 -7.82 14.15 -8.84
C ILE A 22 -8.27 12.80 -9.40
N PRO A 23 -8.11 12.59 -10.72
CA PRO A 23 -8.49 11.34 -11.39
C PRO A 23 -7.40 10.27 -11.32
N LYS A 24 -7.72 9.05 -11.76
CA LYS A 24 -6.77 7.92 -11.75
C LYS A 24 -5.37 8.33 -12.24
N THR A 25 -5.32 9.16 -13.28
CA THR A 25 -4.04 9.62 -13.84
C THR A 25 -3.22 10.37 -12.80
N SER A 26 -3.87 11.25 -12.04
CA SER A 26 -3.21 12.04 -11.00
C SER A 26 -2.79 11.18 -9.81
N ILE A 27 -3.69 10.31 -9.34
CA ILE A 27 -3.38 9.42 -8.20
C ILE A 27 -2.16 8.55 -8.48
N GLY A 28 -1.98 8.16 -9.76
CA GLY A 28 -0.85 7.32 -10.13
C GLY A 28 0.48 7.96 -9.75
N ASP A 29 0.82 9.06 -10.41
CA ASP A 29 2.07 9.78 -10.13
C ASP A 29 2.09 10.35 -8.71
N LEU A 30 0.90 10.66 -8.17
CA LEU A 30 0.79 11.19 -6.80
C LEU A 30 1.33 10.18 -5.81
N LEU A 31 0.91 8.91 -5.97
CA LEU A 31 1.36 7.82 -5.11
C LEU A 31 2.88 7.63 -5.22
N ARG A 32 3.42 7.87 -6.42
CA ARG A 32 4.85 7.75 -6.66
C ARG A 32 5.66 8.58 -5.65
N ALA A 33 5.16 9.79 -5.37
CA ALA A 33 5.82 10.69 -4.42
C ALA A 33 5.84 10.11 -3.00
N CYS A 34 4.78 9.38 -2.64
CA CYS A 34 4.68 8.77 -1.32
C CYS A 34 5.03 7.27 -1.38
N GLY A 35 6.11 6.95 -2.10
CA GLY A 35 6.53 5.57 -2.23
C GLY A 35 6.62 5.11 -3.67
N GLN A 36 5.57 4.43 -4.15
CA GLN A 36 5.54 3.93 -5.52
C GLN A 36 4.23 4.28 -6.22
N ASN A 37 4.18 4.03 -7.53
CA ASN A 37 2.99 4.31 -8.33
C ASN A 37 2.50 3.05 -9.03
N PRO A 38 1.18 2.76 -8.94
CA PRO A 38 0.57 1.58 -9.57
C PRO A 38 0.19 1.82 -11.02
N THR A 39 -0.67 0.94 -11.55
CA THR A 39 -1.13 1.03 -12.94
C THR A 39 -2.51 1.70 -13.00
N LEU A 40 -2.89 2.16 -14.20
CA LEU A 40 -4.18 2.81 -14.40
C LEU A 40 -5.33 1.95 -13.86
N ALA A 41 -5.21 0.63 -14.02
CA ALA A 41 -6.22 -0.29 -13.52
C ALA A 41 -6.34 -0.19 -12.00
N GLU A 42 -5.20 -0.09 -11.32
CA GLU A 42 -5.18 0.03 -9.86
C GLU A 42 -5.91 1.30 -9.40
N ILE A 43 -5.50 2.45 -9.92
CA ILE A 43 -6.13 3.73 -9.57
C ILE A 43 -7.63 3.68 -9.83
N THR A 44 -8.02 3.21 -11.02
CA THR A 44 -9.44 3.09 -11.38
C THR A 44 -10.17 2.19 -10.36
N GLU A 45 -9.51 1.10 -9.97
CA GLU A 45 -10.07 0.16 -8.99
C GLU A 45 -10.41 0.89 -7.68
N ILE A 46 -9.53 1.80 -7.27
CA ILE A 46 -9.74 2.59 -6.06
C ILE A 46 -10.99 3.46 -6.20
N GLU A 47 -11.07 4.20 -7.31
CA GLU A 47 -12.21 5.07 -7.60
C GLU A 47 -13.53 4.29 -7.61
N SER A 48 -13.45 2.96 -7.85
CA SER A 48 -14.63 2.10 -7.89
C SER A 48 -15.35 2.02 -6.52
N THR A 49 -14.74 2.59 -5.47
CA THR A 49 -15.34 2.57 -4.14
C THR A 49 -15.62 3.99 -3.63
N LEU A 50 -14.66 4.90 -3.79
CA LEU A 50 -14.84 6.29 -3.36
C LEU A 50 -15.45 7.12 -4.49
N PRO A 51 -16.12 8.25 -4.16
CA PRO A 51 -16.75 9.13 -5.14
C PRO A 51 -15.92 9.31 -6.41
N ALA A 52 -16.62 9.45 -7.55
CA ALA A 52 -15.99 9.62 -8.88
C ALA A 52 -14.62 10.29 -8.80
N GLU A 53 -14.61 11.58 -8.44
CA GLU A 53 -13.36 12.32 -8.32
C GLU A 53 -12.75 12.13 -6.93
N VAL A 54 -11.48 11.74 -6.89
CA VAL A 54 -10.80 11.51 -5.62
C VAL A 54 -10.19 12.79 -5.07
N ASP A 55 -10.98 13.54 -4.31
CA ASP A 55 -10.52 14.78 -3.70
C ASP A 55 -9.74 14.50 -2.42
N MET A 56 -9.21 15.55 -1.79
CA MET A 56 -8.45 15.42 -0.54
C MET A 56 -9.09 14.42 0.42
N GLU A 57 -10.42 14.51 0.58
CA GLU A 57 -11.16 13.61 1.47
C GLU A 57 -11.16 12.18 0.95
N GLN A 58 -11.55 12.01 -0.31
CA GLN A 58 -11.61 10.68 -0.94
C GLN A 58 -10.25 9.97 -0.87
N PHE A 59 -9.20 10.65 -1.33
CA PHE A 59 -7.85 10.09 -1.34
C PHE A 59 -7.40 9.75 0.09
N LEU A 60 -7.57 10.69 1.01
CA LEU A 60 -7.18 10.47 2.41
C LEU A 60 -7.94 9.31 3.04
N GLN A 61 -9.20 9.12 2.60
CA GLN A 61 -10.04 8.05 3.11
C GLN A 61 -9.43 6.68 2.82
N VAL A 62 -9.08 6.45 1.56
CA VAL A 62 -8.47 5.17 1.15
C VAL A 62 -7.04 5.04 1.69
N LEU A 63 -6.29 6.13 1.63
CA LEU A 63 -4.91 6.14 2.12
C LEU A 63 -4.83 5.82 3.60
N ASN A 64 -5.74 6.40 4.39
CA ASN A 64 -5.78 6.17 5.83
C ASN A 64 -6.94 5.23 6.19
N ARG A 65 -7.02 4.10 5.48
CA ARG A 65 -8.08 3.11 5.72
C ARG A 65 -8.08 2.63 7.18
N PRO A 66 -6.95 2.07 7.66
CA PRO A 66 -6.82 1.59 9.03
C PRO A 66 -6.39 2.68 10.03
N ASN A 67 -6.57 3.95 9.64
CA ASN A 67 -6.21 5.08 10.48
C ASN A 67 -4.76 5.00 10.96
N GLY A 68 -3.83 5.44 10.11
CA GLY A 68 -2.42 5.41 10.45
C GLY A 68 -1.50 5.46 9.25
N PHE A 69 -0.22 5.17 9.47
CA PHE A 69 0.78 5.18 8.40
C PHE A 69 1.56 3.87 8.35
N ASP A 70 2.09 3.53 7.17
CA ASP A 70 2.85 2.30 6.99
C ASP A 70 2.02 1.08 7.39
N MET A 71 0.95 0.84 6.62
CA MET A 71 0.04 -0.28 6.88
C MET A 71 -1.13 -0.29 5.88
N PRO A 72 -1.86 0.85 5.74
CA PRO A 72 -3.00 0.96 4.83
C PRO A 72 -2.74 0.31 3.47
N GLY A 73 -1.64 0.69 2.82
CA GLY A 73 -1.29 0.12 1.54
C GLY A 73 0.20 0.15 1.27
N ASP A 74 0.98 -0.26 2.27
CA ASP A 74 2.44 -0.28 2.15
C ASP A 74 2.92 -1.53 1.40
N PRO A 75 4.11 -1.46 0.76
CA PRO A 75 4.69 -2.58 0.01
C PRO A 75 4.91 -3.82 0.90
N GLU A 76 5.35 -3.59 2.13
CA GLU A 76 5.60 -4.67 3.07
C GLU A 76 4.31 -5.38 3.46
N GLU A 77 3.18 -4.65 3.45
CA GLU A 77 1.89 -5.22 3.80
C GLU A 77 1.44 -6.23 2.74
N PHE A 78 1.53 -5.83 1.47
CA PHE A 78 1.14 -6.72 0.37
C PHE A 78 2.01 -7.98 0.34
N VAL A 79 3.31 -7.81 0.60
CA VAL A 79 4.25 -8.94 0.62
C VAL A 79 3.87 -9.93 1.71
N LYS A 80 3.65 -9.43 2.93
CA LYS A 80 3.28 -10.28 4.07
C LYS A 80 1.89 -10.88 3.89
N GLY A 81 1.03 -10.20 3.12
CA GLY A 81 -0.32 -10.69 2.89
C GLY A 81 -0.34 -12.00 2.12
N PHE A 82 0.39 -12.03 1.00
CA PHE A 82 0.46 -13.23 0.16
C PHE A 82 1.32 -14.30 0.83
N GLN A 83 2.40 -13.88 1.49
CA GLN A 83 3.31 -14.79 2.18
C GLN A 83 2.76 -15.25 3.55
N VAL A 84 1.52 -14.85 3.88
CA VAL A 84 0.91 -15.23 5.16
C VAL A 84 0.89 -16.75 5.34
N PHE A 85 0.51 -17.48 4.29
CA PHE A 85 0.47 -18.94 4.34
C PHE A 85 0.85 -19.56 2.99
N ASP A 86 1.77 -18.91 2.27
CA ASP A 86 2.25 -19.39 0.98
C ASP A 86 3.77 -19.40 0.94
N LYS A 87 4.37 -20.39 1.60
CA LYS A 87 5.83 -20.52 1.65
C LYS A 87 6.41 -20.72 0.25
N ASP A 88 5.83 -21.67 -0.50
CA ASP A 88 6.29 -21.96 -1.85
C ASP A 88 5.54 -21.13 -2.89
N ALA A 89 4.22 -21.37 -2.98
CA ALA A 89 3.37 -20.65 -3.93
C ALA A 89 3.96 -20.63 -5.34
N THR A 90 4.30 -21.81 -5.85
CA THR A 90 4.88 -21.94 -7.19
C THR A 90 3.84 -22.43 -8.20
N GLY A 91 3.12 -23.49 -7.84
CA GLY A 91 2.10 -24.04 -8.73
C GLY A 91 0.69 -23.92 -8.16
N MET A 92 0.47 -22.94 -7.27
CA MET A 92 -0.83 -22.72 -6.65
C MET A 92 -0.83 -21.45 -5.80
N ILE A 93 -1.99 -20.79 -5.73
CA ILE A 93 -2.12 -19.56 -4.95
C ILE A 93 -3.13 -19.71 -3.80
N GLY A 94 -4.28 -20.32 -4.08
CA GLY A 94 -5.30 -20.50 -3.06
C GLY A 94 -5.93 -19.18 -2.64
N VAL A 95 -6.90 -18.71 -3.43
CA VAL A 95 -7.60 -17.45 -3.16
C VAL A 95 -7.98 -17.30 -1.68
N GLY A 96 -8.34 -18.41 -1.03
CA GLY A 96 -8.73 -18.38 0.38
C GLY A 96 -7.74 -17.60 1.24
N GLU A 97 -6.45 -17.70 0.91
CA GLU A 97 -5.40 -17.01 1.66
C GLU A 97 -5.30 -15.54 1.23
N LEU A 98 -5.30 -15.31 -0.09
CA LEU A 98 -5.21 -13.96 -0.64
C LEU A 98 -6.38 -13.09 -0.15
N ARG A 99 -7.58 -13.69 -0.08
CA ARG A 99 -8.77 -12.99 0.39
C ARG A 99 -8.73 -12.82 1.90
N TYR A 100 -8.21 -13.84 2.60
CA TYR A 100 -8.11 -13.80 4.06
C TYR A 100 -7.40 -12.53 4.53
N VAL A 101 -6.35 -12.13 3.81
CA VAL A 101 -5.58 -10.93 4.15
C VAL A 101 -6.26 -9.67 3.60
N LEU A 102 -6.57 -9.70 2.30
CA LEU A 102 -7.21 -8.55 1.63
C LEU A 102 -8.54 -8.16 2.28
N THR A 103 -9.42 -9.13 2.49
CA THR A 103 -10.72 -8.87 3.11
C THR A 103 -10.57 -8.26 4.51
N SER A 104 -9.58 -8.76 5.26
CA SER A 104 -9.32 -8.26 6.61
C SER A 104 -8.69 -6.86 6.60
N LEU A 105 -8.11 -6.47 5.45
CA LEU A 105 -7.48 -5.16 5.33
C LEU A 105 -8.51 -4.03 5.44
N GLY A 106 -9.41 -3.97 4.45
CA GLY A 106 -10.44 -2.94 4.44
C GLY A 106 -11.65 -3.34 3.61
N GLU A 107 -12.13 -4.57 3.82
CA GLU A 107 -13.28 -5.09 3.07
C GLU A 107 -12.99 -5.16 1.58
N LYS A 108 -11.81 -5.67 1.23
CA LYS A 108 -11.40 -5.81 -0.17
C LYS A 108 -12.26 -6.89 -0.86
N LEU A 109 -11.64 -7.75 -1.69
CA LEU A 109 -12.38 -8.80 -2.38
C LEU A 109 -12.87 -9.86 -1.39
N SER A 110 -13.96 -9.56 -0.70
CA SER A 110 -14.55 -10.47 0.30
C SER A 110 -15.07 -11.76 -0.35
N ASN A 111 -15.75 -12.58 0.45
CA ASN A 111 -16.31 -13.86 -0.01
C ASN A 111 -17.16 -13.71 -1.26
N GLU A 112 -17.88 -12.59 -1.39
CA GLU A 112 -18.76 -12.35 -2.55
C GLU A 112 -17.95 -12.30 -3.85
N GLU A 113 -16.94 -11.42 -3.90
CA GLU A 113 -16.10 -11.29 -5.09
C GLU A 113 -15.48 -12.63 -5.48
N MET A 114 -14.86 -13.30 -4.51
CA MET A 114 -14.23 -14.60 -4.75
C MET A 114 -15.28 -15.67 -5.06
N ASP A 115 -16.50 -15.50 -4.54
CA ASP A 115 -17.58 -16.47 -4.79
C ASP A 115 -17.82 -16.62 -6.28
N GLU A 116 -17.93 -15.48 -6.98
CA GLU A 116 -18.14 -15.49 -8.43
C GLU A 116 -16.92 -16.03 -9.16
N LEU A 117 -15.73 -15.60 -8.72
CA LEU A 117 -14.47 -16.06 -9.31
C LEU A 117 -14.32 -17.57 -9.16
N LEU A 118 -14.66 -18.08 -7.98
CA LEU A 118 -14.58 -19.52 -7.69
C LEU A 118 -15.61 -20.30 -8.50
N LYS A 119 -16.77 -19.69 -8.75
CA LYS A 119 -17.84 -20.34 -9.52
C LYS A 119 -17.35 -20.65 -10.94
N GLY A 120 -16.62 -19.71 -11.55
CA GLY A 120 -16.12 -19.90 -12.89
C GLY A 120 -14.96 -20.89 -12.94
N VAL A 121 -14.02 -20.76 -12.01
CA VAL A 121 -12.85 -21.65 -11.94
C VAL A 121 -13.21 -23.00 -11.33
N PRO A 122 -12.79 -24.11 -11.95
CA PRO A 122 -13.08 -25.47 -11.45
C PRO A 122 -12.16 -25.87 -10.29
N VAL A 123 -12.21 -25.11 -9.20
CA VAL A 123 -11.39 -25.37 -8.02
C VAL A 123 -12.23 -25.33 -6.74
N LYS A 124 -11.60 -25.69 -5.61
CA LYS A 124 -12.27 -25.69 -4.31
C LYS A 124 -11.48 -24.88 -3.29
N ASP A 125 -11.09 -23.67 -3.71
CA ASP A 125 -10.31 -22.76 -2.86
C ASP A 125 -9.90 -21.51 -3.64
N GLY A 126 -9.63 -21.68 -4.93
CA GLY A 126 -9.22 -20.58 -5.78
C GLY A 126 -7.77 -20.71 -6.24
N MET A 127 -7.42 -21.89 -6.77
CA MET A 127 -6.07 -22.14 -7.23
C MET A 127 -6.00 -22.08 -8.75
N VAL A 128 -5.26 -21.08 -9.25
CA VAL A 128 -5.10 -20.87 -10.69
C VAL A 128 -3.67 -20.41 -11.02
N ASN A 129 -2.71 -20.80 -10.16
CA ASN A 129 -1.30 -20.45 -10.36
C ASN A 129 -1.06 -18.93 -10.30
N TYR A 130 -1.97 -18.19 -9.64
CA TYR A 130 -1.85 -16.74 -9.51
C TYR A 130 -1.58 -16.09 -10.89
N HIS A 131 -2.42 -16.42 -11.86
CA HIS A 131 -2.27 -15.88 -13.22
C HIS A 131 -3.59 -15.31 -13.73
N ASP A 132 -4.64 -16.14 -13.71
CA ASP A 132 -5.97 -15.72 -14.18
C ASP A 132 -6.48 -14.49 -13.42
N PHE A 133 -6.18 -14.43 -12.12
CA PHE A 133 -6.61 -13.31 -11.28
C PHE A 133 -5.88 -12.03 -11.67
N VAL A 134 -4.55 -12.08 -11.66
CA VAL A 134 -3.72 -10.92 -12.03
C VAL A 134 -3.96 -10.50 -13.48
N GLN A 135 -4.28 -11.47 -14.34
CA GLN A 135 -4.53 -11.19 -15.76
C GLN A 135 -5.76 -10.30 -15.94
N MET A 136 -6.86 -10.67 -15.26
CA MET A 136 -8.10 -9.91 -15.34
C MET A 136 -8.01 -8.59 -14.57
N ILE A 137 -7.23 -8.58 -13.49
CA ILE A 137 -7.06 -7.39 -12.67
C ILE A 137 -6.31 -6.29 -13.43
N LEU A 138 -5.22 -6.64 -14.09
CA LEU A 138 -4.43 -5.67 -14.85
C LEU A 138 -5.01 -5.46 -16.25
N ALA A 139 -5.18 -6.55 -17.00
CA ALA A 139 -5.72 -6.49 -18.36
C ALA A 139 -4.74 -5.82 -19.31
N ASN A 140 -4.13 -6.63 -20.19
CA ASN A 140 -3.16 -6.13 -21.15
C ASN A 140 -3.43 -6.70 -22.55
N SER A 1 6.38 19.35 7.38
CA SER A 1 5.49 20.40 7.98
C SER A 1 4.25 19.77 8.63
N THR A 2 3.40 20.62 9.22
CA THR A 2 2.18 20.16 9.89
C THR A 2 0.96 20.30 8.96
N ASP A 3 1.20 20.22 7.64
CA ASP A 3 0.11 20.33 6.66
C ASP A 3 0.17 19.21 5.61
N ASP A 4 0.98 18.17 5.89
CA ASP A 4 1.13 17.04 4.96
C ASP A 4 1.59 17.51 3.58
N SER A 5 2.90 17.75 3.48
CA SER A 5 3.49 18.20 2.23
C SER A 5 3.43 17.13 1.13
N PRO A 6 3.81 15.87 1.45
CA PRO A 6 3.79 14.77 0.48
C PRO A 6 2.40 14.24 0.16
N TYR A 7 1.40 14.56 1.00
CA TYR A 7 0.04 14.08 0.80
C TYR A 7 -0.92 15.21 0.41
N LYS A 8 -1.11 16.17 1.30
CA LYS A 8 -2.02 17.30 1.06
C LYS A 8 -1.43 18.28 0.04
N GLN A 9 -0.24 18.82 0.33
CA GLN A 9 0.41 19.76 -0.57
C GLN A 9 0.64 19.13 -1.94
N ALA A 10 1.16 17.89 -1.94
CA ALA A 10 1.41 17.16 -3.18
C ALA A 10 0.11 16.88 -3.94
N PHE A 11 -0.97 16.63 -3.20
CA PHE A 11 -2.28 16.38 -3.81
C PHE A 11 -2.69 17.56 -4.68
N SER A 12 -2.56 18.78 -4.12
CA SER A 12 -2.90 20.00 -4.83
C SER A 12 -2.01 20.20 -6.06
N LEU A 13 -0.74 19.76 -5.95
CA LEU A 13 0.22 19.88 -7.06
C LEU A 13 -0.28 19.15 -8.31
N PHE A 14 -0.95 18.01 -8.12
CA PHE A 14 -1.47 17.22 -9.23
C PHE A 14 -2.95 17.54 -9.51
N ASP A 15 -3.34 18.79 -9.30
CA ASP A 15 -4.73 19.22 -9.53
C ASP A 15 -4.91 19.71 -10.97
N ARG A 16 -5.11 18.75 -11.89
CA ARG A 16 -5.31 19.06 -13.31
C ARG A 16 -6.62 19.80 -13.55
N HIS A 17 -7.63 19.52 -12.73
CA HIS A 17 -8.95 20.16 -12.87
C HIS A 17 -8.99 21.50 -12.13
N GLY A 18 -8.22 21.61 -11.04
CA GLY A 18 -8.21 22.84 -10.26
C GLY A 18 -9.45 23.00 -9.40
N THR A 19 -10.03 21.89 -8.97
CA THR A 19 -11.24 21.90 -8.13
C THR A 19 -11.06 21.01 -6.90
N GLY A 20 -9.80 20.86 -6.44
CA GLY A 20 -9.52 20.03 -5.29
C GLY A 20 -9.80 18.55 -5.52
N ARG A 21 -9.81 18.13 -6.80
CA ARG A 21 -10.07 16.74 -7.15
C ARG A 21 -9.01 16.22 -8.12
N ILE A 22 -8.83 14.90 -8.16
CA ILE A 22 -7.84 14.29 -9.04
C ILE A 22 -8.30 12.91 -9.55
N PRO A 23 -8.15 12.66 -10.87
CA PRO A 23 -8.54 11.39 -11.48
C PRO A 23 -7.44 10.32 -11.35
N LYS A 24 -7.78 9.06 -11.65
CA LYS A 24 -6.84 7.95 -11.57
C LYS A 24 -5.47 8.30 -12.18
N THR A 25 -5.47 9.06 -13.27
CA THR A 25 -4.23 9.47 -13.93
C THR A 25 -3.35 10.29 -12.99
N SER A 26 -3.97 11.23 -12.26
CA SER A 26 -3.23 12.09 -11.32
C SER A 26 -2.76 11.31 -10.10
N ILE A 27 -3.66 10.51 -9.50
CA ILE A 27 -3.29 9.71 -8.31
C ILE A 27 -2.10 8.81 -8.59
N GLY A 28 -2.00 8.31 -9.83
CA GLY A 28 -0.88 7.44 -10.20
C GLY A 28 0.47 8.09 -9.94
N ASP A 29 0.81 9.10 -10.74
CA ASP A 29 2.08 9.82 -10.59
C ASP A 29 2.17 10.50 -9.23
N LEU A 30 1.02 10.85 -8.63
CA LEU A 30 0.99 11.49 -7.31
C LEU A 30 1.59 10.55 -6.26
N LEU A 31 1.14 9.29 -6.27
CA LEU A 31 1.63 8.28 -5.33
C LEU A 31 3.14 8.06 -5.53
N ARG A 32 3.60 8.19 -6.78
CA ARG A 32 5.01 8.02 -7.11
C ARG A 32 5.90 8.95 -6.26
N ALA A 33 5.40 10.16 -6.01
CA ALA A 33 6.13 11.15 -5.20
C ALA A 33 6.58 10.57 -3.86
N CYS A 34 5.74 9.73 -3.26
CA CYS A 34 6.05 9.09 -1.98
C CYS A 34 6.70 7.73 -2.18
N GLY A 35 7.78 7.69 -2.97
CA GLY A 35 8.48 6.45 -3.22
C GLY A 35 8.13 5.84 -4.58
N GLN A 36 7.10 4.99 -4.59
CA GLN A 36 6.66 4.32 -5.82
C GLN A 36 5.16 4.51 -6.04
N ASN A 37 4.70 4.13 -7.24
CA ASN A 37 3.29 4.25 -7.60
C ASN A 37 2.77 2.97 -8.26
N PRO A 38 1.45 2.72 -8.18
CA PRO A 38 0.83 1.54 -8.77
C PRO A 38 0.50 1.73 -10.26
N THR A 39 -0.39 0.88 -10.79
CA THR A 39 -0.79 0.95 -12.20
C THR A 39 -2.16 1.60 -12.35
N LEU A 40 -2.52 1.96 -13.58
CA LEU A 40 -3.82 2.58 -13.88
C LEU A 40 -4.97 1.72 -13.34
N ALA A 41 -4.78 0.39 -13.35
CA ALA A 41 -5.80 -0.53 -12.85
C ALA A 41 -6.03 -0.30 -11.36
N GLU A 42 -4.95 0.01 -10.62
CA GLU A 42 -5.04 0.26 -9.18
C GLU A 42 -5.81 1.55 -8.89
N ILE A 43 -5.37 2.66 -9.50
CA ILE A 43 -6.04 3.96 -9.30
C ILE A 43 -7.52 3.87 -9.66
N THR A 44 -7.83 3.24 -10.80
CA THR A 44 -9.22 3.07 -11.23
C THR A 44 -9.98 2.22 -10.20
N GLU A 45 -9.31 1.19 -9.67
CA GLU A 45 -9.91 0.33 -8.65
C GLU A 45 -10.34 1.14 -7.44
N ILE A 46 -9.53 2.13 -7.08
CA ILE A 46 -9.82 3.02 -5.94
C ILE A 46 -11.10 3.81 -6.24
N GLU A 47 -11.19 4.38 -7.44
CA GLU A 47 -12.37 5.14 -7.87
C GLU A 47 -13.65 4.30 -7.77
N SER A 48 -13.51 2.97 -7.92
CA SER A 48 -14.66 2.06 -7.85
C SER A 48 -15.33 2.05 -6.47
N THR A 49 -14.67 2.64 -5.45
CA THR A 49 -15.22 2.68 -4.10
C THR A 49 -15.47 4.12 -3.61
N LEU A 50 -14.90 5.12 -4.31
CA LEU A 50 -15.08 6.53 -3.94
C LEU A 50 -15.62 7.33 -5.12
N PRO A 51 -16.34 8.44 -4.83
CA PRO A 51 -16.91 9.31 -5.86
C PRO A 51 -15.98 9.52 -7.07
N ALA A 52 -16.58 9.67 -8.26
CA ALA A 52 -15.85 9.86 -9.51
C ALA A 52 -14.50 10.55 -9.31
N GLU A 53 -14.54 11.82 -8.88
CA GLU A 53 -13.32 12.58 -8.64
C GLU A 53 -12.82 12.35 -7.21
N VAL A 54 -11.56 11.94 -7.09
CA VAL A 54 -10.96 11.68 -5.78
C VAL A 54 -10.37 12.97 -5.19
N ASP A 55 -11.21 13.69 -4.44
CA ASP A 55 -10.77 14.93 -3.80
C ASP A 55 -10.05 14.64 -2.49
N MET A 56 -9.55 15.68 -1.84
CA MET A 56 -8.84 15.55 -0.55
C MET A 56 -9.54 14.54 0.37
N GLU A 57 -10.87 14.64 0.46
CA GLU A 57 -11.65 13.74 1.31
C GLU A 57 -11.63 12.30 0.81
N GLN A 58 -11.95 12.11 -0.47
CA GLN A 58 -11.99 10.77 -1.09
C GLN A 58 -10.63 10.05 -0.94
N PHE A 59 -9.55 10.73 -1.35
CA PHE A 59 -8.21 10.16 -1.26
C PHE A 59 -7.83 9.86 0.19
N LEU A 60 -8.02 10.84 1.07
CA LEU A 60 -7.71 10.66 2.49
C LEU A 60 -8.53 9.53 3.12
N GLN A 61 -9.76 9.34 2.64
CA GLN A 61 -10.64 8.29 3.15
C GLN A 61 -10.04 6.90 2.91
N VAL A 62 -9.66 6.62 1.66
CA VAL A 62 -9.07 5.33 1.30
C VAL A 62 -7.70 5.14 1.95
N LEU A 63 -6.86 6.20 1.91
CA LEU A 63 -5.53 6.16 2.48
C LEU A 63 -5.58 6.01 4.00
N ASN A 64 -6.35 6.86 4.67
CA ASN A 64 -6.47 6.81 6.12
C ASN A 64 -7.75 6.08 6.53
N ARG A 65 -7.91 4.85 6.02
CA ARG A 65 -9.09 4.03 6.33
C ARG A 65 -9.20 3.76 7.83
N PRO A 66 -8.14 3.17 8.44
CA PRO A 66 -8.13 2.87 9.88
C PRO A 66 -7.67 4.04 10.76
N ASN A 67 -7.70 5.27 10.20
CA ASN A 67 -7.29 6.47 10.93
C ASN A 67 -5.90 6.33 11.55
N GLY A 68 -4.87 6.66 10.76
CA GLY A 68 -3.50 6.57 11.25
C GLY A 68 -2.50 6.22 10.16
N PHE A 69 -1.21 6.28 10.51
CA PHE A 69 -0.13 5.98 9.57
C PHE A 69 0.45 4.59 9.85
N ASP A 70 0.98 3.96 8.80
CA ASP A 70 1.58 2.62 8.92
C ASP A 70 0.54 1.62 9.46
N MET A 71 -0.45 1.31 8.63
CA MET A 71 -1.52 0.39 9.00
C MET A 71 -2.51 0.21 7.85
N PRO A 72 -3.06 1.32 7.29
CA PRO A 72 -4.03 1.27 6.17
C PRO A 72 -3.65 0.24 5.09
N GLY A 73 -2.36 0.20 4.73
CA GLY A 73 -1.90 -0.73 3.73
C GLY A 73 -1.13 -0.06 2.61
N ASP A 74 0.19 0.01 2.74
CA ASP A 74 1.04 0.64 1.73
C ASP A 74 0.93 -0.10 0.40
N PRO A 75 0.81 0.64 -0.72
CA PRO A 75 0.70 0.05 -2.06
C PRO A 75 1.85 -0.91 -2.38
N GLU A 76 3.08 -0.46 -2.10
CA GLU A 76 4.27 -1.26 -2.34
C GLU A 76 4.30 -2.51 -1.47
N GLU A 77 3.79 -2.39 -0.23
CA GLU A 77 3.76 -3.52 0.70
C GLU A 77 2.79 -4.60 0.23
N PHE A 78 1.62 -4.18 -0.23
CA PHE A 78 0.60 -5.13 -0.71
C PHE A 78 1.00 -5.73 -2.06
N VAL A 79 1.47 -4.88 -2.98
CA VAL A 79 1.88 -5.35 -4.31
C VAL A 79 3.00 -6.38 -4.23
N LYS A 80 4.08 -6.04 -3.52
CA LYS A 80 5.22 -6.95 -3.37
C LYS A 80 4.82 -8.21 -2.61
N GLY A 81 4.00 -8.05 -1.56
CA GLY A 81 3.55 -9.19 -0.78
C GLY A 81 2.70 -10.16 -1.58
N PHE A 82 1.73 -9.62 -2.33
CA PHE A 82 0.85 -10.44 -3.16
C PHE A 82 1.60 -11.07 -4.34
N GLN A 83 2.70 -10.43 -4.76
CA GLN A 83 3.52 -10.93 -5.86
C GLN A 83 4.40 -12.09 -5.40
N VAL A 84 3.78 -13.25 -5.19
CA VAL A 84 4.50 -14.45 -4.75
C VAL A 84 3.99 -15.68 -5.51
N PHE A 85 2.74 -16.05 -5.26
CA PHE A 85 2.14 -17.22 -5.93
C PHE A 85 0.73 -16.92 -6.43
N ASP A 86 0.49 -15.66 -6.84
CA ASP A 86 -0.82 -15.25 -7.36
C ASP A 86 -0.65 -14.36 -8.59
N LYS A 87 0.10 -14.87 -9.57
CA LYS A 87 0.36 -14.13 -10.82
C LYS A 87 -0.89 -14.03 -11.72
N ASP A 88 -2.00 -14.67 -11.33
CA ASP A 88 -3.23 -14.63 -12.12
C ASP A 88 -4.19 -13.57 -11.60
N ALA A 89 -4.61 -13.71 -10.34
CA ALA A 89 -5.54 -12.77 -9.71
C ALA A 89 -6.82 -12.61 -10.52
N THR A 90 -7.44 -13.74 -10.86
CA THR A 90 -8.67 -13.75 -11.65
C THR A 90 -9.63 -14.84 -11.15
N GLY A 91 -10.34 -14.54 -10.07
CA GLY A 91 -11.28 -15.49 -9.50
C GLY A 91 -10.67 -16.35 -8.40
N MET A 92 -9.52 -15.94 -7.87
CA MET A 92 -8.84 -16.68 -6.82
C MET A 92 -7.64 -15.91 -6.26
N ILE A 93 -7.57 -15.82 -4.93
CA ILE A 93 -6.46 -15.12 -4.26
C ILE A 93 -5.49 -16.10 -3.63
N GLY A 94 -6.01 -17.22 -3.11
CA GLY A 94 -5.16 -18.22 -2.48
C GLY A 94 -4.57 -17.73 -1.17
N VAL A 95 -5.37 -17.78 -0.09
CA VAL A 95 -4.94 -17.34 1.22
C VAL A 95 -3.54 -17.84 1.57
N GLY A 96 -3.19 -19.05 1.10
CA GLY A 96 -1.87 -19.62 1.37
C GLY A 96 -0.75 -18.63 1.07
N GLU A 97 -0.92 -17.84 0.01
CA GLU A 97 0.07 -16.83 -0.38
C GLU A 97 0.00 -15.62 0.55
N LEU A 98 -1.20 -15.05 0.71
CA LEU A 98 -1.41 -13.89 1.57
C LEU A 98 -1.00 -14.19 3.02
N ARG A 99 -1.25 -15.42 3.46
CA ARG A 99 -0.91 -15.86 4.82
C ARG A 99 0.61 -15.94 5.00
N TYR A 100 1.28 -16.63 4.07
CA TYR A 100 2.74 -16.78 4.12
C TYR A 100 3.45 -15.41 4.15
N VAL A 101 2.89 -14.45 3.41
CA VAL A 101 3.47 -13.10 3.33
C VAL A 101 3.25 -12.33 4.64
N LEU A 102 2.02 -12.34 5.14
CA LEU A 102 1.66 -11.63 6.37
C LEU A 102 2.23 -12.31 7.62
N THR A 103 1.96 -13.61 7.77
CA THR A 103 2.43 -14.37 8.94
C THR A 103 3.95 -14.27 9.09
N SER A 104 4.68 -14.25 7.97
CA SER A 104 6.14 -14.16 7.99
C SER A 104 6.62 -12.73 8.28
N LEU A 105 5.73 -11.74 8.11
CA LEU A 105 6.06 -10.34 8.36
C LEU A 105 6.37 -10.10 9.84
N GLY A 106 5.36 -10.24 10.69
CA GLY A 106 5.54 -10.03 12.12
C GLY A 106 4.40 -10.61 12.94
N GLU A 107 4.18 -11.90 12.81
CA GLU A 107 3.11 -12.60 13.54
C GLU A 107 1.73 -12.02 13.19
N LYS A 108 1.54 -11.71 11.90
CA LYS A 108 0.27 -11.16 11.42
C LYS A 108 -0.82 -12.25 11.47
N LEU A 109 -1.66 -12.33 10.42
CA LEU A 109 -2.73 -13.34 10.38
C LEU A 109 -2.14 -14.75 10.24
N SER A 110 -1.66 -15.29 11.36
CA SER A 110 -1.06 -16.63 11.40
C SER A 110 -2.08 -17.74 11.10
N ASN A 111 -1.67 -18.99 11.30
CA ASN A 111 -2.53 -20.15 11.06
C ASN A 111 -3.89 -20.01 11.74
N GLU A 112 -3.91 -19.44 12.94
CA GLU A 112 -5.16 -19.26 13.70
C GLU A 112 -6.13 -18.32 12.98
N GLU A 113 -5.63 -17.15 12.58
CA GLU A 113 -6.46 -16.17 11.87
C GLU A 113 -7.05 -16.77 10.60
N MET A 114 -6.19 -17.33 9.75
CA MET A 114 -6.63 -17.95 8.50
C MET A 114 -7.47 -19.20 8.77
N ASP A 115 -7.24 -19.87 9.90
CA ASP A 115 -7.99 -21.07 10.27
C ASP A 115 -9.48 -20.76 10.34
N GLU A 116 -9.82 -19.64 11.00
CA GLU A 116 -11.20 -19.21 11.15
C GLU A 116 -11.77 -18.73 9.81
N LEU A 117 -10.94 -18.01 9.04
CA LEU A 117 -11.36 -17.50 7.73
C LEU A 117 -11.67 -18.65 6.77
N LEU A 118 -10.83 -19.68 6.80
CA LEU A 118 -11.00 -20.86 5.94
C LEU A 118 -12.16 -21.74 6.43
N LYS A 119 -12.40 -21.75 7.74
CA LYS A 119 -13.48 -22.54 8.32
C LYS A 119 -14.84 -22.06 7.83
N GLY A 120 -15.00 -20.73 7.74
CA GLY A 120 -16.26 -20.17 7.27
C GLY A 120 -16.47 -20.33 5.78
N VAL A 121 -15.41 -20.09 4.98
CA VAL A 121 -15.49 -20.21 3.53
C VAL A 121 -15.33 -21.66 3.09
N PRO A 122 -16.25 -22.17 2.23
CA PRO A 122 -16.20 -23.54 1.73
C PRO A 122 -15.12 -23.74 0.66
N VAL A 123 -13.85 -23.53 1.06
CA VAL A 123 -12.72 -23.68 0.15
C VAL A 123 -11.62 -24.54 0.79
N LYS A 124 -10.64 -24.96 -0.01
CA LYS A 124 -9.54 -25.80 0.49
C LYS A 124 -8.18 -25.20 0.11
N ASP A 125 -7.99 -23.94 0.48
CA ASP A 125 -6.74 -23.20 0.20
C ASP A 125 -6.90 -21.72 0.56
N GLY A 126 -8.09 -21.18 0.28
CA GLY A 126 -8.37 -19.79 0.57
C GLY A 126 -8.59 -18.98 -0.69
N MET A 127 -9.29 -19.57 -1.67
CA MET A 127 -9.57 -18.90 -2.93
C MET A 127 -11.02 -18.41 -2.97
N VAL A 128 -11.16 -17.09 -3.00
CA VAL A 128 -12.48 -16.45 -3.02
C VAL A 128 -12.47 -15.19 -3.92
N ASN A 129 -11.50 -15.12 -4.85
CA ASN A 129 -11.39 -13.98 -5.77
C ASN A 129 -11.14 -12.67 -5.01
N TYR A 130 -10.62 -12.76 -3.78
CA TYR A 130 -10.33 -11.59 -2.95
C TYR A 130 -11.52 -10.61 -2.95
N HIS A 131 -12.73 -11.15 -2.78
CA HIS A 131 -13.93 -10.33 -2.77
C HIS A 131 -14.65 -10.40 -1.42
N ASP A 132 -14.89 -11.63 -0.94
CA ASP A 132 -15.57 -11.84 0.34
C ASP A 132 -14.81 -11.21 1.50
N PHE A 133 -13.47 -11.26 1.44
CA PHE A 133 -12.63 -10.69 2.49
C PHE A 133 -12.74 -9.16 2.50
N VAL A 134 -12.47 -8.54 1.35
CA VAL A 134 -12.54 -7.09 1.21
C VAL A 134 -13.97 -6.58 1.44
N GLN A 135 -14.96 -7.40 1.06
CA GLN A 135 -16.37 -7.04 1.24
C GLN A 135 -16.70 -6.80 2.72
N MET A 136 -16.29 -7.75 3.56
CA MET A 136 -16.51 -7.65 5.00
C MET A 136 -15.62 -6.57 5.62
N ILE A 137 -14.46 -6.32 4.99
CA ILE A 137 -13.53 -5.31 5.46
C ILE A 137 -14.18 -3.92 5.48
N LEU A 138 -14.98 -3.63 4.45
CA LEU A 138 -15.67 -2.34 4.37
C LEU A 138 -17.13 -2.46 4.82
N ALA A 139 -17.34 -3.17 5.93
CA ALA A 139 -18.67 -3.38 6.49
C ALA A 139 -18.62 -3.52 8.00
N ASN A 140 -18.59 -2.38 8.70
CA ASN A 140 -18.53 -2.37 10.16
C ASN A 140 -19.50 -1.35 10.74
N SER A 1 -3.25 17.05 8.86
CA SER A 1 -4.49 17.21 8.04
C SER A 1 -4.32 18.28 6.97
N THR A 2 -3.92 19.49 7.37
CA THR A 2 -3.71 20.58 6.44
C THR A 2 -2.27 21.11 6.54
N ASP A 3 -1.33 20.19 6.79
CA ASP A 3 0.08 20.53 6.92
C ASP A 3 0.96 19.38 6.42
N ASP A 4 0.59 18.81 5.28
CA ASP A 4 1.32 17.69 4.69
C ASP A 4 1.84 18.06 3.30
N SER A 5 3.16 18.26 3.20
CA SER A 5 3.79 18.62 1.93
C SER A 5 3.65 17.50 0.89
N PRO A 6 3.95 16.24 1.26
CA PRO A 6 3.85 15.10 0.32
C PRO A 6 2.43 14.59 0.11
N TYR A 7 1.48 14.99 0.97
CA TYR A 7 0.10 14.53 0.84
C TYR A 7 -0.85 15.65 0.44
N LYS A 8 -0.95 16.69 1.27
CA LYS A 8 -1.84 17.83 1.00
C LYS A 8 -1.29 18.71 -0.12
N GLN A 9 -0.09 19.26 0.09
CA GLN A 9 0.54 20.13 -0.90
C GLN A 9 0.73 19.38 -2.22
N ALA A 10 1.26 18.16 -2.14
CA ALA A 10 1.48 17.33 -3.33
C ALA A 10 0.17 17.05 -4.05
N PHE A 11 -0.91 16.88 -3.29
CA PHE A 11 -2.24 16.61 -3.87
C PHE A 11 -2.66 17.75 -4.81
N SER A 12 -2.55 18.99 -4.34
CA SER A 12 -2.92 20.16 -5.14
C SER A 12 -2.06 20.27 -6.40
N LEU A 13 -0.79 19.87 -6.31
CA LEU A 13 0.12 19.92 -7.46
C LEU A 13 -0.46 19.16 -8.66
N PHE A 14 -1.12 18.03 -8.38
CA PHE A 14 -1.70 17.20 -9.43
C PHE A 14 -3.19 17.51 -9.66
N ASP A 15 -3.58 18.77 -9.48
CA ASP A 15 -4.97 19.17 -9.69
C ASP A 15 -5.23 19.46 -11.17
N ARG A 16 -5.52 18.41 -11.93
CA ARG A 16 -5.77 18.52 -13.37
C ARG A 16 -7.08 19.27 -13.64
N HIS A 17 -8.07 19.10 -12.76
CA HIS A 17 -9.36 19.77 -12.92
C HIS A 17 -9.35 21.16 -12.29
N GLY A 18 -8.57 21.32 -11.20
CA GLY A 18 -8.49 22.60 -10.52
C GLY A 18 -9.69 22.85 -9.61
N THR A 19 -10.17 21.78 -8.97
CA THR A 19 -11.31 21.88 -8.06
C THR A 19 -11.09 21.06 -6.79
N GLY A 20 -9.82 20.93 -6.39
CA GLY A 20 -9.48 20.16 -5.20
C GLY A 20 -9.75 18.66 -5.36
N ARG A 21 -9.83 18.20 -6.62
CA ARG A 21 -10.08 16.80 -6.91
C ARG A 21 -9.08 16.26 -7.92
N ILE A 22 -8.90 14.94 -7.96
CA ILE A 22 -7.96 14.32 -8.90
C ILE A 22 -8.46 12.96 -9.39
N PRO A 23 -8.29 12.67 -10.70
CA PRO A 23 -8.70 11.42 -11.31
C PRO A 23 -7.60 10.36 -11.24
N LYS A 24 -7.93 9.11 -11.64
CA LYS A 24 -6.97 7.99 -11.63
C LYS A 24 -5.60 8.38 -12.18
N THR A 25 -5.59 9.24 -13.20
CA THR A 25 -4.34 9.68 -13.82
C THR A 25 -3.42 10.37 -12.81
N SER A 26 -3.98 11.29 -12.02
CA SER A 26 -3.21 12.03 -11.01
C SER A 26 -2.81 11.12 -9.84
N ILE A 27 -3.78 10.40 -9.26
CA ILE A 27 -3.49 9.51 -8.12
C ILE A 27 -2.29 8.61 -8.41
N GLY A 28 -2.13 8.18 -9.66
CA GLY A 28 -1.00 7.33 -10.04
C GLY A 28 0.33 7.97 -9.71
N ASP A 29 0.69 9.02 -10.46
CA ASP A 29 1.96 9.73 -10.24
C ASP A 29 2.01 10.36 -8.83
N LEU A 30 0.83 10.70 -8.29
CA LEU A 30 0.75 11.27 -6.95
C LEU A 30 1.32 10.30 -5.93
N LEU A 31 0.88 9.03 -6.01
CA LEU A 31 1.36 7.98 -5.12
C LEU A 31 2.87 7.77 -5.27
N ARG A 32 3.37 7.94 -6.51
CA ARG A 32 4.78 7.79 -6.81
C ARG A 32 5.65 8.72 -5.93
N ALA A 33 5.10 9.89 -5.58
CA ALA A 33 5.80 10.86 -4.75
C ALA A 33 6.32 10.24 -3.45
N CYS A 34 5.48 9.42 -2.81
CA CYS A 34 5.86 8.76 -1.56
C CYS A 34 7.02 7.79 -1.78
N GLY A 35 6.94 7.02 -2.87
CA GLY A 35 7.98 6.05 -3.20
C GLY A 35 7.74 5.40 -4.54
N GLN A 36 6.66 4.62 -4.64
CA GLN A 36 6.31 3.93 -5.88
C GLN A 36 4.83 4.14 -6.21
N ASN A 37 4.46 3.86 -7.46
CA ASN A 37 3.07 4.02 -7.89
C ASN A 37 2.61 2.83 -8.74
N PRO A 38 1.29 2.54 -8.73
CA PRO A 38 0.70 1.43 -9.47
C PRO A 38 0.34 1.81 -10.91
N THR A 39 -0.49 0.99 -11.56
CA THR A 39 -0.93 1.23 -12.92
C THR A 39 -2.31 1.86 -12.97
N LEU A 40 -2.71 2.33 -14.15
CA LEU A 40 -4.03 2.95 -14.34
C LEU A 40 -5.15 2.03 -13.86
N ALA A 41 -4.98 0.73 -14.06
CA ALA A 41 -5.97 -0.25 -13.63
C ALA A 41 -6.15 -0.19 -12.11
N GLU A 42 -5.04 0.04 -11.39
CA GLU A 42 -5.06 0.13 -9.94
C GLU A 42 -5.83 1.37 -9.46
N ILE A 43 -5.47 2.55 -9.99
CA ILE A 43 -6.15 3.79 -9.62
C ILE A 43 -7.64 3.71 -9.92
N THR A 44 -7.99 3.20 -11.11
CA THR A 44 -9.39 3.03 -11.50
C THR A 44 -10.12 2.14 -10.49
N GLU A 45 -9.42 1.09 -10.03
CA GLU A 45 -9.99 0.16 -9.04
C GLU A 45 -10.35 0.90 -7.75
N ILE A 46 -9.49 1.83 -7.34
CA ILE A 46 -9.73 2.63 -6.14
C ILE A 46 -10.97 3.50 -6.34
N GLU A 47 -11.03 4.18 -7.47
CA GLU A 47 -12.16 5.03 -7.83
C GLU A 47 -13.48 4.24 -7.85
N SER A 48 -13.39 2.92 -8.06
CA SER A 48 -14.56 2.04 -8.10
C SER A 48 -15.30 1.98 -6.75
N THR A 49 -14.69 2.53 -5.69
CA THR A 49 -15.29 2.53 -4.36
C THR A 49 -15.55 3.95 -3.88
N LEU A 50 -14.58 4.84 -4.10
CA LEU A 50 -14.72 6.24 -3.70
C LEU A 50 -15.29 7.07 -4.84
N PRO A 51 -16.03 8.16 -4.51
CA PRO A 51 -16.64 9.04 -5.51
C PRO A 51 -15.75 9.28 -6.73
N ALA A 52 -16.38 9.37 -7.91
CA ALA A 52 -15.67 9.58 -9.18
C ALA A 52 -14.36 10.35 -9.02
N GLU A 53 -14.46 11.59 -8.53
CA GLU A 53 -13.29 12.42 -8.31
C GLU A 53 -12.69 12.17 -6.94
N VAL A 54 -11.42 11.74 -6.90
CA VAL A 54 -10.74 11.46 -5.64
C VAL A 54 -10.14 12.74 -5.07
N ASP A 55 -10.97 13.50 -4.35
CA ASP A 55 -10.54 14.75 -3.75
C ASP A 55 -9.85 14.49 -2.41
N MET A 56 -9.37 15.55 -1.76
CA MET A 56 -8.70 15.44 -0.47
C MET A 56 -9.42 14.45 0.45
N GLU A 57 -10.74 14.56 0.53
CA GLU A 57 -11.56 13.69 1.38
C GLU A 57 -11.51 12.23 0.91
N GLN A 58 -11.80 12.01 -0.38
CA GLN A 58 -11.80 10.66 -0.96
C GLN A 58 -10.46 9.96 -0.77
N PHE A 59 -9.38 10.62 -1.20
CA PHE A 59 -8.04 10.07 -1.09
C PHE A 59 -7.65 9.84 0.38
N LEU A 60 -7.85 10.85 1.23
CA LEU A 60 -7.53 10.74 2.65
C LEU A 60 -8.36 9.64 3.32
N GLN A 61 -9.57 9.40 2.82
CA GLN A 61 -10.45 8.37 3.38
C GLN A 61 -9.83 6.98 3.20
N VAL A 62 -9.39 6.67 1.98
CA VAL A 62 -8.78 5.37 1.70
C VAL A 62 -7.41 5.26 2.36
N LEU A 63 -6.60 6.30 2.22
CA LEU A 63 -5.26 6.32 2.81
C LEU A 63 -5.32 6.27 4.33
N ASN A 64 -6.01 7.25 4.93
CA ASN A 64 -6.14 7.31 6.39
C ASN A 64 -7.41 6.57 6.85
N ARG A 65 -7.52 5.29 6.46
CA ARG A 65 -8.66 4.46 6.82
C ARG A 65 -8.79 4.34 8.35
N PRO A 66 -7.71 3.94 9.06
CA PRO A 66 -7.72 3.79 10.51
C PRO A 66 -7.40 5.10 11.26
N ASN A 67 -7.55 6.24 10.57
CA ASN A 67 -7.30 7.56 11.16
C ASN A 67 -5.84 7.73 11.57
N GLY A 68 -5.08 8.52 10.80
CA GLY A 68 -3.68 8.76 11.11
C GLY A 68 -2.73 8.06 10.17
N PHE A 69 -1.42 8.30 10.36
CA PHE A 69 -0.39 7.69 9.52
C PHE A 69 0.26 6.50 10.24
N ASP A 70 1.03 5.70 9.48
CA ASP A 70 1.71 4.52 10.03
C ASP A 70 0.71 3.58 10.69
N MET A 71 -0.13 2.95 9.86
CA MET A 71 -1.16 2.02 10.33
C MET A 71 -2.00 1.49 9.16
N PRO A 72 -2.55 2.39 8.32
CA PRO A 72 -3.37 2.01 7.16
C PRO A 72 -2.83 0.79 6.40
N GLY A 73 -1.52 0.78 6.15
CA GLY A 73 -0.89 -0.33 5.45
C GLY A 73 -0.20 0.12 4.17
N ASP A 74 1.03 0.60 4.31
CA ASP A 74 1.80 1.06 3.16
C ASP A 74 2.34 -0.12 2.34
N PRO A 75 2.28 -0.04 0.99
CA PRO A 75 2.75 -1.10 0.11
C PRO A 75 4.24 -1.43 0.34
N GLU A 76 5.04 -0.38 0.53
CA GLU A 76 6.48 -0.54 0.78
C GLU A 76 6.73 -1.15 2.16
N GLU A 77 5.86 -0.81 3.13
CA GLU A 77 5.98 -1.34 4.49
C GLU A 77 5.77 -2.85 4.52
N PHE A 78 4.77 -3.33 3.76
CA PHE A 78 4.45 -4.76 3.69
C PHE A 78 5.54 -5.51 2.91
N VAL A 79 6.00 -4.94 1.79
CA VAL A 79 7.02 -5.56 0.97
C VAL A 79 8.32 -5.73 1.76
N LYS A 80 8.85 -4.63 2.28
CA LYS A 80 10.09 -4.65 3.06
C LYS A 80 9.94 -5.47 4.35
N GLY A 81 8.70 -5.58 4.84
CA GLY A 81 8.44 -6.34 6.06
C GLY A 81 8.74 -7.82 5.89
N PHE A 82 8.16 -8.43 4.86
CA PHE A 82 8.37 -9.85 4.59
C PHE A 82 9.73 -10.08 3.92
N GLN A 83 10.08 -9.21 2.97
CA GLN A 83 11.36 -9.31 2.26
C GLN A 83 12.51 -8.78 3.12
N VAL A 84 12.87 -9.55 4.14
CA VAL A 84 13.96 -9.17 5.05
C VAL A 84 15.14 -10.12 4.89
N PHE A 85 14.86 -11.43 4.78
CA PHE A 85 15.90 -12.44 4.62
C PHE A 85 15.45 -13.52 3.64
N ASP A 86 14.77 -13.10 2.56
CA ASP A 86 14.29 -14.02 1.54
C ASP A 86 14.81 -13.63 0.15
N LYS A 87 16.13 -13.55 0.02
CA LYS A 87 16.76 -13.19 -1.25
C LYS A 87 16.45 -14.23 -2.33
N ASP A 88 16.65 -15.50 -1.99
CA ASP A 88 16.37 -16.60 -2.91
C ASP A 88 15.00 -17.21 -2.62
N ALA A 89 14.74 -17.50 -1.34
CA ALA A 89 13.47 -18.09 -0.91
C ALA A 89 13.27 -19.47 -1.56
N THR A 90 14.03 -20.46 -1.07
CA THR A 90 13.96 -21.82 -1.58
C THR A 90 12.94 -22.66 -0.79
N GLY A 91 11.66 -22.32 -0.97
CA GLY A 91 10.60 -23.04 -0.27
C GLY A 91 10.70 -22.89 1.25
N MET A 92 10.68 -21.65 1.72
CA MET A 92 10.77 -21.37 3.16
C MET A 92 10.44 -19.91 3.46
N ILE A 93 9.64 -19.68 4.48
CA ILE A 93 9.25 -18.32 4.88
C ILE A 93 9.92 -17.91 6.19
N GLY A 94 9.93 -18.81 7.17
CA GLY A 94 10.54 -18.50 8.46
C GLY A 94 9.85 -17.36 9.17
N VAL A 95 8.72 -17.64 9.82
CA VAL A 95 7.95 -16.64 10.55
C VAL A 95 8.84 -15.73 11.40
N GLY A 96 9.86 -16.32 12.04
CA GLY A 96 10.78 -15.56 12.87
C GLY A 96 11.27 -14.28 12.21
N GLU A 97 11.48 -14.33 10.90
CA GLU A 97 11.94 -13.18 10.12
C GLU A 97 10.78 -12.23 9.80
N LEU A 98 9.67 -12.81 9.33
CA LEU A 98 8.48 -12.02 8.99
C LEU A 98 7.99 -11.21 10.19
N ARG A 99 7.99 -11.84 11.37
CA ARG A 99 7.55 -11.17 12.61
C ARG A 99 8.62 -10.20 13.10
N TYR A 100 9.90 -10.55 12.93
CA TYR A 100 11.02 -9.71 13.35
C TYR A 100 10.87 -8.29 12.77
N VAL A 101 10.46 -8.21 11.50
CA VAL A 101 10.28 -6.92 10.83
C VAL A 101 8.92 -6.29 11.15
N LEU A 102 7.85 -7.07 10.93
CA LEU A 102 6.48 -6.61 11.17
C LEU A 102 6.27 -6.12 12.61
N THR A 103 6.73 -6.90 13.58
CA THR A 103 6.57 -6.53 15.00
C THR A 103 7.22 -5.18 15.31
N SER A 104 8.35 -4.90 14.65
CA SER A 104 9.07 -3.63 14.85
C SER A 104 8.26 -2.43 14.32
N LEU A 105 7.32 -2.67 13.41
CA LEU A 105 6.51 -1.60 12.83
C LEU A 105 5.59 -0.99 13.90
N GLY A 106 4.62 -1.77 14.37
CA GLY A 106 3.70 -1.28 15.39
C GLY A 106 3.08 -2.41 16.20
N GLU A 107 3.93 -3.31 16.69
CA GLU A 107 3.48 -4.46 17.49
C GLU A 107 2.56 -5.38 16.68
N LYS A 108 3.00 -5.72 15.47
CA LYS A 108 2.25 -6.60 14.58
C LYS A 108 2.22 -8.03 15.16
N LEU A 109 2.39 -9.06 14.32
CA LEU A 109 2.38 -10.44 14.78
C LEU A 109 3.63 -10.75 15.63
N SER A 110 3.60 -10.30 16.88
CA SER A 110 4.72 -10.49 17.80
C SER A 110 4.89 -11.97 18.19
N ASN A 111 5.77 -12.22 19.17
CA ASN A 111 6.06 -13.58 19.64
C ASN A 111 4.78 -14.34 20.01
N GLU A 112 3.82 -13.65 20.62
CA GLU A 112 2.57 -14.28 21.02
C GLU A 112 1.77 -14.76 19.80
N GLU A 113 1.54 -13.86 18.85
CA GLU A 113 0.80 -14.19 17.63
C GLU A 113 1.43 -15.39 16.92
N MET A 114 2.73 -15.31 16.65
CA MET A 114 3.45 -16.39 15.98
C MET A 114 3.49 -17.66 16.85
N ASP A 115 3.44 -17.48 18.17
CA ASP A 115 3.46 -18.62 19.10
C ASP A 115 2.27 -19.54 18.81
N GLU A 116 1.09 -18.95 18.62
CA GLU A 116 -0.12 -19.70 18.31
C GLU A 116 -0.01 -20.35 16.93
N LEU A 117 0.48 -19.57 15.96
CA LEU A 117 0.64 -20.06 14.59
C LEU A 117 1.61 -21.25 14.54
N LEU A 118 2.71 -21.16 15.29
CA LEU A 118 3.71 -22.23 15.34
C LEU A 118 3.17 -23.44 16.10
N LYS A 119 2.28 -23.20 17.06
CA LYS A 119 1.68 -24.28 17.86
C LYS A 119 0.85 -25.21 16.96
N GLY A 120 0.10 -24.61 16.02
CA GLY A 120 -0.72 -25.39 15.10
C GLY A 120 0.11 -26.14 14.07
N VAL A 121 1.03 -25.44 13.41
CA VAL A 121 1.89 -26.03 12.39
C VAL A 121 3.06 -26.78 13.04
N PRO A 122 3.22 -28.08 12.73
CA PRO A 122 4.33 -28.89 13.28
C PRO A 122 5.67 -28.60 12.63
N VAL A 123 6.13 -27.35 12.76
CA VAL A 123 7.40 -26.92 12.18
C VAL A 123 8.26 -26.18 13.22
N LYS A 124 9.46 -25.76 12.80
CA LYS A 124 10.36 -25.02 13.68
C LYS A 124 10.67 -23.64 13.11
N ASP A 125 10.52 -22.61 13.95
CA ASP A 125 10.76 -21.21 13.55
C ASP A 125 9.55 -20.62 12.80
N GLY A 126 8.86 -21.45 12.02
CA GLY A 126 7.70 -20.98 11.27
C GLY A 126 7.89 -21.11 9.78
N MET A 127 8.30 -22.29 9.32
CA MET A 127 8.51 -22.54 7.90
C MET A 127 7.36 -23.37 7.32
N VAL A 128 6.65 -22.76 6.37
CA VAL A 128 5.52 -23.40 5.72
C VAL A 128 5.46 -23.04 4.22
N ASN A 129 6.59 -22.59 3.66
CA ASN A 129 6.67 -22.22 2.25
C ASN A 129 5.64 -21.13 1.89
N TYR A 130 5.21 -20.34 2.89
CA TYR A 130 4.23 -19.28 2.67
C TYR A 130 3.06 -19.76 1.80
N HIS A 131 2.55 -20.97 2.10
CA HIS A 131 1.45 -21.54 1.35
C HIS A 131 0.21 -21.73 2.22
N ASP A 132 0.38 -22.41 3.35
CA ASP A 132 -0.73 -22.67 4.28
C ASP A 132 -1.41 -21.38 4.73
N PHE A 133 -0.62 -20.32 4.93
CA PHE A 133 -1.14 -19.02 5.38
C PHE A 133 -2.01 -18.39 4.28
N VAL A 134 -1.39 -18.15 3.11
CA VAL A 134 -2.09 -17.55 1.97
C VAL A 134 -3.25 -18.43 1.50
N GLN A 135 -3.09 -19.75 1.61
CA GLN A 135 -4.13 -20.70 1.20
C GLN A 135 -5.40 -20.49 2.00
N MET A 136 -5.27 -20.48 3.33
CA MET A 136 -6.40 -20.27 4.22
C MET A 136 -6.94 -18.84 4.10
N ILE A 137 -6.07 -17.90 3.73
CA ILE A 137 -6.44 -16.51 3.56
C ILE A 137 -7.45 -16.36 2.42
N LEU A 138 -7.20 -17.08 1.31
CA LEU A 138 -8.10 -17.05 0.15
C LEU A 138 -8.97 -18.32 0.11
N ALA A 139 -9.44 -18.75 1.28
CA ALA A 139 -10.28 -19.93 1.38
C ALA A 139 -11.53 -19.64 2.22
N ASN A 140 -12.40 -18.78 1.70
CA ASN A 140 -13.64 -18.42 2.39
C ASN A 140 -14.83 -18.47 1.44
N SER A 1 3.88 26.02 3.35
CA SER A 1 2.91 24.92 3.58
C SER A 1 1.72 25.38 4.42
N THR A 2 0.64 24.60 4.40
CA THR A 2 -0.57 24.93 5.15
C THR A 2 -0.91 23.82 6.16
N ASP A 3 -0.88 22.57 5.69
CA ASP A 3 -1.18 21.41 6.55
C ASP A 3 -0.16 20.30 6.33
N ASP A 4 -0.06 19.83 5.09
CA ASP A 4 0.88 18.76 4.74
C ASP A 4 1.49 19.02 3.37
N SER A 5 2.79 19.31 3.36
CA SER A 5 3.51 19.57 2.12
C SER A 5 3.43 18.39 1.15
N PRO A 6 3.71 17.15 1.63
CA PRO A 6 3.68 15.94 0.79
C PRO A 6 2.27 15.37 0.58
N TYR A 7 1.29 15.80 1.38
CA TYR A 7 -0.07 15.28 1.25
C TYR A 7 -1.04 16.33 0.72
N LYS A 8 -1.21 17.43 1.46
CA LYS A 8 -2.11 18.52 1.06
C LYS A 8 -1.55 19.32 -0.11
N GLN A 9 -0.40 19.97 0.12
CA GLN A 9 0.26 20.77 -0.92
C GLN A 9 0.54 19.93 -2.16
N ALA A 10 1.12 18.74 -1.95
CA ALA A 10 1.43 17.82 -3.04
C ALA A 10 0.17 17.47 -3.83
N PHE A 11 -0.92 17.22 -3.12
CA PHE A 11 -2.20 16.88 -3.76
C PHE A 11 -2.62 17.98 -4.74
N SER A 12 -2.45 19.24 -4.33
CA SER A 12 -2.80 20.39 -5.16
C SER A 12 -1.96 20.40 -6.45
N LEU A 13 -0.70 19.99 -6.35
CA LEU A 13 0.21 19.95 -7.50
C LEU A 13 -0.29 18.96 -8.56
N PHE A 14 -0.91 17.87 -8.11
CA PHE A 14 -1.42 16.83 -9.02
C PHE A 14 -2.89 17.06 -9.37
N ASP A 15 -3.34 18.31 -9.37
CA ASP A 15 -4.74 18.63 -9.70
C ASP A 15 -4.95 18.62 -11.22
N ARG A 16 -5.92 17.82 -11.67
CA ARG A 16 -6.22 17.71 -13.10
C ARG A 16 -6.88 18.98 -13.63
N HIS A 17 -8.02 19.36 -13.03
CA HIS A 17 -8.74 20.56 -13.45
C HIS A 17 -8.64 21.69 -12.41
N GLY A 18 -7.83 21.49 -11.37
CA GLY A 18 -7.66 22.51 -10.34
C GLY A 18 -8.96 22.84 -9.63
N THR A 19 -9.72 21.80 -9.28
CA THR A 19 -11.00 21.98 -8.59
C THR A 19 -11.00 21.29 -7.22
N GLY A 20 -9.83 20.85 -6.75
CA GLY A 20 -9.72 20.20 -5.45
C GLY A 20 -9.84 18.67 -5.54
N ARG A 21 -10.00 18.14 -6.75
CA ARG A 21 -10.12 16.69 -6.95
C ARG A 21 -9.07 16.19 -7.94
N ILE A 22 -8.91 14.87 -8.01
CA ILE A 22 -7.94 14.26 -8.91
C ILE A 22 -8.42 12.89 -9.43
N PRO A 23 -8.25 12.63 -10.74
CA PRO A 23 -8.65 11.37 -11.36
C PRO A 23 -7.56 10.29 -11.28
N LYS A 24 -7.90 9.06 -11.67
CA LYS A 24 -6.97 7.93 -11.65
C LYS A 24 -5.59 8.31 -12.21
N THR A 25 -5.57 9.11 -13.27
CA THR A 25 -4.31 9.55 -13.88
C THR A 25 -3.42 10.30 -12.88
N SER A 26 -4.04 11.19 -12.10
CA SER A 26 -3.31 11.98 -11.10
C SER A 26 -2.87 11.11 -9.92
N ILE A 27 -3.82 10.36 -9.32
CA ILE A 27 -3.50 9.50 -8.16
C ILE A 27 -2.33 8.57 -8.45
N GLY A 28 -2.21 8.10 -9.70
CA GLY A 28 -1.11 7.22 -10.06
C GLY A 28 0.25 7.81 -9.73
N ASP A 29 0.65 8.82 -10.49
CA ASP A 29 1.95 9.49 -10.27
C ASP A 29 1.99 10.19 -8.90
N LEU A 30 0.83 10.58 -8.38
CA LEU A 30 0.74 11.23 -7.06
C LEU A 30 1.18 10.27 -5.97
N LEU A 31 0.62 9.06 -5.98
CA LEU A 31 0.96 8.03 -4.99
C LEU A 31 2.43 7.65 -5.08
N ARG A 32 3.03 7.79 -6.27
CA ARG A 32 4.44 7.47 -6.47
C ARG A 32 5.33 8.23 -5.48
N ALA A 33 4.95 9.49 -5.19
CA ALA A 33 5.69 10.33 -4.25
C ALA A 33 5.65 9.75 -2.83
N CYS A 34 4.55 9.07 -2.49
CA CYS A 34 4.39 8.46 -1.17
C CYS A 34 5.06 7.10 -1.12
N GLY A 35 4.91 6.32 -2.20
CA GLY A 35 5.49 5.00 -2.28
C GLY A 35 5.82 4.59 -3.70
N GLN A 36 4.83 4.05 -4.40
CA GLN A 36 5.01 3.60 -5.78
C GLN A 36 3.88 4.09 -6.69
N ASN A 37 4.06 3.87 -8.00
CA ASN A 37 3.06 4.27 -8.99
C ASN A 37 2.64 3.06 -9.83
N PRO A 38 1.40 2.57 -9.62
CA PRO A 38 0.86 1.41 -10.34
C PRO A 38 0.29 1.79 -11.72
N THR A 39 -0.51 0.90 -12.28
CA THR A 39 -1.13 1.13 -13.59
C THR A 39 -2.50 1.81 -13.43
N LEU A 40 -3.03 2.33 -14.54
CA LEU A 40 -4.33 2.99 -14.54
C LEU A 40 -5.41 2.08 -13.97
N ALA A 41 -5.28 0.77 -14.23
CA ALA A 41 -6.25 -0.21 -13.72
C ALA A 41 -6.28 -0.18 -12.19
N GLU A 42 -5.12 0.03 -11.57
CA GLU A 42 -5.02 0.09 -10.11
C GLU A 42 -5.76 1.31 -9.57
N ILE A 43 -5.43 2.50 -10.09
CA ILE A 43 -6.10 3.75 -9.65
C ILE A 43 -7.60 3.66 -9.86
N THR A 44 -8.01 3.16 -11.04
CA THR A 44 -9.43 3.00 -11.37
C THR A 44 -10.12 2.11 -10.33
N GLU A 45 -9.45 1.00 -9.97
CA GLU A 45 -9.99 0.06 -8.98
C GLU A 45 -10.29 0.79 -7.66
N ILE A 46 -9.41 1.71 -7.27
CA ILE A 46 -9.59 2.48 -6.05
C ILE A 46 -10.81 3.38 -6.19
N GLU A 47 -10.89 4.11 -7.31
CA GLU A 47 -12.02 4.99 -7.61
C GLU A 47 -13.36 4.22 -7.59
N SER A 48 -13.30 2.90 -7.81
CA SER A 48 -14.50 2.05 -7.82
C SER A 48 -15.19 1.99 -6.45
N THR A 49 -14.59 2.59 -5.42
CA THR A 49 -15.18 2.58 -4.07
C THR A 49 -15.49 4.00 -3.60
N LEU A 50 -14.54 4.92 -3.79
CA LEU A 50 -14.73 6.32 -3.39
C LEU A 50 -15.36 7.10 -4.56
N PRO A 51 -16.05 8.21 -4.25
CA PRO A 51 -16.71 9.05 -5.27
C PRO A 51 -15.84 9.25 -6.52
N ALA A 52 -16.50 9.42 -7.68
CA ALA A 52 -15.83 9.61 -8.97
C ALA A 52 -14.52 10.37 -8.84
N GLU A 53 -14.59 11.63 -8.41
CA GLU A 53 -13.40 12.46 -8.24
C GLU A 53 -12.79 12.24 -6.85
N VAL A 54 -11.52 11.86 -6.83
CA VAL A 54 -10.81 11.62 -5.58
C VAL A 54 -10.20 12.90 -5.03
N ASP A 55 -10.99 13.64 -4.25
CA ASP A 55 -10.51 14.88 -3.65
C ASP A 55 -9.75 14.60 -2.36
N MET A 56 -9.27 15.68 -1.71
CA MET A 56 -8.51 15.57 -0.45
C MET A 56 -9.12 14.53 0.50
N GLU A 57 -10.45 14.56 0.63
CA GLU A 57 -11.16 13.63 1.51
C GLU A 57 -11.12 12.19 0.97
N GLN A 58 -11.52 12.02 -0.29
CA GLN A 58 -11.54 10.70 -0.92
C GLN A 58 -10.16 10.03 -0.88
N PHE A 59 -9.15 10.76 -1.34
CA PHE A 59 -7.77 10.25 -1.36
C PHE A 59 -7.30 9.90 0.05
N LEU A 60 -7.49 10.83 0.99
CA LEU A 60 -7.08 10.61 2.38
C LEU A 60 -7.82 9.41 3.00
N GLN A 61 -9.07 9.22 2.60
CA GLN A 61 -9.87 8.10 3.11
C GLN A 61 -9.22 6.75 2.79
N VAL A 62 -8.85 6.57 1.52
CA VAL A 62 -8.20 5.33 1.08
C VAL A 62 -6.74 5.28 1.53
N LEU A 63 -6.08 6.44 1.52
CA LEU A 63 -4.68 6.54 1.93
C LEU A 63 -4.51 6.15 3.40
N ASN A 64 -5.33 6.76 4.27
CA ASN A 64 -5.26 6.48 5.71
C ASN A 64 -6.32 5.44 6.09
N ARG A 65 -6.39 4.35 5.33
CA ARG A 65 -7.35 3.27 5.59
C ARG A 65 -7.13 2.65 6.99
N PRO A 66 -5.87 2.29 7.34
CA PRO A 66 -5.56 1.69 8.64
C PRO A 66 -5.36 2.73 9.76
N ASN A 67 -5.84 3.96 9.55
CA ASN A 67 -5.74 5.04 10.53
C ASN A 67 -4.28 5.29 10.94
N GLY A 68 -3.61 6.21 10.24
CA GLY A 68 -2.23 6.54 10.56
C GLY A 68 -1.29 6.37 9.37
N PHE A 69 -0.01 6.71 9.57
CA PHE A 69 1.00 6.60 8.52
C PHE A 69 1.87 5.36 8.74
N ASP A 70 2.68 5.02 7.73
CA ASP A 70 3.56 3.85 7.80
C ASP A 70 2.76 2.59 8.13
N MET A 71 1.93 2.18 7.17
CA MET A 71 1.08 0.99 7.34
C MET A 71 0.23 0.74 6.09
N PRO A 72 -0.51 1.76 5.60
CA PRO A 72 -1.37 1.61 4.41
C PRO A 72 -0.62 1.02 3.22
N GLY A 73 0.45 1.69 2.81
CA GLY A 73 1.26 1.21 1.69
C GLY A 73 2.70 1.69 1.75
N ASP A 74 3.24 1.77 2.97
CA ASP A 74 4.61 2.22 3.18
C ASP A 74 5.60 1.08 2.93
N PRO A 75 6.92 1.38 2.95
CA PRO A 75 7.97 0.36 2.74
C PRO A 75 7.79 -0.86 3.64
N GLU A 76 7.33 -0.62 4.87
CA GLU A 76 7.10 -1.70 5.83
C GLU A 76 6.02 -2.66 5.33
N GLU A 77 4.97 -2.10 4.70
CA GLU A 77 3.87 -2.90 4.18
C GLU A 77 4.36 -3.82 3.06
N PHE A 78 5.21 -3.30 2.17
CA PHE A 78 5.76 -4.09 1.07
C PHE A 78 6.59 -5.27 1.60
N VAL A 79 7.42 -5.00 2.61
CA VAL A 79 8.25 -6.03 3.21
C VAL A 79 7.40 -7.07 3.95
N LYS A 80 6.34 -6.60 4.62
CA LYS A 80 5.45 -7.48 5.37
C LYS A 80 4.76 -8.48 4.44
N GLY A 81 4.44 -8.04 3.22
CA GLY A 81 3.79 -8.92 2.26
C GLY A 81 4.73 -9.98 1.73
N PHE A 82 5.87 -9.54 1.20
CA PHE A 82 6.88 -10.45 0.67
C PHE A 82 7.33 -11.45 1.75
N GLN A 83 7.60 -10.93 2.95
CA GLN A 83 8.04 -11.76 4.07
C GLN A 83 6.84 -12.46 4.73
N VAL A 84 6.19 -13.34 3.97
CA VAL A 84 5.01 -14.07 4.48
C VAL A 84 5.30 -15.57 4.58
N PHE A 85 5.98 -16.13 3.57
CA PHE A 85 6.31 -17.55 3.55
C PHE A 85 7.82 -17.76 3.45
N ASP A 86 8.59 -16.83 4.04
CA ASP A 86 10.05 -16.91 4.02
C ASP A 86 10.63 -16.48 5.37
N LYS A 87 10.51 -17.35 6.37
CA LYS A 87 11.02 -17.05 7.71
C LYS A 87 12.54 -16.92 7.71
N ASP A 88 13.21 -17.83 7.01
CA ASP A 88 14.68 -17.80 6.91
C ASP A 88 15.13 -16.88 5.78
N ALA A 89 14.70 -17.18 4.55
CA ALA A 89 15.06 -16.38 3.38
C ALA A 89 16.57 -16.26 3.23
N THR A 90 17.22 -17.37 2.88
CA THR A 90 18.67 -17.39 2.68
C THR A 90 19.04 -17.99 1.33
N GLY A 91 18.71 -17.26 0.26
CA GLY A 91 19.00 -17.73 -1.09
C GLY A 91 17.78 -18.32 -1.78
N MET A 92 16.61 -17.72 -1.57
CA MET A 92 15.38 -18.19 -2.18
C MET A 92 14.23 -17.22 -1.92
N ILE A 93 13.46 -16.92 -2.96
CA ILE A 93 12.32 -16.01 -2.84
C ILE A 93 10.99 -16.77 -2.91
N GLY A 94 10.90 -17.75 -3.82
CA GLY A 94 9.69 -18.53 -3.96
C GLY A 94 8.56 -17.74 -4.60
N VAL A 95 8.59 -17.64 -5.94
CA VAL A 95 7.57 -16.90 -6.70
C VAL A 95 6.15 -17.22 -6.20
N GLY A 96 5.90 -18.49 -5.87
CA GLY A 96 4.58 -18.88 -5.38
C GLY A 96 4.10 -18.00 -4.24
N GLU A 97 5.04 -17.66 -3.34
CA GLU A 97 4.73 -16.80 -2.20
C GLU A 97 4.51 -15.35 -2.66
N LEU A 98 5.42 -14.84 -3.50
CA LEU A 98 5.32 -13.48 -4.01
C LEU A 98 4.00 -13.26 -4.77
N ARG A 99 3.57 -14.29 -5.52
CA ARG A 99 2.33 -14.24 -6.28
C ARG A 99 1.12 -14.19 -5.34
N TYR A 100 1.14 -15.03 -4.31
CA TYR A 100 0.05 -15.08 -3.32
C TYR A 100 -0.16 -13.72 -2.65
N VAL A 101 0.94 -13.00 -2.40
CA VAL A 101 0.88 -11.68 -1.75
C VAL A 101 0.44 -10.60 -2.74
N LEU A 102 1.09 -10.54 -3.90
CA LEU A 102 0.78 -9.54 -4.92
C LEU A 102 -0.64 -9.71 -5.47
N THR A 103 -1.05 -10.95 -5.72
CA THR A 103 -2.39 -11.23 -6.25
C THR A 103 -3.47 -10.84 -5.23
N SER A 104 -3.22 -11.14 -3.95
CA SER A 104 -4.17 -10.80 -2.89
C SER A 104 -4.23 -9.30 -2.62
N LEU A 105 -3.24 -8.55 -3.14
CA LEU A 105 -3.19 -7.10 -2.95
C LEU A 105 -4.22 -6.41 -3.84
N GLY A 106 -4.13 -6.66 -5.15
CA GLY A 106 -5.07 -6.07 -6.10
C GLY A 106 -4.95 -6.70 -7.48
N GLU A 107 -4.84 -8.02 -7.52
CA GLU A 107 -4.71 -8.77 -8.78
C GLU A 107 -3.49 -8.29 -9.56
N LYS A 108 -2.36 -8.18 -8.87
CA LYS A 108 -1.11 -7.75 -9.49
C LYS A 108 -0.60 -8.83 -10.46
N LEU A 109 0.72 -9.10 -10.46
CA LEU A 109 1.29 -10.12 -11.34
C LEU A 109 0.87 -11.52 -10.88
N SER A 110 -0.37 -11.90 -11.23
CA SER A 110 -0.92 -13.20 -10.84
C SER A 110 -0.12 -14.36 -11.44
N ASN A 111 -0.57 -15.59 -11.18
CA ASN A 111 0.07 -16.80 -11.67
C ASN A 111 0.39 -16.72 -13.17
N GLU A 112 -0.41 -15.98 -13.94
CA GLU A 112 -0.20 -15.86 -15.38
C GLU A 112 1.17 -15.24 -15.70
N GLU A 113 1.38 -14.00 -15.26
CA GLU A 113 2.65 -13.30 -15.50
C GLU A 113 3.82 -14.10 -14.91
N MET A 114 3.61 -14.62 -13.71
CA MET A 114 4.63 -15.41 -13.02
C MET A 114 4.90 -16.72 -13.78
N ASP A 115 3.85 -17.27 -14.39
CA ASP A 115 3.99 -18.52 -15.16
C ASP A 115 5.03 -18.35 -16.26
N GLU A 116 4.92 -17.25 -17.02
CA GLU A 116 5.87 -16.96 -18.10
C GLU A 116 7.28 -16.78 -17.53
N LEU A 117 7.38 -16.10 -16.38
CA LEU A 117 8.66 -15.87 -15.73
C LEU A 117 9.32 -17.21 -15.37
N LEU A 118 8.52 -18.14 -14.86
CA LEU A 118 9.01 -19.47 -14.49
C LEU A 118 9.42 -20.28 -15.72
N LYS A 119 8.73 -20.04 -16.84
CA LYS A 119 9.04 -20.76 -18.08
C LYS A 119 10.46 -20.44 -18.56
N GLY A 120 10.85 -19.17 -18.46
CA GLY A 120 12.19 -18.76 -18.88
C GLY A 120 13.28 -19.29 -17.96
N VAL A 121 13.05 -19.20 -16.65
CA VAL A 121 14.03 -19.67 -15.66
C VAL A 121 13.89 -21.17 -15.42
N PRO A 122 14.98 -21.94 -15.55
CA PRO A 122 14.96 -23.39 -15.34
C PRO A 122 14.91 -23.76 -13.84
N VAL A 123 13.83 -23.32 -13.18
CA VAL A 123 13.63 -23.58 -11.75
C VAL A 123 12.23 -24.12 -11.47
N LYS A 124 11.99 -24.55 -10.24
CA LYS A 124 10.70 -25.07 -9.83
C LYS A 124 10.11 -24.21 -8.72
N ASP A 125 8.84 -23.82 -8.86
CA ASP A 125 8.15 -22.96 -7.88
C ASP A 125 8.50 -21.49 -8.12
N GLY A 126 9.79 -21.20 -8.27
CA GLY A 126 10.23 -19.83 -8.51
C GLY A 126 11.29 -19.38 -7.52
N MET A 127 12.37 -20.17 -7.39
CA MET A 127 13.45 -19.83 -6.47
C MET A 127 14.68 -19.36 -7.23
N VAL A 128 14.92 -18.05 -7.14
CA VAL A 128 16.06 -17.43 -7.80
C VAL A 128 16.65 -16.32 -6.91
N ASN A 129 16.35 -16.38 -5.60
CA ASN A 129 16.86 -15.39 -4.65
C ASN A 129 16.44 -13.96 -5.03
N TYR A 130 15.37 -13.82 -5.83
CA TYR A 130 14.92 -12.51 -6.28
C TYR A 130 16.07 -11.75 -6.95
N HIS A 131 15.91 -10.43 -7.14
CA HIS A 131 16.94 -9.60 -7.76
C HIS A 131 17.04 -9.87 -9.27
N ASP A 132 17.28 -11.14 -9.64
CA ASP A 132 17.39 -11.51 -11.05
C ASP A 132 16.17 -11.06 -11.86
N PHE A 133 14.98 -11.15 -11.26
CA PHE A 133 13.75 -10.73 -11.92
C PHE A 133 13.71 -9.21 -12.09
N VAL A 134 13.88 -8.50 -10.97
CA VAL A 134 13.87 -7.03 -10.98
C VAL A 134 14.98 -6.48 -11.87
N GLN A 135 16.10 -7.22 -11.97
CA GLN A 135 17.24 -6.79 -12.79
C GLN A 135 16.89 -6.90 -14.28
N MET A 136 16.45 -8.07 -14.71
CA MET A 136 16.07 -8.30 -16.10
C MET A 136 14.88 -7.44 -16.52
N ILE A 137 13.95 -7.22 -15.57
CA ILE A 137 12.76 -6.43 -15.83
C ILE A 137 13.12 -4.94 -16.02
N LEU A 138 13.93 -4.41 -15.10
CA LEU A 138 14.34 -3.00 -15.16
C LEU A 138 15.74 -2.86 -15.77
N ALA A 139 15.91 -3.44 -16.97
CA ALA A 139 17.20 -3.38 -17.67
C ALA A 139 17.05 -3.93 -19.10
N ASN A 140 17.19 -3.04 -20.08
CA ASN A 140 17.07 -3.42 -21.49
C ASN A 140 18.17 -2.79 -22.33
N SER A 1 4.14 25.48 2.50
CA SER A 1 4.11 24.43 3.58
C SER A 1 2.68 24.12 4.03
N THR A 2 1.92 25.19 4.35
CA THR A 2 0.52 25.08 4.80
C THR A 2 0.39 24.08 5.96
N ASP A 3 0.13 22.80 5.64
CA ASP A 3 -0.03 21.76 6.64
C ASP A 3 0.72 20.49 6.24
N ASP A 4 0.40 19.97 5.06
CA ASP A 4 1.03 18.76 4.54
C ASP A 4 1.55 18.98 3.14
N SER A 5 2.85 19.27 3.02
CA SER A 5 3.47 19.50 1.72
C SER A 5 3.38 18.26 0.82
N PRO A 6 3.69 17.05 1.35
CA PRO A 6 3.65 15.80 0.58
C PRO A 6 2.23 15.27 0.31
N TYR A 7 1.22 15.79 1.03
CA TYR A 7 -0.16 15.33 0.85
C TYR A 7 -1.09 16.45 0.37
N LYS A 8 -1.24 17.48 1.19
CA LYS A 8 -2.11 18.62 0.87
C LYS A 8 -1.57 19.41 -0.31
N GLN A 9 -0.36 19.95 -0.17
CA GLN A 9 0.29 20.73 -1.23
C GLN A 9 0.49 19.86 -2.48
N ALA A 10 1.01 18.65 -2.29
CA ALA A 10 1.24 17.73 -3.40
C ALA A 10 -0.06 17.39 -4.13
N PHE A 11 -1.16 17.25 -3.36
CA PHE A 11 -2.46 16.95 -3.95
C PHE A 11 -2.86 18.02 -4.96
N SER A 12 -2.71 19.29 -4.55
CA SER A 12 -3.04 20.43 -5.41
C SER A 12 -2.16 20.45 -6.66
N LEU A 13 -0.91 19.97 -6.54
CA LEU A 13 0.03 19.93 -7.66
C LEU A 13 -0.52 19.07 -8.82
N PHE A 14 -1.25 18.00 -8.47
CA PHE A 14 -1.80 17.09 -9.47
C PHE A 14 -3.29 17.33 -9.72
N ASP A 15 -3.72 18.60 -9.69
CA ASP A 15 -5.12 18.93 -9.93
C ASP A 15 -5.36 19.21 -11.41
N ARG A 16 -5.92 18.23 -12.11
CA ARG A 16 -6.19 18.34 -13.54
C ARG A 16 -7.23 19.43 -13.83
N HIS A 17 -8.35 19.38 -13.12
CA HIS A 17 -9.42 20.35 -13.30
C HIS A 17 -9.20 21.60 -12.44
N GLY A 18 -8.66 21.39 -11.24
CA GLY A 18 -8.41 22.51 -10.33
C GLY A 18 -9.61 22.82 -9.46
N THR A 19 -10.28 21.78 -8.98
CA THR A 19 -11.45 21.94 -8.11
C THR A 19 -11.30 21.10 -6.83
N GLY A 20 -10.06 20.96 -6.36
CA GLY A 20 -9.80 20.18 -5.16
C GLY A 20 -10.03 18.69 -5.34
N ARG A 21 -10.04 18.24 -6.61
CA ARG A 21 -10.26 16.83 -6.94
C ARG A 21 -9.19 16.33 -7.92
N ILE A 22 -8.96 15.02 -7.93
CA ILE A 22 -7.97 14.42 -8.82
C ILE A 22 -8.42 13.06 -9.36
N PRO A 23 -8.20 12.80 -10.67
CA PRO A 23 -8.58 11.54 -11.31
C PRO A 23 -7.49 10.47 -11.20
N LYS A 24 -7.83 9.23 -11.61
CA LYS A 24 -6.90 8.10 -11.58
C LYS A 24 -5.50 8.47 -12.09
N THR A 25 -5.44 9.33 -13.11
CA THR A 25 -4.16 9.75 -13.69
C THR A 25 -3.28 10.45 -12.64
N SER A 26 -3.87 11.37 -11.88
CA SER A 26 -3.13 12.11 -10.85
C SER A 26 -2.77 11.20 -9.66
N ILE A 27 -3.75 10.46 -9.12
CA ILE A 27 -3.50 9.57 -7.98
C ILE A 27 -2.31 8.65 -8.23
N GLY A 28 -2.13 8.23 -9.50
CA GLY A 28 -1.02 7.37 -9.85
C GLY A 28 0.33 7.98 -9.49
N ASP A 29 0.74 9.00 -10.24
CA ASP A 29 2.01 9.69 -9.98
C ASP A 29 2.05 10.29 -8.57
N LEU A 30 0.87 10.62 -8.03
CA LEU A 30 0.77 11.18 -6.68
C LEU A 30 1.27 10.16 -5.65
N LEU A 31 0.79 8.92 -5.77
CA LEU A 31 1.20 7.84 -4.87
C LEU A 31 2.70 7.57 -4.99
N ARG A 32 3.25 7.79 -6.19
CA ARG A 32 4.67 7.59 -6.45
C ARG A 32 5.54 8.41 -5.49
N ALA A 33 5.05 9.59 -5.10
CA ALA A 33 5.76 10.47 -4.18
C ALA A 33 6.10 9.75 -2.88
N CYS A 34 5.17 8.91 -2.41
CA CYS A 34 5.38 8.15 -1.18
C CYS A 34 5.97 6.77 -1.49
N GLY A 35 7.14 6.78 -2.15
CA GLY A 35 7.81 5.54 -2.49
C GLY A 35 7.57 5.15 -3.95
N GLN A 36 6.53 4.35 -4.18
CA GLN A 36 6.19 3.89 -5.53
C GLN A 36 4.70 4.09 -5.83
N ASN A 37 4.31 3.86 -7.08
CA ASN A 37 2.92 3.99 -7.48
C ASN A 37 2.44 2.79 -8.30
N PRO A 38 1.11 2.54 -8.30
CA PRO A 38 0.51 1.42 -9.04
C PRO A 38 0.24 1.77 -10.50
N THR A 39 -0.63 0.98 -11.15
CA THR A 39 -0.97 1.20 -12.55
C THR A 39 -2.34 1.87 -12.68
N LEU A 40 -2.66 2.35 -13.89
CA LEU A 40 -3.94 3.02 -14.16
C LEU A 40 -5.10 2.13 -13.74
N ALA A 41 -4.95 0.82 -13.91
CA ALA A 41 -6.00 -0.13 -13.53
C ALA A 41 -6.25 -0.07 -12.02
N GLU A 42 -5.17 0.10 -11.25
CA GLU A 42 -5.28 0.18 -9.79
C GLU A 42 -6.02 1.44 -9.35
N ILE A 43 -5.58 2.61 -9.84
CA ILE A 43 -6.24 3.88 -9.49
C ILE A 43 -7.74 3.81 -9.81
N THR A 44 -8.08 3.33 -11.01
CA THR A 44 -9.48 3.17 -11.42
C THR A 44 -10.22 2.27 -10.45
N GLU A 45 -9.57 1.16 -10.04
CA GLU A 45 -10.16 0.21 -9.09
C GLU A 45 -10.55 0.91 -7.80
N ILE A 46 -9.68 1.82 -7.34
CA ILE A 46 -9.93 2.59 -6.12
C ILE A 46 -11.17 3.47 -6.31
N GLU A 47 -11.21 4.19 -7.44
CA GLU A 47 -12.34 5.06 -7.77
C GLU A 47 -13.66 4.29 -7.81
N SER A 48 -13.59 2.96 -8.03
CA SER A 48 -14.78 2.11 -8.09
C SER A 48 -15.53 2.08 -6.73
N THR A 49 -14.89 2.58 -5.67
CA THR A 49 -15.50 2.60 -4.34
C THR A 49 -15.68 4.04 -3.84
N LEU A 50 -14.67 4.89 -4.07
CA LEU A 50 -14.74 6.29 -3.65
C LEU A 50 -15.32 7.14 -4.78
N PRO A 51 -16.04 8.22 -4.43
CA PRO A 51 -16.66 9.13 -5.42
C PRO A 51 -15.80 9.35 -6.66
N ALA A 52 -16.45 9.40 -7.83
CA ALA A 52 -15.78 9.59 -9.13
C ALA A 52 -14.48 10.38 -9.00
N GLU A 53 -14.58 11.61 -8.47
CA GLU A 53 -13.40 12.46 -8.29
C GLU A 53 -12.79 12.21 -6.92
N VAL A 54 -11.51 11.83 -6.90
CA VAL A 54 -10.80 11.56 -5.65
C VAL A 54 -10.21 12.84 -5.07
N ASP A 55 -11.01 13.53 -4.27
CA ASP A 55 -10.56 14.78 -3.64
C ASP A 55 -9.74 14.48 -2.39
N MET A 56 -9.23 15.54 -1.74
CA MET A 56 -8.43 15.40 -0.52
C MET A 56 -9.01 14.35 0.43
N GLU A 57 -10.33 14.37 0.60
CA GLU A 57 -11.01 13.42 1.49
C GLU A 57 -11.00 12.00 0.94
N GLN A 58 -11.42 11.83 -0.31
CA GLN A 58 -11.46 10.50 -0.95
C GLN A 58 -10.08 9.84 -0.92
N PHE A 59 -9.06 10.57 -1.36
CA PHE A 59 -7.70 10.06 -1.38
C PHE A 59 -7.21 9.75 0.05
N LEU A 60 -7.43 10.69 0.98
CA LEU A 60 -7.01 10.51 2.37
C LEU A 60 -7.74 9.32 3.02
N GLN A 61 -8.97 9.06 2.58
CA GLN A 61 -9.77 7.95 3.12
C GLN A 61 -9.10 6.61 2.83
N VAL A 62 -8.82 6.36 1.55
CA VAL A 62 -8.18 5.10 1.13
C VAL A 62 -6.77 5.00 1.71
N LEU A 63 -6.03 6.11 1.71
CA LEU A 63 -4.68 6.17 2.23
C LEU A 63 -4.67 5.88 3.74
N ASN A 64 -5.31 6.76 4.51
CA ASN A 64 -5.39 6.62 5.96
C ASN A 64 -6.61 5.77 6.35
N ARG A 65 -6.59 4.50 5.91
CA ARG A 65 -7.70 3.58 6.19
C ARG A 65 -7.97 3.47 7.69
N PRO A 66 -6.95 3.15 8.51
CA PRO A 66 -7.11 3.02 9.97
C PRO A 66 -7.01 4.35 10.72
N ASN A 67 -7.18 5.48 10.00
CA ASN A 67 -7.12 6.82 10.60
C ASN A 67 -5.81 7.03 11.36
N GLY A 68 -4.73 7.24 10.61
CA GLY A 68 -3.43 7.46 11.24
C GLY A 68 -2.26 7.28 10.27
N PHE A 69 -1.05 7.31 10.81
CA PHE A 69 0.17 7.15 10.01
C PHE A 69 0.99 5.96 10.50
N ASP A 70 1.82 5.40 9.62
CA ASP A 70 2.66 4.25 9.95
C ASP A 70 1.80 3.08 10.43
N MET A 71 0.93 2.61 9.53
CA MET A 71 0.02 1.51 9.84
C MET A 71 -0.88 1.19 8.63
N PRO A 72 -1.58 2.21 8.06
CA PRO A 72 -2.47 2.03 6.91
C PRO A 72 -1.88 1.11 5.83
N GLY A 73 -0.62 1.35 5.44
CA GLY A 73 0.02 0.54 4.43
C GLY A 73 1.45 0.95 4.16
N ASP A 74 2.37 0.52 5.02
CA ASP A 74 3.79 0.85 4.87
C ASP A 74 4.45 -0.09 3.85
N PRO A 75 4.97 0.47 2.73
CA PRO A 75 5.63 -0.32 1.68
C PRO A 75 6.87 -1.06 2.19
N GLU A 76 7.77 -0.31 2.84
CA GLU A 76 9.00 -0.89 3.39
C GLU A 76 8.72 -1.85 4.54
N GLU A 77 7.57 -1.67 5.21
CA GLU A 77 7.18 -2.52 6.32
C GLU A 77 6.78 -3.93 5.84
N PHE A 78 5.87 -3.98 4.87
CA PHE A 78 5.41 -5.25 4.32
C PHE A 78 6.55 -6.00 3.62
N VAL A 79 7.40 -5.26 2.91
CA VAL A 79 8.54 -5.84 2.21
C VAL A 79 9.50 -6.51 3.20
N LYS A 80 9.87 -5.76 4.25
CA LYS A 80 10.78 -6.27 5.27
C LYS A 80 10.22 -7.50 5.98
N GLY A 81 8.89 -7.57 6.12
CA GLY A 81 8.26 -8.69 6.78
C GLY A 81 8.48 -10.00 6.04
N PHE A 82 8.13 -10.01 4.76
CA PHE A 82 8.30 -11.21 3.93
C PHE A 82 9.75 -11.40 3.49
N GLN A 83 10.54 -10.31 3.48
CA GLN A 83 11.94 -10.38 3.07
C GLN A 83 12.81 -10.96 4.19
N VAL A 84 12.72 -12.28 4.37
CA VAL A 84 13.49 -12.99 5.39
C VAL A 84 13.97 -14.34 4.87
N PHE A 85 13.05 -15.12 4.29
CA PHE A 85 13.38 -16.44 3.75
C PHE A 85 12.36 -16.85 2.69
N ASP A 86 12.01 -15.90 1.81
CA ASP A 86 11.05 -16.14 0.74
C ASP A 86 11.56 -15.56 -0.58
N LYS A 87 12.73 -16.05 -1.03
CA LYS A 87 13.34 -15.59 -2.27
C LYS A 87 12.42 -15.85 -3.47
N ASP A 88 11.94 -17.09 -3.57
CA ASP A 88 11.05 -17.49 -4.66
C ASP A 88 9.59 -17.49 -4.19
N ALA A 89 9.35 -18.09 -3.02
CA ALA A 89 8.00 -18.17 -2.44
C ALA A 89 7.02 -18.87 -3.40
N THR A 90 7.52 -19.91 -4.09
CA THR A 90 6.70 -20.67 -5.03
C THR A 90 6.58 -22.13 -4.59
N GLY A 91 5.65 -22.38 -3.67
CA GLY A 91 5.43 -23.73 -3.16
C GLY A 91 5.42 -23.81 -1.64
N MET A 92 5.95 -22.77 -0.97
CA MET A 92 6.00 -22.73 0.48
C MET A 92 6.27 -21.32 0.98
N ILE A 93 5.48 -20.88 1.97
CA ILE A 93 5.64 -19.56 2.54
C ILE A 93 6.27 -19.65 3.93
N GLY A 94 5.84 -20.63 4.72
CA GLY A 94 6.38 -20.82 6.06
C GLY A 94 6.01 -19.70 7.01
N VAL A 95 4.78 -19.75 7.55
CA VAL A 95 4.28 -18.73 8.47
C VAL A 95 5.33 -18.38 9.54
N GLY A 96 6.06 -19.40 10.02
CA GLY A 96 7.10 -19.17 11.03
C GLY A 96 8.03 -18.02 10.66
N GLU A 97 8.33 -17.87 9.37
CA GLU A 97 9.20 -16.80 8.89
C GLU A 97 8.43 -15.47 8.84
N LEU A 98 7.23 -15.50 8.25
CA LEU A 98 6.40 -14.29 8.15
C LEU A 98 6.10 -13.72 9.53
N ARG A 99 5.85 -14.61 10.50
CA ARG A 99 5.55 -14.22 11.88
C ARG A 99 6.83 -13.78 12.60
N TYR A 100 7.93 -14.49 12.35
CA TYR A 100 9.22 -14.19 12.98
C TYR A 100 9.61 -12.71 12.76
N VAL A 101 9.37 -12.20 11.54
CA VAL A 101 9.71 -10.82 11.21
C VAL A 101 8.69 -9.84 11.78
N LEU A 102 7.41 -10.09 11.47
CA LEU A 102 6.32 -9.23 11.93
C LEU A 102 6.30 -9.09 13.46
N THR A 103 6.43 -10.21 14.17
CA THR A 103 6.43 -10.22 15.64
C THR A 103 7.67 -9.50 16.19
N SER A 104 8.80 -9.65 15.50
CA SER A 104 10.05 -9.01 15.91
C SER A 104 9.97 -7.48 15.81
N LEU A 105 9.05 -6.97 14.99
CA LEU A 105 8.87 -5.53 14.81
C LEU A 105 8.33 -4.89 16.09
N GLY A 106 7.08 -5.21 16.42
CA GLY A 106 6.45 -4.67 17.61
C GLY A 106 5.34 -5.56 18.15
N GLU A 107 5.62 -6.86 18.20
CA GLU A 107 4.66 -7.86 18.68
C GLU A 107 3.40 -7.88 17.81
N LYS A 108 3.61 -7.97 16.50
CA LYS A 108 2.52 -8.03 15.53
C LYS A 108 1.76 -9.36 15.67
N LEU A 109 1.40 -10.01 14.55
CA LEU A 109 0.69 -11.28 14.60
C LEU A 109 1.59 -12.38 15.18
N SER A 110 1.72 -12.39 16.51
CA SER A 110 2.56 -13.36 17.21
C SER A 110 2.08 -14.80 17.04
N ASN A 111 2.66 -15.71 17.82
CA ASN A 111 2.32 -17.15 17.77
C ASN A 111 0.81 -17.39 17.86
N GLU A 112 0.10 -16.55 18.61
CA GLU A 112 -1.36 -16.70 18.76
C GLU A 112 -2.07 -16.69 17.41
N GLU A 113 -1.78 -15.66 16.59
CA GLU A 113 -2.39 -15.53 15.26
C GLU A 113 -2.13 -16.78 14.42
N MET A 114 -0.85 -17.12 14.24
CA MET A 114 -0.46 -18.30 13.46
C MET A 114 -0.93 -19.60 14.12
N ASP A 115 -1.12 -19.58 15.45
CA ASP A 115 -1.59 -20.76 16.18
C ASP A 115 -2.94 -21.21 15.63
N GLU A 116 -3.87 -20.27 15.49
CA GLU A 116 -5.20 -20.56 14.97
C GLU A 116 -5.13 -20.95 13.49
N LEU A 117 -4.33 -20.21 12.72
CA LEU A 117 -4.17 -20.47 11.29
C LEU A 117 -3.59 -21.88 11.05
N LEU A 118 -2.60 -22.26 11.87
CA LEU A 118 -1.98 -23.58 11.77
C LEU A 118 -2.95 -24.68 12.20
N LYS A 119 -3.85 -24.36 13.13
CA LYS A 119 -4.82 -25.33 13.63
C LYS A 119 -5.77 -25.76 12.50
N GLY A 120 -6.17 -24.80 11.67
CA GLY A 120 -7.06 -25.08 10.55
C GLY A 120 -6.37 -25.80 9.40
N VAL A 121 -5.20 -25.29 9.00
CA VAL A 121 -4.43 -25.89 7.91
C VAL A 121 -3.62 -27.09 8.40
N PRO A 122 -3.78 -28.27 7.75
CA PRO A 122 -3.06 -29.49 8.14
C PRO A 122 -1.61 -29.50 7.62
N VAL A 123 -0.82 -28.53 8.09
CA VAL A 123 0.58 -28.40 7.68
C VAL A 123 1.50 -28.21 8.90
N LYS A 124 2.80 -28.04 8.64
CA LYS A 124 3.78 -27.84 9.71
C LYS A 124 4.46 -26.48 9.54
N ASP A 125 4.50 -25.70 10.63
CA ASP A 125 5.11 -24.36 10.62
C ASP A 125 4.17 -23.33 9.99
N GLY A 126 3.63 -23.65 8.81
CA GLY A 126 2.72 -22.75 8.12
C GLY A 126 3.03 -22.64 6.63
N MET A 127 3.14 -23.78 5.96
CA MET A 127 3.42 -23.80 4.53
C MET A 127 2.16 -24.13 3.74
N VAL A 128 1.74 -23.17 2.92
CA VAL A 128 0.54 -23.33 2.10
C VAL A 128 0.73 -22.70 0.70
N ASN A 129 1.98 -22.48 0.30
CA ASN A 129 2.29 -21.89 -1.00
C ASN A 129 1.69 -20.47 -1.13
N TYR A 130 1.47 -19.80 0.01
CA TYR A 130 0.88 -18.45 0.03
C TYR A 130 -0.31 -18.36 -0.94
N HIS A 131 -1.15 -19.39 -0.94
CA HIS A 131 -2.32 -19.43 -1.82
C HIS A 131 -3.62 -19.41 -1.04
N ASP A 132 -3.76 -20.33 -0.08
CA ASP A 132 -4.97 -20.41 0.75
C ASP A 132 -5.28 -19.10 1.47
N PHE A 133 -4.23 -18.41 1.91
CA PHE A 133 -4.38 -17.12 2.62
C PHE A 133 -4.91 -16.06 1.67
N VAL A 134 -4.18 -15.82 0.58
CA VAL A 134 -4.57 -14.81 -0.42
C VAL A 134 -5.90 -15.18 -1.08
N GLN A 135 -6.14 -16.48 -1.27
CA GLN A 135 -7.38 -16.95 -1.90
C GLN A 135 -8.60 -16.54 -1.07
N MET A 136 -8.61 -16.93 0.20
CA MET A 136 -9.70 -16.59 1.11
C MET A 136 -9.79 -15.07 1.31
N ILE A 137 -8.65 -14.38 1.22
CA ILE A 137 -8.61 -12.94 1.39
C ILE A 137 -9.39 -12.22 0.27
N LEU A 138 -9.21 -12.70 -0.97
CA LEU A 138 -9.91 -12.12 -2.13
C LEU A 138 -11.06 -13.01 -2.60
N ALA A 139 -11.71 -13.70 -1.66
CA ALA A 139 -12.84 -14.58 -1.98
C ALA A 139 -13.51 -15.09 -0.72
N ASN A 140 -14.73 -14.62 -0.45
CA ASN A 140 -15.48 -15.02 0.72
C ASN A 140 -16.81 -15.67 0.33
N SER A 1 -4.99 22.15 6.38
CA SER A 1 -4.62 23.24 5.44
C SER A 1 -3.21 23.76 5.72
N THR A 2 -2.35 23.75 4.69
CA THR A 2 -0.98 24.23 4.82
C THR A 2 -0.22 23.48 5.93
N ASP A 3 -0.56 22.21 6.13
CA ASP A 3 0.08 21.39 7.17
C ASP A 3 0.87 20.23 6.54
N ASP A 4 0.28 19.60 5.53
CA ASP A 4 0.93 18.47 4.85
C ASP A 4 1.43 18.90 3.47
N SER A 5 2.72 19.19 3.38
CA SER A 5 3.33 19.61 2.12
C SER A 5 3.36 18.47 1.09
N PRO A 6 3.80 17.26 1.48
CA PRO A 6 3.87 16.11 0.57
C PRO A 6 2.53 15.39 0.35
N TYR A 7 1.52 15.69 1.20
CA TYR A 7 0.22 15.03 1.08
C TYR A 7 -0.86 16.01 0.60
N LYS A 8 -1.09 17.06 1.40
CA LYS A 8 -2.11 18.07 1.07
C LYS A 8 -1.65 18.97 -0.08
N GLN A 9 -0.53 19.66 0.12
CA GLN A 9 0.02 20.55 -0.90
C GLN A 9 0.32 19.78 -2.18
N ALA A 10 0.99 18.64 -2.04
CA ALA A 10 1.33 17.79 -3.19
C ALA A 10 0.07 17.35 -3.95
N PHE A 11 -0.97 17.02 -3.20
CA PHE A 11 -2.24 16.60 -3.79
C PHE A 11 -2.78 17.69 -4.74
N SER A 12 -2.73 18.94 -4.26
CA SER A 12 -3.20 20.08 -5.05
C SER A 12 -2.38 20.26 -6.33
N LEU A 13 -1.07 19.94 -6.26
CA LEU A 13 -0.19 20.07 -7.42
C LEU A 13 -0.69 19.25 -8.62
N PHE A 14 -1.37 18.14 -8.34
CA PHE A 14 -1.90 17.27 -9.40
C PHE A 14 -3.33 17.65 -9.80
N ASP A 15 -3.65 18.96 -9.73
CA ASP A 15 -4.98 19.43 -10.10
C ASP A 15 -5.14 19.49 -11.61
N ARG A 16 -6.01 18.63 -12.14
CA ARG A 16 -6.25 18.58 -13.59
C ARG A 16 -7.03 19.81 -14.05
N HIS A 17 -8.13 20.11 -13.34
CA HIS A 17 -8.97 21.26 -13.67
C HIS A 17 -8.98 22.31 -12.54
N GLY A 18 -8.26 22.03 -11.44
CA GLY A 18 -8.21 22.97 -10.33
C GLY A 18 -9.53 23.03 -9.57
N THR A 19 -10.07 21.86 -9.23
CA THR A 19 -11.33 21.78 -8.49
C THR A 19 -11.16 21.04 -7.16
N GLY A 20 -9.92 20.87 -6.70
CA GLY A 20 -9.67 20.18 -5.45
C GLY A 20 -9.85 18.67 -5.56
N ARG A 21 -9.92 18.16 -6.79
CA ARG A 21 -10.10 16.72 -7.04
C ARG A 21 -9.07 16.21 -8.05
N ILE A 22 -8.81 14.90 -8.03
CA ILE A 22 -7.85 14.30 -8.95
C ILE A 22 -8.33 12.94 -9.45
N PRO A 23 -8.19 12.69 -10.78
CA PRO A 23 -8.61 11.44 -11.40
C PRO A 23 -7.52 10.36 -11.32
N LYS A 24 -7.89 9.12 -11.69
CA LYS A 24 -6.96 7.97 -11.66
C LYS A 24 -5.56 8.33 -12.20
N THR A 25 -5.52 9.16 -13.25
CA THR A 25 -4.25 9.57 -13.85
C THR A 25 -3.36 10.31 -12.83
N SER A 26 -3.97 11.24 -12.08
CA SER A 26 -3.25 12.02 -11.08
C SER A 26 -2.85 11.16 -9.87
N ILE A 27 -3.77 10.33 -9.37
CA ILE A 27 -3.48 9.46 -8.22
C ILE A 27 -2.29 8.54 -8.49
N GLY A 28 -2.13 8.10 -9.75
CA GLY A 28 -1.03 7.23 -10.11
C GLY A 28 0.32 7.82 -9.74
N ASP A 29 0.69 8.93 -10.39
CA ASP A 29 1.96 9.61 -10.11
C ASP A 29 1.98 10.17 -8.69
N LEU A 30 0.81 10.51 -8.15
CA LEU A 30 0.71 11.04 -6.79
C LEU A 30 1.23 10.02 -5.78
N LEU A 31 0.74 8.78 -5.91
CA LEU A 31 1.16 7.68 -5.03
C LEU A 31 2.66 7.41 -5.15
N ARG A 32 3.23 7.69 -6.34
CA ARG A 32 4.65 7.49 -6.59
C ARG A 32 5.49 8.28 -5.59
N ALA A 33 5.02 9.48 -5.22
CA ALA A 33 5.73 10.33 -4.27
C ALA A 33 5.77 9.69 -2.87
N CYS A 34 4.73 8.90 -2.55
CA CYS A 34 4.65 8.21 -1.26
C CYS A 34 4.87 6.71 -1.42
N GLY A 35 5.70 6.33 -2.40
CA GLY A 35 5.99 4.93 -2.65
C GLY A 35 6.32 4.66 -4.11
N GLN A 36 5.37 4.07 -4.83
CA GLN A 36 5.57 3.75 -6.25
C GLN A 36 4.38 4.21 -7.10
N ASN A 37 4.47 3.98 -8.41
CA ASN A 37 3.41 4.35 -9.34
C ASN A 37 2.87 3.10 -10.05
N PRO A 38 1.58 2.76 -9.81
CA PRO A 38 0.95 1.60 -10.42
C PRO A 38 0.39 1.87 -11.83
N THR A 39 -0.50 1.01 -12.30
CA THR A 39 -1.11 1.15 -13.62
C THR A 39 -2.48 1.81 -13.53
N LEU A 40 -2.99 2.29 -14.68
CA LEU A 40 -4.30 2.93 -14.75
C LEU A 40 -5.39 2.03 -14.17
N ALA A 41 -5.26 0.71 -14.40
CA ALA A 41 -6.22 -0.26 -13.89
C ALA A 41 -6.29 -0.21 -12.36
N GLU A 42 -5.14 -0.01 -11.72
CA GLU A 42 -5.06 0.07 -10.26
C GLU A 42 -5.78 1.31 -9.74
N ILE A 43 -5.40 2.50 -10.25
CA ILE A 43 -6.04 3.76 -9.82
C ILE A 43 -7.54 3.70 -10.05
N THR A 44 -7.95 3.20 -11.22
CA THR A 44 -9.37 3.07 -11.55
C THR A 44 -10.05 2.16 -10.52
N GLU A 45 -9.34 1.09 -10.11
CA GLU A 45 -9.87 0.15 -9.11
C GLU A 45 -10.18 0.88 -7.80
N ILE A 46 -9.30 1.81 -7.42
CA ILE A 46 -9.49 2.61 -6.21
C ILE A 46 -10.75 3.46 -6.35
N GLU A 47 -10.86 4.15 -7.49
CA GLU A 47 -12.03 4.98 -7.78
C GLU A 47 -13.33 4.19 -7.70
N SER A 48 -13.24 2.87 -7.92
CA SER A 48 -14.42 1.97 -7.87
C SER A 48 -15.05 1.90 -6.47
N THR A 49 -14.41 2.49 -5.46
CA THR A 49 -14.94 2.48 -4.09
C THR A 49 -15.25 3.90 -3.61
N LEU A 50 -14.29 4.81 -3.74
CA LEU A 50 -14.49 6.20 -3.34
C LEU A 50 -15.11 6.99 -4.49
N PRO A 51 -15.87 8.06 -4.18
CA PRO A 51 -16.52 8.91 -5.19
C PRO A 51 -15.67 9.12 -6.44
N ALA A 52 -16.34 9.20 -7.60
CA ALA A 52 -15.67 9.38 -8.91
C ALA A 52 -14.36 10.16 -8.78
N GLU A 53 -14.44 11.44 -8.45
CA GLU A 53 -13.24 12.27 -8.30
C GLU A 53 -12.65 12.11 -6.91
N VAL A 54 -11.36 11.79 -6.85
CA VAL A 54 -10.69 11.61 -5.57
C VAL A 54 -10.15 12.95 -5.04
N ASP A 55 -10.99 13.64 -4.27
CA ASP A 55 -10.61 14.93 -3.70
C ASP A 55 -9.88 14.72 -2.37
N MET A 56 -9.49 15.83 -1.73
CA MET A 56 -8.77 15.79 -0.45
C MET A 56 -9.37 14.73 0.50
N GLU A 57 -10.70 14.70 0.59
CA GLU A 57 -11.41 13.76 1.45
C GLU A 57 -11.25 12.31 0.97
N GLN A 58 -11.60 12.07 -0.30
CA GLN A 58 -11.50 10.72 -0.89
C GLN A 58 -10.09 10.15 -0.78
N PHE A 59 -9.10 10.91 -1.24
CA PHE A 59 -7.71 10.47 -1.21
C PHE A 59 -7.26 10.19 0.23
N LEU A 60 -7.51 11.13 1.14
CA LEU A 60 -7.14 10.96 2.55
C LEU A 60 -7.86 9.76 3.16
N GLN A 61 -9.09 9.49 2.70
CA GLN A 61 -9.89 8.38 3.21
C GLN A 61 -9.16 7.04 3.00
N VAL A 62 -8.69 6.81 1.76
CA VAL A 62 -7.98 5.58 1.42
C VAL A 62 -6.54 5.61 1.96
N LEU A 63 -5.93 6.81 1.98
CA LEU A 63 -4.56 6.97 2.47
C LEU A 63 -4.47 6.77 3.97
N ASN A 64 -5.40 7.38 4.72
CA ASN A 64 -5.42 7.28 6.18
C ASN A 64 -6.34 6.13 6.63
N ARG A 65 -6.13 4.94 6.07
CA ARG A 65 -6.93 3.77 6.42
C ARG A 65 -6.78 3.44 7.91
N PRO A 66 -5.53 3.25 8.40
CA PRO A 66 -5.26 2.94 9.81
C PRO A 66 -5.13 4.20 10.69
N ASN A 67 -5.83 5.28 10.31
CA ASN A 67 -5.81 6.54 11.05
C ASN A 67 -4.40 6.89 11.54
N GLY A 68 -3.53 7.24 10.61
CA GLY A 68 -2.16 7.60 10.97
C GLY A 68 -1.33 8.05 9.77
N PHE A 69 -0.11 8.51 10.04
CA PHE A 69 0.80 8.98 9.00
C PHE A 69 1.84 7.91 8.66
N ASP A 70 2.60 7.48 9.67
CA ASP A 70 3.62 6.46 9.49
C ASP A 70 3.07 5.09 9.86
N MET A 71 2.19 4.55 9.00
CA MET A 71 1.57 3.25 9.22
C MET A 71 0.90 2.71 7.96
N PRO A 72 -0.03 3.48 7.33
CA PRO A 72 -0.74 3.04 6.11
C PRO A 72 0.19 2.36 5.09
N GLY A 73 1.32 3.01 4.79
CA GLY A 73 2.27 2.47 3.84
C GLY A 73 3.71 2.65 4.28
N ASP A 74 4.00 2.21 5.50
CA ASP A 74 5.36 2.34 6.06
C ASP A 74 6.27 1.22 5.53
N PRO A 75 7.60 1.48 5.47
CA PRO A 75 8.58 0.49 4.98
C PRO A 75 8.57 -0.80 5.82
N GLU A 76 8.40 -0.66 7.14
CA GLU A 76 8.37 -1.80 8.05
C GLU A 76 7.18 -2.71 7.75
N GLU A 77 6.04 -2.11 7.37
CA GLU A 77 4.83 -2.87 7.05
C GLU A 77 5.03 -3.73 5.81
N PHE A 78 5.69 -3.17 4.80
CA PHE A 78 5.95 -3.90 3.55
C PHE A 78 7.00 -5.00 3.78
N VAL A 79 8.06 -4.68 4.52
CA VAL A 79 9.13 -5.63 4.81
C VAL A 79 8.59 -6.85 5.57
N LYS A 80 7.76 -6.60 6.58
CA LYS A 80 7.18 -7.67 7.38
C LYS A 80 6.20 -8.53 6.57
N GLY A 81 5.49 -7.90 5.63
CA GLY A 81 4.54 -8.63 4.80
C GLY A 81 5.22 -9.70 3.97
N PHE A 82 6.31 -9.32 3.30
CA PHE A 82 7.06 -10.27 2.47
C PHE A 82 7.81 -11.27 3.35
N GLN A 83 8.27 -10.82 4.52
CA GLN A 83 8.99 -11.67 5.47
C GLN A 83 8.04 -12.57 6.25
N VAL A 84 7.47 -13.57 5.58
CA VAL A 84 6.54 -14.51 6.21
C VAL A 84 6.92 -15.94 5.87
N PHE A 85 6.85 -16.28 4.57
CA PHE A 85 7.20 -17.61 4.10
C PHE A 85 8.40 -17.54 3.17
N ASP A 86 9.39 -16.72 3.56
CA ASP A 86 10.60 -16.53 2.76
C ASP A 86 11.83 -17.07 3.51
N LYS A 87 11.85 -18.39 3.73
CA LYS A 87 12.97 -19.04 4.44
C LYS A 87 14.29 -18.80 3.71
N ASP A 88 14.32 -19.13 2.42
CA ASP A 88 15.52 -18.95 1.61
C ASP A 88 15.23 -18.04 0.41
N ALA A 89 14.40 -18.54 -0.51
CA ALA A 89 14.03 -17.79 -1.71
C ALA A 89 15.25 -17.17 -2.39
N THR A 90 16.15 -18.02 -2.87
CA THR A 90 17.37 -17.58 -3.55
C THR A 90 17.02 -16.84 -4.85
N GLY A 91 16.15 -17.45 -5.66
CA GLY A 91 15.75 -16.84 -6.91
C GLY A 91 14.27 -17.07 -7.22
N MET A 92 13.40 -16.50 -6.38
CA MET A 92 11.96 -16.64 -6.54
C MET A 92 11.22 -15.85 -5.46
N ILE A 93 10.03 -15.37 -5.79
CA ILE A 93 9.23 -14.60 -4.85
C ILE A 93 7.94 -15.34 -4.46
N GLY A 94 7.28 -15.97 -5.44
CA GLY A 94 6.05 -16.70 -5.16
C GLY A 94 4.92 -15.79 -4.75
N VAL A 95 4.28 -15.15 -5.73
CA VAL A 95 3.17 -14.23 -5.47
C VAL A 95 2.17 -14.80 -4.45
N GLY A 96 1.98 -16.13 -4.46
CA GLY A 96 1.06 -16.76 -3.52
C GLY A 96 1.23 -16.28 -2.09
N GLU A 97 2.48 -16.15 -1.64
CA GLU A 97 2.78 -15.68 -0.29
C GLU A 97 2.61 -14.16 -0.18
N LEU A 98 3.23 -13.43 -1.12
CA LEU A 98 3.15 -11.97 -1.14
C LEU A 98 1.69 -11.49 -1.20
N ARG A 99 0.86 -12.21 -1.96
CA ARG A 99 -0.55 -11.88 -2.11
C ARG A 99 -1.31 -12.16 -0.82
N TYR A 100 -1.10 -13.34 -0.24
CA TYR A 100 -1.76 -13.73 1.01
C TYR A 100 -1.60 -12.66 2.09
N VAL A 101 -0.42 -12.04 2.14
CA VAL A 101 -0.14 -10.99 3.11
C VAL A 101 -0.82 -9.67 2.74
N LEU A 102 -0.67 -9.27 1.48
CA LEU A 102 -1.25 -8.03 0.97
C LEU A 102 -2.79 -8.04 1.01
N THR A 103 -3.38 -9.21 0.77
CA THR A 103 -4.86 -9.34 0.80
C THR A 103 -5.41 -9.05 2.20
N SER A 104 -4.67 -9.50 3.22
CA SER A 104 -5.08 -9.30 4.61
C SER A 104 -4.91 -7.84 5.06
N LEU A 105 -4.11 -7.06 4.30
CA LEU A 105 -3.88 -5.65 4.64
C LEU A 105 -5.17 -4.83 4.46
N GLY A 106 -5.73 -4.88 3.26
CA GLY A 106 -6.95 -4.15 2.97
C GLY A 106 -7.39 -4.31 1.52
N GLU A 107 -7.41 -5.56 1.05
CA GLU A 107 -7.79 -5.87 -0.33
C GLU A 107 -6.81 -5.25 -1.32
N LYS A 108 -5.51 -5.30 -0.97
CA LYS A 108 -4.45 -4.79 -1.83
C LYS A 108 -4.31 -5.67 -3.07
N LEU A 109 -3.08 -6.00 -3.49
CA LEU A 109 -2.87 -6.86 -4.65
C LEU A 109 -3.37 -8.27 -4.32
N SER A 110 -4.68 -8.47 -4.48
CA SER A 110 -5.32 -9.75 -4.18
C SER A 110 -5.25 -10.69 -5.40
N ASN A 111 -6.02 -11.78 -5.34
CA ASN A 111 -6.05 -12.77 -6.42
C ASN A 111 -6.40 -12.15 -7.78
N GLU A 112 -7.18 -11.06 -7.77
CA GLU A 112 -7.58 -10.39 -9.02
C GLU A 112 -6.39 -9.81 -9.77
N GLU A 113 -5.75 -8.79 -9.19
CA GLU A 113 -4.59 -8.15 -9.83
C GLU A 113 -3.50 -9.17 -10.14
N MET A 114 -3.21 -10.05 -9.18
CA MET A 114 -2.19 -11.08 -9.38
C MET A 114 -2.62 -12.09 -10.45
N ASP A 115 -3.93 -12.29 -10.60
CA ASP A 115 -4.44 -13.22 -11.62
C ASP A 115 -3.98 -12.78 -13.01
N GLU A 116 -4.13 -11.48 -13.29
CA GLU A 116 -3.71 -10.92 -14.56
C GLU A 116 -2.19 -11.04 -14.73
N LEU A 117 -1.46 -10.75 -13.66
CA LEU A 117 0.00 -10.84 -13.66
C LEU A 117 0.46 -12.28 -13.95
N LEU A 118 -0.22 -13.24 -13.33
CA LEU A 118 0.11 -14.66 -13.52
C LEU A 118 -0.22 -15.11 -14.94
N LYS A 119 -1.25 -14.52 -15.54
CA LYS A 119 -1.66 -14.86 -16.91
C LYS A 119 -0.56 -14.51 -17.91
N GLY A 120 0.02 -13.32 -17.76
CA GLY A 120 1.09 -12.89 -18.66
C GLY A 120 2.40 -13.63 -18.42
N VAL A 121 2.79 -13.76 -17.15
CA VAL A 121 4.02 -14.46 -16.78
C VAL A 121 3.87 -15.98 -16.91
N PRO A 122 4.85 -16.66 -17.54
CA PRO A 122 4.81 -18.12 -17.71
C PRO A 122 5.20 -18.88 -16.44
N VAL A 123 4.45 -18.64 -15.36
CA VAL A 123 4.70 -19.29 -14.08
C VAL A 123 3.41 -19.87 -13.49
N LYS A 124 3.55 -20.73 -12.46
CA LYS A 124 2.39 -21.35 -11.83
C LYS A 124 2.37 -21.07 -10.33
N ASP A 125 2.40 -19.78 -9.98
CA ASP A 125 2.38 -19.33 -8.58
C ASP A 125 2.67 -17.84 -8.48
N GLY A 126 3.58 -17.37 -9.34
CA GLY A 126 3.97 -15.97 -9.35
C GLY A 126 5.44 -15.78 -8.98
N MET A 127 6.29 -16.66 -9.48
CA MET A 127 7.73 -16.59 -9.20
C MET A 127 8.48 -16.01 -10.39
N VAL A 128 9.06 -14.84 -10.17
CA VAL A 128 9.81 -14.14 -11.21
C VAL A 128 11.05 -13.43 -10.62
N ASN A 129 11.57 -13.96 -9.50
CA ASN A 129 12.74 -13.39 -8.83
C ASN A 129 12.49 -11.94 -8.38
N TYR A 130 11.22 -11.53 -8.26
CA TYR A 130 10.86 -10.18 -7.84
C TYR A 130 11.68 -9.13 -8.61
N HIS A 131 11.85 -9.36 -9.92
CA HIS A 131 12.62 -8.45 -10.77
C HIS A 131 11.76 -7.86 -11.88
N ASP A 132 11.05 -8.72 -12.61
CA ASP A 132 10.19 -8.28 -13.72
C ASP A 132 9.16 -7.25 -13.27
N PHE A 133 8.57 -7.46 -12.09
CA PHE A 133 7.57 -6.54 -11.54
C PHE A 133 8.19 -5.19 -11.20
N VAL A 134 9.21 -5.21 -10.34
CA VAL A 134 9.90 -3.98 -9.93
C VAL A 134 10.59 -3.30 -11.13
N GLN A 135 11.00 -4.09 -12.12
CA GLN A 135 11.66 -3.55 -13.31
C GLN A 135 10.74 -2.58 -14.04
N MET A 136 9.55 -3.06 -14.43
CA MET A 136 8.57 -2.23 -15.13
C MET A 136 8.00 -1.16 -14.19
N ILE A 137 7.91 -1.51 -12.90
CA ILE A 137 7.38 -0.60 -11.89
C ILE A 137 8.26 0.65 -11.76
N LEU A 138 9.58 0.44 -11.64
CA LEU A 138 10.53 1.54 -11.52
C LEU A 138 11.10 1.92 -12.90
N ALA A 139 10.22 2.40 -13.78
CA ALA A 139 10.62 2.79 -15.12
C ALA A 139 9.57 3.71 -15.77
N ASN A 140 9.43 4.91 -15.22
CA ASN A 140 8.45 5.88 -15.73
C ASN A 140 9.10 7.26 -15.91
N SER A 1 -2.76 22.17 6.97
CA SER A 1 -2.83 23.27 5.97
C SER A 1 -1.57 23.30 5.10
N THR A 2 -0.42 23.53 5.72
CA THR A 2 0.85 23.58 5.01
C THR A 2 1.90 22.68 5.69
N ASP A 3 1.44 21.60 6.33
CA ASP A 3 2.33 20.67 7.01
C ASP A 3 2.53 19.40 6.17
N ASP A 4 1.44 18.85 5.65
CA ASP A 4 1.49 17.65 4.83
C ASP A 4 1.92 17.99 3.40
N SER A 5 3.22 18.10 3.20
CA SER A 5 3.79 18.43 1.90
C SER A 5 3.58 17.31 0.87
N PRO A 6 3.87 16.04 1.26
CA PRO A 6 3.71 14.89 0.35
C PRO A 6 2.28 14.35 0.26
N TYR A 7 1.33 14.98 0.97
CA TYR A 7 -0.06 14.53 0.94
C TYR A 7 -1.02 15.66 0.53
N LYS A 8 -1.12 16.68 1.36
CA LYS A 8 -2.00 17.82 1.09
C LYS A 8 -1.43 18.71 0.00
N GLN A 9 -0.19 19.17 0.19
CA GLN A 9 0.48 20.02 -0.78
C GLN A 9 0.67 19.29 -2.11
N ALA A 10 1.20 18.06 -2.03
CA ALA A 10 1.43 17.23 -3.22
C ALA A 10 0.13 16.99 -3.97
N PHE A 11 -0.96 16.79 -3.23
CA PHE A 11 -2.28 16.55 -3.83
C PHE A 11 -2.66 17.74 -4.73
N SER A 12 -2.48 18.95 -4.21
CA SER A 12 -2.81 20.17 -4.95
C SER A 12 -1.95 20.31 -6.21
N LEU A 13 -0.71 19.80 -6.17
CA LEU A 13 0.20 19.87 -7.31
C LEU A 13 -0.38 19.17 -8.54
N PHE A 14 -1.05 18.03 -8.31
CA PHE A 14 -1.64 17.26 -9.41
C PHE A 14 -3.12 17.60 -9.62
N ASP A 15 -3.49 18.86 -9.40
CA ASP A 15 -4.88 19.29 -9.59
C ASP A 15 -5.11 19.67 -11.05
N ARG A 16 -5.63 18.72 -11.82
CA ARG A 16 -5.91 18.93 -13.24
C ARG A 16 -7.06 19.91 -13.45
N HIS A 17 -8.07 19.85 -12.57
CA HIS A 17 -9.23 20.73 -12.67
C HIS A 17 -8.98 22.05 -11.93
N GLY A 18 -8.35 21.98 -10.76
CA GLY A 18 -8.07 23.17 -9.98
C GLY A 18 -9.11 23.44 -8.90
N THR A 19 -10.01 22.47 -8.65
CA THR A 19 -11.05 22.61 -7.64
C THR A 19 -10.73 21.81 -6.37
N GLY A 20 -9.74 20.91 -6.46
CA GLY A 20 -9.35 20.10 -5.33
C GLY A 20 -9.70 18.63 -5.52
N ARG A 21 -9.70 18.18 -6.78
CA ARG A 21 -10.01 16.79 -7.12
C ARG A 21 -8.96 16.22 -8.06
N ILE A 22 -8.80 14.89 -8.07
CA ILE A 22 -7.81 14.25 -8.93
C ILE A 22 -8.29 12.88 -9.44
N PRO A 23 -8.15 12.64 -10.76
CA PRO A 23 -8.54 11.37 -11.38
C PRO A 23 -7.46 10.30 -11.26
N LYS A 24 -7.79 9.06 -11.64
CA LYS A 24 -6.85 7.94 -11.58
C LYS A 24 -5.47 8.29 -12.15
N THR A 25 -5.45 9.09 -13.22
CA THR A 25 -4.19 9.50 -13.83
C THR A 25 -3.33 10.32 -12.86
N SER A 26 -3.98 11.22 -12.12
CA SER A 26 -3.27 12.07 -11.15
C SER A 26 -2.79 11.26 -9.94
N ILE A 27 -3.68 10.40 -9.39
CA ILE A 27 -3.31 9.57 -8.24
C ILE A 27 -2.10 8.68 -8.53
N GLY A 28 -2.01 8.21 -9.79
CA GLY A 28 -0.88 7.35 -10.17
C GLY A 28 0.46 7.99 -9.88
N ASP A 29 0.81 9.02 -10.64
CA ASP A 29 2.08 9.74 -10.46
C ASP A 29 2.15 10.41 -9.09
N LEU A 30 0.98 10.75 -8.53
CA LEU A 30 0.92 11.39 -7.20
C LEU A 30 1.49 10.44 -6.14
N LEU A 31 1.00 9.20 -6.13
CA LEU A 31 1.47 8.20 -5.18
C LEU A 31 2.97 7.92 -5.35
N ARG A 32 3.45 8.03 -6.60
CA ARG A 32 4.86 7.81 -6.91
C ARG A 32 5.76 8.69 -6.04
N ALA A 33 5.34 9.95 -5.83
CA ALA A 33 6.10 10.90 -5.02
C ALA A 33 6.24 10.41 -3.57
N CYS A 34 5.21 9.73 -3.07
CA CYS A 34 5.22 9.20 -1.70
C CYS A 34 6.08 7.94 -1.62
N GLY A 35 5.91 7.05 -2.60
CA GLY A 35 6.68 5.83 -2.62
C GLY A 35 6.80 5.23 -4.00
N GLN A 36 5.73 4.60 -4.48
CA GLN A 36 5.72 3.96 -5.81
C GLN A 36 4.47 4.35 -6.61
N ASN A 37 4.49 4.02 -7.90
CA ASN A 37 3.37 4.29 -8.79
C ASN A 37 2.87 3.00 -9.43
N PRO A 38 1.60 2.62 -9.16
CA PRO A 38 1.00 1.40 -9.71
C PRO A 38 0.48 1.60 -11.14
N THR A 39 -0.40 0.70 -11.58
CA THR A 39 -0.98 0.79 -12.92
C THR A 39 -2.32 1.50 -12.89
N LEU A 40 -2.79 1.92 -14.07
CA LEU A 40 -4.08 2.61 -14.20
C LEU A 40 -5.21 1.76 -13.63
N ALA A 41 -5.06 0.43 -13.72
CA ALA A 41 -6.07 -0.49 -13.19
C ALA A 41 -6.23 -0.31 -11.67
N GLU A 42 -5.11 -0.07 -10.99
CA GLU A 42 -5.13 0.13 -9.53
C GLU A 42 -5.87 1.42 -9.16
N ILE A 43 -5.43 2.55 -9.74
CA ILE A 43 -6.06 3.85 -9.46
C ILE A 43 -7.55 3.80 -9.79
N THR A 44 -7.90 3.22 -10.95
CA THR A 44 -9.31 3.09 -11.34
C THR A 44 -10.06 2.24 -10.32
N GLU A 45 -9.41 1.17 -9.84
CA GLU A 45 -10.01 0.29 -8.84
C GLU A 45 -10.38 1.06 -7.59
N ILE A 46 -9.52 2.01 -7.20
CA ILE A 46 -9.76 2.85 -6.04
C ILE A 46 -11.04 3.67 -6.23
N GLU A 47 -11.13 4.36 -7.37
CA GLU A 47 -12.30 5.16 -7.71
C GLU A 47 -13.58 4.31 -7.72
N SER A 48 -13.43 3.00 -7.91
CA SER A 48 -14.57 2.07 -7.94
C SER A 48 -15.30 2.01 -6.58
N THR A 49 -14.73 2.62 -5.54
CA THR A 49 -15.35 2.62 -4.21
C THR A 49 -15.65 4.05 -3.75
N LEU A 50 -14.70 4.97 -3.90
CA LEU A 50 -14.91 6.37 -3.52
C LEU A 50 -15.47 7.16 -4.70
N PRO A 51 -16.13 8.31 -4.42
CA PRO A 51 -16.73 9.16 -5.46
C PRO A 51 -15.82 9.34 -6.69
N ALA A 52 -16.45 9.54 -7.85
CA ALA A 52 -15.74 9.72 -9.13
C ALA A 52 -14.45 10.53 -8.95
N GLU A 53 -14.59 11.79 -8.57
CA GLU A 53 -13.43 12.66 -8.35
C GLU A 53 -12.86 12.43 -6.97
N VAL A 54 -11.58 12.01 -6.91
CA VAL A 54 -10.92 11.74 -5.65
C VAL A 54 -10.29 13.01 -5.08
N ASP A 55 -11.07 13.73 -4.28
CA ASP A 55 -10.57 14.96 -3.65
C ASP A 55 -9.83 14.64 -2.36
N MET A 56 -9.33 15.69 -1.68
CA MET A 56 -8.60 15.52 -0.43
C MET A 56 -9.25 14.49 0.49
N GLU A 57 -10.58 14.58 0.65
CA GLU A 57 -11.33 13.67 1.50
C GLU A 57 -11.34 12.24 0.95
N GLN A 58 -11.71 12.09 -0.33
CA GLN A 58 -11.77 10.78 -0.98
C GLN A 58 -10.42 10.06 -0.90
N PHE A 59 -9.35 10.74 -1.31
CA PHE A 59 -8.01 10.14 -1.30
C PHE A 59 -7.59 9.80 0.14
N LEU A 60 -7.71 10.76 1.06
CA LEU A 60 -7.36 10.54 2.46
C LEU A 60 -8.24 9.44 3.09
N GLN A 61 -9.45 9.25 2.56
CA GLN A 61 -10.36 8.23 3.07
C GLN A 61 -9.79 6.83 2.85
N VAL A 62 -9.40 6.55 1.59
CA VAL A 62 -8.83 5.24 1.25
C VAL A 62 -7.48 5.03 1.95
N LEU A 63 -6.66 6.09 1.99
CA LEU A 63 -5.35 6.03 2.64
C LEU A 63 -5.50 5.91 4.15
N ASN A 64 -6.16 6.90 4.76
CA ASN A 64 -6.37 6.91 6.21
C ASN A 64 -7.66 6.17 6.56
N ARG A 65 -7.70 4.88 6.26
CA ARG A 65 -8.87 4.04 6.54
C ARG A 65 -9.24 4.10 8.03
N PRO A 66 -8.28 3.78 8.93
CA PRO A 66 -8.51 3.81 10.38
C PRO A 66 -8.31 5.20 11.00
N ASN A 67 -8.35 6.26 10.16
CA ASN A 67 -8.20 7.64 10.62
C ASN A 67 -6.78 7.91 11.16
N GLY A 68 -6.03 8.75 10.45
CA GLY A 68 -4.69 9.09 10.88
C GLY A 68 -3.62 8.65 9.88
N PHE A 69 -2.39 9.13 10.08
CA PHE A 69 -1.27 8.80 9.20
C PHE A 69 -0.35 7.78 9.86
N ASP A 70 0.62 7.26 9.11
CA ASP A 70 1.59 6.27 9.60
C ASP A 70 0.91 5.26 10.54
N MET A 71 -0.02 4.48 9.99
CA MET A 71 -0.77 3.48 10.74
C MET A 71 -1.66 2.64 9.81
N PRO A 72 -2.52 3.29 8.99
CA PRO A 72 -3.41 2.59 8.05
C PRO A 72 -2.68 1.53 7.23
N GLY A 73 -1.44 1.83 6.81
CA GLY A 73 -0.65 0.89 6.04
C GLY A 73 -0.66 1.23 4.57
N ASP A 74 0.33 2.02 4.14
CA ASP A 74 0.44 2.41 2.73
C ASP A 74 0.64 1.19 1.83
N PRO A 75 0.03 1.21 0.62
CA PRO A 75 0.13 0.10 -0.33
C PRO A 75 1.58 -0.25 -0.68
N GLU A 76 2.34 0.74 -1.14
CA GLU A 76 3.74 0.54 -1.49
C GLU A 76 4.62 0.28 -0.26
N GLU A 77 4.18 0.78 0.90
CA GLU A 77 4.92 0.60 2.15
C GLU A 77 4.82 -0.84 2.65
N PHE A 78 3.59 -1.36 2.71
CA PHE A 78 3.36 -2.73 3.17
C PHE A 78 4.02 -3.75 2.24
N VAL A 79 3.97 -3.49 0.93
CA VAL A 79 4.57 -4.40 -0.05
C VAL A 79 6.10 -4.45 0.11
N LYS A 80 6.73 -3.27 0.11
CA LYS A 80 8.19 -3.19 0.26
C LYS A 80 8.66 -3.77 1.59
N GLY A 81 7.81 -3.69 2.62
CA GLY A 81 8.16 -4.20 3.93
C GLY A 81 8.25 -5.72 3.96
N PHE A 82 7.18 -6.39 3.53
CA PHE A 82 7.14 -7.86 3.53
C PHE A 82 7.93 -8.46 2.37
N GLN A 83 7.89 -7.80 1.20
CA GLN A 83 8.60 -8.28 0.02
C GLN A 83 10.11 -8.03 0.13
N VAL A 84 10.76 -8.83 0.98
CA VAL A 84 12.20 -8.74 1.19
C VAL A 84 12.81 -10.12 1.40
N PHE A 85 12.27 -10.85 2.38
CA PHE A 85 12.73 -12.20 2.70
C PHE A 85 11.54 -13.08 3.12
N ASP A 86 10.48 -13.05 2.32
CA ASP A 86 9.28 -13.83 2.61
C ASP A 86 8.85 -14.64 1.38
N LYS A 87 9.59 -15.72 1.10
CA LYS A 87 9.30 -16.58 -0.05
C LYS A 87 7.95 -17.27 0.12
N ASP A 88 7.72 -17.85 1.31
CA ASP A 88 6.47 -18.53 1.60
C ASP A 88 5.39 -17.53 2.05
N ALA A 89 5.54 -16.98 3.26
CA ALA A 89 4.59 -16.02 3.81
C ALA A 89 3.17 -16.59 3.86
N THR A 90 2.19 -15.72 4.15
CA THR A 90 0.78 -16.12 4.24
C THR A 90 0.50 -16.95 5.50
N GLY A 91 1.02 -18.18 5.53
CA GLY A 91 0.81 -19.05 6.68
C GLY A 91 1.87 -18.87 7.77
N MET A 92 2.74 -17.87 7.62
CA MET A 92 3.80 -17.61 8.61
C MET A 92 4.44 -16.25 8.38
N ILE A 93 4.80 -15.57 9.47
CA ILE A 93 5.42 -14.25 9.39
C ILE A 93 6.76 -14.24 10.13
N GLY A 94 7.74 -13.54 9.56
CA GLY A 94 9.04 -13.45 10.17
C GLY A 94 9.30 -12.05 10.71
N VAL A 95 8.77 -11.77 11.91
CA VAL A 95 8.93 -10.45 12.54
C VAL A 95 10.36 -9.92 12.41
N GLY A 96 11.36 -10.80 12.59
CA GLY A 96 12.75 -10.38 12.46
C GLY A 96 13.00 -9.60 11.19
N GLU A 97 12.49 -10.11 10.07
CA GLU A 97 12.63 -9.45 8.77
C GLU A 97 11.59 -8.34 8.60
N LEU A 98 10.34 -8.62 9.04
CA LEU A 98 9.26 -7.64 8.94
C LEU A 98 9.64 -6.32 9.63
N ARG A 99 10.17 -6.44 10.85
CA ARG A 99 10.60 -5.28 11.62
C ARG A 99 11.88 -4.68 11.04
N TYR A 100 12.78 -5.55 10.56
CA TYR A 100 14.05 -5.10 9.97
C TYR A 100 13.80 -4.06 8.86
N VAL A 101 12.74 -4.28 8.07
CA VAL A 101 12.39 -3.37 6.98
C VAL A 101 11.75 -2.09 7.52
N LEU A 102 10.76 -2.26 8.40
CA LEU A 102 10.04 -1.12 9.00
C LEU A 102 10.96 -0.24 9.85
N THR A 103 11.93 -0.84 10.54
CA THR A 103 12.87 -0.09 11.37
C THR A 103 13.70 0.90 10.54
N SER A 104 13.99 0.52 9.28
CA SER A 104 14.77 1.37 8.38
C SER A 104 14.00 2.62 7.94
N LEU A 105 12.67 2.63 8.12
CA LEU A 105 11.84 3.78 7.74
C LEU A 105 12.21 5.01 8.57
N GLY A 106 11.85 5.00 9.85
CA GLY A 106 12.14 6.11 10.74
C GLY A 106 12.17 5.69 12.19
N GLU A 107 12.93 4.63 12.48
CA GLU A 107 13.05 4.10 13.84
C GLU A 107 11.69 3.63 14.35
N LYS A 108 11.00 2.83 13.53
CA LYS A 108 9.70 2.28 13.88
C LYS A 108 9.85 1.25 15.02
N LEU A 109 9.15 0.11 14.93
CA LEU A 109 9.25 -0.91 15.96
C LEU A 109 10.62 -1.60 15.89
N SER A 110 11.64 -0.95 16.45
CA SER A 110 13.00 -1.47 16.44
C SER A 110 13.12 -2.81 17.18
N ASN A 111 14.35 -3.31 17.30
CA ASN A 111 14.62 -4.58 17.97
C ASN A 111 13.96 -4.68 19.35
N GLU A 112 13.85 -3.54 20.04
CA GLU A 112 13.24 -3.51 21.37
C GLU A 112 11.78 -3.98 21.35
N GLU A 113 10.98 -3.39 20.46
CA GLU A 113 9.57 -3.75 20.34
C GLU A 113 9.40 -5.24 20.05
N MET A 114 10.08 -5.72 19.00
CA MET A 114 10.02 -7.13 18.62
C MET A 114 10.67 -8.03 19.69
N ASP A 115 11.62 -7.47 20.46
CA ASP A 115 12.28 -8.24 21.52
C ASP A 115 11.26 -8.73 22.53
N GLU A 116 10.39 -7.83 22.99
CA GLU A 116 9.35 -8.16 23.95
C GLU A 116 8.31 -9.11 23.33
N LEU A 117 7.97 -8.86 22.06
CA LEU A 117 6.99 -9.70 21.35
C LEU A 117 7.52 -11.14 21.22
N LEU A 118 8.81 -11.26 20.91
CA LEU A 118 9.44 -12.57 20.76
C LEU A 118 9.53 -13.30 22.10
N LYS A 119 9.71 -12.52 23.18
CA LYS A 119 9.81 -13.08 24.52
C LYS A 119 8.50 -13.77 24.92
N GLY A 120 7.38 -13.13 24.57
CA GLY A 120 6.07 -13.69 24.89
C GLY A 120 5.69 -14.86 23.98
N VAL A 121 5.91 -14.70 22.67
CA VAL A 121 5.58 -15.74 21.69
C VAL A 121 6.67 -16.83 21.68
N PRO A 122 6.27 -18.10 21.88
CA PRO A 122 7.21 -19.23 21.89
C PRO A 122 7.72 -19.58 20.48
N VAL A 123 8.41 -18.63 19.86
CA VAL A 123 8.95 -18.82 18.51
C VAL A 123 10.43 -18.42 18.44
N LYS A 124 11.04 -18.65 17.28
CA LYS A 124 12.46 -18.30 17.08
C LYS A 124 12.62 -17.38 15.86
N ASP A 125 11.78 -16.34 15.82
CA ASP A 125 11.80 -15.35 14.73
C ASP A 125 10.62 -14.38 14.86
N GLY A 126 9.48 -14.90 15.33
CA GLY A 126 8.28 -14.11 15.49
C GLY A 126 7.21 -14.51 14.50
N MET A 127 6.95 -15.83 14.41
CA MET A 127 5.95 -16.35 13.48
C MET A 127 4.67 -16.74 14.22
N VAL A 128 3.58 -16.07 13.86
CA VAL A 128 2.27 -16.31 14.47
C VAL A 128 1.15 -16.21 13.42
N ASN A 129 1.47 -16.55 12.17
CA ASN A 129 0.50 -16.49 11.06
C ASN A 129 -0.04 -15.06 10.87
N TYR A 130 0.72 -14.06 11.33
CA TYR A 130 0.31 -12.65 11.22
C TYR A 130 -1.15 -12.46 11.66
N HIS A 131 -1.51 -13.09 12.78
CA HIS A 131 -2.87 -13.00 13.31
C HIS A 131 -2.90 -12.35 14.69
N ASP A 132 -2.09 -12.88 15.61
CA ASP A 132 -2.02 -12.35 16.98
C ASP A 132 -1.58 -10.88 17.00
N PHE A 133 -0.66 -10.52 16.11
CA PHE A 133 -0.16 -9.13 16.03
C PHE A 133 -1.28 -8.20 15.58
N VAL A 134 -1.86 -8.50 14.41
CA VAL A 134 -2.95 -7.70 13.85
C VAL A 134 -4.18 -7.72 14.77
N GLN A 135 -4.38 -8.83 15.48
CA GLN A 135 -5.52 -8.99 16.38
C GLN A 135 -5.49 -7.92 17.48
N MET A 136 -4.37 -7.85 18.21
CA MET A 136 -4.22 -6.87 19.28
C MET A 136 -4.27 -5.44 18.74
N ILE A 137 -3.72 -5.25 17.54
CA ILE A 137 -3.70 -3.93 16.89
C ILE A 137 -5.12 -3.48 16.53
N LEU A 138 -5.94 -4.43 16.06
CA LEU A 138 -7.32 -4.13 15.69
C LEU A 138 -8.28 -4.44 16.84
N ALA A 139 -7.95 -3.95 18.04
CA ALA A 139 -8.77 -4.17 19.22
C ALA A 139 -8.34 -3.25 20.36
N ASN A 140 -8.79 -2.00 20.31
CA ASN A 140 -8.46 -1.00 21.32
C ASN A 140 -9.69 -0.20 21.75
N SER A 1 5.34 20.30 6.27
CA SER A 1 5.28 21.40 7.28
C SER A 1 3.84 21.87 7.50
N THR A 2 3.50 22.13 8.77
CA THR A 2 2.16 22.59 9.17
C THR A 2 1.11 21.48 9.07
N ASP A 3 1.00 20.85 7.89
CA ASP A 3 0.04 19.78 7.67
C ASP A 3 0.71 18.59 6.98
N ASP A 4 1.02 18.75 5.68
CA ASP A 4 1.68 17.71 4.91
C ASP A 4 2.03 18.21 3.51
N SER A 5 3.29 18.63 3.34
CA SER A 5 3.76 19.13 2.06
C SER A 5 3.80 18.02 0.99
N PRO A 6 4.33 16.83 1.33
CA PRO A 6 4.42 15.70 0.38
C PRO A 6 3.06 15.05 0.06
N TYR A 7 2.05 15.29 0.90
CA TYR A 7 0.73 14.69 0.69
C TYR A 7 -0.33 15.74 0.38
N LYS A 8 -0.58 16.62 1.35
CA LYS A 8 -1.59 17.67 1.21
C LYS A 8 -1.20 18.68 0.14
N GLN A 9 -0.05 19.35 0.33
CA GLN A 9 0.43 20.34 -0.63
C GLN A 9 0.65 19.68 -2.00
N ALA A 10 1.31 18.51 -1.99
CA ALA A 10 1.57 17.77 -3.21
C ALA A 10 0.28 17.41 -3.93
N PHE A 11 -0.74 17.02 -3.17
CA PHE A 11 -2.04 16.67 -3.73
C PHE A 11 -2.58 17.82 -4.59
N SER A 12 -2.48 19.05 -4.06
CA SER A 12 -2.94 20.23 -4.77
C SER A 12 -2.15 20.43 -6.07
N LEU A 13 -0.85 20.11 -6.05
CA LEU A 13 0.00 20.25 -7.23
C LEU A 13 -0.47 19.35 -8.38
N PHE A 14 -1.03 18.18 -8.03
CA PHE A 14 -1.53 17.24 -9.04
C PHE A 14 -3.02 17.45 -9.32
N ASP A 15 -3.48 18.70 -9.26
CA ASP A 15 -4.88 19.02 -9.52
C ASP A 15 -5.15 19.15 -11.01
N ARG A 16 -5.62 18.06 -11.62
CA ARG A 16 -5.93 18.04 -13.05
C ARG A 16 -7.04 19.04 -13.40
N HIS A 17 -8.07 19.10 -12.55
CA HIS A 17 -9.18 20.02 -12.75
C HIS A 17 -8.91 21.38 -12.12
N GLY A 18 -8.25 21.37 -10.96
CA GLY A 18 -7.93 22.62 -10.27
C GLY A 18 -9.04 23.06 -9.32
N THR A 19 -9.85 22.08 -8.86
CA THR A 19 -10.95 22.38 -7.95
C THR A 19 -10.77 21.69 -6.59
N GLY A 20 -9.81 20.76 -6.49
CA GLY A 20 -9.57 20.03 -5.26
C GLY A 20 -9.69 18.52 -5.40
N ARG A 21 -9.94 18.04 -6.63
CA ARG A 21 -10.09 16.61 -6.88
C ARG A 21 -8.99 16.11 -7.82
N ILE A 22 -8.80 14.79 -7.86
CA ILE A 22 -7.79 14.18 -8.73
C ILE A 22 -8.25 12.82 -9.26
N PRO A 23 -8.12 12.61 -10.60
CA PRO A 23 -8.52 11.35 -11.25
C PRO A 23 -7.42 10.28 -11.17
N LYS A 24 -7.76 9.04 -11.55
CA LYS A 24 -6.80 7.92 -11.54
C LYS A 24 -5.45 8.31 -12.15
N THR A 25 -5.47 9.12 -13.21
CA THR A 25 -4.24 9.56 -13.87
C THR A 25 -3.36 10.36 -12.91
N SER A 26 -3.98 11.26 -12.13
CA SER A 26 -3.25 12.08 -11.16
C SER A 26 -2.71 11.23 -10.01
N ILE A 27 -3.60 10.42 -9.39
CA ILE A 27 -3.19 9.56 -8.27
C ILE A 27 -1.98 8.70 -8.63
N GLY A 28 -1.92 8.22 -9.87
CA GLY A 28 -0.81 7.39 -10.30
C GLY A 28 0.54 8.05 -10.06
N ASP A 29 0.83 9.10 -10.83
CA ASP A 29 2.10 9.84 -10.69
C ASP A 29 2.22 10.51 -9.32
N LEU A 30 1.06 10.81 -8.70
CA LEU A 30 1.04 11.44 -7.38
C LEU A 30 1.63 10.48 -6.34
N LEU A 31 1.16 9.22 -6.38
CA LEU A 31 1.64 8.19 -5.46
C LEU A 31 3.13 7.92 -5.64
N ARG A 32 3.63 8.13 -6.87
CA ARG A 32 5.04 7.94 -7.18
C ARG A 32 5.93 8.74 -6.23
N ALA A 33 5.52 9.97 -5.93
CA ALA A 33 6.26 10.85 -5.02
C ALA A 33 6.28 10.30 -3.60
N CYS A 34 5.25 9.53 -3.23
CA CYS A 34 5.16 8.93 -1.89
C CYS A 34 5.43 7.43 -1.94
N GLY A 35 6.40 7.03 -2.76
CA GLY A 35 6.75 5.62 -2.89
C GLY A 35 7.01 5.22 -4.32
N GLN A 36 6.04 4.55 -4.95
CA GLN A 36 6.19 4.10 -6.33
C GLN A 36 4.96 4.46 -7.17
N ASN A 37 4.97 4.01 -8.43
CA ASN A 37 3.88 4.28 -9.36
C ASN A 37 3.23 2.97 -9.82
N PRO A 38 1.95 2.77 -9.46
CA PRO A 38 1.21 1.55 -9.84
C PRO A 38 0.63 1.64 -11.26
N THR A 39 -0.33 0.78 -11.56
CA THR A 39 -0.96 0.76 -12.88
C THR A 39 -2.34 1.41 -12.85
N LEU A 40 -2.85 1.79 -14.02
CA LEU A 40 -4.17 2.43 -14.15
C LEU A 40 -5.25 1.56 -13.49
N ALA A 41 -5.08 0.24 -13.55
CA ALA A 41 -6.03 -0.70 -12.94
C ALA A 41 -6.13 -0.46 -11.44
N GLU A 42 -4.99 -0.14 -10.82
CA GLU A 42 -4.94 0.12 -9.38
C GLU A 42 -5.70 1.40 -9.02
N ILE A 43 -5.34 2.51 -9.67
CA ILE A 43 -5.99 3.80 -9.42
C ILE A 43 -7.49 3.72 -9.72
N THR A 44 -7.83 3.15 -10.89
CA THR A 44 -9.23 2.99 -11.29
C THR A 44 -9.98 2.13 -10.26
N GLU A 45 -9.30 1.10 -9.75
CA GLU A 45 -9.89 0.21 -8.75
C GLU A 45 -10.27 0.98 -7.50
N ILE A 46 -9.44 1.97 -7.12
CA ILE A 46 -9.71 2.81 -5.96
C ILE A 46 -10.97 3.64 -6.22
N GLU A 47 -11.01 4.31 -7.37
CA GLU A 47 -12.15 5.13 -7.77
C GLU A 47 -13.47 4.32 -7.79
N SER A 48 -13.36 3.00 -7.96
CA SER A 48 -14.53 2.12 -8.00
C SER A 48 -15.29 2.08 -6.67
N THR A 49 -14.74 2.70 -5.62
CA THR A 49 -15.39 2.71 -4.31
C THR A 49 -15.75 4.14 -3.87
N LEU A 50 -14.82 5.08 -4.08
CA LEU A 50 -15.07 6.49 -3.72
C LEU A 50 -15.61 7.25 -4.93
N PRO A 51 -16.29 8.40 -4.69
CA PRO A 51 -16.85 9.23 -5.77
C PRO A 51 -15.91 9.40 -6.97
N ALA A 52 -16.51 9.61 -8.15
CA ALA A 52 -15.76 9.78 -9.40
C ALA A 52 -14.41 10.47 -9.19
N GLU A 53 -14.45 11.73 -8.77
CA GLU A 53 -13.23 12.50 -8.52
C GLU A 53 -12.74 12.28 -7.10
N VAL A 54 -11.48 11.84 -6.97
CA VAL A 54 -10.89 11.58 -5.67
C VAL A 54 -10.27 12.85 -5.08
N ASP A 55 -11.08 13.60 -4.34
CA ASP A 55 -10.61 14.83 -3.70
C ASP A 55 -9.90 14.50 -2.39
N MET A 56 -9.37 15.55 -1.74
CA MET A 56 -8.66 15.39 -0.46
C MET A 56 -9.37 14.39 0.46
N GLU A 57 -10.70 14.53 0.57
CA GLU A 57 -11.51 13.66 1.43
C GLU A 57 -11.53 12.22 0.91
N GLN A 58 -11.85 12.04 -0.37
CA GLN A 58 -11.93 10.72 -0.99
C GLN A 58 -10.61 9.95 -0.85
N PHE A 59 -9.51 10.59 -1.24
CA PHE A 59 -8.19 9.97 -1.16
C PHE A 59 -7.82 9.64 0.29
N LEU A 60 -7.97 10.64 1.18
CA LEU A 60 -7.66 10.44 2.59
C LEU A 60 -8.56 9.37 3.22
N GLN A 61 -9.79 9.24 2.70
CA GLN A 61 -10.75 8.25 3.22
C GLN A 61 -10.23 6.83 2.99
N VAL A 62 -9.77 6.54 1.78
CA VAL A 62 -9.24 5.21 1.45
C VAL A 62 -7.84 5.01 2.04
N LEU A 63 -7.02 6.05 1.99
CA LEU A 63 -5.66 5.99 2.52
C LEU A 63 -5.65 5.83 4.03
N ASN A 64 -6.53 6.57 4.72
CA ASN A 64 -6.62 6.51 6.18
C ASN A 64 -7.91 5.80 6.62
N ARG A 65 -8.21 4.68 5.98
CA ARG A 65 -9.41 3.91 6.30
C ARG A 65 -9.39 3.44 7.76
N PRO A 66 -8.31 2.76 8.21
CA PRO A 66 -8.19 2.28 9.59
C PRO A 66 -7.60 3.32 10.55
N ASN A 67 -7.65 4.60 10.16
CA ASN A 67 -7.12 5.70 10.99
C ASN A 67 -5.64 5.49 11.29
N GLY A 68 -4.79 5.89 10.34
CA GLY A 68 -3.34 5.76 10.53
C GLY A 68 -2.61 5.49 9.23
N PHE A 69 -1.32 5.17 9.34
CA PHE A 69 -0.47 4.90 8.18
C PHE A 69 0.22 3.53 8.32
N ASP A 70 0.80 3.06 7.21
CA ASP A 70 1.50 1.76 7.18
C ASP A 70 0.59 0.64 7.69
N MET A 71 -0.49 0.40 6.95
CA MET A 71 -1.48 -0.63 7.30
C MET A 71 -2.68 -0.60 6.35
N PRO A 72 -3.32 0.60 6.16
CA PRO A 72 -4.48 0.75 5.27
C PRO A 72 -4.34 0.00 3.95
N GLY A 73 -3.25 0.25 3.23
CA GLY A 73 -3.02 -0.41 1.96
C GLY A 73 -2.01 0.30 1.09
N ASP A 74 -0.78 0.45 1.60
CA ASP A 74 0.29 1.13 0.87
C ASP A 74 0.91 0.18 -0.17
N PRO A 75 1.74 0.73 -1.09
CA PRO A 75 2.40 -0.08 -2.13
C PRO A 75 3.15 -1.29 -1.54
N GLU A 76 3.77 -1.09 -0.38
CA GLU A 76 4.51 -2.15 0.30
C GLU A 76 3.58 -3.29 0.72
N GLU A 77 2.34 -2.95 1.07
CA GLU A 77 1.35 -3.95 1.50
C GLU A 77 0.91 -4.82 0.32
N PHE A 78 0.58 -4.19 -0.81
CA PHE A 78 0.14 -4.91 -2.01
C PHE A 78 1.24 -5.85 -2.52
N VAL A 79 2.49 -5.37 -2.51
CA VAL A 79 3.63 -6.17 -2.98
C VAL A 79 3.84 -7.39 -2.07
N LYS A 80 3.85 -7.15 -0.76
CA LYS A 80 4.04 -8.23 0.22
C LYS A 80 2.93 -9.28 0.13
N GLY A 81 1.73 -8.86 -0.26
CA GLY A 81 0.61 -9.78 -0.38
C GLY A 81 0.78 -10.75 -1.53
N PHE A 82 0.98 -10.20 -2.73
CA PHE A 82 1.16 -11.03 -3.93
C PHE A 82 2.43 -11.88 -3.80
N GLN A 83 3.51 -11.27 -3.32
CA GLN A 83 4.78 -11.97 -3.14
C GLN A 83 4.76 -12.82 -1.86
N VAL A 84 3.93 -13.88 -1.88
CA VAL A 84 3.81 -14.78 -0.72
C VAL A 84 4.24 -16.19 -1.10
N PHE A 85 3.79 -16.67 -2.26
CA PHE A 85 4.14 -18.01 -2.73
C PHE A 85 4.75 -17.96 -4.14
N ASP A 86 5.22 -16.78 -4.57
CA ASP A 86 5.81 -16.62 -5.89
C ASP A 86 7.02 -15.68 -5.82
N LYS A 87 8.17 -16.22 -5.41
CA LYS A 87 9.40 -15.44 -5.30
C LYS A 87 9.76 -14.79 -6.63
N ASP A 88 9.88 -15.61 -7.68
CA ASP A 88 10.22 -15.12 -9.02
C ASP A 88 8.97 -15.00 -9.90
N ALA A 89 8.02 -15.92 -9.72
CA ALA A 89 6.78 -15.92 -10.50
C ALA A 89 7.07 -16.11 -11.99
N THR A 90 7.58 -17.29 -12.33
CA THR A 90 7.93 -17.62 -13.72
C THR A 90 6.66 -17.77 -14.58
N GLY A 91 5.61 -18.35 -14.01
CA GLY A 91 4.37 -18.52 -14.75
C GLY A 91 3.31 -19.26 -13.95
N MET A 92 2.85 -18.63 -12.87
CA MET A 92 1.81 -19.23 -12.01
C MET A 92 1.36 -18.24 -10.93
N ILE A 93 0.05 -18.05 -10.80
CA ILE A 93 -0.49 -17.13 -9.81
C ILE A 93 -1.08 -17.88 -8.61
N GLY A 94 -1.86 -18.93 -8.88
CA GLY A 94 -2.46 -19.71 -7.81
C GLY A 94 -3.31 -18.87 -6.89
N VAL A 95 -4.55 -18.58 -7.31
CA VAL A 95 -5.49 -17.77 -6.53
C VAL A 95 -5.49 -18.18 -5.05
N GLY A 96 -5.36 -19.48 -4.77
CA GLY A 96 -5.34 -19.97 -3.40
C GLY A 96 -4.41 -19.16 -2.50
N GLU A 97 -3.26 -18.78 -3.03
CA GLU A 97 -2.28 -17.99 -2.28
C GLU A 97 -2.65 -16.50 -2.29
N LEU A 98 -3.03 -16.00 -3.47
CA LEU A 98 -3.43 -14.59 -3.63
C LEU A 98 -4.64 -14.26 -2.74
N ARG A 99 -5.60 -15.19 -2.68
CA ARG A 99 -6.80 -15.01 -1.87
C ARG A 99 -6.46 -15.14 -0.39
N TYR A 100 -5.62 -16.12 -0.04
CA TYR A 100 -5.21 -16.34 1.35
C TYR A 100 -4.70 -15.04 1.99
N VAL A 101 -3.94 -14.26 1.21
CA VAL A 101 -3.39 -13.00 1.68
C VAL A 101 -4.48 -11.92 1.79
N LEU A 102 -5.27 -11.78 0.72
CA LEU A 102 -6.34 -10.79 0.68
C LEU A 102 -7.44 -11.09 1.71
N THR A 103 -7.84 -12.36 1.81
CA THR A 103 -8.89 -12.76 2.77
C THR A 103 -8.50 -12.38 4.20
N SER A 104 -7.22 -12.58 4.54
CA SER A 104 -6.72 -12.26 5.89
C SER A 104 -6.47 -10.76 6.06
N LEU A 105 -6.48 -10.00 4.97
CA LEU A 105 -6.26 -8.56 5.02
C LEU A 105 -7.41 -7.85 5.72
N GLY A 106 -8.61 -7.95 5.15
CA GLY A 106 -9.78 -7.31 5.73
C GLY A 106 -11.06 -7.66 5.00
N GLU A 107 -11.35 -8.97 4.93
CA GLU A 107 -12.55 -9.46 4.24
C GLU A 107 -12.54 -9.06 2.76
N LYS A 108 -11.36 -9.14 2.15
CA LYS A 108 -11.18 -8.81 0.73
C LYS A 108 -11.89 -9.87 -0.14
N LEU A 109 -11.26 -10.30 -1.24
CA LEU A 109 -11.84 -11.30 -2.12
C LEU A 109 -11.91 -12.66 -1.42
N SER A 110 -12.91 -12.83 -0.57
CA SER A 110 -13.11 -14.07 0.19
C SER A 110 -13.43 -15.26 -0.72
N ASN A 111 -13.82 -16.38 -0.10
CA ASN A 111 -14.15 -17.61 -0.84
C ASN A 111 -15.20 -17.36 -1.92
N GLU A 112 -16.17 -16.48 -1.65
CA GLU A 112 -17.23 -16.17 -2.60
C GLU A 112 -16.66 -15.60 -3.91
N GLU A 113 -15.80 -14.58 -3.79
CA GLU A 113 -15.19 -13.95 -4.96
C GLU A 113 -14.42 -14.98 -5.79
N MET A 114 -13.51 -15.70 -5.15
CA MET A 114 -12.72 -16.73 -5.83
C MET A 114 -13.60 -17.90 -6.27
N ASP A 115 -14.73 -18.12 -5.58
CA ASP A 115 -15.64 -19.22 -5.93
C ASP A 115 -16.14 -19.06 -7.37
N GLU A 116 -16.57 -17.84 -7.69
CA GLU A 116 -17.07 -17.53 -9.03
C GLU A 116 -15.93 -17.56 -10.06
N LEU A 117 -14.79 -16.98 -9.69
CA LEU A 117 -13.62 -16.95 -10.57
C LEU A 117 -13.16 -18.37 -10.90
N LEU A 118 -13.14 -19.25 -9.90
CA LEU A 118 -12.74 -20.63 -10.09
C LEU A 118 -13.80 -21.42 -10.87
N LYS A 119 -15.06 -21.04 -10.70
CA LYS A 119 -16.17 -21.70 -11.39
C LYS A 119 -16.01 -21.58 -12.91
N GLY A 120 -15.60 -20.39 -13.37
CA GLY A 120 -15.41 -20.16 -14.79
C GLY A 120 -14.17 -20.85 -15.35
N VAL A 121 -13.04 -20.68 -14.66
CA VAL A 121 -11.78 -21.29 -15.09
C VAL A 121 -11.67 -22.73 -14.59
N PRO A 122 -11.60 -23.71 -15.52
CA PRO A 122 -11.47 -25.13 -15.15
C PRO A 122 -10.06 -25.50 -14.68
N VAL A 123 -9.66 -24.91 -13.55
CA VAL A 123 -8.33 -25.16 -12.97
C VAL A 123 -8.42 -25.47 -11.48
N LYS A 124 -7.27 -25.64 -10.84
CA LYS A 124 -7.22 -25.94 -9.41
C LYS A 124 -6.47 -24.83 -8.66
N ASP A 125 -7.07 -24.36 -7.56
CA ASP A 125 -6.48 -23.29 -6.75
C ASP A 125 -6.47 -21.96 -7.52
N GLY A 126 -7.23 -21.88 -8.62
CA GLY A 126 -7.29 -20.67 -9.42
C GLY A 126 -5.96 -20.29 -10.04
N MET A 127 -5.31 -21.25 -10.70
CA MET A 127 -4.01 -21.01 -11.34
C MET A 127 -4.18 -20.87 -12.84
N VAL A 128 -3.79 -19.71 -13.36
CA VAL A 128 -3.89 -19.41 -14.79
C VAL A 128 -2.68 -18.60 -15.29
N ASN A 129 -1.55 -18.71 -14.58
CA ASN A 129 -0.33 -17.98 -14.97
C ASN A 129 -0.55 -16.46 -14.96
N TYR A 130 -1.53 -16.00 -14.17
CA TYR A 130 -1.85 -14.57 -14.07
C TYR A 130 -1.93 -13.92 -15.46
N HIS A 131 -2.56 -14.63 -16.41
CA HIS A 131 -2.70 -14.12 -17.77
C HIS A 131 -4.16 -13.87 -18.15
N ASP A 132 -5.01 -14.87 -17.93
CA ASP A 132 -6.43 -14.76 -18.24
C ASP A 132 -7.10 -13.58 -17.51
N PHE A 133 -6.68 -13.36 -16.26
CA PHE A 133 -7.22 -12.26 -15.45
C PHE A 133 -6.79 -10.91 -16.00
N VAL A 134 -5.48 -10.72 -16.11
CA VAL A 134 -4.91 -9.46 -16.62
C VAL A 134 -5.33 -9.22 -18.08
N GLN A 135 -5.45 -10.31 -18.86
CA GLN A 135 -5.85 -10.22 -20.26
C GLN A 135 -7.26 -9.66 -20.39
N MET A 136 -8.21 -10.31 -19.69
CA MET A 136 -9.61 -9.89 -19.72
C MET A 136 -9.77 -8.49 -19.14
N ILE A 137 -8.95 -8.16 -18.14
CA ILE A 137 -8.99 -6.84 -17.51
C ILE A 137 -8.47 -5.75 -18.45
N LEU A 138 -7.43 -6.07 -19.21
CA LEU A 138 -6.86 -5.12 -20.17
C LEU A 138 -7.48 -5.30 -21.55
N ALA A 139 -8.81 -5.31 -21.60
CA ALA A 139 -9.54 -5.48 -22.87
C ALA A 139 -10.93 -4.84 -22.80
N ASN A 140 -11.05 -3.74 -22.03
CA ASN A 140 -12.32 -3.04 -21.87
C ASN A 140 -12.10 -1.55 -21.56
N SER A 1 2.03 20.93 12.31
CA SER A 1 1.38 21.80 11.28
C SER A 1 0.16 21.09 10.65
N THR A 2 -0.76 21.90 10.13
CA THR A 2 -1.98 21.37 9.51
C THR A 2 -2.04 21.68 8.01
N ASP A 3 -0.88 22.00 7.42
CA ASP A 3 -0.81 22.31 5.99
C ASP A 3 -0.63 21.05 5.14
N ASP A 4 0.16 20.10 5.66
CA ASP A 4 0.41 18.82 4.98
C ASP A 4 1.05 19.06 3.62
N SER A 5 2.38 19.22 3.62
CA SER A 5 3.13 19.47 2.39
C SER A 5 3.12 18.26 1.45
N PRO A 6 3.41 17.03 1.96
CA PRO A 6 3.43 15.82 1.13
C PRO A 6 2.06 15.18 0.90
N TYR A 7 1.01 15.73 1.51
CA TYR A 7 -0.34 15.18 1.35
C TYR A 7 -1.29 16.19 0.71
N LYS A 8 -1.58 17.28 1.44
CA LYS A 8 -2.49 18.32 0.95
C LYS A 8 -1.84 19.15 -0.16
N GLN A 9 -0.70 19.77 0.15
CA GLN A 9 0.02 20.59 -0.82
C GLN A 9 0.38 19.77 -2.07
N ALA A 10 0.95 18.58 -1.85
CA ALA A 10 1.33 17.70 -2.95
C ALA A 10 0.10 17.31 -3.77
N PHE A 11 -1.02 17.03 -3.08
CA PHE A 11 -2.27 16.67 -3.75
C PHE A 11 -2.68 17.75 -4.75
N SER A 12 -2.55 19.02 -4.33
CA SER A 12 -2.89 20.15 -5.19
C SER A 12 -2.01 20.19 -6.43
N LEU A 13 -0.73 19.81 -6.27
CA LEU A 13 0.22 19.80 -7.38
C LEU A 13 -0.24 18.83 -8.48
N PHE A 14 -0.90 17.74 -8.10
CA PHE A 14 -1.38 16.75 -9.05
C PHE A 14 -2.86 16.96 -9.42
N ASP A 15 -3.31 18.21 -9.44
CA ASP A 15 -4.70 18.51 -9.79
C ASP A 15 -4.82 18.81 -11.29
N ARG A 16 -5.10 17.76 -12.07
CA ARG A 16 -5.24 17.90 -13.51
C ARG A 16 -6.43 18.80 -13.88
N HIS A 17 -7.49 18.76 -13.06
CA HIS A 17 -8.67 19.58 -13.30
C HIS A 17 -8.52 20.97 -12.69
N GLY A 18 -7.85 21.05 -11.53
CA GLY A 18 -7.65 22.32 -10.86
C GLY A 18 -8.89 22.81 -10.14
N THR A 19 -9.70 21.88 -9.64
CA THR A 19 -10.94 22.21 -8.94
C THR A 19 -10.92 21.72 -7.48
N GLY A 20 -10.04 20.76 -7.18
CA GLY A 20 -9.95 20.22 -5.83
C GLY A 20 -9.94 18.70 -5.79
N ARG A 21 -10.18 18.06 -6.95
CA ARG A 21 -10.19 16.60 -7.04
C ARG A 21 -9.15 16.11 -8.05
N ILE A 22 -8.82 14.82 -7.98
CA ILE A 22 -7.84 14.23 -8.88
C ILE A 22 -8.29 12.86 -9.42
N PRO A 23 -8.15 12.64 -10.74
CA PRO A 23 -8.54 11.38 -11.39
C PRO A 23 -7.45 10.31 -11.31
N LYS A 24 -7.81 9.07 -11.68
CA LYS A 24 -6.88 7.93 -11.67
C LYS A 24 -5.51 8.29 -12.25
N THR A 25 -5.49 9.11 -13.32
CA THR A 25 -4.23 9.52 -13.95
C THR A 25 -3.33 10.27 -12.98
N SER A 26 -3.93 11.19 -12.20
CA SER A 26 -3.18 11.98 -11.23
C SER A 26 -2.72 11.14 -10.04
N ILE A 27 -3.63 10.32 -9.48
CA ILE A 27 -3.30 9.46 -8.33
C ILE A 27 -2.08 8.58 -8.61
N GLY A 28 -1.93 8.12 -9.87
CA GLY A 28 -0.80 7.27 -10.23
C GLY A 28 0.53 7.92 -9.90
N ASP A 29 0.84 9.03 -10.60
CA ASP A 29 2.08 9.78 -10.38
C ASP A 29 2.12 10.38 -8.98
N LEU A 30 0.94 10.67 -8.41
CA LEU A 30 0.85 11.24 -7.06
C LEU A 30 1.40 10.24 -6.04
N LEU A 31 0.99 8.98 -6.17
CA LEU A 31 1.44 7.92 -5.28
C LEU A 31 2.96 7.74 -5.36
N ARG A 32 3.52 8.01 -6.54
CA ARG A 32 4.96 7.90 -6.77
C ARG A 32 5.76 8.67 -5.70
N ALA A 33 5.24 9.85 -5.31
CA ALA A 33 5.88 10.68 -4.30
C ALA A 33 6.17 9.90 -3.01
N CYS A 34 5.19 9.12 -2.55
CA CYS A 34 5.34 8.32 -1.34
C CYS A 34 6.44 7.28 -1.50
N GLY A 35 6.40 6.56 -2.63
CA GLY A 35 7.40 5.55 -2.91
C GLY A 35 7.35 5.08 -4.35
N GLN A 36 6.24 4.42 -4.72
CA GLN A 36 6.06 3.92 -6.08
C GLN A 36 4.68 4.30 -6.62
N ASN A 37 4.46 4.00 -7.90
CA ASN A 37 3.19 4.30 -8.55
C ASN A 37 2.61 3.04 -9.20
N PRO A 38 1.31 2.78 -9.00
CA PRO A 38 0.62 1.61 -9.56
C PRO A 38 0.21 1.80 -11.02
N THR A 39 -0.69 0.94 -11.49
CA THR A 39 -1.18 1.01 -12.86
C THR A 39 -2.58 1.62 -12.92
N LEU A 40 -2.99 2.03 -14.12
CA LEU A 40 -4.31 2.63 -14.32
C LEU A 40 -5.42 1.76 -13.74
N ALA A 41 -5.26 0.44 -13.87
CA ALA A 41 -6.24 -0.50 -13.32
C ALA A 41 -6.37 -0.34 -11.81
N GLU A 42 -5.24 -0.11 -11.14
CA GLU A 42 -5.21 0.08 -9.68
C GLU A 42 -5.94 1.36 -9.28
N ILE A 43 -5.54 2.49 -9.87
CA ILE A 43 -6.17 3.79 -9.55
C ILE A 43 -7.66 3.73 -9.85
N THR A 44 -8.02 3.20 -11.02
CA THR A 44 -9.43 3.07 -11.40
C THR A 44 -10.18 2.25 -10.36
N GLU A 45 -9.53 1.19 -9.84
CA GLU A 45 -10.12 0.34 -8.82
C GLU A 45 -10.48 1.15 -7.58
N ILE A 46 -9.60 2.08 -7.20
CA ILE A 46 -9.84 2.95 -6.05
C ILE A 46 -11.11 3.76 -6.26
N GLU A 47 -11.19 4.44 -7.41
CA GLU A 47 -12.37 5.23 -7.77
C GLU A 47 -13.66 4.39 -7.75
N SER A 48 -13.51 3.07 -7.95
CA SER A 48 -14.65 2.14 -7.96
C SER A 48 -15.36 2.07 -6.60
N THR A 49 -14.76 2.65 -5.54
CA THR A 49 -15.35 2.64 -4.22
C THR A 49 -15.65 4.07 -3.74
N LEU A 50 -14.67 4.96 -3.82
CA LEU A 50 -14.87 6.35 -3.42
C LEU A 50 -15.45 7.15 -4.58
N PRO A 51 -16.12 8.28 -4.29
CA PRO A 51 -16.73 9.14 -5.31
C PRO A 51 -15.85 9.31 -6.56
N ALA A 52 -16.51 9.41 -7.72
CA ALA A 52 -15.83 9.56 -9.02
C ALA A 52 -14.50 10.30 -8.91
N GLU A 53 -14.55 11.55 -8.45
CA GLU A 53 -13.34 12.36 -8.29
C GLU A 53 -12.75 12.17 -6.89
N VAL A 54 -11.48 11.79 -6.84
CA VAL A 54 -10.78 11.56 -5.57
C VAL A 54 -10.18 12.86 -5.03
N ASP A 55 -10.97 13.57 -4.23
CA ASP A 55 -10.52 14.83 -3.63
C ASP A 55 -9.78 14.56 -2.32
N MET A 56 -9.32 15.63 -1.67
CA MET A 56 -8.60 15.54 -0.39
C MET A 56 -9.23 14.49 0.54
N GLU A 57 -10.56 14.54 0.67
CA GLU A 57 -11.30 13.63 1.53
C GLU A 57 -11.26 12.19 1.02
N GLN A 58 -11.62 12.00 -0.26
CA GLN A 58 -11.63 10.67 -0.88
C GLN A 58 -10.26 9.99 -0.82
N PHE A 59 -9.23 10.71 -1.24
CA PHE A 59 -7.87 10.19 -1.24
C PHE A 59 -7.42 9.83 0.18
N LEU A 60 -7.61 10.76 1.12
CA LEU A 60 -7.25 10.53 2.51
C LEU A 60 -8.03 9.36 3.11
N GLN A 61 -9.28 9.19 2.68
CA GLN A 61 -10.14 8.10 3.15
C GLN A 61 -9.52 6.73 2.85
N VAL A 62 -9.07 6.54 1.60
CA VAL A 62 -8.46 5.27 1.19
C VAL A 62 -7.02 5.15 1.68
N LEU A 63 -6.26 6.25 1.57
CA LEU A 63 -4.87 6.27 2.00
C LEU A 63 -4.73 5.95 3.49
N ASN A 64 -5.46 6.70 4.32
CA ASN A 64 -5.43 6.48 5.77
C ASN A 64 -6.42 5.39 6.17
N ARG A 65 -6.16 4.17 5.67
CA ARG A 65 -7.02 3.01 5.96
C ARG A 65 -7.11 2.76 7.47
N PRO A 66 -5.95 2.65 8.17
CA PRO A 66 -5.93 2.40 9.61
C PRO A 66 -6.07 3.67 10.46
N ASN A 67 -6.57 4.76 9.86
CA ASN A 67 -6.76 6.03 10.56
C ASN A 67 -5.45 6.57 11.14
N GLY A 68 -4.78 7.44 10.40
CA GLY A 68 -3.52 8.00 10.86
C GLY A 68 -2.49 8.18 9.75
N PHE A 69 -1.35 8.76 10.10
CA PHE A 69 -0.27 8.98 9.13
C PHE A 69 0.81 7.91 9.27
N ASP A 70 1.37 7.79 10.47
CA ASP A 70 2.40 6.79 10.74
C ASP A 70 1.75 5.45 11.13
N MET A 71 1.19 4.76 10.13
CA MET A 71 0.53 3.48 10.35
C MET A 71 0.20 2.79 9.02
N PRO A 72 -0.56 3.46 8.11
CA PRO A 72 -0.93 2.89 6.81
C PRO A 72 0.23 2.17 6.12
N GLY A 73 1.38 2.84 6.06
CA GLY A 73 2.55 2.25 5.44
C GLY A 73 3.69 3.24 5.21
N ASP A 74 4.01 4.02 6.25
CA ASP A 74 5.09 5.01 6.15
C ASP A 74 6.45 4.36 6.37
N PRO A 75 7.29 4.28 5.32
CA PRO A 75 8.63 3.67 5.41
C PRO A 75 9.64 4.59 6.08
N GLU A 76 9.83 5.78 5.51
CA GLU A 76 10.79 6.76 6.04
C GLU A 76 10.29 7.39 7.35
N GLU A 77 8.97 7.50 7.51
CA GLU A 77 8.39 8.08 8.71
C GLU A 77 8.59 7.18 9.92
N PHE A 78 8.28 5.88 9.76
CA PHE A 78 8.44 4.91 10.84
C PHE A 78 9.91 4.76 11.24
N VAL A 79 10.81 4.77 10.24
CA VAL A 79 12.24 4.65 10.49
C VAL A 79 12.77 5.83 11.30
N LYS A 80 12.42 7.05 10.88
CA LYS A 80 12.86 8.26 11.57
C LYS A 80 12.27 8.37 12.98
N GLY A 81 11.10 7.74 13.20
CA GLY A 81 10.45 7.77 14.49
C GLY A 81 11.21 6.96 15.53
N PHE A 82 11.47 5.69 15.21
CA PHE A 82 12.21 4.81 16.12
C PHE A 82 13.68 5.20 16.16
N GLN A 83 14.27 5.40 14.97
CA GLN A 83 15.68 5.77 14.86
C GLN A 83 15.87 7.27 15.13
N VAL A 84 15.71 7.66 16.39
CA VAL A 84 15.85 9.06 16.79
C VAL A 84 16.72 9.20 18.05
N PHE A 85 16.46 8.36 19.06
CA PHE A 85 17.22 8.40 20.30
C PHE A 85 17.40 6.99 20.88
N ASP A 86 18.00 6.11 20.09
CA ASP A 86 18.25 4.73 20.50
C ASP A 86 19.75 4.44 20.57
N LYS A 87 20.43 5.10 21.52
CA LYS A 87 21.87 4.94 21.71
C LYS A 87 22.24 3.50 22.06
N ASP A 88 21.39 2.82 22.83
CA ASP A 88 21.63 1.44 23.23
C ASP A 88 21.19 0.48 22.13
N ALA A 89 19.87 0.36 21.93
CA ALA A 89 19.30 -0.52 20.90
C ALA A 89 19.57 -1.99 21.19
N THR A 90 18.70 -2.87 20.67
CA THR A 90 18.83 -4.31 20.87
C THR A 90 18.79 -4.68 22.36
N GLY A 91 17.57 -4.74 22.91
CA GLY A 91 17.39 -5.08 24.31
C GLY A 91 16.69 -3.99 25.11
N MET A 92 16.32 -2.88 24.45
CA MET A 92 15.63 -1.78 25.11
C MET A 92 15.00 -0.85 24.09
N ILE A 93 13.79 -0.39 24.38
CA ILE A 93 13.07 0.51 23.48
C ILE A 93 12.96 1.92 24.07
N GLY A 94 12.72 2.00 25.38
CA GLY A 94 12.59 3.30 26.02
C GLY A 94 11.38 4.07 25.56
N VAL A 95 10.21 3.74 26.13
CA VAL A 95 8.95 4.40 25.76
C VAL A 95 9.11 5.92 25.64
N GLY A 96 9.94 6.52 26.50
CA GLY A 96 10.17 7.96 26.45
C GLY A 96 10.46 8.46 25.05
N GLU A 97 11.22 7.68 24.28
CA GLU A 97 11.56 8.03 22.90
C GLU A 97 10.39 7.77 21.96
N LEU A 98 9.77 6.59 22.09
CA LEU A 98 8.64 6.20 21.24
C LEU A 98 7.46 7.18 21.40
N ARG A 99 7.18 7.57 22.65
CA ARG A 99 6.09 8.50 22.93
C ARG A 99 6.44 9.92 22.48
N TYR A 100 7.71 10.30 22.62
CA TYR A 100 8.17 11.63 22.21
C TYR A 100 7.93 11.86 20.72
N VAL A 101 8.11 10.81 19.92
CA VAL A 101 7.92 10.88 18.47
C VAL A 101 6.43 10.85 18.11
N LEU A 102 5.68 9.97 18.79
CA LEU A 102 4.25 9.81 18.54
C LEU A 102 3.41 10.98 19.04
N THR A 103 3.84 11.61 20.15
CA THR A 103 3.10 12.74 20.72
C THR A 103 2.98 13.90 19.73
N SER A 104 4.03 14.10 18.92
CA SER A 104 4.05 15.18 17.92
C SER A 104 3.07 14.92 16.77
N LEU A 105 2.63 13.66 16.60
CA LEU A 105 1.69 13.32 15.53
C LEU A 105 0.34 13.97 15.77
N GLY A 106 -0.30 13.59 16.88
CA GLY A 106 -1.60 14.12 17.23
C GLY A 106 -2.04 13.70 18.62
N GLU A 107 -1.15 13.87 19.60
CA GLU A 107 -1.43 13.51 20.99
C GLU A 107 -1.65 11.99 21.11
N LYS A 108 -0.71 11.22 20.54
CA LYS A 108 -0.75 9.77 20.57
C LYS A 108 -0.52 9.26 22.00
N LEU A 109 0.28 8.19 22.16
CA LEU A 109 0.56 7.64 23.48
C LEU A 109 1.45 8.60 24.29
N SER A 110 0.83 9.66 24.83
CA SER A 110 1.55 10.67 25.61
C SER A 110 1.91 10.15 27.02
N ASN A 111 2.29 11.09 27.90
CA ASN A 111 2.68 10.75 29.28
C ASN A 111 1.63 9.90 29.99
N GLU A 112 0.35 10.20 29.77
CA GLU A 112 -0.74 9.44 30.42
C GLU A 112 -0.72 7.98 29.99
N GLU A 113 -0.72 7.74 28.68
CA GLU A 113 -0.71 6.38 28.14
C GLU A 113 0.50 5.60 28.66
N MET A 114 1.69 6.18 28.51
CA MET A 114 2.92 5.54 28.98
C MET A 114 2.95 5.44 30.52
N ASP A 115 2.25 6.36 31.20
CA ASP A 115 2.19 6.34 32.66
C ASP A 115 1.64 5.00 33.17
N GLU A 116 0.52 4.58 32.57
CA GLU A 116 -0.12 3.33 32.93
C GLU A 116 0.76 2.14 32.53
N LEU A 117 1.34 2.21 31.32
CA LEU A 117 2.21 1.15 30.82
C LEU A 117 3.43 0.98 31.73
N LEU A 118 3.99 2.10 32.19
CA LEU A 118 5.16 2.08 33.07
C LEU A 118 4.78 1.58 34.47
N LYS A 119 3.54 1.83 34.88
CA LYS A 119 3.07 1.38 36.20
C LYS A 119 3.07 -0.15 36.28
N GLY A 120 2.65 -0.81 35.19
CA GLY A 120 2.62 -2.26 35.16
C GLY A 120 4.01 -2.87 35.06
N VAL A 121 4.84 -2.35 34.15
CA VAL A 121 6.20 -2.86 33.96
C VAL A 121 7.18 -2.20 34.94
N PRO A 122 7.87 -3.02 35.77
CA PRO A 122 8.85 -2.50 36.74
C PRO A 122 10.18 -2.11 36.10
N VAL A 123 10.13 -1.12 35.21
CA VAL A 123 11.31 -0.63 34.51
C VAL A 123 11.42 0.89 34.56
N LYS A 124 12.44 1.44 33.90
CA LYS A 124 12.64 2.89 33.88
C LYS A 124 12.59 3.42 32.44
N ASP A 125 11.72 4.41 32.20
CA ASP A 125 11.54 5.01 30.88
C ASP A 125 10.70 4.12 29.96
N GLY A 126 10.31 2.93 30.44
CA GLY A 126 9.52 2.03 29.62
C GLY A 126 10.36 1.20 28.66
N MET A 127 11.41 0.58 29.18
CA MET A 127 12.29 -0.24 28.36
C MET A 127 12.02 -1.73 28.60
N VAL A 128 11.52 -2.39 27.57
CA VAL A 128 11.20 -3.81 27.63
C VAL A 128 11.52 -4.52 26.32
N ASN A 129 12.52 -4.01 25.60
CA ASN A 129 12.95 -4.58 24.32
C ASN A 129 11.80 -4.57 23.28
N TYR A 130 10.82 -3.67 23.47
CA TYR A 130 9.68 -3.56 22.57
C TYR A 130 9.06 -4.93 22.27
N HIS A 131 8.82 -5.72 23.33
CA HIS A 131 8.25 -7.05 23.18
C HIS A 131 6.95 -7.19 23.98
N ASP A 132 7.01 -6.88 25.27
CA ASP A 132 5.83 -6.98 26.15
C ASP A 132 4.69 -6.08 25.67
N PHE A 133 5.04 -4.90 25.14
CA PHE A 133 4.05 -3.95 24.65
C PHE A 133 3.36 -4.51 23.40
N VAL A 134 4.17 -4.87 22.40
CA VAL A 134 3.65 -5.43 21.14
C VAL A 134 2.92 -6.76 21.40
N GLN A 135 3.39 -7.53 22.40
CA GLN A 135 2.77 -8.80 22.73
C GLN A 135 1.30 -8.62 23.11
N MET A 136 1.06 -7.71 24.06
CA MET A 136 -0.31 -7.42 24.52
C MET A 136 -1.09 -6.65 23.44
N ILE A 137 -0.37 -5.85 22.65
CA ILE A 137 -0.97 -5.06 21.58
C ILE A 137 -1.69 -5.95 20.56
N LEU A 138 -1.03 -7.04 20.15
CA LEU A 138 -1.62 -7.96 19.19
C LEU A 138 -2.71 -8.82 19.83
N ALA A 139 -2.29 -9.87 20.57
CA ALA A 139 -3.22 -10.78 21.24
C ALA A 139 -4.01 -11.61 20.23
N ASN A 140 -3.58 -12.86 20.04
CA ASN A 140 -4.22 -13.77 19.09
C ASN A 140 -4.14 -15.22 19.58
N SER A 1 -1.58 22.92 2.79
CA SER A 1 -1.63 23.60 4.12
C SER A 1 -1.63 22.59 5.27
N THR A 2 -1.71 23.11 6.50
CA THR A 2 -1.73 22.27 7.71
C THR A 2 -0.42 21.47 7.85
N ASP A 3 0.68 22.02 7.34
CA ASP A 3 2.00 21.36 7.40
C ASP A 3 1.97 20.01 6.68
N ASP A 4 1.23 19.94 5.57
CA ASP A 4 1.14 18.70 4.79
C ASP A 4 1.65 18.93 3.37
N SER A 5 2.98 18.95 3.24
CA SER A 5 3.63 19.16 1.96
C SER A 5 3.42 17.97 1.01
N PRO A 6 3.61 16.72 1.49
CA PRO A 6 3.45 15.52 0.66
C PRO A 6 2.02 14.97 0.61
N TYR A 7 1.06 15.70 1.17
CA TYR A 7 -0.33 15.25 1.17
C TYR A 7 -1.28 16.34 0.66
N LYS A 8 -1.42 17.42 1.43
CA LYS A 8 -2.30 18.52 1.05
C LYS A 8 -1.69 19.34 -0.08
N GLN A 9 -0.49 19.88 0.16
CA GLN A 9 0.20 20.68 -0.85
C GLN A 9 0.48 19.86 -2.11
N ALA A 10 1.01 18.65 -1.91
CA ALA A 10 1.31 17.75 -3.02
C ALA A 10 0.06 17.44 -3.83
N PHE A 11 -1.05 17.18 -3.14
CA PHE A 11 -2.32 16.90 -3.80
C PHE A 11 -2.67 18.02 -4.79
N SER A 12 -2.51 19.27 -4.34
CA SER A 12 -2.79 20.44 -5.16
C SER A 12 -1.89 20.49 -6.41
N LEU A 13 -0.63 20.04 -6.27
CA LEU A 13 0.31 20.03 -7.38
C LEU A 13 -0.15 19.12 -8.52
N PHE A 14 -0.82 18.02 -8.18
CA PHE A 14 -1.31 17.06 -9.16
C PHE A 14 -2.77 17.35 -9.56
N ASP A 15 -3.13 18.63 -9.60
CA ASP A 15 -4.49 19.03 -9.96
C ASP A 15 -4.70 18.96 -11.48
N ARG A 16 -5.62 18.10 -11.90
CA ARG A 16 -5.93 17.94 -13.32
C ARG A 16 -6.67 19.16 -13.85
N HIS A 17 -7.74 19.54 -13.14
CA HIS A 17 -8.55 20.70 -13.52
C HIS A 17 -8.23 21.91 -12.64
N GLY A 18 -8.02 21.67 -11.35
CA GLY A 18 -7.72 22.76 -10.41
C GLY A 18 -8.94 23.17 -9.61
N THR A 19 -9.77 22.19 -9.24
CA THR A 19 -10.98 22.46 -8.46
C THR A 19 -10.94 21.79 -7.07
N GLY A 20 -9.94 20.94 -6.84
CA GLY A 20 -9.81 20.25 -5.56
C GLY A 20 -9.96 18.73 -5.67
N ARG A 21 -10.01 18.21 -6.90
CA ARG A 21 -10.15 16.77 -7.12
C ARG A 21 -9.11 16.26 -8.12
N ILE A 22 -8.92 14.95 -8.16
CA ILE A 22 -7.95 14.34 -9.07
C ILE A 22 -8.42 12.97 -9.56
N PRO A 23 -8.24 12.68 -10.87
CA PRO A 23 -8.64 11.40 -11.48
C PRO A 23 -7.55 10.33 -11.34
N LYS A 24 -7.89 9.09 -11.70
CA LYS A 24 -6.95 7.95 -11.63
C LYS A 24 -5.56 8.31 -12.17
N THR A 25 -5.51 9.09 -13.25
CA THR A 25 -4.24 9.51 -13.86
C THR A 25 -3.38 10.29 -12.86
N SER A 26 -4.03 11.23 -12.14
CA SER A 26 -3.33 12.06 -11.15
C SER A 26 -2.90 11.24 -9.93
N ILE A 27 -3.80 10.41 -9.40
CA ILE A 27 -3.49 9.58 -8.22
C ILE A 27 -2.29 8.66 -8.49
N GLY A 28 -2.16 8.19 -9.74
CA GLY A 28 -1.05 7.31 -10.09
C GLY A 28 0.31 7.87 -9.71
N ASP A 29 0.76 8.89 -10.46
CA ASP A 29 2.05 9.53 -10.20
C ASP A 29 2.07 10.24 -8.83
N LEU A 30 0.88 10.58 -8.30
CA LEU A 30 0.77 11.24 -7.00
C LEU A 30 1.25 10.30 -5.89
N LEU A 31 0.75 9.06 -5.90
CA LEU A 31 1.13 8.06 -4.91
C LEU A 31 2.63 7.74 -4.98
N ARG A 32 3.23 7.94 -6.18
CA ARG A 32 4.65 7.69 -6.39
C ARG A 32 5.49 8.51 -5.41
N ALA A 33 5.05 9.74 -5.13
CA ALA A 33 5.76 10.63 -4.21
C ALA A 33 5.76 10.09 -2.78
N CYS A 34 4.72 9.32 -2.42
CA CYS A 34 4.62 8.73 -1.09
C CYS A 34 4.83 7.22 -1.13
N GLY A 35 5.65 6.77 -2.08
CA GLY A 35 5.92 5.34 -2.21
C GLY A 35 6.26 4.94 -3.64
N GLN A 36 5.30 4.32 -4.33
CA GLN A 36 5.50 3.87 -5.70
C GLN A 36 4.32 4.28 -6.60
N ASN A 37 4.42 3.92 -7.88
CA ASN A 37 3.38 4.23 -8.86
C ASN A 37 2.81 2.94 -9.45
N PRO A 38 1.53 2.64 -9.16
CA PRO A 38 0.86 1.44 -9.67
C PRO A 38 0.35 1.61 -11.10
N THR A 39 -0.57 0.73 -11.52
CA THR A 39 -1.14 0.78 -12.85
C THR A 39 -2.50 1.47 -12.84
N LEU A 40 -2.97 1.86 -14.03
CA LEU A 40 -4.27 2.53 -14.17
C LEU A 40 -5.39 1.66 -13.59
N ALA A 41 -5.24 0.34 -13.71
CA ALA A 41 -6.23 -0.60 -13.18
C ALA A 41 -6.40 -0.40 -11.67
N GLU A 42 -5.29 -0.10 -10.99
CA GLU A 42 -5.32 0.12 -9.53
C GLU A 42 -6.07 1.41 -9.19
N ILE A 43 -5.61 2.54 -9.73
CA ILE A 43 -6.26 3.84 -9.47
C ILE A 43 -7.75 3.78 -9.81
N THR A 44 -8.08 3.23 -10.97
CA THR A 44 -9.48 3.10 -11.39
C THR A 44 -10.25 2.21 -10.41
N GLU A 45 -9.63 1.08 -10.03
CA GLU A 45 -10.24 0.14 -9.08
C GLU A 45 -10.56 0.85 -7.77
N ILE A 46 -9.66 1.71 -7.32
CA ILE A 46 -9.86 2.48 -6.08
C ILE A 46 -11.06 3.41 -6.24
N GLU A 47 -11.08 4.15 -7.36
CA GLU A 47 -12.18 5.08 -7.66
C GLU A 47 -13.53 4.37 -7.69
N SER A 48 -13.54 3.05 -7.94
CA SER A 48 -14.77 2.27 -8.00
C SER A 48 -15.51 2.22 -6.65
N THR A 49 -14.86 2.69 -5.58
CA THR A 49 -15.46 2.70 -4.24
C THR A 49 -15.61 4.12 -3.70
N LEU A 50 -14.70 5.02 -4.08
CA LEU A 50 -14.76 6.41 -3.64
C LEU A 50 -15.42 7.28 -4.70
N PRO A 51 -16.06 8.41 -4.30
CA PRO A 51 -16.74 9.33 -5.22
C PRO A 51 -15.97 9.53 -6.53
N ALA A 52 -16.73 9.73 -7.62
CA ALA A 52 -16.16 9.93 -8.97
C ALA A 52 -14.79 10.62 -8.94
N GLU A 53 -14.72 11.79 -8.30
CA GLU A 53 -13.47 12.53 -8.19
C GLU A 53 -12.79 12.26 -6.85
N VAL A 54 -11.50 11.92 -6.91
CA VAL A 54 -10.74 11.64 -5.69
C VAL A 54 -10.14 12.92 -5.13
N ASP A 55 -10.93 13.61 -4.30
CA ASP A 55 -10.48 14.85 -3.67
C ASP A 55 -9.67 14.55 -2.41
N MET A 56 -9.21 15.61 -1.74
CA MET A 56 -8.41 15.47 -0.51
C MET A 56 -8.97 14.38 0.40
N GLU A 57 -10.29 14.41 0.62
CA GLU A 57 -10.95 13.43 1.49
C GLU A 57 -10.89 12.01 0.90
N GLN A 58 -11.30 11.88 -0.36
CA GLN A 58 -11.30 10.57 -1.03
C GLN A 58 -9.91 9.94 -1.05
N PHE A 59 -8.92 10.71 -1.51
CA PHE A 59 -7.54 10.22 -1.60
C PHE A 59 -7.01 9.84 -0.20
N LEU A 60 -7.15 10.74 0.77
CA LEU A 60 -6.71 10.49 2.14
C LEU A 60 -7.44 9.28 2.74
N GLN A 61 -8.72 9.13 2.38
CA GLN A 61 -9.55 8.02 2.86
C GLN A 61 -8.92 6.67 2.50
N VAL A 62 -8.64 6.47 1.21
CA VAL A 62 -8.03 5.22 0.75
C VAL A 62 -6.61 5.07 1.27
N LEU A 63 -5.92 6.21 1.47
CA LEU A 63 -4.55 6.21 1.98
C LEU A 63 -4.45 5.46 3.30
N ASN A 64 -5.50 5.57 4.13
CA ASN A 64 -5.55 4.90 5.43
C ASN A 64 -6.17 3.50 5.27
N ARG A 65 -5.61 2.71 4.35
CA ARG A 65 -6.09 1.35 4.09
C ARG A 65 -5.97 0.46 5.34
N PRO A 66 -4.78 0.43 5.99
CA PRO A 66 -4.55 -0.39 7.18
C PRO A 66 -5.04 0.27 8.49
N ASN A 67 -5.96 1.23 8.37
CA ASN A 67 -6.51 1.95 9.53
C ASN A 67 -5.40 2.63 10.32
N GLY A 68 -4.92 3.76 9.80
CA GLY A 68 -3.86 4.50 10.45
C GLY A 68 -3.00 5.29 9.47
N PHE A 69 -2.11 6.13 10.01
CA PHE A 69 -1.23 6.94 9.19
C PHE A 69 0.17 6.33 9.09
N ASP A 70 0.64 5.74 10.19
CA ASP A 70 1.96 5.10 10.21
C ASP A 70 1.82 3.59 10.01
N MET A 71 1.73 3.17 8.74
CA MET A 71 1.59 1.76 8.39
C MET A 71 1.46 1.56 6.88
N PRO A 72 0.54 2.29 6.20
CA PRO A 72 0.33 2.17 4.74
C PRO A 72 1.62 2.03 3.93
N GLY A 73 2.62 2.86 4.28
CA GLY A 73 3.90 2.82 3.58
C GLY A 73 4.45 4.22 3.32
N ASP A 74 4.52 5.02 4.38
CA ASP A 74 5.01 6.40 4.29
C ASP A 74 6.53 6.45 4.33
N PRO A 75 7.13 7.63 4.04
CA PRO A 75 8.59 7.81 4.06
C PRO A 75 9.19 7.41 5.41
N GLU A 76 8.48 7.75 6.50
CA GLU A 76 8.93 7.42 7.85
C GLU A 76 9.01 5.91 8.05
N GLU A 77 8.13 5.16 7.37
CA GLU A 77 8.10 3.71 7.46
C GLU A 77 9.38 3.10 6.88
N PHE A 78 9.78 3.58 5.69
CA PHE A 78 10.98 3.10 5.03
C PHE A 78 12.23 3.44 5.86
N VAL A 79 12.27 4.64 6.44
CA VAL A 79 13.39 5.07 7.27
C VAL A 79 13.53 4.16 8.50
N LYS A 80 12.40 3.80 9.10
CA LYS A 80 12.37 2.94 10.29
C LYS A 80 13.02 1.58 9.99
N GLY A 81 12.67 0.99 8.85
CA GLY A 81 13.23 -0.29 8.45
C GLY A 81 14.73 -0.22 8.26
N PHE A 82 15.20 0.83 7.57
CA PHE A 82 16.63 1.02 7.32
C PHE A 82 17.38 1.34 8.62
N GLN A 83 16.67 1.91 9.60
CA GLN A 83 17.27 2.26 10.89
C GLN A 83 17.43 1.03 11.79
N VAL A 84 18.42 0.21 11.46
CA VAL A 84 18.72 -1.00 12.24
C VAL A 84 20.18 -1.05 12.64
N PHE A 85 21.06 -1.06 11.63
CA PHE A 85 22.51 -1.09 11.87
C PHE A 85 23.12 0.28 11.57
N ASP A 86 22.51 1.34 12.12
CA ASP A 86 22.99 2.70 11.92
C ASP A 86 23.46 3.31 13.25
N LYS A 87 24.52 2.73 13.81
CA LYS A 87 25.07 3.21 15.09
C LYS A 87 25.70 4.59 14.90
N ASP A 88 26.51 4.74 13.86
CA ASP A 88 27.18 6.00 13.57
C ASP A 88 26.62 6.64 12.28
N ALA A 89 26.55 5.84 11.21
CA ALA A 89 26.04 6.31 9.93
C ALA A 89 26.76 7.56 9.44
N THR A 90 28.04 7.40 9.09
CA THR A 90 28.85 8.52 8.61
C THR A 90 29.52 8.17 7.29
N GLY A 91 28.70 7.95 6.26
CA GLY A 91 29.21 7.61 4.94
C GLY A 91 29.16 6.12 4.64
N MET A 92 28.01 5.49 4.92
CA MET A 92 27.84 4.06 4.65
C MET A 92 26.40 3.61 4.90
N ILE A 93 25.93 2.66 4.08
CA ILE A 93 24.57 2.14 4.21
C ILE A 93 24.57 0.65 4.51
N GLY A 94 25.44 -0.12 3.82
CA GLY A 94 25.52 -1.55 4.05
C GLY A 94 24.31 -2.29 3.49
N VAL A 95 24.33 -2.54 2.18
CA VAL A 95 23.22 -3.24 1.50
C VAL A 95 22.72 -4.45 2.30
N GLY A 96 23.66 -5.22 2.88
CA GLY A 96 23.27 -6.39 3.66
C GLY A 96 22.17 -6.10 4.67
N GLU A 97 22.24 -4.91 5.28
CA GLU A 97 21.24 -4.48 6.26
C GLU A 97 19.99 -3.94 5.54
N LEU A 98 20.22 -3.15 4.48
CA LEU A 98 19.11 -2.56 3.71
C LEU A 98 18.24 -3.66 3.10
N ARG A 99 18.88 -4.72 2.59
CA ARG A 99 18.16 -5.84 2.00
C ARG A 99 17.51 -6.70 3.07
N TYR A 100 18.18 -6.83 4.22
CA TYR A 100 17.65 -7.62 5.34
C TYR A 100 16.28 -7.08 5.77
N VAL A 101 16.11 -5.76 5.67
CA VAL A 101 14.87 -5.09 6.05
C VAL A 101 13.84 -5.15 4.92
N LEU A 102 14.28 -4.82 3.70
CA LEU A 102 13.39 -4.80 2.52
C LEU A 102 12.96 -6.20 2.08
N THR A 103 13.89 -7.17 2.14
CA THR A 103 13.58 -8.55 1.73
C THR A 103 12.47 -9.16 2.59
N SER A 104 12.39 -8.73 3.85
CA SER A 104 11.35 -9.22 4.77
C SER A 104 9.96 -8.72 4.38
N LEU A 105 9.90 -7.66 3.56
CA LEU A 105 8.63 -7.09 3.13
C LEU A 105 7.95 -7.98 2.09
N GLY A 106 8.56 -8.10 0.91
CA GLY A 106 8.00 -8.92 -0.14
C GLY A 106 9.04 -9.36 -1.16
N GLU A 107 10.12 -9.96 -0.67
CA GLU A 107 11.20 -10.43 -1.53
C GLU A 107 11.78 -9.30 -2.38
N LYS A 108 12.17 -8.22 -1.71
CA LYS A 108 12.76 -7.05 -2.38
C LYS A 108 14.14 -7.42 -2.96
N LEU A 109 15.14 -6.53 -2.82
CA LEU A 109 16.47 -6.80 -3.36
C LEU A 109 17.16 -7.93 -2.56
N SER A 110 16.76 -9.17 -2.86
CA SER A 110 17.31 -10.36 -2.19
C SER A 110 18.79 -10.56 -2.55
N ASN A 111 19.35 -11.68 -2.11
CA ASN A 111 20.76 -12.02 -2.38
C ASN A 111 21.11 -11.85 -3.86
N GLU A 112 20.22 -12.30 -4.75
CA GLU A 112 20.45 -12.20 -6.20
C GLU A 112 20.59 -10.74 -6.64
N GLU A 113 19.63 -9.92 -6.27
CA GLU A 113 19.63 -8.50 -6.63
C GLU A 113 20.89 -7.81 -6.12
N MET A 114 21.18 -7.98 -4.83
CA MET A 114 22.37 -7.40 -4.22
C MET A 114 23.65 -8.03 -4.77
N ASP A 115 23.57 -9.29 -5.21
CA ASP A 115 24.73 -9.99 -5.77
C ASP A 115 25.29 -9.21 -6.97
N GLU A 116 24.39 -8.86 -7.90
CA GLU A 116 24.77 -8.11 -9.09
C GLU A 116 25.26 -6.70 -8.72
N LEU A 117 24.54 -6.06 -7.78
CA LEU A 117 24.90 -4.72 -7.32
C LEU A 117 26.28 -4.72 -6.65
N LEU A 118 26.54 -5.74 -5.83
CA LEU A 118 27.82 -5.88 -5.13
C LEU A 118 28.96 -6.14 -6.11
N LYS A 119 28.67 -6.89 -7.17
CA LYS A 119 29.68 -7.21 -8.19
C LYS A 119 30.17 -5.93 -8.90
N GLY A 120 29.23 -5.02 -9.15
CA GLY A 120 29.56 -3.76 -9.81
C GLY A 120 30.28 -2.78 -8.90
N VAL A 121 29.86 -2.70 -7.64
CA VAL A 121 30.47 -1.80 -6.67
C VAL A 121 31.69 -2.43 -6.02
N PRO A 122 32.82 -1.68 -5.93
CA PRO A 122 34.07 -2.18 -5.33
C PRO A 122 34.04 -2.15 -3.79
N VAL A 123 33.05 -2.85 -3.22
CA VAL A 123 32.90 -2.93 -1.77
C VAL A 123 32.70 -4.38 -1.31
N LYS A 124 32.63 -4.58 0.02
CA LYS A 124 32.45 -5.92 0.57
C LYS A 124 31.17 -6.01 1.42
N ASP A 125 30.23 -5.08 1.22
CA ASP A 125 28.97 -5.07 1.97
C ASP A 125 27.94 -4.09 1.36
N GLY A 126 28.06 -3.81 0.06
CA GLY A 126 27.15 -2.89 -0.59
C GLY A 126 27.10 -1.52 0.07
N MET A 127 28.28 -0.97 0.36
CA MET A 127 28.36 0.35 0.99
C MET A 127 28.76 1.42 -0.03
N VAL A 128 27.85 2.35 -0.26
CA VAL A 128 28.07 3.43 -1.21
C VAL A 128 27.49 4.76 -0.68
N ASN A 129 27.34 4.86 0.65
CA ASN A 129 26.79 6.06 1.28
C ASN A 129 25.39 6.41 0.76
N TYR A 130 24.67 5.40 0.24
CA TYR A 130 23.33 5.62 -0.31
C TYR A 130 23.40 6.70 -1.41
N HIS A 131 22.24 7.20 -1.84
CA HIS A 131 22.17 8.23 -2.89
C HIS A 131 22.50 7.63 -4.26
N ASP A 132 23.70 7.05 -4.40
CA ASP A 132 24.11 6.43 -5.66
C ASP A 132 23.07 5.42 -6.16
N PHE A 133 22.50 4.65 -5.24
CA PHE A 133 21.49 3.65 -5.58
C PHE A 133 20.20 4.33 -6.05
N VAL A 134 19.71 5.27 -5.23
CA VAL A 134 18.49 6.01 -5.57
C VAL A 134 18.68 6.83 -6.85
N GLN A 135 19.91 7.30 -7.09
CA GLN A 135 20.23 8.10 -8.28
C GLN A 135 19.94 7.30 -9.54
N MET A 136 20.52 6.09 -9.62
CA MET A 136 20.32 5.22 -10.77
C MET A 136 18.88 4.69 -10.82
N ILE A 137 18.24 4.60 -9.64
CA ILE A 137 16.88 4.13 -9.52
C ILE A 137 15.91 5.06 -10.25
N LEU A 138 16.01 6.36 -9.98
CA LEU A 138 15.14 7.36 -10.60
C LEU A 138 15.70 7.78 -11.97
N ALA A 139 16.75 8.61 -11.95
CA ALA A 139 17.39 9.09 -13.18
C ALA A 139 16.47 10.06 -13.92
N ASN A 140 16.84 11.35 -13.89
CA ASN A 140 16.05 12.39 -14.55
C ASN A 140 16.94 13.34 -15.35
N SER A 1 -3.54 21.51 8.12
CA SER A 1 -4.01 22.39 7.00
C SER A 1 -2.83 22.98 6.23
N THR A 2 -2.65 22.51 5.00
CA THR A 2 -1.55 22.97 4.13
C THR A 2 -0.19 22.75 4.80
N ASP A 3 -0.04 21.58 5.44
CA ASP A 3 1.21 21.23 6.12
C ASP A 3 1.92 20.07 5.42
N ASP A 4 1.16 19.03 5.08
CA ASP A 4 1.73 17.86 4.40
C ASP A 4 2.13 18.22 2.97
N SER A 5 3.42 18.42 2.76
CA SER A 5 3.95 18.77 1.44
C SER A 5 3.79 17.61 0.44
N PRO A 6 4.12 16.36 0.84
CA PRO A 6 4.02 15.18 -0.03
C PRO A 6 2.59 14.67 -0.22
N TYR A 7 1.64 15.15 0.61
CA TYR A 7 0.25 14.70 0.51
C TYR A 7 -0.71 15.86 0.19
N LYS A 8 -0.77 16.84 1.10
CA LYS A 8 -1.66 17.99 0.92
C LYS A 8 -1.20 18.88 -0.23
N GLN A 9 0.03 19.40 -0.12
CA GLN A 9 0.60 20.26 -1.16
C GLN A 9 0.69 19.51 -2.48
N ALA A 10 1.23 18.29 -2.43
CA ALA A 10 1.38 17.44 -3.62
C ALA A 10 0.03 17.20 -4.30
N PHE A 11 -1.02 17.02 -3.48
CA PHE A 11 -2.36 16.80 -4.01
C PHE A 11 -2.80 17.97 -4.88
N SER A 12 -2.61 19.19 -4.38
CA SER A 12 -2.97 20.40 -5.10
C SER A 12 -2.19 20.54 -6.42
N LEU A 13 -0.96 20.02 -6.45
CA LEU A 13 -0.12 20.09 -7.65
C LEU A 13 -0.75 19.33 -8.82
N PHE A 14 -1.35 18.17 -8.53
CA PHE A 14 -1.98 17.35 -9.57
C PHE A 14 -3.49 17.62 -9.67
N ASP A 15 -3.89 18.86 -9.43
CA ASP A 15 -5.32 19.23 -9.52
C ASP A 15 -5.68 19.66 -10.94
N ARG A 16 -6.34 18.77 -11.67
CA ARG A 16 -6.76 19.05 -13.05
C ARG A 16 -7.90 20.08 -13.09
N HIS A 17 -8.79 20.04 -12.11
CA HIS A 17 -9.93 20.96 -12.06
C HIS A 17 -9.55 22.27 -11.36
N GLY A 18 -8.74 22.16 -10.29
CA GLY A 18 -8.33 23.34 -9.55
C GLY A 18 -9.17 23.59 -8.30
N THR A 19 -10.25 22.81 -8.12
CA THR A 19 -11.12 22.94 -6.96
C THR A 19 -10.61 22.10 -5.79
N GLY A 20 -9.98 20.97 -6.11
CA GLY A 20 -9.45 20.07 -5.10
C GLY A 20 -9.80 18.62 -5.36
N ARG A 21 -9.72 18.22 -6.64
CA ARG A 21 -10.04 16.85 -7.03
C ARG A 21 -8.93 16.27 -7.92
N ILE A 22 -8.84 14.93 -7.98
CA ILE A 22 -7.82 14.27 -8.80
C ILE A 22 -8.29 12.90 -9.31
N PRO A 23 -8.16 12.65 -10.64
CA PRO A 23 -8.55 11.38 -11.25
C PRO A 23 -7.44 10.33 -11.15
N LYS A 24 -7.75 9.08 -11.55
CA LYS A 24 -6.79 7.97 -11.51
C LYS A 24 -5.41 8.38 -12.08
N THR A 25 -5.41 9.20 -13.13
CA THR A 25 -4.15 9.64 -13.74
C THR A 25 -3.29 10.43 -12.74
N SER A 26 -3.94 11.33 -11.98
CA SER A 26 -3.25 12.15 -10.98
C SER A 26 -2.78 11.31 -9.79
N ILE A 27 -3.67 10.48 -9.23
CA ILE A 27 -3.32 9.62 -8.08
C ILE A 27 -2.11 8.74 -8.40
N GLY A 28 -1.99 8.30 -9.66
CA GLY A 28 -0.87 7.46 -10.04
C GLY A 28 0.47 8.08 -9.72
N ASP A 29 0.82 9.15 -10.44
CA ASP A 29 2.09 9.86 -10.21
C ASP A 29 2.14 10.47 -8.81
N LEU A 30 0.98 10.87 -8.28
CA LEU A 30 0.89 11.46 -6.95
C LEU A 30 1.38 10.46 -5.90
N LEU A 31 0.83 9.25 -5.95
CA LEU A 31 1.22 8.18 -5.01
C LEU A 31 2.70 7.84 -5.16
N ARG A 32 3.22 7.94 -6.38
CA ARG A 32 4.64 7.66 -6.65
C ARG A 32 5.56 8.46 -5.73
N ALA A 33 5.16 9.71 -5.43
CA ALA A 33 5.95 10.58 -4.56
C ALA A 33 6.17 9.96 -3.18
N CYS A 34 5.15 9.26 -2.67
CA CYS A 34 5.24 8.60 -1.36
C CYS A 34 6.26 7.46 -1.40
N GLY A 35 6.20 6.66 -2.46
CA GLY A 35 7.13 5.56 -2.61
C GLY A 35 7.13 4.98 -4.02
N GLN A 36 6.04 4.33 -4.39
CA GLN A 36 5.90 3.73 -5.71
C GLN A 36 4.57 4.08 -6.37
N ASN A 37 4.48 3.83 -7.68
CA ASN A 37 3.26 4.11 -8.44
C ASN A 37 2.80 2.86 -9.20
N PRO A 38 1.57 2.40 -8.94
CA PRO A 38 1.01 1.21 -9.61
C PRO A 38 0.50 1.51 -11.01
N THR A 39 -0.34 0.61 -11.55
CA THR A 39 -0.92 0.79 -12.88
C THR A 39 -2.24 1.54 -12.83
N LEU A 40 -2.70 2.00 -14.00
CA LEU A 40 -3.96 2.73 -14.10
C LEU A 40 -5.12 1.91 -13.54
N ALA A 41 -5.00 0.57 -13.63
CA ALA A 41 -6.03 -0.33 -13.10
C ALA A 41 -6.18 -0.17 -11.60
N GLU A 42 -5.05 0.01 -10.90
CA GLU A 42 -5.05 0.19 -9.44
C GLU A 42 -5.80 1.47 -9.05
N ILE A 43 -5.39 2.60 -9.65
CA ILE A 43 -6.03 3.90 -9.37
C ILE A 43 -7.51 3.85 -9.71
N THR A 44 -7.85 3.28 -10.86
CA THR A 44 -9.25 3.16 -11.29
C THR A 44 -10.02 2.29 -10.29
N GLU A 45 -9.38 1.22 -9.80
CA GLU A 45 -10.00 0.32 -8.82
C GLU A 45 -10.40 1.10 -7.57
N ILE A 46 -9.56 2.06 -7.17
CA ILE A 46 -9.84 2.90 -6.01
C ILE A 46 -11.09 3.76 -6.27
N GLU A 47 -11.14 4.37 -7.45
CA GLU A 47 -12.30 5.18 -7.85
C GLU A 47 -13.60 4.38 -7.79
N SER A 48 -13.50 3.06 -7.98
CA SER A 48 -14.66 2.17 -7.96
C SER A 48 -15.35 2.11 -6.58
N THR A 49 -14.77 2.77 -5.56
CA THR A 49 -15.35 2.77 -4.22
C THR A 49 -15.72 4.18 -3.76
N LEU A 50 -14.92 5.17 -4.18
CA LEU A 50 -15.17 6.56 -3.82
C LEU A 50 -15.75 7.33 -5.01
N PRO A 51 -16.39 8.49 -4.76
CA PRO A 51 -16.99 9.33 -5.82
C PRO A 51 -16.06 9.52 -7.03
N ALA A 52 -16.64 9.93 -8.16
CA ALA A 52 -15.89 10.16 -9.41
C ALA A 52 -14.57 10.90 -9.15
N GLU A 53 -14.65 12.17 -8.75
CA GLU A 53 -13.45 12.96 -8.47
C GLU A 53 -12.95 12.68 -7.06
N VAL A 54 -11.71 12.19 -6.96
CA VAL A 54 -11.12 11.87 -5.66
C VAL A 54 -10.49 13.11 -5.03
N ASP A 55 -11.25 13.76 -4.16
CA ASP A 55 -10.76 14.95 -3.47
C ASP A 55 -9.92 14.57 -2.26
N MET A 56 -9.32 15.58 -1.62
CA MET A 56 -8.48 15.37 -0.44
C MET A 56 -9.10 14.35 0.52
N GLU A 57 -10.41 14.47 0.75
CA GLU A 57 -11.13 13.57 1.66
C GLU A 57 -11.21 12.14 1.10
N GLN A 58 -11.64 12.02 -0.16
CA GLN A 58 -11.77 10.71 -0.82
C GLN A 58 -10.45 9.94 -0.82
N PHE A 59 -9.38 10.60 -1.29
CA PHE A 59 -8.06 9.98 -1.35
C PHE A 59 -7.58 9.59 0.06
N LEU A 60 -7.67 10.53 1.00
CA LEU A 60 -7.26 10.29 2.38
C LEU A 60 -8.07 9.17 3.03
N GLN A 61 -9.34 9.04 2.63
CA GLN A 61 -10.22 8.01 3.17
C GLN A 61 -9.71 6.61 2.85
N VAL A 62 -9.49 6.34 1.55
CA VAL A 62 -9.00 5.03 1.10
C VAL A 62 -7.59 4.77 1.65
N LEU A 63 -6.73 5.80 1.61
CA LEU A 63 -5.37 5.68 2.09
C LEU A 63 -5.35 5.43 3.61
N ASN A 64 -6.08 6.25 4.36
CA ASN A 64 -6.14 6.12 5.82
C ASN A 64 -7.37 5.31 6.24
N ARG A 65 -7.54 4.13 5.63
CA ARG A 65 -8.67 3.26 5.93
C ARG A 65 -8.67 2.83 7.40
N PRO A 66 -7.59 2.18 7.89
CA PRO A 66 -7.50 1.73 9.27
C PRO A 66 -6.97 2.80 10.24
N ASN A 67 -7.04 4.08 9.82
CA ASN A 67 -6.58 5.20 10.65
C ASN A 67 -5.11 5.05 11.02
N GLY A 68 -4.22 5.55 10.15
CA GLY A 68 -2.80 5.47 10.40
C GLY A 68 -1.96 5.88 9.20
N PHE A 69 -0.63 5.80 9.35
CA PHE A 69 0.28 6.17 8.26
C PHE A 69 0.81 4.92 7.55
N ASP A 70 1.50 4.05 8.32
CA ASP A 70 2.04 2.82 7.76
C ASP A 70 1.19 1.60 8.17
N MET A 71 -0.04 1.85 8.60
CA MET A 71 -0.96 0.80 9.00
C MET A 71 -1.76 0.25 7.81
N PRO A 72 -2.31 1.14 6.95
CA PRO A 72 -3.11 0.73 5.78
C PRO A 72 -2.39 -0.28 4.90
N GLY A 73 -1.09 -0.07 4.68
CA GLY A 73 -0.30 -0.98 3.85
C GLY A 73 -0.10 -0.46 2.45
N ASP A 74 1.14 -0.11 2.12
CA ASP A 74 1.49 0.41 0.79
C ASP A 74 1.64 -0.74 -0.21
N PRO A 75 1.62 -0.43 -1.53
CA PRO A 75 1.77 -1.45 -2.59
C PRO A 75 3.05 -2.27 -2.42
N GLU A 76 4.13 -1.62 -1.98
CA GLU A 76 5.41 -2.29 -1.77
C GLU A 76 5.37 -3.23 -0.56
N GLU A 77 4.51 -2.94 0.42
CA GLU A 77 4.38 -3.76 1.61
C GLU A 77 3.73 -5.11 1.29
N PHE A 78 2.61 -5.07 0.57
CA PHE A 78 1.89 -6.29 0.18
C PHE A 78 2.75 -7.17 -0.74
N VAL A 79 3.46 -6.53 -1.67
CA VAL A 79 4.32 -7.24 -2.62
C VAL A 79 5.47 -7.94 -1.89
N LYS A 80 6.12 -7.22 -0.97
CA LYS A 80 7.24 -7.77 -0.21
C LYS A 80 6.81 -8.95 0.66
N GLY A 81 5.63 -8.85 1.27
CA GLY A 81 5.12 -9.92 2.11
C GLY A 81 4.94 -11.22 1.36
N PHE A 82 4.35 -11.14 0.16
CA PHE A 82 4.12 -12.32 -0.67
C PHE A 82 5.41 -12.78 -1.36
N GLN A 83 6.32 -11.83 -1.60
CA GLN A 83 7.61 -12.13 -2.26
C GLN A 83 8.50 -13.04 -1.39
N VAL A 84 8.18 -13.15 -0.10
CA VAL A 84 8.97 -13.99 0.82
C VAL A 84 9.25 -15.37 0.20
N PHE A 85 8.20 -16.06 -0.20
CA PHE A 85 8.35 -17.38 -0.82
C PHE A 85 7.52 -17.50 -2.11
N ASP A 86 7.15 -16.35 -2.69
CA ASP A 86 6.38 -16.32 -3.93
C ASP A 86 6.86 -15.16 -4.81
N LYS A 87 8.08 -15.28 -5.34
CA LYS A 87 8.66 -14.25 -6.21
C LYS A 87 7.87 -14.14 -7.51
N ASP A 88 7.71 -15.26 -8.21
CA ASP A 88 6.98 -15.28 -9.47
C ASP A 88 5.48 -15.40 -9.22
N ALA A 89 5.07 -16.53 -8.61
CA ALA A 89 3.66 -16.78 -8.30
C ALA A 89 2.76 -16.59 -9.52
N THR A 90 2.67 -17.63 -10.35
CA THR A 90 1.84 -17.58 -11.56
C THR A 90 0.50 -18.27 -11.32
N GLY A 91 0.54 -19.52 -10.86
CA GLY A 91 -0.68 -20.27 -10.60
C GLY A 91 -0.70 -20.91 -9.21
N MET A 92 -0.26 -20.16 -8.20
CA MET A 92 -0.22 -20.67 -6.82
C MET A 92 0.11 -19.56 -5.83
N ILE A 93 -0.60 -19.54 -4.71
CA ILE A 93 -0.37 -18.53 -3.66
C ILE A 93 0.21 -19.16 -2.39
N GLY A 94 -0.35 -20.31 -1.99
CA GLY A 94 0.12 -20.99 -0.79
C GLY A 94 -0.11 -20.17 0.46
N VAL A 95 -1.36 -20.20 0.96
CA VAL A 95 -1.75 -19.46 2.15
C VAL A 95 -0.72 -19.59 3.29
N GLY A 96 -0.10 -20.77 3.42
CA GLY A 96 0.89 -20.98 4.47
C GLY A 96 1.90 -19.85 4.55
N GLU A 97 2.39 -19.41 3.39
CA GLU A 97 3.37 -18.32 3.32
C GLU A 97 2.70 -16.97 3.60
N LEU A 98 1.58 -16.71 2.90
CA LEU A 98 0.84 -15.45 3.08
C LEU A 98 0.37 -15.29 4.53
N ARG A 99 0.00 -16.41 5.16
CA ARG A 99 -0.47 -16.41 6.54
C ARG A 99 0.65 -15.98 7.49
N TYR A 100 1.83 -16.59 7.35
CA TYR A 100 2.98 -16.26 8.19
C TYR A 100 3.27 -14.76 8.16
N VAL A 101 3.18 -14.17 6.96
CA VAL A 101 3.43 -12.73 6.78
C VAL A 101 2.41 -11.89 7.55
N LEU A 102 1.13 -12.18 7.34
CA LEU A 102 0.04 -11.45 7.99
C LEU A 102 0.03 -11.69 9.51
N THR A 103 0.27 -12.94 9.92
CA THR A 103 0.28 -13.30 11.35
C THR A 103 1.33 -12.47 12.12
N SER A 104 2.44 -12.14 11.45
CA SER A 104 3.51 -11.34 12.08
C SER A 104 3.12 -9.87 12.22
N LEU A 105 2.11 -9.42 11.47
CA LEU A 105 1.65 -8.03 11.52
C LEU A 105 1.00 -7.72 12.87
N GLY A 106 -0.08 -8.42 13.18
CA GLY A 106 -0.78 -8.20 14.44
C GLY A 106 -1.81 -9.28 14.73
N GLU A 107 -1.36 -10.54 14.67
CA GLU A 107 -2.24 -11.69 14.92
C GLU A 107 -3.39 -11.72 13.93
N LYS A 108 -3.06 -11.58 12.64
CA LYS A 108 -4.05 -11.60 11.56
C LYS A 108 -4.63 -13.02 11.43
N LEU A 109 -4.83 -13.50 10.19
CA LEU A 109 -5.37 -14.85 9.97
C LEU A 109 -4.35 -15.90 10.41
N SER A 110 -4.27 -16.13 11.73
CA SER A 110 -3.34 -17.09 12.31
C SER A 110 -3.72 -18.54 11.98
N ASN A 111 -3.03 -19.49 12.61
CA ASN A 111 -3.26 -20.92 12.39
C ASN A 111 -4.75 -21.28 12.47
N GLU A 112 -5.49 -20.64 13.38
CA GLU A 112 -6.92 -20.90 13.55
C GLU A 112 -7.72 -20.44 12.32
N GLU A 113 -7.56 -19.17 11.95
CA GLU A 113 -8.26 -18.61 10.80
C GLU A 113 -7.96 -19.40 9.53
N MET A 114 -6.67 -19.64 9.28
CA MET A 114 -6.25 -20.41 8.11
C MET A 114 -6.69 -21.87 8.22
N ASP A 115 -6.84 -22.37 9.45
CA ASP A 115 -7.28 -23.76 9.66
C ASP A 115 -8.64 -23.99 9.02
N GLU A 116 -9.57 -23.06 9.26
CA GLU A 116 -10.92 -23.15 8.70
C GLU A 116 -10.87 -22.99 7.17
N LEU A 117 -10.08 -22.01 6.71
CA LEU A 117 -9.92 -21.76 5.27
C LEU A 117 -9.37 -23.00 4.57
N LEU A 118 -8.39 -23.65 5.20
CA LEU A 118 -7.77 -24.85 4.65
C LEU A 118 -8.73 -26.05 4.71
N LYS A 119 -9.61 -26.06 5.71
CA LYS A 119 -10.59 -27.14 5.85
C LYS A 119 -11.52 -27.21 4.64
N GLY A 120 -11.95 -26.03 4.16
CA GLY A 120 -12.83 -25.97 3.01
C GLY A 120 -12.13 -26.32 1.70
N VAL A 121 -10.92 -25.78 1.50
CA VAL A 121 -10.15 -26.05 0.28
C VAL A 121 -9.39 -27.37 0.38
N PRO A 122 -9.48 -28.23 -0.66
CA PRO A 122 -8.79 -29.53 -0.68
C PRO A 122 -7.30 -29.40 -1.01
N VAL A 123 -6.57 -28.68 -0.15
CA VAL A 123 -5.13 -28.46 -0.34
C VAL A 123 -4.35 -28.75 0.96
N LYS A 124 -3.02 -28.64 0.88
CA LYS A 124 -2.16 -28.87 2.03
C LYS A 124 -1.22 -27.69 2.26
N ASP A 125 -1.81 -26.48 2.22
CA ASP A 125 -1.07 -25.23 2.43
C ASP A 125 -1.97 -24.02 2.18
N GLY A 126 -2.90 -24.16 1.22
CA GLY A 126 -3.82 -23.09 0.88
C GLY A 126 -3.54 -22.52 -0.50
N MET A 127 -3.46 -23.39 -1.49
CA MET A 127 -3.20 -22.96 -2.86
C MET A 127 -4.47 -22.98 -3.69
N VAL A 128 -4.88 -21.79 -4.16
CA VAL A 128 -6.09 -21.64 -4.96
C VAL A 128 -5.90 -20.60 -6.09
N ASN A 129 -4.63 -20.31 -6.43
CA ASN A 129 -4.32 -19.34 -7.49
C ASN A 129 -4.89 -17.95 -7.20
N TYR A 130 -5.16 -17.64 -5.92
CA TYR A 130 -5.72 -16.34 -5.53
C TYR A 130 -6.92 -15.96 -6.40
N HIS A 131 -7.83 -16.92 -6.58
CA HIS A 131 -9.03 -16.69 -7.39
C HIS A 131 -10.30 -16.91 -6.56
N ASP A 132 -10.37 -18.07 -5.89
CA ASP A 132 -11.53 -18.40 -5.06
C ASP A 132 -11.74 -17.39 -3.92
N PHE A 133 -10.63 -16.86 -3.38
CA PHE A 133 -10.70 -15.88 -2.29
C PHE A 133 -11.34 -14.59 -2.79
N VAL A 134 -10.73 -13.99 -3.82
CA VAL A 134 -11.23 -12.75 -4.40
C VAL A 134 -12.62 -12.94 -5.01
N GLN A 135 -12.88 -14.14 -5.55
CA GLN A 135 -14.17 -14.45 -6.15
C GLN A 135 -15.30 -14.30 -5.13
N MET A 136 -15.12 -14.92 -3.96
CA MET A 136 -16.10 -14.83 -2.88
C MET A 136 -16.18 -13.41 -2.33
N ILE A 137 -15.04 -12.70 -2.36
CA ILE A 137 -14.96 -11.32 -1.88
C ILE A 137 -15.89 -10.42 -2.70
N LEU A 138 -15.94 -10.65 -4.01
CA LEU A 138 -16.79 -9.87 -4.91
C LEU A 138 -18.22 -10.41 -4.91
N ALA A 139 -18.85 -10.44 -3.73
CA ALA A 139 -20.21 -10.95 -3.58
C ALA A 139 -20.75 -10.67 -2.18
N ASN A 140 -21.19 -9.42 -1.95
CA ASN A 140 -21.73 -9.02 -0.66
C ASN A 140 -23.15 -8.48 -0.80
N SER A 1 -4.49 24.74 6.32
CA SER A 1 -3.64 25.17 5.17
C SER A 1 -2.16 25.09 5.51
N THR A 2 -1.33 24.90 4.47
CA THR A 2 0.13 24.80 4.62
C THR A 2 0.52 23.90 5.80
N ASP A 3 -0.14 22.75 5.90
CA ASP A 3 0.13 21.79 6.98
C ASP A 3 0.86 20.56 6.44
N ASP A 4 0.29 19.95 5.39
CA ASP A 4 0.87 18.76 4.77
C ASP A 4 1.42 19.09 3.39
N SER A 5 2.73 19.30 3.31
CA SER A 5 3.39 19.62 2.05
C SER A 5 3.35 18.45 1.06
N PRO A 6 3.68 17.22 1.52
CA PRO A 6 3.70 16.04 0.64
C PRO A 6 2.31 15.38 0.45
N TYR A 7 1.29 15.90 1.14
CA TYR A 7 -0.06 15.33 1.03
C TYR A 7 -1.07 16.38 0.54
N LYS A 8 -1.27 17.44 1.32
CA LYS A 8 -2.21 18.50 0.97
C LYS A 8 -1.66 19.36 -0.17
N GLN A 9 -0.50 19.97 0.05
CA GLN A 9 0.13 20.82 -0.96
C GLN A 9 0.44 20.01 -2.22
N ALA A 10 1.04 18.83 -2.03
CA ALA A 10 1.38 17.95 -3.14
C ALA A 10 0.13 17.58 -3.95
N PHE A 11 -0.98 17.33 -3.25
CA PHE A 11 -2.24 16.98 -3.90
C PHE A 11 -2.67 18.08 -4.87
N SER A 12 -2.55 19.34 -4.43
CA SER A 12 -2.91 20.49 -5.26
C SER A 12 -2.03 20.56 -6.52
N LEU A 13 -0.77 20.14 -6.40
CA LEU A 13 0.17 20.14 -7.52
C LEU A 13 -0.33 19.25 -8.66
N PHE A 14 -1.06 18.18 -8.32
CA PHE A 14 -1.59 17.25 -9.32
C PHE A 14 -2.99 17.65 -9.80
N ASP A 15 -3.36 18.92 -9.62
CA ASP A 15 -4.67 19.41 -10.06
C ASP A 15 -4.53 20.20 -11.37
N ARG A 16 -5.21 19.73 -12.41
CA ARG A 16 -5.16 20.38 -13.72
C ARG A 16 -5.61 21.84 -13.66
N HIS A 17 -6.81 22.06 -13.13
CA HIS A 17 -7.35 23.41 -13.01
C HIS A 17 -7.25 23.94 -11.57
N GLY A 18 -7.19 23.03 -10.60
CA GLY A 18 -7.10 23.43 -9.21
C GLY A 18 -8.45 23.51 -8.53
N THR A 19 -9.29 22.50 -8.77
CA THR A 19 -10.63 22.45 -8.18
C THR A 19 -10.62 21.74 -6.83
N GLY A 20 -9.64 20.85 -6.63
CA GLY A 20 -9.53 20.11 -5.39
C GLY A 20 -9.77 18.61 -5.55
N ARG A 21 -9.82 18.14 -6.81
CA ARG A 21 -10.04 16.73 -7.10
C ARG A 21 -9.00 16.22 -8.10
N ILE A 22 -8.83 14.90 -8.17
CA ILE A 22 -7.85 14.30 -9.08
C ILE A 22 -8.33 12.94 -9.61
N PRO A 23 -8.12 12.68 -10.92
CA PRO A 23 -8.51 11.42 -11.56
C PRO A 23 -7.43 10.34 -11.43
N LYS A 24 -7.77 9.11 -11.83
CA LYS A 24 -6.83 7.97 -11.78
C LYS A 24 -5.42 8.34 -12.25
N THR A 25 -5.33 9.14 -13.31
CA THR A 25 -4.03 9.56 -13.86
C THR A 25 -3.21 10.33 -12.82
N SER A 26 -3.87 11.26 -12.11
CA SER A 26 -3.19 12.06 -11.09
C SER A 26 -2.80 11.22 -9.88
N ILE A 27 -3.74 10.42 -9.37
CA ILE A 27 -3.47 9.56 -8.20
C ILE A 27 -2.29 8.62 -8.46
N GLY A 28 -2.13 8.17 -9.70
CA GLY A 28 -1.03 7.28 -10.05
C GLY A 28 0.32 7.85 -9.65
N ASP A 29 0.73 8.92 -10.34
CA ASP A 29 2.01 9.57 -10.05
C ASP A 29 2.01 10.21 -8.65
N LEU A 30 0.83 10.64 -8.18
CA LEU A 30 0.71 11.25 -6.85
C LEU A 30 1.13 10.26 -5.77
N LEU A 31 0.55 9.05 -5.83
CA LEU A 31 0.87 7.99 -4.86
C LEU A 31 2.35 7.61 -4.94
N ARG A 32 2.95 7.74 -6.13
CA ARG A 32 4.36 7.42 -6.33
C ARG A 32 5.25 8.23 -5.37
N ALA A 33 4.86 9.49 -5.14
CA ALA A 33 5.62 10.38 -4.25
C ALA A 33 5.63 9.85 -2.81
N CYS A 34 4.59 9.11 -2.43
CA CYS A 34 4.48 8.54 -1.08
C CYS A 34 5.16 7.17 -1.03
N GLY A 35 4.91 6.36 -2.06
CA GLY A 35 5.49 5.04 -2.13
C GLY A 35 5.86 4.63 -3.54
N GLN A 36 4.91 4.06 -4.26
CA GLN A 36 5.13 3.61 -5.64
C GLN A 36 4.02 4.06 -6.57
N ASN A 37 4.18 3.78 -7.87
CA ASN A 37 3.19 4.13 -8.88
C ASN A 37 2.67 2.88 -9.58
N PRO A 38 1.38 2.53 -9.36
CA PRO A 38 0.77 1.35 -9.96
C PRO A 38 0.24 1.60 -11.37
N THR A 39 -0.63 0.71 -11.84
CA THR A 39 -1.21 0.82 -13.18
C THR A 39 -2.58 1.51 -13.14
N LEU A 40 -3.07 1.91 -14.31
CA LEU A 40 -4.37 2.57 -14.42
C LEU A 40 -5.47 1.72 -13.78
N ALA A 41 -5.37 0.40 -13.94
CA ALA A 41 -6.34 -0.52 -13.36
C ALA A 41 -6.42 -0.35 -11.85
N GLU A 42 -5.27 -0.09 -11.21
CA GLU A 42 -5.20 0.11 -9.77
C GLU A 42 -5.93 1.39 -9.35
N ILE A 43 -5.54 2.52 -9.94
CA ILE A 43 -6.17 3.81 -9.61
C ILE A 43 -7.67 3.75 -9.88
N THR A 44 -8.05 3.24 -11.05
CA THR A 44 -9.46 3.10 -11.42
C THR A 44 -10.19 2.24 -10.37
N GLU A 45 -9.50 1.18 -9.91
CA GLU A 45 -10.05 0.27 -8.90
C GLU A 45 -10.40 1.04 -7.63
N ILE A 46 -9.52 1.97 -7.24
CA ILE A 46 -9.73 2.80 -6.05
C ILE A 46 -10.98 3.66 -6.25
N GLU A 47 -11.04 4.34 -7.40
CA GLU A 47 -12.19 5.19 -7.75
C GLU A 47 -13.50 4.39 -7.72
N SER A 48 -13.41 3.07 -7.93
CA SER A 48 -14.58 2.18 -7.92
C SER A 48 -15.26 2.10 -6.55
N THR A 49 -14.65 2.68 -5.51
CA THR A 49 -15.21 2.67 -4.16
C THR A 49 -15.52 4.08 -3.68
N LEU A 50 -14.55 4.99 -3.80
CA LEU A 50 -14.75 6.38 -3.38
C LEU A 50 -15.37 7.18 -4.53
N PRO A 51 -16.04 8.31 -4.22
CA PRO A 51 -16.68 9.16 -5.23
C PRO A 51 -15.84 9.33 -6.50
N ALA A 52 -16.53 9.52 -7.63
CA ALA A 52 -15.89 9.69 -8.95
C ALA A 52 -14.54 10.38 -8.86
N GLU A 53 -14.53 11.64 -8.42
CA GLU A 53 -13.29 12.40 -8.28
C GLU A 53 -12.68 12.19 -6.90
N VAL A 54 -11.40 11.82 -6.87
CA VAL A 54 -10.70 11.58 -5.61
C VAL A 54 -10.09 12.87 -5.06
N ASP A 55 -10.88 13.58 -4.25
CA ASP A 55 -10.40 14.82 -3.63
C ASP A 55 -9.61 14.53 -2.37
N MET A 56 -9.11 15.59 -1.72
CA MET A 56 -8.33 15.46 -0.48
C MET A 56 -8.92 14.41 0.46
N GLU A 57 -10.24 14.45 0.66
CA GLU A 57 -10.93 13.51 1.54
C GLU A 57 -10.91 12.09 0.98
N GLN A 58 -11.33 11.93 -0.27
CA GLN A 58 -11.38 10.62 -0.93
C GLN A 58 -10.01 9.94 -0.92
N PHE A 59 -8.99 10.67 -1.38
CA PHE A 59 -7.62 10.15 -1.44
C PHE A 59 -7.14 9.73 -0.06
N LEU A 60 -7.30 10.61 0.93
CA LEU A 60 -6.88 10.33 2.31
C LEU A 60 -7.62 9.10 2.87
N GLN A 61 -8.91 8.99 2.56
CA GLN A 61 -9.73 7.87 3.03
C GLN A 61 -9.12 6.52 2.66
N VAL A 62 -8.75 6.37 1.38
CA VAL A 62 -8.15 5.13 0.89
C VAL A 62 -6.68 5.01 1.32
N LEU A 63 -5.98 6.14 1.36
CA LEU A 63 -4.57 6.17 1.75
C LEU A 63 -4.37 5.64 3.18
N ASN A 64 -5.31 6.00 4.06
CA ASN A 64 -5.27 5.55 5.46
C ASN A 64 -6.18 4.34 5.68
N ARG A 65 -6.13 3.39 4.73
CA ARG A 65 -6.96 2.19 4.78
C ARG A 65 -6.68 1.30 5.99
N PRO A 66 -5.48 0.70 6.10
CA PRO A 66 -5.12 -0.21 7.20
C PRO A 66 -4.58 0.48 8.46
N ASN A 67 -4.80 1.79 8.59
CA ASN A 67 -4.34 2.57 9.76
C ASN A 67 -4.20 4.04 9.40
N GLY A 68 -3.17 4.36 8.61
CA GLY A 68 -2.94 5.73 8.20
C GLY A 68 -1.76 5.87 7.26
N PHE A 69 -0.56 6.00 7.82
CA PHE A 69 0.66 6.14 7.03
C PHE A 69 1.60 4.94 7.21
N ASP A 70 1.80 4.54 8.47
CA ASP A 70 2.67 3.41 8.80
C ASP A 70 1.87 2.10 8.78
N MET A 71 1.44 1.69 7.58
CA MET A 71 0.67 0.46 7.41
C MET A 71 0.30 0.23 5.95
N PRO A 72 -0.35 1.21 5.28
CA PRO A 72 -0.75 1.10 3.87
C PRO A 72 0.37 0.57 2.98
N GLY A 73 1.58 1.12 3.15
CA GLY A 73 2.72 0.70 2.37
C GLY A 73 4.00 1.40 2.80
N ASP A 74 4.40 1.21 4.05
CA ASP A 74 5.62 1.84 4.59
C ASP A 74 6.87 1.06 4.18
N PRO A 75 7.99 1.77 3.92
CA PRO A 75 9.27 1.15 3.53
C PRO A 75 9.82 0.22 4.61
N GLU A 76 9.87 0.72 5.85
CA GLU A 76 10.37 -0.07 6.98
C GLU A 76 9.49 -1.30 7.23
N GLU A 77 8.19 -1.18 6.93
CA GLU A 77 7.24 -2.27 7.11
C GLU A 77 7.54 -3.44 6.16
N PHE A 78 7.83 -3.11 4.89
CA PHE A 78 8.13 -4.13 3.90
C PHE A 78 9.46 -4.84 4.22
N VAL A 79 10.45 -4.06 4.68
CA VAL A 79 11.76 -4.61 5.04
C VAL A 79 11.64 -5.64 6.16
N LYS A 80 10.90 -5.28 7.21
CA LYS A 80 10.70 -6.16 8.36
C LYS A 80 9.85 -7.38 7.99
N GLY A 81 8.93 -7.19 7.03
CA GLY A 81 8.06 -8.28 6.60
C GLY A 81 8.84 -9.45 6.01
N PHE A 82 9.76 -9.13 5.11
CA PHE A 82 10.59 -10.17 4.47
C PHE A 82 11.67 -10.68 5.43
N GLN A 83 12.16 -9.80 6.31
CA GLN A 83 13.19 -10.16 7.27
C GLN A 83 12.57 -10.92 8.46
N VAL A 84 12.19 -12.17 8.22
CA VAL A 84 11.59 -13.02 9.25
C VAL A 84 12.23 -14.41 9.22
N PHE A 85 12.01 -15.13 8.13
CA PHE A 85 12.58 -16.46 7.95
C PHE A 85 13.69 -16.45 6.88
N ASP A 86 14.42 -15.33 6.82
CA ASP A 86 15.50 -15.17 5.85
C ASP A 86 16.77 -14.63 6.53
N LYS A 87 17.16 -15.28 7.63
CA LYS A 87 18.35 -14.87 8.38
C LYS A 87 19.62 -15.19 7.60
N ASP A 88 19.78 -16.44 7.19
CA ASP A 88 20.96 -16.86 6.43
C ASP A 88 20.79 -16.55 4.95
N ALA A 89 19.63 -16.91 4.39
CA ALA A 89 19.33 -16.68 2.98
C ALA A 89 20.35 -17.39 2.08
N THR A 90 20.32 -18.72 2.10
CA THR A 90 21.24 -19.53 1.29
C THR A 90 20.51 -20.07 0.05
N GLY A 91 20.14 -19.16 -0.85
CA GLY A 91 19.45 -19.56 -2.07
C GLY A 91 18.04 -20.07 -1.80
N MET A 92 17.22 -19.26 -1.13
CA MET A 92 15.85 -19.65 -0.80
C MET A 92 15.09 -18.49 -0.15
N ILE A 93 13.84 -18.32 -0.54
CA ILE A 93 12.99 -17.26 0.02
C ILE A 93 11.94 -17.83 0.96
N GLY A 94 11.33 -18.95 0.58
CA GLY A 94 10.32 -19.59 1.40
C GLY A 94 9.03 -18.78 1.45
N VAL A 95 8.22 -18.89 0.39
CA VAL A 95 6.94 -18.17 0.31
C VAL A 95 6.14 -18.25 1.62
N GLY A 96 6.24 -19.39 2.32
CA GLY A 96 5.52 -19.57 3.57
C GLY A 96 5.68 -18.39 4.53
N GLU A 97 6.90 -17.86 4.62
CA GLU A 97 7.18 -16.72 5.50
C GLU A 97 6.75 -15.39 4.86
N LEU A 98 6.92 -15.27 3.54
CA LEU A 98 6.55 -14.06 2.82
C LEU A 98 5.03 -13.87 2.83
N ARG A 99 4.29 -14.96 2.63
CA ARG A 99 2.83 -14.92 2.62
C ARG A 99 2.27 -14.71 4.03
N TYR A 100 2.91 -15.35 5.03
CA TYR A 100 2.46 -15.23 6.42
C TYR A 100 2.44 -13.76 6.86
N VAL A 101 3.52 -13.03 6.53
CA VAL A 101 3.63 -11.61 6.88
C VAL A 101 2.59 -10.77 6.13
N LEU A 102 2.46 -11.02 4.82
CA LEU A 102 1.51 -10.29 3.98
C LEU A 102 0.05 -10.60 4.34
N THR A 103 -0.23 -11.86 4.69
CA THR A 103 -1.58 -12.28 5.05
C THR A 103 -2.03 -11.63 6.36
N SER A 104 -1.13 -11.60 7.34
CA SER A 104 -1.43 -11.00 8.65
C SER A 104 -1.61 -9.48 8.56
N LEU A 105 -1.16 -8.86 7.45
CA LEU A 105 -1.28 -7.42 7.27
C LEU A 105 -2.75 -7.01 7.11
N GLY A 106 -3.38 -7.46 6.03
CA GLY A 106 -4.77 -7.14 5.78
C GLY A 106 -5.38 -8.02 4.71
N GLU A 107 -5.17 -9.34 4.85
CA GLU A 107 -5.68 -10.32 3.89
C GLU A 107 -5.10 -10.09 2.50
N LYS A 108 -3.79 -9.78 2.46
CA LYS A 108 -3.07 -9.56 1.21
C LYS A 108 -2.96 -10.87 0.42
N LEU A 109 -1.80 -11.15 -0.18
CA LEU A 109 -1.59 -12.38 -0.94
C LEU A 109 -1.59 -13.59 -0.01
N SER A 110 -2.80 -14.03 0.37
CA SER A 110 -2.96 -15.17 1.28
C SER A 110 -2.50 -16.49 0.66
N ASN A 111 -2.81 -17.60 1.33
CA ASN A 111 -2.42 -18.94 0.87
C ASN A 111 -2.89 -19.20 -0.57
N GLU A 112 -4.04 -18.65 -0.95
CA GLU A 112 -4.57 -18.85 -2.30
C GLU A 112 -3.60 -18.34 -3.37
N GLU A 113 -3.12 -17.11 -3.18
CA GLU A 113 -2.18 -16.49 -4.13
C GLU A 113 -0.92 -17.34 -4.27
N MET A 114 -0.28 -17.66 -3.14
CA MET A 114 0.93 -18.47 -3.14
C MET A 114 0.64 -19.91 -3.59
N ASP A 115 -0.61 -20.37 -3.38
CA ASP A 115 -1.00 -21.72 -3.78
C ASP A 115 -0.81 -21.89 -5.29
N GLU A 116 -1.28 -20.91 -6.06
CA GLU A 116 -1.15 -20.93 -7.51
C GLU A 116 0.32 -20.81 -7.93
N LEU A 117 1.04 -19.90 -7.28
CA LEU A 117 2.46 -19.68 -7.57
C LEU A 117 3.26 -20.97 -7.34
N LEU A 118 2.94 -21.67 -6.24
CA LEU A 118 3.61 -22.93 -5.91
C LEU A 118 3.27 -24.02 -6.92
N LYS A 119 2.03 -23.99 -7.44
CA LYS A 119 1.58 -24.97 -8.42
C LYS A 119 2.44 -24.92 -9.68
N GLY A 120 2.81 -23.70 -10.10
CA GLY A 120 3.63 -23.52 -11.29
C GLY A 120 5.07 -23.93 -11.08
N VAL A 121 5.68 -23.44 -9.98
CA VAL A 121 7.07 -23.75 -9.67
C VAL A 121 7.19 -25.10 -8.95
N PRO A 122 8.02 -26.03 -9.49
CA PRO A 122 8.22 -27.35 -8.87
C PRO A 122 9.16 -27.30 -7.66
N VAL A 123 8.73 -26.59 -6.62
CA VAL A 123 9.52 -26.46 -5.39
C VAL A 123 8.67 -26.73 -4.15
N LYS A 124 9.30 -26.65 -2.97
CA LYS A 124 8.61 -26.89 -1.71
C LYS A 124 8.66 -25.64 -0.83
N ASP A 125 7.49 -25.25 -0.31
CA ASP A 125 7.37 -24.07 0.54
C ASP A 125 7.56 -22.75 -0.25
N GLY A 126 7.59 -22.86 -1.59
CA GLY A 126 7.77 -21.69 -2.43
C GLY A 126 9.17 -21.10 -2.33
N MET A 127 10.18 -21.97 -2.37
CA MET A 127 11.56 -21.53 -2.28
C MET A 127 12.23 -21.57 -3.65
N VAL A 128 12.58 -20.39 -4.14
CA VAL A 128 13.22 -20.25 -5.45
C VAL A 128 14.29 -19.15 -5.44
N ASN A 129 14.85 -18.89 -4.25
CA ASN A 129 15.89 -17.86 -4.08
C ASN A 129 15.42 -16.48 -4.58
N TYR A 130 14.09 -16.28 -4.66
CA TYR A 130 13.52 -15.01 -5.12
C TYR A 130 14.16 -14.53 -6.42
N HIS A 131 14.45 -15.45 -7.33
CA HIS A 131 15.07 -15.09 -8.61
C HIS A 131 14.17 -15.43 -9.80
N ASP A 132 13.47 -16.57 -9.73
CA ASP A 132 12.58 -17.00 -10.81
C ASP A 132 11.37 -16.07 -10.95
N PHE A 133 10.86 -15.58 -9.81
CA PHE A 133 9.71 -14.68 -9.83
C PHE A 133 10.09 -13.33 -10.44
N VAL A 134 11.14 -12.71 -9.88
CA VAL A 134 11.64 -11.43 -10.37
C VAL A 134 12.13 -11.54 -11.83
N GLN A 135 12.67 -12.71 -12.18
CA GLN A 135 13.15 -12.95 -13.54
C GLN A 135 12.02 -12.82 -14.56
N MET A 136 10.91 -13.50 -14.30
CA MET A 136 9.74 -13.46 -15.18
C MET A 136 9.16 -12.04 -15.24
N ILE A 137 9.28 -11.30 -14.13
CA ILE A 137 8.78 -9.94 -14.05
C ILE A 137 9.52 -9.04 -15.05
N LEU A 138 10.85 -9.12 -15.06
CA LEU A 138 11.67 -8.33 -15.96
C LEU A 138 12.12 -9.16 -17.17
N ALA A 139 11.14 -9.76 -17.85
CA ALA A 139 11.42 -10.58 -19.04
C ALA A 139 10.46 -10.25 -20.18
N ASN A 140 10.51 -8.98 -20.61
CA ASN A 140 9.64 -8.50 -21.69
C ASN A 140 10.44 -7.78 -22.77
N SER A 1 -1.71 16.33 9.70
CA SER A 1 -1.69 17.81 9.88
C SER A 1 -2.56 18.51 8.84
N THR A 2 -2.77 19.82 9.01
CA THR A 2 -3.57 20.62 8.09
C THR A 2 -2.69 21.40 7.10
N ASP A 3 -1.45 20.95 6.92
CA ASP A 3 -0.51 21.62 6.00
C ASP A 3 0.55 20.64 5.49
N ASP A 4 0.11 19.42 5.16
CA ASP A 4 1.02 18.39 4.65
C ASP A 4 1.57 18.75 3.29
N SER A 5 2.88 19.01 3.23
CA SER A 5 3.55 19.37 1.97
C SER A 5 3.50 18.23 0.96
N PRO A 6 3.83 16.98 1.39
CA PRO A 6 3.83 15.82 0.49
C PRO A 6 2.45 15.20 0.28
N TYR A 7 1.45 15.59 1.08
CA TYR A 7 0.10 15.03 0.94
C TYR A 7 -0.91 16.10 0.50
N LYS A 8 -1.06 17.15 1.31
CA LYS A 8 -2.00 18.23 1.03
C LYS A 8 -1.49 19.11 -0.13
N GLN A 9 -0.33 19.73 0.07
CA GLN A 9 0.27 20.60 -0.94
C GLN A 9 0.54 19.81 -2.22
N ALA A 10 1.16 18.64 -2.08
CA ALA A 10 1.47 17.78 -3.22
C ALA A 10 0.20 17.42 -4.00
N PHE A 11 -0.90 17.16 -3.26
CA PHE A 11 -2.17 16.83 -3.88
C PHE A 11 -2.64 17.97 -4.79
N SER A 12 -2.51 19.21 -4.29
CA SER A 12 -2.90 20.40 -5.05
C SER A 12 -2.07 20.56 -6.32
N LEU A 13 -0.81 20.12 -6.29
CA LEU A 13 0.08 20.22 -7.46
C LEU A 13 -0.41 19.35 -8.62
N PHE A 14 -0.96 18.18 -8.31
CA PHE A 14 -1.46 17.26 -9.33
C PHE A 14 -2.96 17.44 -9.55
N ASP A 15 -3.42 18.68 -9.51
CA ASP A 15 -4.83 19.01 -9.71
C ASP A 15 -5.18 19.09 -11.20
N ARG A 16 -5.55 17.94 -11.78
CA ARG A 16 -5.91 17.88 -13.20
C ARG A 16 -7.15 18.74 -13.50
N HIS A 17 -8.10 18.75 -12.57
CA HIS A 17 -9.33 19.53 -12.72
C HIS A 17 -9.13 20.96 -12.22
N GLY A 18 -8.35 21.10 -11.14
CA GLY A 18 -8.11 22.42 -10.57
C GLY A 18 -9.26 22.90 -9.70
N THR A 19 -10.00 21.95 -9.13
CA THR A 19 -11.14 22.28 -8.27
C THR A 19 -11.08 21.54 -6.93
N GLY A 20 -9.95 20.89 -6.64
CA GLY A 20 -9.79 20.16 -5.38
C GLY A 20 -9.96 18.66 -5.53
N ARG A 21 -10.05 18.16 -6.76
CA ARG A 21 -10.22 16.72 -7.01
C ARG A 21 -9.19 16.23 -8.03
N ILE A 22 -9.01 14.90 -8.08
CA ILE A 22 -8.04 14.30 -9.01
C ILE A 22 -8.51 12.92 -9.49
N PRO A 23 -8.32 12.63 -10.80
CA PRO A 23 -8.71 11.36 -11.40
C PRO A 23 -7.61 10.29 -11.27
N LYS A 24 -7.94 9.05 -11.64
CA LYS A 24 -7.00 7.92 -11.58
C LYS A 24 -5.62 8.28 -12.14
N THR A 25 -5.59 9.09 -13.21
CA THR A 25 -4.32 9.50 -13.83
C THR A 25 -3.44 10.27 -12.83
N SER A 26 -4.07 11.15 -12.06
CA SER A 26 -3.34 11.95 -11.06
C SER A 26 -2.88 11.09 -9.88
N ILE A 27 -3.83 10.37 -9.26
CA ILE A 27 -3.51 9.51 -8.10
C ILE A 27 -2.33 8.59 -8.39
N GLY A 28 -2.21 8.11 -9.63
CA GLY A 28 -1.11 7.22 -9.99
C GLY A 28 0.25 7.77 -9.59
N ASP A 29 0.72 8.77 -10.33
CA ASP A 29 2.01 9.40 -10.06
C ASP A 29 2.00 10.13 -8.70
N LEU A 30 0.82 10.59 -8.28
CA LEU A 30 0.68 11.28 -6.99
C LEU A 30 1.07 10.37 -5.83
N LEU A 31 0.48 9.17 -5.80
CA LEU A 31 0.76 8.17 -4.76
C LEU A 31 2.23 7.77 -4.78
N ARG A 32 2.87 7.83 -5.96
CA ARG A 32 4.28 7.47 -6.10
C ARG A 32 5.15 8.30 -5.15
N ALA A 33 4.82 9.60 -5.01
CA ALA A 33 5.56 10.50 -4.13
C ALA A 33 5.50 10.05 -2.66
N CYS A 34 4.41 9.37 -2.28
CA CYS A 34 4.24 8.90 -0.92
C CYS A 34 4.81 7.48 -0.77
N GLY A 35 4.53 6.64 -1.76
CA GLY A 35 5.02 5.27 -1.73
C GLY A 35 5.42 4.77 -3.11
N GLN A 36 4.45 4.21 -3.83
CA GLN A 36 4.70 3.68 -5.17
C GLN A 36 3.64 4.13 -6.18
N ASN A 37 3.87 3.81 -7.45
CA ASN A 37 2.94 4.16 -8.53
C ASN A 37 2.49 2.90 -9.27
N PRO A 38 1.22 2.51 -9.11
CA PRO A 38 0.66 1.31 -9.75
C PRO A 38 0.20 1.58 -11.18
N THR A 39 -0.63 0.68 -11.73
CA THR A 39 -1.16 0.82 -13.07
C THR A 39 -2.51 1.52 -13.06
N LEU A 40 -2.97 1.95 -14.25
CA LEU A 40 -4.25 2.63 -14.38
C LEU A 40 -5.38 1.78 -13.81
N ALA A 41 -5.24 0.45 -13.92
CA ALA A 41 -6.25 -0.47 -13.39
C ALA A 41 -6.38 -0.32 -11.87
N GLU A 42 -5.24 -0.10 -11.20
CA GLU A 42 -5.24 0.07 -9.74
C GLU A 42 -5.96 1.35 -9.33
N ILE A 43 -5.52 2.49 -9.89
CA ILE A 43 -6.15 3.79 -9.58
C ILE A 43 -7.65 3.76 -9.86
N THR A 44 -8.02 3.21 -11.03
CA THR A 44 -9.43 3.10 -11.40
C THR A 44 -10.18 2.22 -10.40
N GLU A 45 -9.53 1.12 -9.98
CA GLU A 45 -10.10 0.19 -9.01
C GLU A 45 -10.42 0.91 -7.71
N ILE A 46 -9.54 1.84 -7.32
CA ILE A 46 -9.74 2.62 -6.09
C ILE A 46 -10.97 3.51 -6.24
N GLU A 47 -11.05 4.23 -7.36
CA GLU A 47 -12.18 5.12 -7.65
C GLU A 47 -13.51 4.36 -7.63
N SER A 48 -13.46 3.04 -7.88
CA SER A 48 -14.67 2.20 -7.89
C SER A 48 -15.35 2.12 -6.50
N THR A 49 -14.71 2.68 -5.46
CA THR A 49 -15.27 2.64 -4.11
C THR A 49 -15.55 4.04 -3.58
N LEU A 50 -14.58 4.95 -3.75
CA LEU A 50 -14.76 6.33 -3.30
C LEU A 50 -15.44 7.16 -4.40
N PRO A 51 -16.09 8.29 -4.03
CA PRO A 51 -16.78 9.17 -4.97
C PRO A 51 -16.03 9.35 -6.30
N ALA A 52 -16.80 9.58 -7.38
CA ALA A 52 -16.24 9.76 -8.73
C ALA A 52 -14.86 10.44 -8.71
N GLU A 53 -14.82 11.67 -8.19
CA GLU A 53 -13.57 12.43 -8.11
C GLU A 53 -12.89 12.20 -6.77
N VAL A 54 -11.60 11.87 -6.81
CA VAL A 54 -10.84 11.62 -5.59
C VAL A 54 -10.24 12.92 -5.04
N ASP A 55 -11.02 13.63 -4.24
CA ASP A 55 -10.58 14.88 -3.63
C ASP A 55 -9.75 14.61 -2.37
N MET A 56 -9.29 15.68 -1.72
CA MET A 56 -8.48 15.58 -0.50
C MET A 56 -9.01 14.50 0.45
N GLU A 57 -10.33 14.50 0.67
CA GLU A 57 -10.97 13.53 1.56
C GLU A 57 -10.93 12.11 0.99
N GLN A 58 -11.36 11.98 -0.28
CA GLN A 58 -11.40 10.69 -0.96
C GLN A 58 -10.01 10.04 -1.00
N PHE A 59 -9.02 10.79 -1.48
CA PHE A 59 -7.64 10.31 -1.58
C PHE A 59 -7.11 9.90 -0.20
N LEU A 60 -7.28 10.78 0.78
CA LEU A 60 -6.83 10.50 2.15
C LEU A 60 -7.51 9.25 2.73
N GLN A 61 -8.79 9.07 2.39
CA GLN A 61 -9.56 7.91 2.87
C GLN A 61 -8.90 6.60 2.47
N VAL A 62 -8.59 6.45 1.18
CA VAL A 62 -7.94 5.23 0.68
C VAL A 62 -6.48 5.17 1.10
N LEU A 63 -5.80 6.32 1.09
CA LEU A 63 -4.38 6.41 1.47
C LEU A 63 -4.17 5.83 2.87
N ASN A 64 -4.96 6.32 3.83
CA ASN A 64 -4.87 5.86 5.21
C ASN A 64 -5.69 4.59 5.41
N ARG A 65 -5.31 3.53 4.68
CA ARG A 65 -6.00 2.24 4.74
C ARG A 65 -6.00 1.68 6.17
N PRO A 66 -4.83 1.59 6.83
CA PRO A 66 -4.72 1.06 8.20
C PRO A 66 -5.08 2.09 9.29
N ASN A 67 -5.80 3.16 8.90
CA ASN A 67 -6.23 4.21 9.83
C ASN A 67 -5.03 4.86 10.53
N GLY A 68 -4.61 6.03 10.03
CA GLY A 68 -3.50 6.74 10.62
C GLY A 68 -2.49 7.24 9.60
N PHE A 69 -1.48 7.96 10.07
CA PHE A 69 -0.43 8.50 9.20
C PHE A 69 0.83 7.63 9.26
N ASP A 70 1.29 7.34 10.47
CA ASP A 70 2.49 6.52 10.66
C ASP A 70 2.11 5.03 10.72
N MET A 71 1.53 4.55 9.62
CA MET A 71 1.11 3.15 9.52
C MET A 71 1.04 2.70 8.05
N PRO A 72 0.23 3.40 7.19
CA PRO A 72 0.10 3.05 5.77
C PRO A 72 1.45 2.91 5.07
N GLY A 73 2.35 3.85 5.34
CA GLY A 73 3.67 3.82 4.74
C GLY A 73 4.39 5.16 4.82
N ASP A 74 4.99 5.43 5.98
CA ASP A 74 5.71 6.69 6.19
C ASP A 74 7.11 6.63 5.58
N PRO A 75 7.43 7.58 4.67
CA PRO A 75 8.74 7.64 4.02
C PRO A 75 9.88 7.82 5.02
N GLU A 76 9.65 8.68 6.02
CA GLU A 76 10.66 8.94 7.05
C GLU A 76 10.87 7.71 7.94
N GLU A 77 9.84 6.87 8.07
CA GLU A 77 9.92 5.65 8.88
C GLU A 77 10.88 4.64 8.24
N PHE A 78 10.68 4.37 6.94
CA PHE A 78 11.53 3.44 6.21
C PHE A 78 12.98 3.94 6.17
N VAL A 79 13.16 5.25 5.98
CA VAL A 79 14.48 5.86 5.95
C VAL A 79 15.19 5.68 7.29
N LYS A 80 14.44 5.81 8.38
CA LYS A 80 15.00 5.65 9.73
C LYS A 80 15.54 4.24 9.96
N GLY A 81 14.82 3.23 9.45
CA GLY A 81 15.24 1.85 9.59
C GLY A 81 16.58 1.58 8.92
N PHE A 82 16.73 2.04 7.68
CA PHE A 82 17.97 1.85 6.94
C PHE A 82 19.07 2.79 7.45
N GLN A 83 18.67 4.02 7.82
CA GLN A 83 19.61 5.02 8.33
C GLN A 83 19.94 4.75 9.80
N VAL A 84 20.73 3.70 10.05
CA VAL A 84 21.14 3.33 11.40
C VAL A 84 22.65 3.14 11.47
N PHE A 85 23.17 2.16 10.71
CA PHE A 85 24.60 1.88 10.68
C PHE A 85 25.20 2.18 9.30
N ASP A 86 24.54 3.07 8.55
CA ASP A 86 25.03 3.45 7.21
C ASP A 86 25.07 4.97 7.06
N LYS A 87 26.05 5.60 7.71
CA LYS A 87 26.22 7.04 7.64
C LYS A 87 26.67 7.47 6.24
N ASP A 88 27.62 6.73 5.68
CA ASP A 88 28.13 7.03 4.35
C ASP A 88 27.31 6.31 3.28
N ALA A 89 27.33 4.97 3.30
CA ALA A 89 26.60 4.15 2.34
C ALA A 89 27.13 4.34 0.92
N THR A 90 26.65 5.38 0.23
CA THR A 90 27.07 5.69 -1.15
C THR A 90 26.56 4.64 -2.13
N GLY A 91 27.18 3.46 -2.13
CA GLY A 91 26.78 2.39 -3.04
C GLY A 91 27.02 1.01 -2.47
N MET A 92 26.38 0.72 -1.33
CA MET A 92 26.52 -0.59 -0.67
C MET A 92 25.60 -0.68 0.54
N ILE A 93 24.86 -1.78 0.63
CA ILE A 93 23.93 -1.99 1.75
C ILE A 93 24.51 -2.99 2.75
N GLY A 94 24.21 -2.77 4.03
CA GLY A 94 24.70 -3.65 5.08
C GLY A 94 23.57 -4.47 5.68
N VAL A 95 23.23 -5.59 5.01
CA VAL A 95 22.14 -6.48 5.47
C VAL A 95 22.09 -6.61 7.00
N GLY A 96 23.26 -6.69 7.65
CA GLY A 96 23.31 -6.81 9.10
C GLY A 96 22.43 -5.79 9.80
N GLU A 97 22.46 -4.54 9.32
CA GLU A 97 21.63 -3.47 9.89
C GLU A 97 20.21 -3.52 9.36
N LEU A 98 20.04 -3.87 8.07
CA LEU A 98 18.71 -3.95 7.46
C LEU A 98 17.87 -5.01 8.17
N ARG A 99 18.49 -6.13 8.54
CA ARG A 99 17.80 -7.20 9.25
C ARG A 99 17.57 -6.83 10.70
N TYR A 100 18.56 -6.18 11.32
CA TYR A 100 18.45 -5.76 12.73
C TYR A 100 17.22 -4.87 12.95
N VAL A 101 16.92 -4.02 11.96
CA VAL A 101 15.78 -3.10 12.03
C VAL A 101 14.47 -3.79 11.63
N LEU A 102 14.53 -4.65 10.62
CA LEU A 102 13.35 -5.35 10.12
C LEU A 102 12.96 -6.55 11.00
N THR A 103 13.95 -7.40 11.32
CA THR A 103 13.70 -8.60 12.14
C THR A 103 13.02 -8.24 13.47
N SER A 104 13.42 -7.12 14.07
CA SER A 104 12.85 -6.66 15.33
C SER A 104 11.33 -6.41 15.24
N LEU A 105 10.84 -6.12 14.02
CA LEU A 105 9.42 -5.86 13.81
C LEU A 105 8.58 -7.12 14.01
N GLY A 106 8.48 -7.96 12.96
CA GLY A 106 7.71 -9.18 13.05
C GLY A 106 8.45 -10.39 12.51
N GLU A 107 9.72 -10.53 12.92
CA GLU A 107 10.56 -11.65 12.49
C GLU A 107 10.77 -11.63 10.97
N LYS A 108 11.18 -10.46 10.46
CA LYS A 108 11.44 -10.30 9.03
C LYS A 108 12.67 -11.12 8.61
N LEU A 109 13.55 -10.54 7.77
CA LEU A 109 14.75 -11.25 7.32
C LEU A 109 15.74 -11.46 8.47
N SER A 110 15.42 -12.43 9.35
CA SER A 110 16.27 -12.74 10.50
C SER A 110 17.61 -13.36 10.08
N ASN A 111 18.38 -13.81 11.07
CA ASN A 111 19.69 -14.42 10.82
C ASN A 111 19.61 -15.53 9.77
N GLU A 112 18.58 -16.37 9.86
CA GLU A 112 18.40 -17.47 8.91
C GLU A 112 18.14 -16.95 7.49
N GLU A 113 17.22 -15.99 7.37
CA GLU A 113 16.89 -15.41 6.07
C GLU A 113 18.14 -14.81 5.41
N MET A 114 18.84 -13.94 6.14
CA MET A 114 20.05 -13.31 5.64
C MET A 114 21.17 -14.34 5.46
N ASP A 115 21.14 -15.42 6.26
CA ASP A 115 22.16 -16.48 6.17
C ASP A 115 22.20 -17.06 4.75
N GLU A 116 21.01 -17.36 4.22
CA GLU A 116 20.89 -17.92 2.87
C GLU A 116 21.27 -16.88 1.82
N LEU A 117 20.81 -15.63 2.03
CA LEU A 117 21.11 -14.53 1.11
C LEU A 117 22.62 -14.27 1.03
N LEU A 118 23.28 -14.28 2.19
CA LEU A 118 24.72 -14.05 2.26
C LEU A 118 25.51 -15.22 1.67
N LYS A 119 24.97 -16.43 1.83
CA LYS A 119 25.61 -17.64 1.30
C LYS A 119 25.70 -17.59 -0.23
N GLY A 120 24.64 -17.11 -0.87
CA GLY A 120 24.61 -17.02 -2.32
C GLY A 120 25.53 -15.94 -2.87
N VAL A 121 25.46 -14.73 -2.30
CA VAL A 121 26.30 -13.62 -2.74
C VAL A 121 27.68 -13.69 -2.10
N PRO A 122 28.76 -13.67 -2.93
CA PRO A 122 30.14 -13.72 -2.43
C PRO A 122 30.62 -12.35 -1.93
N VAL A 123 29.92 -11.82 -0.94
CA VAL A 123 30.25 -10.52 -0.35
C VAL A 123 30.27 -10.59 1.17
N LYS A 124 30.55 -9.45 1.81
CA LYS A 124 30.59 -9.38 3.27
C LYS A 124 29.54 -8.39 3.79
N ASP A 125 28.82 -8.79 4.84
CA ASP A 125 27.78 -7.96 5.44
C ASP A 125 26.58 -7.79 4.50
N GLY A 126 26.50 -8.61 3.45
CA GLY A 126 25.40 -8.53 2.50
C GLY A 126 25.38 -7.22 1.74
N MET A 127 26.48 -6.89 1.08
CA MET A 127 26.57 -5.65 0.31
C MET A 127 26.45 -5.91 -1.18
N VAL A 128 25.35 -5.43 -1.75
CA VAL A 128 25.06 -5.59 -3.18
C VAL A 128 24.39 -4.33 -3.76
N ASN A 129 24.66 -3.17 -3.13
CA ASN A 129 24.09 -1.90 -3.58
C ASN A 129 22.55 -1.93 -3.54
N TYR A 130 21.97 -2.85 -2.75
CA TYR A 130 20.52 -2.99 -2.66
C TYR A 130 19.92 -3.20 -4.06
N HIS A 131 18.59 -3.06 -4.17
CA HIS A 131 17.88 -3.22 -5.45
C HIS A 131 17.85 -4.69 -5.86
N ASP A 132 19.02 -5.31 -6.01
CA ASP A 132 19.14 -6.72 -6.40
C ASP A 132 18.28 -7.61 -5.50
N PHE A 133 18.27 -7.32 -4.20
CA PHE A 133 17.49 -8.09 -3.23
C PHE A 133 15.99 -7.90 -3.46
N VAL A 134 15.55 -6.64 -3.41
CA VAL A 134 14.14 -6.30 -3.61
C VAL A 134 13.66 -6.73 -5.00
N GLN A 135 14.56 -6.70 -5.98
CA GLN A 135 14.23 -7.10 -7.35
C GLN A 135 13.79 -8.55 -7.40
N MET A 136 14.64 -9.45 -6.88
CA MET A 136 14.33 -10.87 -6.84
C MET A 136 13.15 -11.17 -5.91
N ILE A 137 12.99 -10.35 -4.87
CA ILE A 137 11.91 -10.51 -3.91
C ILE A 137 10.55 -10.32 -4.59
N LEU A 138 10.41 -9.22 -5.33
CA LEU A 138 9.16 -8.91 -6.05
C LEU A 138 9.30 -9.18 -7.54
N ALA A 139 9.51 -10.46 -7.89
CA ALA A 139 9.66 -10.87 -9.28
C ALA A 139 9.13 -12.30 -9.49
N ASN A 140 7.97 -12.59 -8.88
CA ASN A 140 7.35 -13.91 -9.01
C ASN A 140 5.83 -13.82 -8.82
N SER A 1 -3.83 20.28 6.05
CA SER A 1 -4.44 21.40 6.83
C SER A 1 -3.40 22.24 7.55
N THR A 2 -2.59 21.59 8.38
CA THR A 2 -1.53 22.28 9.14
C THR A 2 -0.36 22.64 8.24
N ASP A 3 0.28 21.62 7.66
CA ASP A 3 1.41 21.82 6.77
C ASP A 3 1.80 20.50 6.09
N ASP A 4 0.83 19.88 5.43
CA ASP A 4 1.05 18.62 4.73
C ASP A 4 1.53 18.87 3.30
N SER A 5 2.84 19.04 3.15
CA SER A 5 3.45 19.28 1.84
C SER A 5 3.32 18.06 0.92
N PRO A 6 3.63 16.84 1.42
CA PRO A 6 3.56 15.61 0.61
C PRO A 6 2.12 15.13 0.34
N TYR A 7 1.16 15.57 1.16
CA TYR A 7 -0.24 15.15 0.99
C TYR A 7 -1.12 16.27 0.46
N LYS A 8 -1.25 17.34 1.23
CA LYS A 8 -2.10 18.49 0.86
C LYS A 8 -1.47 19.29 -0.29
N GLN A 9 -0.28 19.86 -0.06
CA GLN A 9 0.40 20.65 -1.07
C GLN A 9 0.62 19.83 -2.35
N ALA A 10 1.14 18.61 -2.19
CA ALA A 10 1.39 17.72 -3.32
C ALA A 10 0.10 17.43 -4.08
N PHE A 11 -1.00 17.22 -3.34
CA PHE A 11 -2.29 16.93 -3.96
C PHE A 11 -2.72 18.10 -4.86
N SER A 12 -2.56 19.32 -4.35
CA SER A 12 -2.92 20.53 -5.09
C SER A 12 -2.09 20.68 -6.37
N LEU A 13 -0.85 20.18 -6.36
CA LEU A 13 0.04 20.27 -7.51
C LEU A 13 -0.60 19.61 -8.75
N PHE A 14 -1.26 18.47 -8.55
CA PHE A 14 -1.88 17.74 -9.66
C PHE A 14 -3.38 18.04 -9.77
N ASP A 15 -3.78 19.27 -9.42
CA ASP A 15 -5.19 19.68 -9.50
C ASP A 15 -5.70 19.62 -10.94
N ARG A 16 -6.85 18.97 -11.14
CA ARG A 16 -7.43 18.84 -12.47
C ARG A 16 -7.90 20.20 -13.00
N HIS A 17 -8.76 20.86 -12.24
CA HIS A 17 -9.29 22.17 -12.62
C HIS A 17 -9.31 23.14 -11.43
N GLY A 18 -8.42 22.91 -10.45
CA GLY A 18 -8.36 23.76 -9.28
C GLY A 18 -9.62 23.67 -8.42
N THR A 19 -10.29 22.52 -8.47
CA THR A 19 -11.52 22.30 -7.70
C THR A 19 -11.21 21.58 -6.38
N GLY A 20 -10.12 20.80 -6.36
CA GLY A 20 -9.75 20.07 -5.17
C GLY A 20 -9.90 18.56 -5.33
N ARG A 21 -9.97 18.09 -6.58
CA ARG A 21 -10.12 16.66 -6.87
C ARG A 21 -9.08 16.21 -7.89
N ILE A 22 -8.83 14.90 -7.95
CA ILE A 22 -7.86 14.34 -8.89
C ILE A 22 -8.31 12.98 -9.43
N PRO A 23 -8.14 12.75 -10.76
CA PRO A 23 -8.53 11.50 -11.41
C PRO A 23 -7.44 10.42 -11.34
N LYS A 24 -7.80 9.19 -11.74
CA LYS A 24 -6.87 8.05 -11.73
C LYS A 24 -5.48 8.41 -12.29
N THR A 25 -5.45 9.30 -13.29
CA THR A 25 -4.18 9.72 -13.90
C THR A 25 -3.27 10.40 -12.87
N SER A 26 -3.84 11.33 -12.08
CA SER A 26 -3.07 12.05 -11.06
C SER A 26 -2.68 11.14 -9.90
N ILE A 27 -3.65 10.39 -9.35
CA ILE A 27 -3.37 9.48 -8.22
C ILE A 27 -2.17 8.57 -8.52
N GLY A 28 -2.02 8.16 -9.78
CA GLY A 28 -0.91 7.29 -10.15
C GLY A 28 0.44 7.88 -9.75
N ASP A 29 0.82 8.99 -10.40
CA ASP A 29 2.09 9.66 -10.10
C ASP A 29 2.11 10.22 -8.67
N LEU A 30 0.92 10.55 -8.14
CA LEU A 30 0.80 11.08 -6.78
C LEU A 30 1.29 10.05 -5.76
N LEU A 31 0.81 8.81 -5.91
CA LEU A 31 1.21 7.72 -5.02
C LEU A 31 2.71 7.45 -5.13
N ARG A 32 3.27 7.67 -6.32
CA ARG A 32 4.70 7.46 -6.57
C ARG A 32 5.54 8.27 -5.58
N ALA A 33 5.11 9.51 -5.30
CA ALA A 33 5.81 10.39 -4.37
C ALA A 33 5.75 9.86 -2.93
N CYS A 34 4.66 9.16 -2.61
CA CYS A 34 4.47 8.59 -1.27
C CYS A 34 4.65 7.06 -1.31
N GLY A 35 5.63 6.61 -2.10
CA GLY A 35 5.90 5.19 -2.22
C GLY A 35 6.19 4.77 -3.65
N GLN A 36 5.19 4.16 -4.29
CA GLN A 36 5.33 3.69 -5.67
C GLN A 36 4.14 4.11 -6.54
N ASN A 37 4.26 3.89 -7.85
CA ASN A 37 3.20 4.21 -8.79
C ASN A 37 2.72 2.96 -9.52
N PRO A 38 1.46 2.56 -9.30
CA PRO A 38 0.88 1.36 -9.94
C PRO A 38 0.38 1.65 -11.36
N THR A 39 -0.47 0.77 -11.88
CA THR A 39 -1.03 0.93 -13.23
C THR A 39 -2.39 1.62 -13.16
N LEU A 40 -2.88 2.07 -14.33
CA LEU A 40 -4.18 2.74 -14.41
C LEU A 40 -5.29 1.85 -13.85
N ALA A 41 -5.16 0.53 -14.04
CA ALA A 41 -6.15 -0.41 -13.53
C ALA A 41 -6.27 -0.29 -12.01
N GLU A 42 -5.14 -0.03 -11.34
CA GLU A 42 -5.12 0.12 -9.89
C GLU A 42 -5.89 1.37 -9.46
N ILE A 43 -5.51 2.53 -10.01
CA ILE A 43 -6.18 3.80 -9.69
C ILE A 43 -7.68 3.72 -9.99
N THR A 44 -8.01 3.26 -11.21
CA THR A 44 -9.40 3.12 -11.62
C THR A 44 -10.17 2.23 -10.63
N GLU A 45 -9.53 1.14 -10.18
CA GLU A 45 -10.13 0.21 -9.22
C GLU A 45 -10.48 0.95 -7.92
N ILE A 46 -9.57 1.81 -7.46
CA ILE A 46 -9.81 2.59 -6.24
C ILE A 46 -11.02 3.51 -6.44
N GLU A 47 -11.11 4.12 -7.63
CA GLU A 47 -12.23 4.99 -7.96
C GLU A 47 -13.56 4.25 -7.82
N SER A 48 -13.55 2.96 -8.17
CA SER A 48 -14.74 2.10 -8.07
C SER A 48 -15.19 1.88 -6.61
N THR A 49 -14.44 2.45 -5.64
CA THR A 49 -14.76 2.30 -4.22
C THR A 49 -15.06 3.66 -3.59
N LEU A 50 -14.29 4.69 -3.96
CA LEU A 50 -14.48 6.04 -3.44
C LEU A 50 -15.19 6.91 -4.47
N PRO A 51 -15.87 7.99 -4.04
CA PRO A 51 -16.60 8.91 -4.93
C PRO A 51 -15.83 9.20 -6.23
N ALA A 52 -16.60 9.33 -7.33
CA ALA A 52 -16.05 9.62 -8.67
C ALA A 52 -14.66 10.27 -8.64
N GLU A 53 -14.60 11.51 -8.17
CA GLU A 53 -13.33 12.24 -8.09
C GLU A 53 -12.68 12.03 -6.73
N VAL A 54 -11.40 11.65 -6.73
CA VAL A 54 -10.66 11.41 -5.49
C VAL A 54 -10.05 12.71 -4.96
N ASP A 55 -10.82 13.44 -4.16
CA ASP A 55 -10.36 14.69 -3.58
C ASP A 55 -9.62 14.42 -2.27
N MET A 56 -9.14 15.49 -1.62
CA MET A 56 -8.42 15.38 -0.35
C MET A 56 -9.06 14.35 0.58
N GLU A 57 -10.39 14.43 0.73
CA GLU A 57 -11.14 13.52 1.60
C GLU A 57 -11.08 12.08 1.10
N GLN A 58 -11.46 11.86 -0.17
CA GLN A 58 -11.47 10.53 -0.77
C GLN A 58 -10.09 9.87 -0.69
N PHE A 59 -9.06 10.56 -1.18
CA PHE A 59 -7.70 10.04 -1.17
C PHE A 59 -7.24 9.75 0.26
N LEU A 60 -7.43 10.72 1.16
CA LEU A 60 -7.04 10.55 2.56
C LEU A 60 -7.83 9.41 3.22
N GLN A 61 -9.05 9.16 2.72
CA GLN A 61 -9.90 8.09 3.25
C GLN A 61 -9.28 6.72 3.02
N VAL A 62 -8.74 6.52 1.81
CA VAL A 62 -8.10 5.24 1.46
C VAL A 62 -6.68 5.18 2.01
N LEU A 63 -5.97 6.30 1.96
CA LEU A 63 -4.60 6.38 2.46
C LEU A 63 -4.54 6.25 3.98
N ASN A 64 -5.54 6.83 4.65
CA ASN A 64 -5.62 6.79 6.11
C ASN A 64 -6.88 6.05 6.57
N ARG A 65 -7.24 4.99 5.84
CA ARG A 65 -8.43 4.21 6.16
C ARG A 65 -8.33 3.58 7.56
N PRO A 66 -7.22 2.86 7.86
CA PRO A 66 -7.02 2.22 9.16
C PRO A 66 -6.41 3.17 10.23
N ASN A 67 -6.51 4.48 9.99
CA ASN A 67 -5.98 5.48 10.92
C ASN A 67 -4.49 5.26 11.21
N GLY A 68 -3.64 5.69 10.29
CA GLY A 68 -2.20 5.52 10.47
C GLY A 68 -1.48 5.16 9.18
N PHE A 69 -0.20 4.80 9.31
CA PHE A 69 0.62 4.42 8.15
C PHE A 69 1.05 2.96 8.24
N ASP A 70 1.61 2.44 7.15
CA ASP A 70 2.07 1.05 7.09
C ASP A 70 0.93 0.07 7.42
N MET A 71 -0.07 0.02 6.54
CA MET A 71 -1.23 -0.85 6.70
C MET A 71 -2.31 -0.55 5.65
N PRO A 72 -2.70 0.73 5.47
CA PRO A 72 -3.73 1.14 4.50
C PRO A 72 -3.60 0.44 3.15
N GLY A 73 -2.41 0.54 2.53
CA GLY A 73 -2.18 -0.09 1.25
C GLY A 73 -0.73 -0.44 1.02
N ASP A 74 -0.15 -1.16 1.99
CA ASP A 74 1.26 -1.57 1.89
C ASP A 74 1.44 -2.80 1.02
N PRO A 75 2.57 -2.90 0.29
CA PRO A 75 2.86 -4.05 -0.59
C PRO A 75 2.90 -5.37 0.18
N GLU A 76 3.57 -5.35 1.34
CA GLU A 76 3.68 -6.55 2.17
C GLU A 76 2.32 -6.95 2.76
N GLU A 77 1.42 -5.97 2.91
CA GLU A 77 0.08 -6.22 3.45
C GLU A 77 -0.75 -7.06 2.48
N PHE A 78 -0.77 -6.66 1.21
CA PHE A 78 -1.52 -7.38 0.18
C PHE A 78 -0.89 -8.74 -0.10
N VAL A 79 0.44 -8.81 -0.09
CA VAL A 79 1.15 -10.06 -0.35
C VAL A 79 0.85 -11.10 0.73
N LYS A 80 0.96 -10.69 1.99
CA LYS A 80 0.69 -11.59 3.12
C LYS A 80 -0.77 -12.04 3.15
N GLY A 81 -1.68 -11.18 2.69
CA GLY A 81 -3.09 -11.53 2.68
C GLY A 81 -3.42 -12.68 1.76
N PHE A 82 -2.97 -12.58 0.51
CA PHE A 82 -3.21 -13.63 -0.48
C PHE A 82 -2.27 -14.82 -0.25
N GLN A 83 -1.04 -14.54 0.16
CA GLN A 83 -0.05 -15.58 0.43
C GLN A 83 -0.30 -16.23 1.79
N VAL A 84 -1.34 -17.05 1.86
CA VAL A 84 -1.70 -17.75 3.09
C VAL A 84 -1.91 -19.24 2.80
N PHE A 85 -2.89 -19.55 1.95
CA PHE A 85 -3.19 -20.92 1.58
C PHE A 85 -2.85 -21.17 0.11
N ASP A 86 -1.69 -20.66 -0.32
CA ASP A 86 -1.22 -20.81 -1.69
C ASP A 86 0.22 -21.32 -1.72
N LYS A 87 0.40 -22.61 -1.44
CA LYS A 87 1.72 -23.23 -1.44
C LYS A 87 2.38 -23.14 -2.82
N ASP A 88 1.66 -23.57 -3.85
CA ASP A 88 2.17 -23.54 -5.22
C ASP A 88 1.56 -22.39 -6.02
N ALA A 89 0.23 -22.27 -5.97
CA ALA A 89 -0.50 -21.21 -6.68
C ALA A 89 -0.20 -21.27 -8.19
N THR A 90 -0.43 -22.44 -8.78
CA THR A 90 -0.19 -22.64 -10.21
C THR A 90 -1.28 -21.98 -11.06
N GLY A 91 -2.54 -22.22 -10.68
CA GLY A 91 -3.66 -21.65 -11.42
C GLY A 91 -4.99 -21.88 -10.73
N MET A 92 -5.11 -21.41 -9.48
CA MET A 92 -6.34 -21.56 -8.71
C MET A 92 -6.33 -20.67 -7.47
N ILE A 93 -7.52 -20.20 -7.09
CA ILE A 93 -7.66 -19.34 -5.92
C ILE A 93 -8.68 -19.92 -4.94
N GLY A 94 -8.42 -19.75 -3.65
CA GLY A 94 -9.32 -20.25 -2.62
C GLY A 94 -10.09 -19.15 -1.94
N VAL A 95 -11.16 -18.69 -2.59
CA VAL A 95 -12.00 -17.60 -2.05
C VAL A 95 -12.26 -17.77 -0.55
N GLY A 96 -12.47 -19.00 -0.09
CA GLY A 96 -12.70 -19.25 1.33
C GLY A 96 -11.62 -18.62 2.19
N GLU A 97 -10.35 -18.86 1.81
CA GLU A 97 -9.21 -18.30 2.53
C GLU A 97 -9.02 -16.82 2.17
N LEU A 98 -9.20 -16.49 0.87
CA LEU A 98 -9.06 -15.11 0.40
C LEU A 98 -10.05 -14.19 1.12
N ARG A 99 -11.27 -14.68 1.32
CA ARG A 99 -12.32 -13.93 2.00
C ARG A 99 -11.96 -13.71 3.47
N TYR A 100 -11.56 -14.80 4.15
CA TYR A 100 -11.17 -14.74 5.57
C TYR A 100 -10.12 -13.65 5.81
N VAL A 101 -9.18 -13.50 4.86
CA VAL A 101 -8.12 -12.50 4.97
C VAL A 101 -8.63 -11.09 4.72
N LEU A 102 -9.38 -10.90 3.64
CA LEU A 102 -9.92 -9.60 3.28
C LEU A 102 -11.01 -9.12 4.25
N THR A 103 -11.72 -10.07 4.86
CA THR A 103 -12.79 -9.74 5.82
C THR A 103 -12.22 -9.02 7.05
N SER A 104 -11.05 -9.46 7.50
CA SER A 104 -10.41 -8.86 8.69
C SER A 104 -9.87 -7.45 8.40
N LEU A 105 -9.82 -7.06 7.12
CA LEU A 105 -9.33 -5.73 6.76
C LEU A 105 -10.35 -4.65 7.14
N GLY A 106 -11.51 -4.69 6.47
CA GLY A 106 -12.56 -3.72 6.75
C GLY A 106 -13.91 -4.18 6.23
N GLU A 107 -14.27 -5.43 6.54
CA GLU A 107 -15.54 -6.02 6.10
C GLU A 107 -15.64 -6.05 4.57
N LYS A 108 -14.59 -6.59 3.92
CA LYS A 108 -14.55 -6.71 2.47
C LYS A 108 -15.58 -7.74 1.98
N LEU A 109 -15.21 -8.58 1.00
CA LEU A 109 -16.11 -9.61 0.48
C LEU A 109 -16.30 -10.72 1.53
N SER A 110 -17.12 -10.42 2.54
CA SER A 110 -17.39 -11.37 3.64
C SER A 110 -18.07 -12.65 3.14
N ASN A 111 -18.42 -13.53 4.08
CA ASN A 111 -19.07 -14.80 3.75
C ASN A 111 -20.31 -14.61 2.87
N GLU A 112 -21.05 -13.51 3.08
CA GLU A 112 -22.25 -13.23 2.31
C GLU A 112 -21.91 -12.95 0.84
N GLU A 113 -20.95 -12.06 0.61
CA GLU A 113 -20.52 -11.70 -0.75
C GLU A 113 -20.02 -12.93 -1.49
N MET A 114 -19.11 -13.67 -0.85
CA MET A 114 -18.55 -14.89 -1.45
C MET A 114 -19.63 -15.97 -1.59
N ASP A 115 -20.65 -15.93 -0.70
CA ASP A 115 -21.75 -16.90 -0.75
C ASP A 115 -22.44 -16.85 -2.10
N GLU A 116 -22.79 -15.64 -2.55
CA GLU A 116 -23.44 -15.44 -3.84
C GLU A 116 -22.51 -15.82 -4.99
N LEU A 117 -21.24 -15.41 -4.87
CA LEU A 117 -20.24 -15.72 -5.89
C LEU A 117 -20.06 -17.24 -6.06
N LEU A 118 -20.03 -17.95 -4.93
CA LEU A 118 -19.87 -19.40 -4.93
C LEU A 118 -21.13 -20.08 -5.47
N LYS A 119 -22.29 -19.48 -5.19
CA LYS A 119 -23.57 -20.03 -5.65
C LYS A 119 -23.62 -20.10 -7.18
N GLY A 120 -23.10 -19.06 -7.83
CA GLY A 120 -23.09 -19.02 -9.29
C GLY A 120 -22.09 -19.98 -9.90
N VAL A 121 -20.86 -20.00 -9.38
CA VAL A 121 -19.81 -20.88 -9.89
C VAL A 121 -19.87 -22.24 -9.20
N PRO A 122 -20.11 -23.33 -9.97
CA PRO A 122 -20.19 -24.69 -9.41
C PRO A 122 -18.80 -25.26 -9.06
N VAL A 123 -18.14 -24.62 -8.09
CA VAL A 123 -16.82 -25.04 -7.64
C VAL A 123 -16.76 -25.15 -6.11
N LYS A 124 -15.58 -25.49 -5.59
CA LYS A 124 -15.38 -25.63 -4.15
C LYS A 124 -14.33 -24.64 -3.65
N ASP A 125 -14.62 -23.98 -2.53
CA ASP A 125 -13.73 -22.98 -1.93
C ASP A 125 -13.55 -21.77 -2.85
N GLY A 126 -14.47 -21.59 -3.81
CA GLY A 126 -14.39 -20.46 -4.73
C GLY A 126 -13.12 -20.45 -5.56
N MET A 127 -12.95 -21.47 -6.41
CA MET A 127 -11.77 -21.56 -7.26
C MET A 127 -12.13 -21.36 -8.72
N VAL A 128 -11.58 -20.28 -9.29
CA VAL A 128 -11.82 -19.95 -10.70
C VAL A 128 -10.55 -19.39 -11.35
N ASN A 129 -9.38 -19.79 -10.83
CA ASN A 129 -8.08 -19.35 -11.36
C ASN A 129 -7.92 -17.83 -11.25
N TYR A 130 -8.60 -17.21 -10.28
CA TYR A 130 -8.53 -15.76 -10.07
C TYR A 130 -8.67 -14.98 -11.39
N HIS A 131 -9.64 -15.39 -12.21
CA HIS A 131 -9.89 -14.74 -13.50
C HIS A 131 -11.28 -14.14 -13.57
N ASP A 132 -12.30 -14.97 -13.34
CA ASP A 132 -13.69 -14.52 -13.39
C ASP A 132 -13.98 -13.42 -12.36
N PHE A 133 -13.34 -13.50 -11.20
CA PHE A 133 -13.52 -12.50 -10.15
C PHE A 133 -12.96 -11.15 -10.58
N VAL A 134 -11.68 -11.15 -10.97
CA VAL A 134 -11.02 -9.93 -11.43
C VAL A 134 -11.67 -9.39 -12.72
N GLN A 135 -12.16 -10.31 -13.56
CA GLN A 135 -12.82 -9.95 -14.81
C GLN A 135 -14.04 -9.07 -14.54
N MET A 136 -14.92 -9.55 -13.66
CA MET A 136 -16.12 -8.80 -13.30
C MET A 136 -15.78 -7.51 -12.56
N ILE A 137 -14.69 -7.55 -11.78
CA ILE A 137 -14.24 -6.38 -11.03
C ILE A 137 -13.76 -5.26 -11.97
N LEU A 138 -13.25 -5.63 -13.14
CA LEU A 138 -12.77 -4.67 -14.13
C LEU A 138 -13.81 -4.40 -15.23
N ALA A 139 -14.94 -5.12 -15.20
CA ALA A 139 -15.99 -4.95 -16.20
C ALA A 139 -17.28 -4.42 -15.57
N ASN A 140 -17.41 -3.11 -15.51
CA ASN A 140 -18.58 -2.46 -14.93
C ASN A 140 -18.81 -1.07 -15.53
N SER A 1 -1.87 18.34 12.49
CA SER A 1 -1.28 19.25 11.47
C SER A 1 -2.31 19.68 10.44
N THR A 2 -2.19 20.92 9.96
CA THR A 2 -3.11 21.46 8.97
C THR A 2 -2.35 22.02 7.75
N ASP A 3 -1.22 21.40 7.42
CA ASP A 3 -0.42 21.82 6.28
C ASP A 3 -0.20 20.66 5.31
N ASP A 4 0.66 19.71 5.71
CA ASP A 4 0.96 18.53 4.89
C ASP A 4 1.43 18.94 3.50
N SER A 5 2.72 19.28 3.41
CA SER A 5 3.31 19.70 2.14
C SER A 5 3.32 18.57 1.09
N PRO A 6 3.76 17.35 1.48
CA PRO A 6 3.81 16.21 0.55
C PRO A 6 2.47 15.50 0.33
N TYR A 7 1.48 15.79 1.20
CA TYR A 7 0.16 15.15 1.08
C TYR A 7 -0.89 16.13 0.55
N LYS A 8 -1.20 17.17 1.34
CA LYS A 8 -2.20 18.16 0.96
C LYS A 8 -1.68 19.09 -0.14
N GLN A 9 -0.58 19.78 0.14
CA GLN A 9 0.02 20.71 -0.83
C GLN A 9 0.35 19.98 -2.13
N ALA A 10 1.02 18.83 -2.01
CA ALA A 10 1.38 18.02 -3.18
C ALA A 10 0.14 17.61 -3.96
N PHE A 11 -0.92 17.22 -3.23
CA PHE A 11 -2.17 16.81 -3.85
C PHE A 11 -2.68 17.88 -4.81
N SER A 12 -2.64 19.15 -4.37
CA SER A 12 -3.07 20.27 -5.20
C SER A 12 -2.20 20.40 -6.46
N LEU A 13 -0.90 20.13 -6.32
CA LEU A 13 0.02 20.21 -7.46
C LEU A 13 -0.35 19.19 -8.55
N PHE A 14 -0.99 18.09 -8.16
CA PHE A 14 -1.38 17.05 -9.12
C PHE A 14 -2.83 17.25 -9.62
N ASP A 15 -3.38 18.45 -9.46
CA ASP A 15 -4.74 18.74 -9.92
C ASP A 15 -4.70 19.33 -11.33
N ARG A 16 -4.96 18.48 -12.33
CA ARG A 16 -4.95 18.90 -13.73
C ARG A 16 -6.00 19.98 -14.00
N HIS A 17 -7.16 19.89 -13.33
CA HIS A 17 -8.23 20.86 -13.50
C HIS A 17 -8.04 22.07 -12.57
N GLY A 18 -7.40 21.86 -11.42
CA GLY A 18 -7.17 22.93 -10.48
C GLY A 18 -8.43 23.33 -9.75
N THR A 19 -9.21 22.34 -9.32
CA THR A 19 -10.46 22.58 -8.60
C THR A 19 -10.43 22.00 -7.19
N GLY A 20 -9.78 20.84 -7.03
CA GLY A 20 -9.69 20.20 -5.74
C GLY A 20 -9.80 18.67 -5.79
N ARG A 21 -10.20 18.14 -6.95
CA ARG A 21 -10.34 16.69 -7.12
C ARG A 21 -9.38 16.17 -8.20
N ILE A 22 -8.92 14.93 -8.03
CA ILE A 22 -7.99 14.32 -8.97
C ILE A 22 -8.48 12.95 -9.46
N PRO A 23 -8.29 12.65 -10.76
CA PRO A 23 -8.69 11.38 -11.36
C PRO A 23 -7.59 10.32 -11.28
N LYS A 24 -7.92 9.09 -11.69
CA LYS A 24 -6.97 7.96 -11.67
C LYS A 24 -5.58 8.33 -12.22
N THR A 25 -5.54 9.20 -13.23
CA THR A 25 -4.28 9.63 -13.83
C THR A 25 -3.38 10.31 -12.81
N SER A 26 -3.95 11.22 -12.02
CA SER A 26 -3.18 11.94 -11.00
C SER A 26 -2.80 11.04 -9.82
N ILE A 27 -3.78 10.31 -9.27
CA ILE A 27 -3.52 9.42 -8.12
C ILE A 27 -2.34 8.49 -8.39
N GLY A 28 -2.19 8.04 -9.64
CA GLY A 28 -1.10 7.14 -9.99
C GLY A 28 0.26 7.70 -9.60
N ASP A 29 0.73 8.72 -10.32
CA ASP A 29 2.02 9.34 -10.04
C ASP A 29 2.03 10.05 -8.68
N LEU A 30 0.83 10.39 -8.16
CA LEU A 30 0.72 11.05 -6.85
C LEU A 30 1.18 10.10 -5.74
N LEU A 31 0.68 8.86 -5.79
CA LEU A 31 1.04 7.85 -4.80
C LEU A 31 2.55 7.56 -4.86
N ARG A 32 3.14 7.69 -6.05
CA ARG A 32 4.57 7.46 -6.24
C ARG A 32 5.39 8.32 -5.28
N ALA A 33 4.97 9.58 -5.10
CA ALA A 33 5.66 10.52 -4.20
C ALA A 33 5.64 10.02 -2.75
N CYS A 34 4.56 9.34 -2.37
CA CYS A 34 4.42 8.80 -1.01
C CYS A 34 4.44 7.28 -1.03
N GLY A 35 5.36 6.70 -1.81
CA GLY A 35 5.48 5.26 -1.90
C GLY A 35 5.82 4.79 -3.31
N GLN A 36 4.83 4.22 -4.00
CA GLN A 36 5.03 3.71 -5.36
C GLN A 36 3.94 4.19 -6.31
N ASN A 37 4.15 3.95 -7.61
CA ASN A 37 3.18 4.32 -8.64
C ASN A 37 2.69 3.08 -9.39
N PRO A 38 1.40 2.74 -9.22
CA PRO A 38 0.80 1.56 -9.86
C PRO A 38 0.32 1.85 -11.29
N THR A 39 -0.55 0.98 -11.81
CA THR A 39 -1.10 1.14 -13.15
C THR A 39 -2.48 1.79 -13.11
N LEU A 40 -2.94 2.25 -14.27
CA LEU A 40 -4.26 2.90 -14.39
C LEU A 40 -5.36 1.99 -13.85
N ALA A 41 -5.23 0.68 -14.08
CA ALA A 41 -6.22 -0.29 -13.59
C ALA A 41 -6.30 -0.23 -12.06
N GLU A 42 -5.15 -0.01 -11.41
CA GLU A 42 -5.09 0.08 -9.95
C GLU A 42 -5.86 1.31 -9.44
N ILE A 43 -5.55 2.48 -10.00
CA ILE A 43 -6.22 3.72 -9.61
C ILE A 43 -7.73 3.64 -9.88
N THR A 44 -8.09 3.16 -11.07
CA THR A 44 -9.51 3.01 -11.45
C THR A 44 -10.25 2.16 -10.41
N GLU A 45 -9.60 1.08 -9.95
CA GLU A 45 -10.19 0.19 -8.94
C GLU A 45 -10.49 0.95 -7.66
N ILE A 46 -9.57 1.82 -7.25
CA ILE A 46 -9.76 2.63 -6.05
C ILE A 46 -10.97 3.54 -6.21
N GLU A 47 -11.02 4.25 -7.35
CA GLU A 47 -12.14 5.14 -7.66
C GLU A 47 -13.48 4.39 -7.66
N SER A 48 -13.46 3.08 -7.93
CA SER A 48 -14.66 2.25 -7.96
C SER A 48 -15.37 2.17 -6.60
N THR A 49 -14.73 2.65 -5.53
CA THR A 49 -15.33 2.62 -4.19
C THR A 49 -15.53 4.02 -3.63
N LEU A 50 -14.61 4.94 -3.95
CA LEU A 50 -14.72 6.33 -3.47
C LEU A 50 -15.40 7.19 -4.53
N PRO A 51 -16.10 8.27 -4.10
CA PRO A 51 -16.80 9.19 -4.99
C PRO A 51 -16.05 9.45 -6.30
N ALA A 52 -16.81 9.55 -7.40
CA ALA A 52 -16.26 9.78 -8.75
C ALA A 52 -14.90 10.46 -8.74
N GLU A 53 -14.84 11.68 -8.19
CA GLU A 53 -13.60 12.43 -8.12
C GLU A 53 -12.91 12.20 -6.78
N VAL A 54 -11.61 11.85 -6.83
CA VAL A 54 -10.84 11.60 -5.62
C VAL A 54 -10.23 12.90 -5.07
N ASP A 55 -11.02 13.60 -4.25
CA ASP A 55 -10.57 14.85 -3.65
C ASP A 55 -9.77 14.58 -2.37
N MET A 56 -9.32 15.66 -1.72
CA MET A 56 -8.55 15.56 -0.47
C MET A 56 -9.11 14.48 0.47
N GLU A 57 -10.43 14.50 0.66
CA GLU A 57 -11.10 13.53 1.54
C GLU A 57 -11.03 12.11 0.98
N GLN A 58 -11.45 11.94 -0.27
CA GLN A 58 -11.45 10.61 -0.91
C GLN A 58 -10.06 10.00 -0.94
N PHE A 59 -9.07 10.76 -1.42
CA PHE A 59 -7.70 10.29 -1.50
C PHE A 59 -7.16 9.94 -0.11
N LEU A 60 -7.39 10.83 0.86
CA LEU A 60 -6.93 10.61 2.24
C LEU A 60 -7.55 9.33 2.83
N GLN A 61 -8.83 9.09 2.53
CA GLN A 61 -9.53 7.90 3.03
C GLN A 61 -8.80 6.63 2.62
N VAL A 62 -8.50 6.50 1.33
CA VAL A 62 -7.79 5.32 0.81
C VAL A 62 -6.31 5.38 1.19
N LEU A 63 -5.77 6.59 1.34
CA LEU A 63 -4.37 6.78 1.72
C LEU A 63 -4.08 6.15 3.07
N ASN A 64 -4.93 6.46 4.05
CA ASN A 64 -4.78 5.91 5.41
C ASN A 64 -5.64 4.67 5.61
N ARG A 65 -5.64 3.77 4.62
CA ARG A 65 -6.42 2.54 4.70
C ARG A 65 -5.98 1.67 5.88
N PRO A 66 -4.68 1.31 5.95
CA PRO A 66 -4.15 0.48 7.05
C PRO A 66 -3.79 1.30 8.30
N ASN A 67 -4.34 2.52 8.41
CA ASN A 67 -4.10 3.39 9.57
C ASN A 67 -2.61 3.71 9.74
N GLY A 68 -2.20 4.88 9.26
CA GLY A 68 -0.80 5.30 9.39
C GLY A 68 -0.08 5.41 8.06
N PHE A 69 1.18 5.86 8.12
CA PHE A 69 2.00 6.03 6.92
C PHE A 69 2.99 4.86 6.78
N ASP A 70 3.71 4.83 5.65
CA ASP A 70 4.68 3.77 5.38
C ASP A 70 4.04 2.40 5.56
N MET A 71 3.02 2.12 4.75
CA MET A 71 2.28 0.86 4.81
C MET A 71 1.22 0.79 3.69
N PRO A 72 0.36 1.84 3.57
CA PRO A 72 -0.70 1.87 2.55
C PRO A 72 -0.14 1.80 1.12
N GLY A 73 0.92 2.57 0.86
CA GLY A 73 1.54 2.61 -0.46
C GLY A 73 1.82 1.23 -1.01
N ASP A 74 2.90 0.60 -0.54
CA ASP A 74 3.28 -0.73 -0.98
C ASP A 74 2.47 -1.79 -0.23
N PRO A 75 1.56 -2.50 -0.92
CA PRO A 75 0.71 -3.53 -0.31
C PRO A 75 1.47 -4.83 0.00
N GLU A 76 1.94 -5.51 -1.05
CA GLU A 76 2.68 -6.76 -0.90
C GLU A 76 4.09 -6.53 -0.34
N GLU A 77 4.63 -5.34 -0.52
CA GLU A 77 5.98 -5.02 -0.02
C GLU A 77 5.99 -4.96 1.50
N PHE A 78 5.07 -4.18 2.07
CA PHE A 78 4.97 -4.03 3.52
C PHE A 78 4.56 -5.36 4.18
N VAL A 79 3.64 -6.09 3.54
CA VAL A 79 3.16 -7.36 4.07
C VAL A 79 4.30 -8.40 4.11
N LYS A 80 5.07 -8.50 3.04
CA LYS A 80 6.18 -9.45 2.96
C LYS A 80 7.28 -9.14 3.99
N GLY A 81 7.57 -7.85 4.17
CA GLY A 81 8.60 -7.45 5.12
C GLY A 81 8.25 -7.79 6.56
N PHE A 82 7.02 -7.50 6.95
CA PHE A 82 6.55 -7.79 8.30
C PHE A 82 6.26 -9.28 8.49
N GLN A 83 5.75 -9.92 7.43
CA GLN A 83 5.43 -11.35 7.48
C GLN A 83 6.69 -12.20 7.31
N VAL A 84 7.52 -12.22 8.34
CA VAL A 84 8.76 -13.00 8.33
C VAL A 84 9.00 -13.65 9.68
N PHE A 85 9.06 -12.83 10.74
CA PHE A 85 9.27 -13.31 12.09
C PHE A 85 8.19 -12.75 13.04
N ASP A 86 6.98 -12.56 12.52
CA ASP A 86 5.87 -12.02 13.30
C ASP A 86 4.57 -12.73 12.94
N LYS A 87 4.50 -14.03 13.25
CA LYS A 87 3.31 -14.83 12.96
C LYS A 87 2.10 -14.33 13.76
N ASP A 88 2.36 -13.80 14.97
CA ASP A 88 1.28 -13.29 15.81
C ASP A 88 0.92 -11.86 15.40
N ALA A 89 1.88 -10.94 15.50
CA ALA A 89 1.68 -9.54 15.14
C ALA A 89 0.81 -8.80 16.17
N THR A 90 -0.44 -9.22 16.29
CA THR A 90 -1.38 -8.59 17.25
C THR A 90 -0.95 -8.85 18.68
N GLY A 91 -0.21 -7.90 19.26
CA GLY A 91 0.27 -8.03 20.63
C GLY A 91 1.75 -7.79 20.78
N MET A 92 2.52 -8.03 19.70
CA MET A 92 3.97 -7.84 19.72
C MET A 92 4.51 -7.66 18.30
N ILE A 93 5.45 -6.73 18.15
CA ILE A 93 6.04 -6.44 16.85
C ILE A 93 7.54 -6.78 16.81
N GLY A 94 8.26 -6.47 17.89
CA GLY A 94 9.69 -6.75 17.95
C GLY A 94 10.47 -6.08 16.84
N VAL A 95 10.75 -4.78 17.02
CA VAL A 95 11.49 -3.98 16.03
C VAL A 95 12.70 -4.72 15.46
N GLY A 96 13.37 -5.54 16.29
CA GLY A 96 14.54 -6.29 15.84
C GLY A 96 14.31 -6.99 14.50
N GLU A 97 13.18 -7.69 14.40
CA GLU A 97 12.83 -8.42 13.17
C GLU A 97 12.36 -7.46 12.08
N LEU A 98 11.46 -6.53 12.43
CA LEU A 98 10.94 -5.55 11.48
C LEU A 98 12.07 -4.70 10.88
N ARG A 99 13.05 -4.35 11.71
CA ARG A 99 14.20 -3.56 11.28
C ARG A 99 15.07 -4.33 10.29
N TYR A 100 15.35 -5.59 10.63
CA TYR A 100 16.18 -6.46 9.77
C TYR A 100 15.63 -6.52 8.34
N VAL A 101 14.31 -6.61 8.20
CA VAL A 101 13.67 -6.69 6.88
C VAL A 101 13.62 -5.33 6.18
N LEU A 102 13.06 -4.33 6.87
CA LEU A 102 12.92 -2.98 6.31
C LEU A 102 14.27 -2.35 5.94
N THR A 103 15.29 -2.61 6.76
CA THR A 103 16.64 -2.06 6.51
C THR A 103 17.19 -2.55 5.16
N SER A 104 16.92 -3.83 4.84
CA SER A 104 17.37 -4.42 3.59
C SER A 104 16.61 -3.86 2.37
N LEU A 105 15.48 -3.20 2.62
CA LEU A 105 14.68 -2.63 1.54
C LEU A 105 15.29 -1.33 1.02
N GLY A 106 15.44 -0.35 1.91
CA GLY A 106 16.02 0.93 1.54
C GLY A 106 16.57 1.69 2.73
N GLU A 107 17.27 0.97 3.61
CA GLU A 107 17.86 1.57 4.82
C GLU A 107 16.80 2.28 5.66
N LYS A 108 15.71 1.57 5.97
CA LYS A 108 14.63 2.11 6.79
C LYS A 108 15.11 2.34 8.23
N LEU A 109 14.29 2.00 9.23
CA LEU A 109 14.67 2.17 10.64
C LEU A 109 15.78 1.19 11.00
N SER A 110 17.01 1.51 10.59
CA SER A 110 18.18 0.67 10.84
C SER A 110 18.52 0.56 12.33
N ASN A 111 19.67 -0.07 12.62
CA ASN A 111 20.14 -0.25 13.99
C ASN A 111 20.13 1.06 14.79
N GLU A 112 20.52 2.16 14.14
CA GLU A 112 20.55 3.47 14.80
C GLU A 112 19.15 3.93 15.21
N GLU A 113 18.21 3.86 14.27
CA GLU A 113 16.82 4.26 14.53
C GLU A 113 16.23 3.45 15.68
N MET A 114 16.32 2.11 15.56
CA MET A 114 15.81 1.22 16.59
C MET A 114 16.62 1.34 17.89
N ASP A 115 17.90 1.74 17.79
CA ASP A 115 18.75 1.91 18.97
C ASP A 115 18.14 2.91 19.93
N GLU A 116 17.74 4.06 19.40
CA GLU A 116 17.12 5.12 20.21
C GLU A 116 15.75 4.68 20.72
N LEU A 117 14.97 4.05 19.85
CA LEU A 117 13.64 3.56 20.21
C LEU A 117 13.72 2.52 21.34
N LEU A 118 14.72 1.65 21.26
CA LEU A 118 14.91 0.60 22.27
C LEU A 118 15.39 1.20 23.61
N LYS A 119 16.18 2.27 23.53
CA LYS A 119 16.68 2.94 24.74
C LYS A 119 15.53 3.52 25.56
N GLY A 120 14.52 4.07 24.87
CA GLY A 120 13.38 4.64 25.55
C GLY A 120 12.38 3.59 26.02
N VAL A 121 12.08 2.63 25.15
CA VAL A 121 11.14 1.56 25.49
C VAL A 121 11.81 0.48 26.34
N PRO A 122 11.17 0.09 27.46
CA PRO A 122 11.71 -0.94 28.36
C PRO A 122 11.50 -2.36 27.83
N VAL A 123 12.10 -2.66 26.68
CA VAL A 123 11.98 -3.97 26.06
C VAL A 123 13.35 -4.52 25.65
N LYS A 124 13.37 -5.75 25.13
CA LYS A 124 14.61 -6.40 24.71
C LYS A 124 14.51 -6.85 23.25
N ASP A 125 14.01 -5.95 22.40
CA ASP A 125 13.84 -6.21 20.96
C ASP A 125 13.11 -5.05 20.29
N GLY A 126 12.17 -4.45 21.02
CA GLY A 126 11.40 -3.34 20.48
C GLY A 126 9.95 -3.72 20.24
N MET A 127 9.33 -4.38 21.22
CA MET A 127 7.95 -4.80 21.11
C MET A 127 7.02 -3.91 21.91
N VAL A 128 6.09 -3.27 21.21
CA VAL A 128 5.13 -2.36 21.84
C VAL A 128 3.75 -2.49 21.16
N ASN A 129 3.43 -3.70 20.69
CA ASN A 129 2.15 -3.97 20.03
C ASN A 129 1.93 -3.05 18.81
N TYR A 130 3.04 -2.60 18.19
CA TYR A 130 2.96 -1.71 17.02
C TYR A 130 1.94 -0.59 17.22
N HIS A 131 1.98 0.05 18.40
CA HIS A 131 1.05 1.13 18.72
C HIS A 131 1.79 2.43 19.03
N ASP A 132 2.72 2.37 19.99
CA ASP A 132 3.50 3.55 20.39
C ASP A 132 4.30 4.12 19.22
N PHE A 133 4.75 3.25 18.32
CA PHE A 133 5.54 3.66 17.15
C PHE A 133 4.67 4.46 16.19
N VAL A 134 3.55 3.85 15.76
CA VAL A 134 2.63 4.49 14.83
C VAL A 134 2.00 5.75 15.45
N GLN A 135 1.79 5.73 16.77
CA GLN A 135 1.20 6.87 17.48
C GLN A 135 2.07 8.12 17.34
N MET A 136 3.36 7.98 17.65
CA MET A 136 4.30 9.09 17.56
C MET A 136 4.66 9.42 16.11
N ILE A 137 4.68 8.39 15.26
CA ILE A 137 5.01 8.56 13.84
C ILE A 137 4.03 9.50 13.14
N LEU A 138 2.74 9.39 13.47
CA LEU A 138 1.71 10.24 12.87
C LEU A 138 1.54 11.55 13.66
N ALA A 139 2.60 12.35 13.68
CA ALA A 139 2.58 13.62 14.40
C ALA A 139 3.58 14.62 13.77
N ASN A 140 3.25 15.10 12.57
CA ASN A 140 4.11 16.04 11.86
C ASN A 140 3.28 17.12 11.17
N SER A 1 6.28 16.52 8.82
CA SER A 1 5.38 17.45 8.09
C SER A 1 4.00 17.51 8.73
N THR A 2 3.63 18.69 9.22
CA THR A 2 2.32 18.89 9.85
C THR A 2 1.26 19.19 8.79
N ASP A 3 1.59 20.10 7.87
CA ASP A 3 0.68 20.47 6.79
C ASP A 3 0.56 19.36 5.73
N ASP A 4 1.51 18.41 5.74
CA ASP A 4 1.53 17.30 4.80
C ASP A 4 1.94 17.79 3.41
N SER A 5 3.24 17.93 3.22
CA SER A 5 3.81 18.38 1.95
C SER A 5 3.59 17.35 0.83
N PRO A 6 3.92 16.06 1.09
CA PRO A 6 3.77 15.00 0.09
C PRO A 6 2.33 14.49 -0.08
N TYR A 7 1.43 14.86 0.86
CA TYR A 7 0.04 14.41 0.80
C TYR A 7 -0.90 15.56 0.44
N LYS A 8 -1.00 16.56 1.32
CA LYS A 8 -1.88 17.71 1.11
C LYS A 8 -1.34 18.63 0.03
N GLN A 9 -0.12 19.15 0.25
CA GLN A 9 0.51 20.06 -0.72
C GLN A 9 0.66 19.39 -2.08
N ALA A 10 1.21 18.17 -2.08
CA ALA A 10 1.40 17.40 -3.31
C ALA A 10 0.07 17.20 -4.03
N PHE A 11 -0.99 16.90 -3.26
CA PHE A 11 -2.32 16.69 -3.83
C PHE A 11 -2.73 17.89 -4.70
N SER A 12 -2.50 19.10 -4.18
CA SER A 12 -2.83 20.33 -4.90
C SER A 12 -2.02 20.44 -6.20
N LEU A 13 -0.75 19.99 -6.17
CA LEU A 13 0.11 20.03 -7.35
C LEU A 13 -0.47 19.21 -8.50
N PHE A 14 -1.20 18.13 -8.17
CA PHE A 14 -1.82 17.27 -9.18
C PHE A 14 -3.26 17.69 -9.48
N ASP A 15 -3.58 18.97 -9.25
CA ASP A 15 -4.91 19.50 -9.49
C ASP A 15 -4.85 20.60 -10.55
N ARG A 16 -4.78 20.20 -11.83
CA ARG A 16 -4.70 21.13 -12.96
C ARG A 16 -6.02 21.89 -13.16
N HIS A 17 -7.12 21.39 -12.57
CA HIS A 17 -8.42 22.04 -12.70
C HIS A 17 -8.61 23.14 -11.67
N GLY A 18 -7.90 23.06 -10.54
CA GLY A 18 -8.03 24.05 -9.50
C GLY A 18 -9.34 23.95 -8.73
N THR A 19 -9.89 22.73 -8.67
CA THR A 19 -11.15 22.49 -7.97
C THR A 19 -10.92 21.78 -6.63
N GLY A 20 -9.90 20.93 -6.58
CA GLY A 20 -9.59 20.19 -5.37
C GLY A 20 -9.85 18.69 -5.50
N ARG A 21 -9.83 18.18 -6.73
CA ARG A 21 -10.06 16.77 -6.99
C ARG A 21 -8.98 16.20 -7.91
N ILE A 22 -8.81 14.88 -7.90
CA ILE A 22 -7.80 14.24 -8.73
C ILE A 22 -8.28 12.88 -9.26
N PRO A 23 -8.12 12.64 -10.59
CA PRO A 23 -8.52 11.39 -11.22
C PRO A 23 -7.43 10.31 -11.12
N LYS A 24 -7.76 9.09 -11.54
CA LYS A 24 -6.82 7.95 -11.51
C LYS A 24 -5.43 8.34 -12.02
N THR A 25 -5.38 9.19 -13.06
CA THR A 25 -4.10 9.63 -13.63
C THR A 25 -3.27 10.41 -12.60
N SER A 26 -3.92 11.34 -11.88
CA SER A 26 -3.24 12.15 -10.87
C SER A 26 -2.79 11.29 -9.68
N ILE A 27 -3.68 10.43 -9.18
CA ILE A 27 -3.34 9.55 -8.04
C ILE A 27 -2.13 8.67 -8.37
N GLY A 28 -2.03 8.24 -9.64
CA GLY A 28 -0.92 7.40 -10.06
C GLY A 28 0.43 8.03 -9.76
N ASP A 29 0.77 9.10 -10.50
CA ASP A 29 2.03 9.81 -10.30
C ASP A 29 2.15 10.37 -8.88
N LEU A 30 1.00 10.63 -8.24
CA LEU A 30 0.97 11.16 -6.87
C LEU A 30 1.64 10.16 -5.92
N LEU A 31 1.23 8.89 -6.03
CA LEU A 31 1.79 7.83 -5.20
C LEU A 31 3.29 7.67 -5.47
N ARG A 32 3.69 7.88 -6.73
CA ARG A 32 5.08 7.79 -7.15
C ARG A 32 5.97 8.77 -6.36
N ALA A 33 5.40 9.92 -5.99
CA ALA A 33 6.12 10.94 -5.23
C ALA A 33 6.80 10.38 -3.99
N CYS A 34 6.05 9.58 -3.22
CA CYS A 34 6.59 8.97 -2.00
C CYS A 34 7.71 7.97 -2.32
N GLY A 35 7.59 7.30 -3.46
CA GLY A 35 8.60 6.33 -3.87
C GLY A 35 8.22 5.61 -5.16
N GLN A 36 7.18 4.79 -5.10
CA GLN A 36 6.70 4.06 -6.26
C GLN A 36 5.19 4.20 -6.42
N ASN A 37 4.70 3.92 -7.64
CA ASN A 37 3.27 4.02 -7.93
C ASN A 37 2.77 2.77 -8.66
N PRO A 38 1.47 2.46 -8.52
CA PRO A 38 0.85 1.29 -9.16
C PRO A 38 0.44 1.58 -10.61
N THR A 39 -0.44 0.74 -11.15
CA THR A 39 -0.90 0.89 -12.53
C THR A 39 -2.27 1.59 -12.57
N LEU A 40 -2.68 2.00 -13.78
CA LEU A 40 -3.97 2.67 -13.98
C LEU A 40 -5.11 1.81 -13.44
N ALA A 41 -4.94 0.48 -13.53
CA ALA A 41 -5.95 -0.45 -13.03
C ALA A 41 -6.15 -0.25 -11.53
N GLU A 42 -5.04 -0.06 -10.80
CA GLU A 42 -5.09 0.16 -9.35
C GLU A 42 -5.86 1.43 -9.01
N ILE A 43 -5.48 2.56 -9.61
CA ILE A 43 -6.15 3.83 -9.34
C ILE A 43 -7.64 3.73 -9.70
N THR A 44 -7.93 3.19 -10.90
CA THR A 44 -9.31 3.01 -11.34
C THR A 44 -10.07 2.13 -10.33
N GLU A 45 -9.39 1.09 -9.84
CA GLU A 45 -9.98 0.18 -8.85
C GLU A 45 -10.43 0.96 -7.62
N ILE A 46 -9.63 1.95 -7.22
CA ILE A 46 -9.96 2.79 -6.07
C ILE A 46 -11.23 3.59 -6.36
N GLU A 47 -11.28 4.20 -7.55
CA GLU A 47 -12.46 4.96 -7.98
C GLU A 47 -13.73 4.11 -7.93
N SER A 48 -13.56 2.79 -8.06
CA SER A 48 -14.70 1.85 -8.03
C SER A 48 -15.43 1.85 -6.68
N THR A 49 -14.88 2.55 -5.67
CA THR A 49 -15.51 2.62 -4.35
C THR A 49 -15.90 4.06 -4.00
N LEU A 50 -14.99 5.00 -4.24
CA LEU A 50 -15.27 6.42 -3.97
C LEU A 50 -15.61 7.13 -5.27
N PRO A 51 -16.56 8.10 -5.22
CA PRO A 51 -16.99 8.87 -6.39
C PRO A 51 -15.85 9.21 -7.36
N ALA A 52 -16.20 9.34 -8.64
CA ALA A 52 -15.24 9.64 -9.71
C ALA A 52 -14.06 10.50 -9.25
N GLU A 53 -14.30 11.80 -9.04
CA GLU A 53 -13.23 12.71 -8.61
C GLU A 53 -12.83 12.47 -7.16
N VAL A 54 -11.57 12.09 -6.97
CA VAL A 54 -11.03 11.82 -5.64
C VAL A 54 -10.41 13.08 -5.03
N ASP A 55 -11.22 13.82 -4.27
CA ASP A 55 -10.76 15.04 -3.62
C ASP A 55 -10.01 14.72 -2.32
N MET A 56 -9.51 15.76 -1.65
CA MET A 56 -8.76 15.60 -0.39
C MET A 56 -9.44 14.58 0.53
N GLU A 57 -10.75 14.71 0.71
CA GLU A 57 -11.52 13.80 1.56
C GLU A 57 -11.57 12.38 1.00
N GLN A 58 -11.89 12.28 -0.29
CA GLN A 58 -11.97 10.98 -0.97
C GLN A 58 -10.66 10.21 -0.87
N PHE A 59 -9.56 10.87 -1.23
CA PHE A 59 -8.24 10.25 -1.19
C PHE A 59 -7.85 9.87 0.25
N LEU A 60 -8.02 10.81 1.18
CA LEU A 60 -7.70 10.56 2.59
C LEU A 60 -8.55 9.43 3.17
N GLN A 61 -9.80 9.33 2.71
CA GLN A 61 -10.73 8.30 3.18
C GLN A 61 -10.20 6.90 2.88
N VAL A 62 -9.84 6.65 1.62
CA VAL A 62 -9.31 5.34 1.21
C VAL A 62 -7.91 5.11 1.78
N LEU A 63 -7.10 6.18 1.81
CA LEU A 63 -5.74 6.09 2.33
C LEU A 63 -5.74 5.74 3.82
N ASN A 64 -6.54 6.45 4.60
CA ASN A 64 -6.64 6.22 6.04
C ASN A 64 -7.82 5.31 6.37
N ARG A 65 -7.85 4.15 5.72
CA ARG A 65 -8.93 3.16 5.93
C ARG A 65 -8.98 2.70 7.39
N PRO A 66 -7.83 2.23 7.95
CA PRO A 66 -7.76 1.76 9.33
C PRO A 66 -7.58 2.89 10.37
N ASN A 67 -7.90 4.14 9.96
CA ASN A 67 -7.80 5.30 10.84
C ASN A 67 -6.37 5.52 11.34
N GLY A 68 -5.65 6.43 10.68
CA GLY A 68 -4.28 6.73 11.07
C GLY A 68 -3.26 6.30 10.03
N PHE A 69 -1.99 6.63 10.27
CA PHE A 69 -0.90 6.29 9.35
C PHE A 69 -0.12 5.07 9.86
N ASP A 70 0.81 4.58 9.04
CA ASP A 70 1.63 3.41 9.39
C ASP A 70 0.72 2.22 9.74
N MET A 71 -0.07 1.80 8.76
CA MET A 71 -1.00 0.68 8.93
C MET A 71 -1.76 0.37 7.63
N PRO A 72 -2.40 1.39 7.00
CA PRO A 72 -3.15 1.21 5.75
C PRO A 72 -2.36 0.42 4.71
N GLY A 73 -1.09 0.79 4.51
CA GLY A 73 -0.24 0.11 3.55
C GLY A 73 0.72 1.07 2.86
N ASP A 74 1.80 1.41 3.57
CA ASP A 74 2.82 2.33 3.02
C ASP A 74 3.77 1.59 2.09
N PRO A 75 4.05 2.16 0.89
CA PRO A 75 4.96 1.55 -0.09
C PRO A 75 6.37 1.36 0.48
N GLU A 76 6.83 2.33 1.27
CA GLU A 76 8.16 2.26 1.89
C GLU A 76 8.25 1.10 2.87
N GLU A 77 7.14 0.81 3.56
CA GLU A 77 7.10 -0.29 4.53
C GLU A 77 7.31 -1.63 3.84
N PHE A 78 6.59 -1.84 2.74
CA PHE A 78 6.70 -3.09 1.96
C PHE A 78 8.09 -3.20 1.33
N VAL A 79 8.60 -2.08 0.80
CA VAL A 79 9.92 -2.06 0.18
C VAL A 79 11.02 -2.43 1.18
N LYS A 80 10.93 -1.87 2.38
CA LYS A 80 11.92 -2.14 3.45
C LYS A 80 11.95 -3.63 3.80
N GLY A 81 10.78 -4.24 3.90
CA GLY A 81 10.69 -5.66 4.23
C GLY A 81 11.35 -6.53 3.18
N PHE A 82 11.07 -6.25 1.90
CA PHE A 82 11.64 -7.02 0.80
C PHE A 82 13.15 -6.75 0.67
N GLN A 83 13.59 -5.54 1.05
CA GLN A 83 14.99 -5.16 0.98
C GLN A 83 15.82 -5.75 2.14
N VAL A 84 15.19 -6.54 3.02
CA VAL A 84 15.86 -7.16 4.16
C VAL A 84 17.14 -7.90 3.71
N PHE A 85 17.07 -8.57 2.56
CA PHE A 85 18.21 -9.30 2.02
C PHE A 85 18.29 -9.18 0.49
N ASP A 86 17.65 -8.15 -0.07
CA ASP A 86 17.63 -7.93 -1.51
C ASP A 86 17.91 -6.46 -1.83
N LYS A 87 19.03 -5.95 -1.31
CA LYS A 87 19.44 -4.56 -1.53
C LYS A 87 19.73 -4.30 -3.00
N ASP A 88 20.61 -5.11 -3.59
CA ASP A 88 20.97 -4.97 -5.00
C ASP A 88 19.94 -5.65 -5.89
N ALA A 89 19.79 -6.96 -5.75
CA ALA A 89 18.84 -7.74 -6.54
C ALA A 89 19.10 -7.58 -8.05
N THR A 90 20.19 -8.18 -8.52
CA THR A 90 20.56 -8.11 -9.94
C THR A 90 19.78 -9.14 -10.76
N GLY A 91 19.63 -10.35 -10.21
CA GLY A 91 18.89 -11.40 -10.90
C GLY A 91 18.40 -12.47 -9.95
N MET A 92 17.74 -12.06 -8.85
CA MET A 92 17.21 -13.01 -7.87
C MET A 92 16.44 -12.29 -6.77
N ILE A 93 15.29 -12.84 -6.39
CA ILE A 93 14.47 -12.27 -5.33
C ILE A 93 14.56 -13.09 -4.04
N GLY A 94 14.52 -14.42 -4.19
CA GLY A 94 14.61 -15.30 -3.03
C GLY A 94 13.37 -15.25 -2.15
N VAL A 95 12.31 -15.96 -2.57
CA VAL A 95 11.06 -16.00 -1.83
C VAL A 95 11.28 -16.19 -0.32
N GLY A 96 12.27 -17.01 0.04
CA GLY A 96 12.56 -17.28 1.45
C GLY A 96 12.59 -16.01 2.30
N GLU A 97 13.24 -14.96 1.80
CA GLU A 97 13.33 -13.69 2.54
C GLU A 97 12.05 -12.86 2.38
N LEU A 98 11.48 -12.86 1.17
CA LEU A 98 10.25 -12.11 0.90
C LEU A 98 9.09 -12.63 1.76
N ARG A 99 9.01 -13.95 1.91
CA ARG A 99 7.96 -14.57 2.71
C ARG A 99 8.24 -14.40 4.21
N TYR A 100 9.53 -14.46 4.59
CA TYR A 100 9.93 -14.31 5.99
C TYR A 100 9.45 -12.96 6.55
N VAL A 101 9.50 -11.91 5.72
CA VAL A 101 9.07 -10.58 6.14
C VAL A 101 7.55 -10.46 6.16
N LEU A 102 6.92 -10.98 5.11
CA LEU A 102 5.46 -10.93 4.97
C LEU A 102 4.75 -11.82 6.00
N THR A 103 5.36 -12.95 6.37
CA THR A 103 4.77 -13.86 7.35
C THR A 103 4.64 -13.19 8.72
N SER A 104 5.57 -12.28 9.03
CA SER A 104 5.56 -11.56 10.31
C SER A 104 4.36 -10.60 10.41
N LEU A 105 3.74 -10.27 9.28
CA LEU A 105 2.59 -9.37 9.26
C LEU A 105 1.36 -10.04 9.87
N GLY A 106 0.92 -11.14 9.24
CA GLY A 106 -0.23 -11.88 9.73
C GLY A 106 -0.40 -13.21 9.03
N GLU A 107 0.67 -14.02 9.02
CA GLU A 107 0.66 -15.33 8.39
C GLU A 107 0.37 -15.22 6.89
N LYS A 108 1.14 -14.36 6.21
CA LYS A 108 1.00 -14.14 4.78
C LYS A 108 1.43 -15.40 3.99
N LEU A 109 2.17 -15.21 2.88
CA LEU A 109 2.63 -16.35 2.09
C LEU A 109 3.72 -17.12 2.82
N SER A 110 3.32 -17.92 3.82
CA SER A 110 4.26 -18.71 4.62
C SER A 110 4.94 -19.80 3.80
N ASN A 111 5.74 -20.64 4.48
CA ASN A 111 6.47 -21.73 3.83
C ASN A 111 5.56 -22.60 2.95
N GLU A 112 4.30 -22.77 3.36
CA GLU A 112 3.35 -23.59 2.58
C GLU A 112 3.06 -22.95 1.23
N GLU A 113 2.68 -21.67 1.24
CA GLU A 113 2.37 -20.94 0.00
C GLU A 113 3.57 -20.99 -0.95
N MET A 114 4.74 -20.59 -0.46
CA MET A 114 5.95 -20.60 -1.26
C MET A 114 6.37 -22.03 -1.64
N ASP A 115 6.00 -23.02 -0.81
CA ASP A 115 6.33 -24.41 -1.09
C ASP A 115 5.76 -24.83 -2.44
N GLU A 116 4.48 -24.49 -2.67
CA GLU A 116 3.80 -24.81 -3.92
C GLU A 116 4.43 -24.01 -5.07
N LEU A 117 4.67 -22.72 -4.84
CA LEU A 117 5.28 -21.85 -5.85
C LEU A 117 6.67 -22.37 -6.23
N LEU A 118 7.42 -22.84 -5.23
CA LEU A 118 8.76 -23.38 -5.45
C LEU A 118 8.70 -24.69 -6.24
N LYS A 119 7.65 -25.47 -6.01
CA LYS A 119 7.47 -26.75 -6.71
C LYS A 119 7.33 -26.51 -8.22
N GLY A 120 6.63 -25.44 -8.59
CA GLY A 120 6.45 -25.10 -9.99
C GLY A 120 7.73 -24.62 -10.66
N VAL A 121 8.42 -23.67 -10.04
CA VAL A 121 9.66 -23.13 -10.59
C VAL A 121 10.87 -23.94 -10.12
N PRO A 122 11.63 -24.54 -11.06
CA PRO A 122 12.81 -25.35 -10.73
C PRO A 122 13.99 -24.52 -10.26
N VAL A 123 13.83 -23.85 -9.11
CA VAL A 123 14.87 -23.00 -8.55
C VAL A 123 15.08 -23.30 -7.05
N LYS A 124 15.98 -22.55 -6.41
CA LYS A 124 16.27 -22.75 -4.99
C LYS A 124 15.94 -21.47 -4.20
N ASP A 125 15.13 -21.62 -3.16
CA ASP A 125 14.71 -20.49 -2.32
C ASP A 125 13.67 -19.60 -3.01
N GLY A 126 13.28 -19.96 -4.24
CA GLY A 126 12.30 -19.18 -4.97
C GLY A 126 12.90 -17.97 -5.63
N MET A 127 14.00 -18.16 -6.35
CA MET A 127 14.69 -17.07 -7.02
C MET A 127 14.39 -17.08 -8.52
N VAL A 128 13.72 -16.02 -8.98
CA VAL A 128 13.35 -15.88 -10.38
C VAL A 128 13.49 -14.42 -10.85
N ASN A 129 14.39 -13.67 -10.20
CA ASN A 129 14.62 -12.26 -10.53
C ASN A 129 13.37 -11.40 -10.34
N TYR A 130 12.45 -11.87 -9.48
CA TYR A 130 11.21 -11.15 -9.20
C TYR A 130 10.50 -10.74 -10.49
N HIS A 131 10.40 -11.67 -11.43
CA HIS A 131 9.75 -11.41 -12.72
C HIS A 131 8.57 -12.34 -12.94
N ASP A 132 8.83 -13.65 -12.91
CA ASP A 132 7.79 -14.66 -13.12
C ASP A 132 6.62 -14.49 -12.16
N PHE A 133 6.91 -14.08 -10.92
CA PHE A 133 5.87 -13.87 -9.91
C PHE A 133 4.98 -12.69 -10.27
N VAL A 134 5.58 -11.50 -10.40
CA VAL A 134 4.85 -10.29 -10.75
C VAL A 134 4.21 -10.40 -12.14
N GLN A 135 4.89 -11.12 -13.04
CA GLN A 135 4.39 -11.31 -14.41
C GLN A 135 3.02 -11.95 -14.41
N MET A 136 2.90 -13.09 -13.72
CA MET A 136 1.62 -13.80 -13.62
C MET A 136 0.61 -13.01 -12.78
N ILE A 137 1.14 -12.22 -11.83
CA ILE A 137 0.31 -11.40 -10.96
C ILE A 137 -0.44 -10.32 -11.77
N LEU A 138 0.26 -9.68 -12.71
CA LEU A 138 -0.33 -8.65 -13.56
C LEU A 138 -0.81 -9.24 -14.89
N ALA A 139 -1.53 -10.36 -14.82
CA ALA A 139 -2.04 -11.02 -16.02
C ALA A 139 -3.54 -10.74 -16.19
N ASN A 140 -3.86 -9.47 -16.45
CA ASN A 140 -5.25 -9.05 -16.64
C ASN A 140 -5.41 -8.24 -17.92
#